data_8K33
#
_entry.id   8K33
#
_cell.length_a   112.208
_cell.length_b   119.670
_cell.length_c   130.707
_cell.angle_alpha   90.00
_cell.angle_beta   91.64
_cell.angle_gamma   90.00
#
_symmetry.space_group_name_H-M   'P 1 21 1'
#
loop_
_entity.id
_entity.type
_entity.pdbx_description
1 polymer 'Superoxide dismutase [Cu-Zn]'
2 polymer NB1
3 non-polymer 'ZINC ION'
4 water water
#
loop_
_entity_poly.entity_id
_entity_poly.type
_entity_poly.pdbx_seq_one_letter_code
_entity_poly.pdbx_strand_id
1 'polypeptide(L)'
;ATKAVCVLKGDGPVQGIINFEQKESNGPVKVWGSIKGLTEGLHGFHVHEFGDNTAGCTSAGPHFNPLSRKHGGPKDEERH
VGDLGNVTADKDGVADVSIEDSVISLSGDHCIIGRTLVVHEKADDLGKGGNEESTKTGNAGSRLACGVIGIAQ
;
A,C,E,G,I,K,L,N,P,Y,U,W
2 'polypeptide(L)'
;QVQLQESGGGLVQPGGSLRLSCRASETLFSLYAMGWYRQAPGKQPELIATISGGGEGTGNYADPVKGRFTISRNNADNMV
FLQMNNLKPEDTAVYYCNVYGTNLAPWGQGTQVTVSS
;
B,D,F,H,J,M,O,Q,R,T,V,X
#
loop_
_chem_comp.id
_chem_comp.type
_chem_comp.name
_chem_comp.formula
ZN non-polymer 'ZINC ION' 'Zn 2'
#
# COMPACT_ATOMS: atom_id res chain seq x y z
N ALA A 1 1.10 13.92 1.58
CA ALA A 1 1.68 14.03 0.24
C ALA A 1 1.55 12.71 -0.52
N THR A 2 0.33 12.37 -0.91
CA THR A 2 0.10 11.08 -1.56
C THR A 2 0.72 11.05 -2.96
N LYS A 3 1.19 9.87 -3.34
CA LYS A 3 1.83 9.65 -4.63
C LYS A 3 1.23 8.42 -5.27
N ALA A 4 1.04 8.47 -6.59
CA ALA A 4 0.49 7.36 -7.34
C ALA A 4 1.26 7.22 -8.66
N VAL A 5 1.05 6.08 -9.32
CA VAL A 5 1.75 5.79 -10.55
C VAL A 5 0.90 4.83 -11.38
N CYS A 6 1.06 4.90 -12.69
CA CYS A 6 0.30 4.06 -13.61
C CYS A 6 1.19 3.63 -14.77
N VAL A 7 1.16 2.34 -15.07
CA VAL A 7 1.95 1.76 -16.16
C VAL A 7 0.98 1.49 -17.32
N LEU A 8 1.04 2.32 -18.35
CA LEU A 8 0.16 2.19 -19.50
C LEU A 8 0.70 1.13 -20.44
N LYS A 9 -0.13 0.12 -20.71
CA LYS A 9 0.18 -0.97 -21.62
C LYS A 9 -1.03 -1.23 -22.50
N GLY A 10 -0.79 -1.82 -23.67
CA GLY A 10 -1.87 -2.20 -24.55
C GLY A 10 -1.43 -3.27 -25.51
N ASP A 11 -2.29 -3.53 -26.51
CA ASP A 11 -2.00 -4.59 -27.47
C ASP A 11 -0.93 -4.15 -28.47
N GLY A 12 -0.95 -2.88 -28.87
CA GLY A 12 -0.01 -2.38 -29.84
C GLY A 12 1.27 -1.86 -29.20
N PRO A 13 1.90 -0.88 -29.85
CA PRO A 13 3.19 -0.37 -29.38
C PRO A 13 3.09 0.80 -28.43
N VAL A 14 1.89 1.35 -28.20
CA VAL A 14 1.74 2.49 -27.30
C VAL A 14 1.97 2.01 -25.88
N GLN A 15 2.87 2.69 -25.17
CA GLN A 15 3.10 2.32 -23.78
C GLN A 15 3.73 3.48 -23.06
N GLY A 16 3.55 3.51 -21.75
CA GLY A 16 4.11 4.63 -21.01
C GLY A 16 4.03 4.46 -19.52
N ILE A 17 4.44 5.50 -18.81
CA ILE A 17 4.43 5.54 -17.35
C ILE A 17 4.05 6.95 -16.92
N ILE A 18 3.07 7.05 -16.02
CA ILE A 18 2.49 8.33 -15.62
C ILE A 18 2.42 8.38 -14.10
N ASN A 19 3.09 9.37 -13.50
CA ASN A 19 3.09 9.56 -12.05
C ASN A 19 2.14 10.68 -11.66
N PHE A 20 1.67 10.60 -10.40
CA PHE A 20 0.72 11.51 -9.78
C PHE A 20 1.24 11.91 -8.42
N GLU A 21 0.99 13.17 -8.04
CA GLU A 21 1.43 13.68 -6.76
C GLU A 21 0.43 14.71 -6.24
N GLN A 22 0.00 14.54 -4.99
CA GLN A 22 -0.93 15.45 -4.33
C GLN A 22 -0.32 15.82 -2.98
N LYS A 23 0.16 17.06 -2.85
CA LYS A 23 0.85 17.46 -1.63
C LYS A 23 -0.12 17.60 -0.46
N GLU A 24 -1.20 18.35 -0.65
CA GLU A 24 -2.20 18.56 0.38
C GLU A 24 -3.48 17.81 0.02
N SER A 25 -4.24 17.45 1.05
CA SER A 25 -5.50 16.77 0.85
C SER A 25 -6.49 17.66 0.10
N ASN A 26 -7.17 17.09 -0.87
CA ASN A 26 -8.17 17.79 -1.70
C ASN A 26 -7.56 18.97 -2.45
N GLY A 27 -6.24 19.01 -2.61
CA GLY A 27 -5.58 20.03 -3.37
C GLY A 27 -5.29 19.58 -4.78
N PRO A 28 -4.58 20.41 -5.55
CA PRO A 28 -4.28 20.04 -6.94
C PRO A 28 -3.35 18.83 -7.02
N VAL A 29 -3.52 18.09 -8.11
CA VAL A 29 -2.74 16.89 -8.40
C VAL A 29 -1.86 17.15 -9.61
N LYS A 30 -0.57 16.86 -9.45
CA LYS A 30 0.40 16.88 -10.54
C LYS A 30 0.40 15.53 -11.22
N VAL A 31 0.37 15.54 -12.55
CA VAL A 31 0.39 14.34 -13.38
C VAL A 31 1.50 14.54 -14.40
N TRP A 32 2.54 13.72 -14.33
CA TRP A 32 3.68 13.89 -15.22
C TRP A 32 4.23 12.54 -15.62
N GLY A 33 4.74 12.46 -16.84
CA GLY A 33 5.32 11.20 -17.29
C GLY A 33 5.53 11.18 -18.79
N SER A 34 5.56 9.97 -19.33
CA SER A 34 5.91 9.82 -20.74
C SER A 34 5.13 8.66 -21.35
N ILE A 35 4.54 8.91 -22.51
CA ILE A 35 3.91 7.90 -23.34
C ILE A 35 4.64 7.85 -24.68
N LYS A 36 4.73 6.67 -25.28
CA LYS A 36 5.45 6.48 -26.53
C LYS A 36 4.66 5.55 -27.43
N GLY A 37 5.09 5.49 -28.69
CA GLY A 37 4.41 4.71 -29.69
C GLY A 37 3.17 5.34 -30.28
N LEU A 38 2.88 6.60 -29.95
CA LEU A 38 1.70 7.29 -30.42
C LEU A 38 1.94 7.92 -31.78
N THR A 39 0.86 8.15 -32.52
CA THR A 39 0.95 9.01 -33.69
C THR A 39 1.14 10.45 -33.25
N GLU A 40 1.88 11.22 -34.05
CA GLU A 40 2.10 12.62 -33.73
C GLU A 40 0.76 13.33 -33.56
N GLY A 41 0.68 14.21 -32.58
CA GLY A 41 -0.54 14.98 -32.40
C GLY A 41 -1.24 14.79 -31.08
N LEU A 42 -2.51 15.21 -31.02
CA LEU A 42 -3.27 15.18 -29.78
C LEU A 42 -3.91 13.82 -29.56
N HIS A 43 -3.91 13.38 -28.30
CA HIS A 43 -4.50 12.10 -27.92
C HIS A 43 -5.29 12.27 -26.64
N GLY A 44 -6.55 11.83 -26.67
CA GLY A 44 -7.36 11.86 -25.47
C GLY A 44 -6.71 11.11 -24.32
N PHE A 45 -6.99 11.56 -23.11
CA PHE A 45 -6.26 11.15 -21.92
C PHE A 45 -7.26 11.23 -20.77
N HIS A 46 -7.72 10.08 -20.28
CA HIS A 46 -8.83 10.10 -19.33
C HIS A 46 -8.61 9.07 -18.23
N VAL A 47 -9.28 9.32 -17.10
CA VAL A 47 -9.43 8.34 -16.03
C VAL A 47 -10.80 7.71 -16.21
N HIS A 48 -10.83 6.40 -16.39
CA HIS A 48 -12.03 5.60 -16.49
C HIS A 48 -12.33 4.93 -15.14
N GLU A 49 -13.59 4.56 -14.97
CA GLU A 49 -14.17 4.33 -13.65
C GLU A 49 -13.57 3.12 -12.95
N PHE A 50 -13.35 2.03 -13.67
CA PHE A 50 -13.03 0.74 -13.05
C PHE A 50 -11.58 0.36 -13.30
N GLY A 51 -10.95 -0.23 -12.28
CA GLY A 51 -9.60 -0.75 -12.43
C GLY A 51 -9.62 -2.20 -12.83
N ASP A 52 -10.47 -2.53 -13.80
CA ASP A 52 -10.68 -3.90 -14.25
C ASP A 52 -9.96 -4.07 -15.59
N ASN A 53 -9.02 -5.02 -15.62
CA ASN A 53 -8.23 -5.31 -16.83
C ASN A 53 -8.54 -6.70 -17.38
N THR A 54 -9.67 -7.28 -16.99
CA THR A 54 -9.95 -8.67 -17.37
C THR A 54 -10.17 -8.81 -18.87
N ALA A 55 -10.80 -7.81 -19.50
CA ALA A 55 -10.98 -7.85 -20.94
C ALA A 55 -10.28 -6.65 -21.59
N GLY A 56 -9.02 -6.43 -21.22
CA GLY A 56 -8.31 -5.28 -21.73
C GLY A 56 -8.91 -3.96 -21.27
N CYS A 57 -8.48 -2.91 -21.95
CA CYS A 57 -8.91 -1.56 -21.59
C CYS A 57 -10.43 -1.40 -21.65
N THR A 58 -11.10 -2.22 -22.47
CA THR A 58 -12.55 -2.16 -22.55
C THR A 58 -13.21 -2.34 -21.20
N SER A 59 -12.58 -3.13 -20.31
CA SER A 59 -13.17 -3.37 -18.99
C SER A 59 -13.12 -2.16 -18.08
N ALA A 60 -12.38 -1.11 -18.44
CA ALA A 60 -12.30 0.06 -17.58
C ALA A 60 -13.61 0.82 -17.47
N GLY A 61 -14.59 0.52 -18.33
CA GLY A 61 -15.84 1.24 -18.31
C GLY A 61 -15.68 2.65 -18.86
N PRO A 62 -16.65 3.52 -18.56
CA PRO A 62 -16.63 4.88 -19.11
C PRO A 62 -15.76 5.80 -18.25
N HIS A 63 -15.67 7.05 -18.69
CA HIS A 63 -14.94 8.06 -17.94
C HIS A 63 -15.49 8.18 -16.53
N PHE A 64 -14.58 8.25 -15.55
CA PHE A 64 -14.96 8.38 -14.15
C PHE A 64 -15.84 9.62 -13.97
N ASN A 65 -17.09 9.40 -13.53
CA ASN A 65 -18.11 10.44 -13.49
C ASN A 65 -18.96 10.32 -12.24
N PRO A 66 -18.35 10.43 -11.05
CA PRO A 66 -19.14 10.28 -9.82
C PRO A 66 -20.17 11.38 -9.61
N LEU A 67 -20.09 12.49 -10.34
CA LEU A 67 -21.07 13.57 -10.25
C LEU A 67 -22.11 13.53 -11.35
N SER A 68 -22.01 12.57 -12.28
CA SER A 68 -22.99 12.37 -13.36
C SER A 68 -23.16 13.63 -14.21
N ARG A 69 -22.03 14.21 -14.63
CA ARG A 69 -22.01 15.36 -15.50
C ARG A 69 -21.78 14.93 -16.94
N LYS A 70 -21.74 15.90 -17.84
CA LYS A 70 -21.43 15.64 -19.24
C LYS A 70 -19.93 15.79 -19.47
N HIS A 71 -19.46 15.21 -20.58
CA HIS A 71 -18.05 15.30 -20.92
C HIS A 71 -17.64 16.71 -21.28
N GLY A 72 -16.43 17.09 -20.88
CA GLY A 72 -15.85 18.36 -21.27
C GLY A 72 -14.33 18.29 -21.21
N GLY A 73 -13.72 19.44 -21.32
CA GLY A 73 -12.29 19.57 -21.14
C GLY A 73 -11.95 19.84 -19.69
N PRO A 74 -10.68 19.67 -19.32
CA PRO A 74 -10.30 19.86 -17.91
C PRO A 74 -10.58 21.26 -17.38
N LYS A 75 -10.60 22.27 -18.25
CA LYS A 75 -10.85 23.64 -17.81
C LYS A 75 -12.35 23.93 -17.65
N ASP A 76 -13.22 23.15 -18.29
CA ASP A 76 -14.65 23.38 -18.17
C ASP A 76 -15.15 22.97 -16.80
N GLU A 77 -16.21 23.65 -16.34
CA GLU A 77 -16.85 23.25 -15.09
C GLU A 77 -17.67 21.97 -15.30
N GLU A 78 -18.47 21.94 -16.37
CA GLU A 78 -19.17 20.72 -16.75
C GLU A 78 -18.17 19.77 -17.39
N ARG A 79 -17.82 18.70 -16.67
CA ARG A 79 -16.81 17.74 -17.12
C ARG A 79 -16.92 16.49 -16.26
N HIS A 80 -16.46 15.37 -16.81
CA HIS A 80 -16.21 14.21 -15.97
C HIS A 80 -15.05 14.50 -15.03
N VAL A 81 -15.06 13.85 -13.87
CA VAL A 81 -13.92 13.95 -12.97
C VAL A 81 -12.65 13.50 -13.68
N GLY A 82 -12.75 12.45 -14.50
CA GLY A 82 -11.58 11.92 -15.17
C GLY A 82 -11.28 12.49 -16.55
N ASP A 83 -11.76 13.70 -16.83
CA ASP A 83 -11.53 14.34 -18.13
C ASP A 83 -10.24 15.15 -18.04
N LEU A 84 -9.15 14.58 -18.54
CA LEU A 84 -7.85 15.22 -18.47
C LEU A 84 -7.43 15.83 -19.79
N GLY A 85 -8.31 15.85 -20.79
CA GLY A 85 -8.03 16.58 -22.02
C GLY A 85 -7.18 15.77 -22.97
N ASN A 86 -6.15 16.40 -23.52
CA ASN A 86 -5.31 15.82 -24.56
C ASN A 86 -3.84 15.94 -24.19
N VAL A 87 -3.09 14.91 -24.54
CA VAL A 87 -1.63 14.94 -24.46
C VAL A 87 -1.10 15.00 -25.89
N THR A 88 0.13 15.50 -26.02
CA THR A 88 0.69 15.82 -27.33
C THR A 88 1.90 14.97 -27.60
N ALA A 89 1.83 14.14 -28.65
CA ALA A 89 2.96 13.37 -29.11
C ALA A 89 3.73 14.14 -30.17
N ASP A 90 5.06 14.10 -30.07
CA ASP A 90 5.92 14.77 -31.04
C ASP A 90 6.04 13.91 -32.29
N LYS A 91 6.90 14.33 -33.22
CA LYS A 91 7.11 13.57 -34.45
C LYS A 91 7.59 12.16 -34.16
N ASP A 92 8.42 11.99 -33.13
CA ASP A 92 8.91 10.66 -32.78
C ASP A 92 7.85 9.79 -32.11
N GLY A 93 6.70 10.35 -31.77
CA GLY A 93 5.66 9.60 -31.11
C GLY A 93 5.72 9.60 -29.60
N VAL A 94 6.47 10.51 -29.01
CA VAL A 94 6.65 10.60 -27.57
C VAL A 94 5.84 11.78 -27.05
N ALA A 95 4.85 11.50 -26.20
CA ALA A 95 4.09 12.52 -25.50
C ALA A 95 4.68 12.70 -24.11
N ASP A 96 5.22 13.88 -23.85
CA ASP A 96 5.74 14.27 -22.54
C ASP A 96 4.56 14.89 -21.78
N VAL A 97 3.99 14.12 -20.86
CA VAL A 97 2.79 14.52 -20.15
C VAL A 97 3.18 15.39 -18.97
N SER A 98 2.64 16.61 -18.93
CA SER A 98 2.72 17.50 -17.77
C SER A 98 1.37 18.18 -17.60
N ILE A 99 0.71 17.90 -16.49
CA ILE A 99 -0.68 18.31 -16.24
C ILE A 99 -0.83 18.64 -14.77
N GLU A 100 -1.62 19.67 -14.47
CA GLU A 100 -2.02 19.98 -13.10
C GLU A 100 -3.53 20.12 -13.08
N ASP A 101 -4.19 19.32 -12.23
CA ASP A 101 -5.65 19.27 -12.21
C ASP A 101 -6.16 19.21 -10.78
N SER A 102 -7.18 20.01 -10.49
CA SER A 102 -7.77 20.09 -9.16
C SER A 102 -9.08 19.34 -9.01
N VAL A 103 -9.55 18.66 -10.06
CA VAL A 103 -10.81 17.92 -9.98
C VAL A 103 -10.56 16.47 -9.59
N ILE A 104 -9.57 15.83 -10.22
CA ILE A 104 -9.14 14.52 -9.75
C ILE A 104 -8.51 14.65 -8.37
N SER A 105 -8.54 13.56 -7.61
CA SER A 105 -7.89 13.55 -6.32
C SER A 105 -7.35 12.15 -6.05
N LEU A 106 -6.47 12.06 -5.06
CA LEU A 106 -5.94 10.79 -4.60
C LEU A 106 -6.59 10.33 -3.30
N SER A 107 -7.74 10.89 -2.96
CA SER A 107 -8.53 10.52 -1.80
C SER A 107 -9.90 11.17 -1.94
N GLY A 108 -10.80 10.81 -1.05
CA GLY A 108 -12.13 11.39 -1.08
C GLY A 108 -12.98 10.79 -2.20
N ASP A 109 -14.09 11.47 -2.49
CA ASP A 109 -15.03 10.96 -3.49
C ASP A 109 -14.45 10.98 -4.89
N HIS A 110 -13.53 11.91 -5.16
CA HIS A 110 -12.91 12.03 -6.47
C HIS A 110 -11.62 11.23 -6.57
N CYS A 111 -11.43 10.26 -5.68
CA CYS A 111 -10.21 9.47 -5.69
C CYS A 111 -10.12 8.64 -6.97
N ILE A 112 -8.96 8.68 -7.62
CA ILE A 112 -8.74 7.89 -8.83
C ILE A 112 -7.86 6.67 -8.60
N ILE A 113 -7.33 6.49 -7.39
CA ILE A 113 -6.53 5.31 -7.10
C ILE A 113 -7.39 4.06 -7.22
N GLY A 114 -6.88 3.06 -7.94
CA GLY A 114 -7.64 1.86 -8.21
C GLY A 114 -8.53 1.92 -9.43
N ARG A 115 -8.57 3.06 -10.14
CA ARG A 115 -9.27 3.23 -11.40
C ARG A 115 -8.25 3.18 -12.53
N THR A 116 -8.68 3.44 -13.78
CA THR A 116 -7.81 3.14 -14.91
C THR A 116 -7.51 4.40 -15.71
N LEU A 117 -6.22 4.69 -15.86
CA LEU A 117 -5.81 5.71 -16.81
C LEU A 117 -5.77 5.11 -18.22
N VAL A 118 -6.23 5.87 -19.21
CA VAL A 118 -6.35 5.41 -20.58
C VAL A 118 -5.91 6.53 -21.52
N VAL A 119 -5.02 6.20 -22.47
CA VAL A 119 -4.69 7.10 -23.57
C VAL A 119 -5.43 6.62 -24.80
N HIS A 120 -5.87 7.56 -25.64
CA HIS A 120 -6.80 7.25 -26.72
C HIS A 120 -6.15 7.45 -28.08
N GLU A 121 -6.88 7.02 -29.11
CA GLU A 121 -6.34 6.97 -30.47
C GLU A 121 -6.37 8.34 -31.16
N LYS A 122 -7.41 9.14 -30.89
CA LYS A 122 -7.52 10.45 -31.52
C LYS A 122 -7.72 11.54 -30.48
N ALA A 123 -7.97 12.76 -30.94
CA ALA A 123 -8.11 13.90 -30.05
C ALA A 123 -9.48 13.91 -29.39
N ASP A 124 -9.50 14.41 -28.15
CA ASP A 124 -10.72 14.73 -27.43
C ASP A 124 -11.21 16.11 -27.91
N ASP A 125 -12.44 16.19 -28.39
CA ASP A 125 -12.98 17.48 -28.82
C ASP A 125 -13.52 18.31 -27.66
N LEU A 126 -13.30 17.89 -26.42
CA LEU A 126 -13.63 18.64 -25.21
C LEU A 126 -15.13 18.86 -25.04
N GLY A 127 -15.96 18.11 -25.74
CA GLY A 127 -17.39 18.24 -25.61
C GLY A 127 -18.02 19.27 -26.52
N LYS A 128 -17.25 19.87 -27.42
CA LYS A 128 -17.76 20.89 -28.33
C LYS A 128 -18.00 20.35 -29.73
N GLY A 129 -17.98 19.03 -29.91
CA GLY A 129 -18.11 18.42 -31.23
C GLY A 129 -19.50 18.50 -31.83
N GLY A 130 -20.51 18.87 -31.03
CA GLY A 130 -21.85 19.01 -31.56
C GLY A 130 -22.55 17.73 -31.94
N ASN A 131 -22.22 16.62 -31.26
CA ASN A 131 -22.94 15.37 -31.43
C ASN A 131 -23.02 14.66 -30.08
N GLU A 132 -23.87 13.63 -30.01
CA GLU A 132 -24.13 12.97 -28.74
C GLU A 132 -22.87 12.33 -28.16
N GLU A 133 -22.09 11.65 -29.00
CA GLU A 133 -20.88 11.00 -28.53
C GLU A 133 -19.91 12.00 -27.90
N SER A 134 -19.92 13.24 -28.40
CA SER A 134 -19.02 14.27 -27.86
C SER A 134 -19.36 14.62 -26.42
N THR A 135 -20.63 14.47 -26.04
CA THR A 135 -21.02 14.69 -24.65
C THR A 135 -20.69 13.51 -23.75
N LYS A 136 -20.24 12.40 -24.31
CA LYS A 136 -19.91 11.19 -23.56
C LYS A 136 -18.40 10.95 -23.52
N THR A 137 -17.77 10.71 -24.68
CA THR A 137 -16.36 10.41 -24.74
C THR A 137 -15.51 11.50 -25.38
N GLY A 138 -16.13 12.51 -25.99
CA GLY A 138 -15.34 13.48 -26.73
C GLY A 138 -14.77 12.98 -28.04
N ASN A 139 -15.30 11.86 -28.56
CA ASN A 139 -14.90 11.33 -29.87
C ASN A 139 -13.39 11.08 -29.96
N ALA A 140 -12.81 10.63 -28.84
CA ALA A 140 -11.37 10.37 -28.80
C ALA A 140 -11.00 9.03 -29.40
N GLY A 141 -11.97 8.20 -29.77
CA GLY A 141 -11.65 6.96 -30.46
C GLY A 141 -11.30 5.82 -29.51
N SER A 142 -10.70 4.79 -30.09
CA SER A 142 -10.42 3.56 -29.34
C SER A 142 -9.35 3.78 -28.28
N ARG A 143 -9.28 2.84 -27.36
CA ARG A 143 -8.31 2.88 -26.26
C ARG A 143 -7.01 2.22 -26.72
N LEU A 144 -5.93 3.00 -26.77
CA LEU A 144 -4.66 2.46 -27.24
C LEU A 144 -3.92 1.73 -26.13
N ALA A 145 -3.94 2.28 -24.93
CA ALA A 145 -3.27 1.67 -23.79
C ALA A 145 -3.90 2.22 -22.52
N CYS A 146 -3.74 1.45 -21.44
CA CYS A 146 -4.36 1.78 -20.17
C CYS A 146 -3.58 1.09 -19.05
N GLY A 147 -3.98 1.41 -17.82
CA GLY A 147 -3.41 0.79 -16.64
C GLY A 147 -4.10 1.20 -15.35
N VAL A 148 -4.08 0.33 -14.35
CA VAL A 148 -4.63 0.67 -13.04
C VAL A 148 -3.71 1.66 -12.35
N ILE A 149 -4.32 2.63 -11.65
CA ILE A 149 -3.57 3.65 -10.93
C ILE A 149 -3.28 3.13 -9.53
N GLY A 150 -2.01 3.02 -9.17
CA GLY A 150 -1.63 2.40 -7.91
C GLY A 150 -0.87 3.33 -6.99
N ILE A 151 -0.85 2.99 -5.70
CA ILE A 151 -0.15 3.79 -4.71
C ILE A 151 1.35 3.67 -4.91
N ALA A 152 2.05 4.81 -4.88
CA ALA A 152 3.49 4.86 -5.09
C ALA A 152 4.29 5.18 -3.85
N GLN A 153 3.75 5.97 -2.92
CA GLN A 153 4.47 6.29 -1.70
C GLN A 153 3.54 6.30 -0.49
N GLN B 3 -0.98 32.38 -40.29
CA GLN B 3 -1.15 31.20 -39.44
C GLN B 3 -2.27 30.30 -39.99
N LEU B 4 -3.42 30.91 -40.27
CA LEU B 4 -4.58 30.21 -40.81
C LEU B 4 -5.15 31.03 -41.97
N GLN B 5 -5.38 30.38 -43.11
CA GLN B 5 -5.89 31.07 -44.29
C GLN B 5 -6.95 30.20 -44.95
N GLU B 6 -8.21 30.63 -44.88
CA GLU B 6 -9.33 29.92 -45.48
C GLU B 6 -9.70 30.54 -46.83
N SER B 7 -10.28 29.71 -47.70
CA SER B 7 -10.73 30.16 -49.01
C SER B 7 -11.72 29.14 -49.54
N GLY B 8 -12.38 29.50 -50.65
CA GLY B 8 -13.29 28.61 -51.34
C GLY B 8 -14.76 28.89 -51.15
N GLY B 9 -15.12 29.87 -50.30
CA GLY B 9 -16.52 30.16 -50.07
C GLY B 9 -17.14 30.98 -51.19
N GLY B 10 -18.46 31.15 -51.09
CA GLY B 10 -19.16 31.93 -52.08
C GLY B 10 -20.67 31.73 -51.99
N LEU B 11 -21.34 32.20 -53.03
CA LEU B 11 -22.79 32.09 -53.17
C LEU B 11 -23.11 30.82 -53.94
N VAL B 12 -24.07 30.06 -53.44
CA VAL B 12 -24.44 28.77 -54.03
C VAL B 12 -25.94 28.59 -53.84
N GLN B 13 -26.60 28.03 -54.86
CA GLN B 13 -28.02 27.80 -54.79
C GLN B 13 -28.32 26.57 -53.93
N PRO B 14 -29.51 26.51 -53.32
CA PRO B 14 -29.87 25.34 -52.52
C PRO B 14 -29.67 24.05 -53.30
N GLY B 15 -29.07 23.07 -52.63
CA GLY B 15 -28.72 21.81 -53.25
C GLY B 15 -27.35 21.79 -53.89
N GLY B 16 -26.70 22.94 -54.06
CA GLY B 16 -25.38 23.01 -54.63
C GLY B 16 -24.31 22.50 -53.68
N SER B 17 -23.06 22.79 -54.05
CA SER B 17 -21.91 22.27 -53.31
C SER B 17 -20.79 23.29 -53.32
N LEU B 18 -19.83 23.09 -52.41
CA LEU B 18 -18.65 23.93 -52.30
C LEU B 18 -17.53 23.10 -51.67
N ARG B 19 -16.30 23.59 -51.83
CA ARG B 19 -15.14 22.94 -51.21
C ARG B 19 -14.26 24.01 -50.59
N LEU B 20 -14.39 24.19 -49.28
CA LEU B 20 -13.54 25.13 -48.56
C LEU B 20 -12.16 24.51 -48.33
N SER B 21 -11.14 25.33 -48.47
CA SER B 21 -9.76 24.95 -48.24
C SER B 21 -9.18 25.83 -47.15
N CYS B 22 -8.23 25.28 -46.39
CA CYS B 22 -7.51 26.06 -45.41
C CYS B 22 -6.05 25.65 -45.38
N ARG B 23 -5.17 26.64 -45.43
CA ARG B 23 -3.74 26.45 -45.25
C ARG B 23 -3.40 26.87 -43.82
N ALA B 24 -2.88 25.93 -43.04
CA ALA B 24 -2.48 26.19 -41.67
C ALA B 24 -0.97 26.07 -41.57
N SER B 25 -0.40 26.78 -40.60
CA SER B 25 1.03 26.67 -40.35
C SER B 25 1.39 25.25 -39.93
N GLU B 26 2.63 24.85 -40.21
CA GLU B 26 3.06 23.49 -39.90
C GLU B 26 2.99 23.22 -38.40
N THR B 27 3.29 24.24 -37.57
CA THR B 27 3.22 24.04 -36.13
C THR B 27 1.79 23.76 -35.68
N LEU B 28 0.80 24.43 -36.28
CA LEU B 28 -0.59 24.18 -35.93
C LEU B 28 -1.09 22.86 -36.52
N PHE B 29 -0.71 22.56 -37.76
CA PHE B 29 -1.13 21.32 -38.39
C PHE B 29 -0.57 20.10 -37.68
N SER B 30 0.65 20.19 -37.14
CA SER B 30 1.33 19.04 -36.57
C SER B 30 0.72 18.57 -35.26
N LEU B 31 -0.24 19.31 -34.70
CA LEU B 31 -1.03 18.79 -33.59
C LEU B 31 -2.08 17.79 -34.04
N TYR B 32 -2.30 17.68 -35.35
CA TYR B 32 -3.22 16.70 -35.94
C TYR B 32 -4.55 16.67 -35.21
N ALA B 33 -5.12 17.85 -35.02
CA ALA B 33 -6.46 18.04 -34.47
C ALA B 33 -6.99 19.34 -35.09
N MET B 34 -7.63 19.22 -36.25
CA MET B 34 -8.08 20.38 -36.98
C MET B 34 -9.60 20.32 -37.14
N GLY B 35 -10.25 21.46 -36.99
CA GLY B 35 -11.69 21.54 -37.16
C GLY B 35 -12.11 22.72 -38.00
N TRP B 36 -13.25 22.55 -38.66
CA TRP B 36 -13.98 23.65 -39.29
C TRP B 36 -15.12 24.05 -38.38
N TYR B 37 -15.20 25.36 -38.11
CA TYR B 37 -16.25 26.00 -37.33
C TYR B 37 -17.09 26.86 -38.26
N ARG B 38 -18.39 26.95 -38.01
CA ARG B 38 -19.23 27.90 -38.72
C ARG B 38 -19.72 28.96 -37.72
N GLN B 39 -19.96 30.17 -38.22
CA GLN B 39 -20.34 31.28 -37.36
C GLN B 39 -21.37 32.13 -38.09
N ALA B 40 -22.52 32.31 -37.45
CA ALA B 40 -23.59 33.21 -37.88
C ALA B 40 -23.43 34.56 -37.19
N PRO B 41 -24.01 35.62 -37.77
CA PRO B 41 -23.83 36.96 -37.19
C PRO B 41 -24.30 37.02 -35.74
N GLY B 42 -23.49 37.67 -34.90
CA GLY B 42 -23.80 37.83 -33.49
C GLY B 42 -23.60 36.59 -32.64
N LYS B 43 -23.45 35.41 -33.23
CA LYS B 43 -23.36 34.16 -32.49
C LYS B 43 -21.91 33.70 -32.35
N GLN B 44 -21.70 32.75 -31.44
CA GLN B 44 -20.40 32.15 -31.21
C GLN B 44 -20.09 31.12 -32.30
N PRO B 45 -18.82 30.92 -32.62
CA PRO B 45 -18.48 29.91 -33.64
C PRO B 45 -18.64 28.50 -33.08
N GLU B 46 -19.45 27.70 -33.75
CA GLU B 46 -19.66 26.31 -33.35
C GLU B 46 -18.78 25.39 -34.18
N LEU B 47 -18.23 24.37 -33.52
CA LEU B 47 -17.44 23.36 -34.20
C LEU B 47 -18.33 22.48 -35.06
N ILE B 48 -17.95 22.31 -36.32
CA ILE B 48 -18.77 21.62 -37.31
C ILE B 48 -18.12 20.33 -37.80
N ALA B 49 -16.81 20.31 -37.98
CA ALA B 49 -16.15 19.07 -38.40
C ALA B 49 -14.76 18.98 -37.80
N THR B 50 -14.35 17.77 -37.41
CA THR B 50 -13.05 17.55 -36.81
C THR B 50 -12.32 16.42 -37.53
N ILE B 51 -10.99 16.54 -37.59
CA ILE B 51 -10.15 15.49 -38.16
C ILE B 51 -8.92 15.37 -37.28
N SER B 52 -8.64 14.16 -36.82
CA SER B 52 -7.50 13.91 -35.95
C SER B 52 -7.02 12.48 -36.13
N GLY B 53 -5.97 12.11 -35.40
CA GLY B 53 -5.35 10.81 -35.54
C GLY B 53 -4.35 10.77 -36.68
N GLY B 54 -3.63 9.66 -36.77
CA GLY B 54 -2.58 9.50 -37.74
C GLY B 54 -3.09 9.04 -39.10
N GLY B 55 -2.13 8.78 -39.98
CA GLY B 55 -2.50 8.38 -41.33
C GLY B 55 -3.18 9.53 -42.05
N GLU B 56 -4.24 9.20 -42.79
CA GLU B 56 -5.04 10.20 -43.48
C GLU B 56 -5.98 10.96 -42.55
N GLY B 57 -6.03 10.58 -41.29
CA GLY B 57 -6.90 11.23 -40.33
C GLY B 57 -8.31 10.65 -40.34
N THR B 58 -9.01 10.91 -39.25
CA THR B 58 -10.36 10.42 -39.04
C THR B 58 -11.24 11.60 -38.70
N GLY B 59 -12.39 11.67 -39.35
CA GLY B 59 -13.28 12.82 -39.29
C GLY B 59 -14.52 12.51 -38.46
N ASN B 60 -14.98 13.53 -37.75
CA ASN B 60 -16.22 13.50 -37.00
C ASN B 60 -17.02 14.75 -37.34
N TYR B 61 -18.35 14.65 -37.21
CA TYR B 61 -19.22 15.71 -37.71
C TYR B 61 -20.31 16.02 -36.70
N ALA B 62 -20.66 17.30 -36.61
CA ALA B 62 -21.80 17.69 -35.81
C ALA B 62 -23.10 17.29 -36.51
N ASP B 63 -24.17 17.17 -35.73
CA ASP B 63 -25.42 16.63 -36.25
C ASP B 63 -26.02 17.40 -37.43
N PRO B 64 -26.01 18.74 -37.48
CA PRO B 64 -26.64 19.42 -38.62
C PRO B 64 -25.93 19.20 -39.96
N VAL B 65 -24.73 18.63 -39.98
CA VAL B 65 -24.00 18.44 -41.23
C VAL B 65 -23.65 16.98 -41.51
N LYS B 66 -23.86 16.07 -40.56
CA LYS B 66 -23.49 14.68 -40.75
C LYS B 66 -24.20 14.08 -41.95
N GLY B 67 -23.42 13.44 -42.84
CA GLY B 67 -23.96 12.86 -44.05
C GLY B 67 -23.94 13.76 -45.26
N ARG B 68 -23.69 15.06 -45.07
CA ARG B 68 -23.64 16.02 -46.16
C ARG B 68 -22.27 16.67 -46.32
N PHE B 69 -21.49 16.78 -45.25
CA PHE B 69 -20.17 17.38 -45.28
C PHE B 69 -19.12 16.31 -44.99
N THR B 70 -17.95 16.46 -45.62
CA THR B 70 -16.81 15.60 -45.32
C THR B 70 -15.55 16.44 -45.14
N ILE B 71 -14.79 16.14 -44.08
CA ILE B 71 -13.53 16.83 -43.81
C ILE B 71 -12.38 15.91 -44.20
N SER B 72 -11.31 16.50 -44.71
CA SER B 72 -10.13 15.75 -45.09
C SER B 72 -8.90 16.63 -44.90
N ARG B 73 -7.72 16.05 -45.09
CA ARG B 73 -6.50 16.80 -44.93
C ARG B 73 -5.43 16.30 -45.89
N ASN B 74 -4.46 17.17 -46.15
CA ASN B 74 -3.26 16.87 -46.92
C ASN B 74 -2.08 17.15 -45.99
N ASN B 75 -1.41 16.08 -45.54
CA ASN B 75 -0.35 16.22 -44.55
C ASN B 75 0.86 16.94 -45.12
N ALA B 76 1.24 16.62 -46.36
CA ALA B 76 2.41 17.25 -46.97
C ALA B 76 2.21 18.75 -47.14
N ASP B 77 1.04 19.16 -47.65
CA ASP B 77 0.73 20.57 -47.88
C ASP B 77 0.21 21.28 -46.65
N ASN B 78 0.05 20.57 -45.53
CA ASN B 78 -0.48 21.15 -44.29
C ASN B 78 -1.82 21.85 -44.54
N MET B 79 -2.71 21.16 -45.24
CA MET B 79 -3.98 21.80 -45.57
C MET B 79 -5.15 20.93 -45.15
N VAL B 80 -6.28 21.60 -44.89
CA VAL B 80 -7.53 20.95 -44.49
C VAL B 80 -8.63 21.35 -45.46
N PHE B 81 -9.55 20.42 -45.70
CA PHE B 81 -10.60 20.63 -46.68
C PHE B 81 -11.96 20.26 -46.09
N LEU B 82 -12.97 21.05 -46.46
CA LEU B 82 -14.37 20.76 -46.12
C LEU B 82 -15.16 20.70 -47.41
N GLN B 83 -15.58 19.50 -47.79
CA GLN B 83 -16.44 19.27 -48.94
C GLN B 83 -17.88 19.34 -48.46
N MET B 84 -18.61 20.36 -48.91
CA MET B 84 -20.00 20.59 -48.52
C MET B 84 -20.89 20.27 -49.71
N ASN B 85 -21.81 19.34 -49.52
CA ASN B 85 -22.76 18.95 -50.54
C ASN B 85 -24.17 19.10 -49.99
N ASN B 86 -25.15 19.19 -50.89
CA ASN B 86 -26.55 19.33 -50.53
C ASN B 86 -26.75 20.53 -49.61
N LEU B 87 -26.20 21.67 -50.02
CA LEU B 87 -26.21 22.86 -49.19
C LEU B 87 -27.62 23.41 -49.03
N LYS B 88 -27.89 23.97 -47.85
CA LYS B 88 -29.18 24.51 -47.46
C LYS B 88 -28.98 25.93 -46.93
N PRO B 89 -30.03 26.75 -46.92
CA PRO B 89 -29.87 28.11 -46.39
C PRO B 89 -29.38 28.15 -44.95
N GLU B 90 -29.73 27.16 -44.15
CA GLU B 90 -29.24 27.11 -42.77
C GLU B 90 -27.73 27.04 -42.70
N ASP B 91 -27.06 26.64 -43.78
CA ASP B 91 -25.61 26.55 -43.80
C ASP B 91 -24.93 27.89 -44.02
N THR B 92 -25.69 28.95 -44.31
CA THR B 92 -25.12 30.27 -44.55
C THR B 92 -24.41 30.78 -43.30
N ALA B 93 -23.11 31.04 -43.43
CA ALA B 93 -22.30 31.47 -42.29
C ALA B 93 -20.88 31.77 -42.78
N VAL B 94 -20.10 32.41 -41.93
CA VAL B 94 -18.67 32.54 -42.16
C VAL B 94 -18.01 31.30 -41.56
N TYR B 95 -17.20 30.62 -42.37
CA TYR B 95 -16.55 29.39 -41.96
C TYR B 95 -15.07 29.66 -41.66
N TYR B 96 -14.60 29.11 -40.54
CA TYR B 96 -13.22 29.25 -40.12
C TYR B 96 -12.61 27.87 -39.89
N CYS B 97 -11.30 27.80 -40.02
CA CYS B 97 -10.58 26.56 -39.74
C CYS B 97 -9.56 26.84 -38.65
N ASN B 98 -9.54 25.99 -37.63
CA ASN B 98 -8.65 26.20 -36.49
C ASN B 98 -8.32 24.84 -35.88
N VAL B 99 -7.50 24.85 -34.84
CA VAL B 99 -7.29 23.64 -34.06
C VAL B 99 -8.49 23.43 -33.16
N TYR B 100 -8.56 22.27 -32.51
CA TYR B 100 -9.53 22.00 -31.47
C TYR B 100 -8.89 21.09 -30.45
N GLY B 101 -9.62 20.82 -29.37
CA GLY B 101 -9.07 20.00 -28.31
C GLY B 101 -7.90 20.61 -27.57
N THR B 102 -7.64 21.89 -27.76
CA THR B 102 -6.56 22.60 -27.09
C THR B 102 -6.82 24.09 -27.21
N ASN B 103 -5.84 24.91 -26.81
CA ASN B 103 -6.00 26.36 -26.85
C ASN B 103 -6.14 26.83 -28.30
N LEU B 104 -7.19 27.59 -28.56
CA LEU B 104 -7.49 28.07 -29.90
C LEU B 104 -6.41 29.05 -30.37
N ALA B 105 -5.96 28.86 -31.59
CA ALA B 105 -5.04 29.82 -32.21
C ALA B 105 -5.82 31.03 -32.73
N PRO B 106 -5.12 32.14 -32.99
CA PRO B 106 -5.81 33.33 -33.49
C PRO B 106 -6.54 33.07 -34.80
N TRP B 107 -7.82 33.45 -34.83
CA TRP B 107 -8.67 33.21 -36.00
C TRP B 107 -8.12 33.89 -37.24
N GLY B 108 -8.39 33.29 -38.39
CA GLY B 108 -8.12 33.90 -39.67
C GLY B 108 -9.31 34.69 -40.17
N GLN B 109 -9.23 35.07 -41.45
CA GLN B 109 -10.31 35.87 -42.04
C GLN B 109 -11.58 35.05 -42.28
N GLY B 110 -11.46 33.72 -42.32
CA GLY B 110 -12.60 32.88 -42.65
C GLY B 110 -13.02 33.09 -44.10
N THR B 111 -14.08 32.37 -44.49
CA THR B 111 -14.64 32.50 -45.83
C THR B 111 -16.16 32.44 -45.72
N GLN B 112 -16.83 33.36 -46.41
CA GLN B 112 -18.28 33.46 -46.32
C GLN B 112 -18.95 32.45 -47.25
N VAL B 113 -20.00 31.80 -46.74
CA VAL B 113 -20.80 30.86 -47.53
C VAL B 113 -22.24 31.32 -47.44
N THR B 114 -22.85 31.59 -48.59
CA THR B 114 -24.25 32.00 -48.66
C THR B 114 -25.00 31.01 -49.54
N VAL B 115 -26.17 30.57 -49.08
CA VAL B 115 -27.01 29.63 -49.79
C VAL B 115 -28.36 30.28 -50.02
N SER B 116 -28.69 30.51 -51.29
CA SER B 116 -29.94 31.16 -51.70
C SER B 116 -30.05 31.05 -53.21
N SER B 117 -31.27 30.88 -53.69
CA SER B 117 -31.52 30.81 -55.13
C SER B 117 -32.09 32.14 -55.65
N ALA C 1 -20.94 -3.46 -0.21
CA ALA C 1 -20.92 -4.34 -1.36
C ALA C 1 -19.77 -3.97 -2.30
N THR C 2 -18.59 -3.71 -1.73
CA THR C 2 -17.46 -3.26 -2.54
C THR C 2 -16.81 -4.45 -3.24
N LYS C 3 -16.36 -4.21 -4.46
CA LYS C 3 -15.75 -5.24 -5.28
C LYS C 3 -14.44 -4.72 -5.85
N ALA C 4 -13.52 -5.65 -6.09
CA ALA C 4 -12.23 -5.31 -6.68
C ALA C 4 -11.74 -6.52 -7.46
N VAL C 5 -10.74 -6.28 -8.32
CA VAL C 5 -10.22 -7.31 -9.21
C VAL C 5 -8.73 -7.07 -9.41
N CYS C 6 -8.02 -8.13 -9.77
CA CYS C 6 -6.59 -8.04 -10.02
C CYS C 6 -6.24 -9.04 -11.10
N VAL C 7 -5.63 -8.57 -12.17
CA VAL C 7 -5.11 -9.41 -13.23
C VAL C 7 -3.64 -9.64 -12.94
N LEU C 8 -3.27 -10.89 -12.64
CA LEU C 8 -1.90 -11.23 -12.36
C LEU C 8 -1.21 -11.60 -13.67
N LYS C 9 -0.09 -10.95 -13.94
CA LYS C 9 0.70 -11.16 -15.14
C LYS C 9 2.17 -11.12 -14.74
N GLY C 10 2.99 -11.90 -15.43
CA GLY C 10 4.41 -11.92 -15.17
C GLY C 10 5.18 -12.17 -16.45
N ASP C 11 6.51 -12.16 -16.35
CA ASP C 11 7.37 -12.34 -17.50
C ASP C 11 7.40 -13.78 -18.02
N GLY C 12 6.83 -14.72 -17.27
CA GLY C 12 6.78 -16.10 -17.68
C GLY C 12 5.36 -16.56 -17.95
N PRO C 13 5.08 -17.84 -17.70
CA PRO C 13 3.75 -18.38 -17.99
C PRO C 13 2.72 -18.15 -16.89
N VAL C 14 3.13 -17.77 -15.69
CA VAL C 14 2.19 -17.63 -14.58
C VAL C 14 1.28 -16.44 -14.82
N GLN C 15 -0.03 -16.68 -14.77
CA GLN C 15 -0.98 -15.60 -14.96
C GLN C 15 -2.31 -16.02 -14.34
N GLY C 16 -3.14 -15.02 -14.05
CA GLY C 16 -4.43 -15.36 -13.46
C GLY C 16 -5.30 -14.15 -13.22
N ILE C 17 -6.46 -14.41 -12.62
CA ILE C 17 -7.41 -13.36 -12.27
C ILE C 17 -7.93 -13.66 -10.87
N ILE C 18 -7.91 -12.64 -10.01
CA ILE C 18 -8.34 -12.74 -8.62
C ILE C 18 -9.40 -11.67 -8.37
N ASN C 19 -10.45 -12.04 -7.64
CA ASN C 19 -11.55 -11.16 -7.31
C ASN C 19 -11.64 -10.97 -5.81
N PHE C 20 -12.01 -9.77 -5.39
CA PHE C 20 -12.21 -9.41 -4.00
C PHE C 20 -13.64 -8.89 -3.83
N GLU C 21 -14.30 -9.36 -2.78
CA GLU C 21 -15.66 -8.93 -2.48
C GLU C 21 -15.80 -8.69 -0.98
N GLN C 22 -16.23 -7.49 -0.61
CA GLN C 22 -16.52 -7.15 0.77
C GLN C 22 -17.99 -6.73 0.81
N LYS C 23 -18.86 -7.68 1.17
CA LYS C 23 -20.29 -7.44 1.10
C LYS C 23 -20.73 -6.38 2.11
N GLU C 24 -20.11 -6.37 3.28
CA GLU C 24 -20.42 -5.39 4.31
C GLU C 24 -19.15 -4.71 4.77
N SER C 25 -19.24 -3.42 5.07
CA SER C 25 -18.12 -2.72 5.67
C SER C 25 -17.75 -3.36 6.99
N ASN C 26 -16.45 -3.47 7.25
CA ASN C 26 -15.91 -4.10 8.45
C ASN C 26 -16.20 -5.60 8.51
N GLY C 27 -16.56 -6.21 7.36
CA GLY C 27 -16.76 -7.64 7.28
C GLY C 27 -15.60 -8.33 6.58
N PRO C 28 -15.64 -9.66 6.51
CA PRO C 28 -14.60 -10.39 5.81
C PRO C 28 -14.53 -10.01 4.33
N VAL C 29 -13.33 -10.03 3.79
CA VAL C 29 -13.09 -9.90 2.36
C VAL C 29 -12.92 -11.30 1.79
N LYS C 30 -13.78 -11.65 0.83
CA LYS C 30 -13.68 -12.90 0.09
C LYS C 30 -12.76 -12.68 -1.11
N VAL C 31 -11.69 -13.47 -1.20
CA VAL C 31 -10.76 -13.48 -2.32
C VAL C 31 -10.97 -14.79 -3.06
N TRP C 32 -11.08 -14.74 -4.38
CA TRP C 32 -11.27 -16.00 -5.10
C TRP C 32 -10.96 -15.80 -6.57
N GLY C 33 -10.53 -16.89 -7.20
CA GLY C 33 -10.18 -16.80 -8.61
C GLY C 33 -9.28 -17.95 -9.00
N SER C 34 -8.50 -17.71 -10.05
CA SER C 34 -7.68 -18.78 -10.60
C SER C 34 -6.32 -18.25 -11.01
N ILE C 35 -5.28 -19.07 -10.80
CA ILE C 35 -3.93 -18.79 -11.30
C ILE C 35 -3.40 -20.04 -11.98
N LYS C 36 -2.72 -19.86 -13.10
CA LYS C 36 -2.19 -20.97 -13.88
C LYS C 36 -0.75 -20.68 -14.27
N GLY C 37 -0.10 -21.72 -14.79
CA GLY C 37 1.31 -21.65 -15.12
C GLY C 37 2.25 -21.92 -13.96
N LEU C 38 1.74 -22.26 -12.79
CA LEU C 38 2.56 -22.48 -11.60
C LEU C 38 3.06 -23.92 -11.54
N THR C 39 4.15 -24.11 -10.79
CA THR C 39 4.58 -25.46 -10.46
C THR C 39 3.67 -26.04 -9.38
N GLU C 40 3.45 -27.36 -9.43
CA GLU C 40 2.58 -28.01 -8.48
C GLU C 40 3.01 -27.68 -7.06
N GLY C 41 2.03 -27.44 -6.19
CA GLY C 41 2.35 -27.23 -4.78
C GLY C 41 2.04 -25.85 -4.23
N LEU C 42 2.69 -25.49 -3.12
CA LEU C 42 2.38 -24.24 -2.42
C LEU C 42 3.17 -23.07 -3.02
N HIS C 43 2.50 -21.92 -3.11
CA HIS C 43 3.11 -20.70 -3.63
C HIS C 43 2.69 -19.52 -2.78
N GLY C 44 3.66 -18.72 -2.35
CA GLY C 44 3.33 -17.54 -1.59
C GLY C 44 2.38 -16.62 -2.32
N PHE C 45 1.54 -15.93 -1.55
CA PHE C 45 0.42 -15.14 -2.07
C PHE C 45 0.28 -13.94 -1.15
N HIS C 46 0.71 -12.76 -1.62
CA HIS C 46 0.85 -11.61 -0.74
C HIS C 46 0.28 -10.35 -1.38
N VAL C 47 -0.04 -9.39 -0.51
CA VAL C 47 -0.39 -8.04 -0.93
C VAL C 47 0.78 -7.14 -0.54
N HIS C 48 1.51 -6.68 -1.55
CA HIS C 48 2.60 -5.74 -1.38
C HIS C 48 2.09 -4.31 -1.43
N GLU C 49 2.87 -3.42 -0.82
CA GLU C 49 2.37 -2.12 -0.38
C GLU C 49 2.11 -1.17 -1.54
N PHE C 50 2.94 -1.22 -2.58
CA PHE C 50 2.90 -0.23 -3.66
C PHE C 50 2.28 -0.82 -4.91
N GLY C 51 1.34 -0.07 -5.50
CA GLY C 51 0.80 -0.42 -6.80
C GLY C 51 1.67 0.09 -7.92
N ASP C 52 2.96 -0.18 -7.82
CA ASP C 52 3.97 0.32 -8.75
C ASP C 52 4.50 -0.83 -9.58
N ASN C 53 4.34 -0.74 -10.90
CA ASN C 53 4.78 -1.77 -11.83
C ASN C 53 5.84 -1.25 -12.80
N THR C 54 6.50 -0.14 -12.45
CA THR C 54 7.42 0.50 -13.39
C THR C 54 8.60 -0.40 -13.72
N ALA C 55 9.05 -1.23 -12.77
CA ALA C 55 10.15 -2.16 -13.00
C ALA C 55 9.73 -3.57 -12.64
N GLY C 56 8.53 -3.96 -13.08
CA GLY C 56 8.02 -5.27 -12.76
C GLY C 56 7.55 -5.38 -11.32
N CYS C 57 7.32 -6.63 -10.91
CA CYS C 57 6.86 -6.90 -9.54
C CYS C 57 7.86 -6.42 -8.51
N THR C 58 9.14 -6.29 -8.88
CA THR C 58 10.14 -5.69 -7.99
C THR C 58 9.69 -4.33 -7.45
N SER C 59 8.98 -3.56 -8.28
CA SER C 59 8.55 -2.21 -7.87
C SER C 59 7.43 -2.23 -6.85
N ALA C 60 6.85 -3.40 -6.54
CA ALA C 60 5.73 -3.45 -5.62
C ALA C 60 6.14 -3.16 -4.19
N GLY C 61 7.42 -3.28 -3.87
CA GLY C 61 7.89 -3.05 -2.52
C GLY C 61 7.66 -4.23 -1.61
N PRO C 62 7.72 -4.00 -0.31
CA PRO C 62 7.56 -5.08 0.66
C PRO C 62 6.08 -5.37 0.90
N HIS C 63 5.84 -6.31 1.80
CA HIS C 63 4.47 -6.63 2.20
C HIS C 63 3.77 -5.40 2.75
N PHE C 64 2.48 -5.27 2.45
CA PHE C 64 1.67 -4.22 3.06
C PHE C 64 1.70 -4.41 4.57
N ASN C 65 2.30 -3.47 5.29
CA ASN C 65 2.53 -3.59 6.73
C ASN C 65 2.29 -2.25 7.41
N PRO C 66 1.02 -1.84 7.55
CA PRO C 66 0.73 -0.54 8.18
C PRO C 66 0.92 -0.54 9.69
N LEU C 67 0.71 -1.68 10.36
CA LEU C 67 0.89 -1.74 11.80
C LEU C 67 2.30 -2.15 12.21
N SER C 68 3.22 -2.28 11.24
CA SER C 68 4.64 -2.49 11.50
C SER C 68 4.88 -3.75 12.33
N ARG C 69 4.29 -4.85 11.90
CA ARG C 69 4.45 -6.13 12.57
C ARG C 69 5.40 -7.02 11.77
N LYS C 70 5.68 -8.19 12.31
CA LYS C 70 6.55 -9.16 11.65
C LYS C 70 5.72 -10.09 10.75
N HIS C 71 6.39 -10.67 9.77
CA HIS C 71 5.73 -11.54 8.80
C HIS C 71 5.21 -12.80 9.46
N GLY C 72 3.99 -13.20 9.08
CA GLY C 72 3.40 -14.43 9.57
C GLY C 72 2.45 -15.07 8.57
N GLY C 73 1.54 -15.90 9.05
CA GLY C 73 0.51 -16.47 8.22
C GLY C 73 -0.81 -15.77 8.44
N PRO C 74 -1.78 -15.99 7.54
CA PRO C 74 -3.07 -15.30 7.67
C PRO C 74 -3.77 -15.58 8.98
N LYS C 75 -3.48 -16.70 9.65
CA LYS C 75 -4.10 -17.03 10.92
C LYS C 75 -3.41 -16.35 12.09
N ASP C 76 -2.11 -16.05 11.97
CA ASP C 76 -1.35 -15.54 13.11
C ASP C 76 -1.73 -14.10 13.43
N GLU C 77 -1.75 -13.79 14.72
CA GLU C 77 -2.01 -12.42 15.13
C GLU C 77 -0.87 -11.50 14.72
N GLU C 78 0.37 -11.95 14.88
CA GLU C 78 1.52 -11.19 14.41
C GLU C 78 1.71 -11.49 12.92
N ARG C 79 1.26 -10.57 12.08
CA ARG C 79 1.36 -10.76 10.64
C ARG C 79 1.32 -9.39 9.98
N HIS C 80 1.82 -9.34 8.74
CA HIS C 80 1.58 -8.18 7.90
C HIS C 80 0.13 -8.22 7.40
N VAL C 81 -0.42 -7.04 7.13
CA VAL C 81 -1.80 -6.99 6.64
C VAL C 81 -1.91 -7.74 5.33
N GLY C 82 -0.88 -7.70 4.50
CA GLY C 82 -0.90 -8.37 3.21
C GLY C 82 -0.53 -9.83 3.21
N ASP C 83 -0.42 -10.47 4.37
CA ASP C 83 0.02 -11.86 4.47
C ASP C 83 -1.17 -12.77 4.27
N LEU C 84 -1.35 -13.28 3.03
CA LEU C 84 -2.45 -14.17 2.72
C LEU C 84 -2.00 -15.63 2.61
N GLY C 85 -0.80 -15.95 3.09
CA GLY C 85 -0.36 -17.33 3.14
C GLY C 85 0.02 -17.87 1.78
N ASN C 86 -0.31 -19.14 1.55
CA ASN C 86 0.02 -19.83 0.31
C ASN C 86 -1.25 -20.23 -0.43
N VAL C 87 -1.11 -20.33 -1.75
CA VAL C 87 -2.14 -20.92 -2.60
C VAL C 87 -1.58 -22.22 -3.16
N THR C 88 -2.48 -23.16 -3.46
CA THR C 88 -2.10 -24.51 -3.85
C THR C 88 -2.39 -24.71 -5.34
N ALA C 89 -1.33 -24.86 -6.14
CA ALA C 89 -1.47 -25.24 -7.53
C ALA C 89 -1.52 -26.76 -7.65
N ASP C 90 -2.42 -27.25 -8.51
CA ASP C 90 -2.57 -28.68 -8.68
C ASP C 90 -1.53 -29.23 -9.65
N LYS C 91 -1.75 -30.47 -10.11
CA LYS C 91 -0.79 -31.13 -10.99
C LYS C 91 -0.70 -30.44 -12.35
N ASP C 92 -1.78 -29.82 -12.79
CA ASP C 92 -1.81 -29.11 -14.07
C ASP C 92 -1.31 -27.67 -13.95
N GLY C 93 -0.80 -27.28 -12.78
CA GLY C 93 -0.36 -25.92 -12.57
C GLY C 93 -1.44 -24.93 -12.27
N VAL C 94 -2.63 -25.39 -11.89
CA VAL C 94 -3.78 -24.53 -11.65
C VAL C 94 -4.03 -24.46 -10.15
N ALA C 95 -3.99 -23.25 -9.62
CA ALA C 95 -4.36 -22.95 -8.24
C ALA C 95 -5.72 -22.26 -8.25
N ASP C 96 -6.71 -22.91 -7.65
CA ASP C 96 -8.03 -22.33 -7.47
C ASP C 96 -8.06 -21.66 -6.10
N VAL C 97 -8.11 -20.32 -6.10
CA VAL C 97 -7.98 -19.56 -4.86
C VAL C 97 -9.36 -19.28 -4.30
N SER C 98 -9.52 -19.56 -3.00
CA SER C 98 -10.76 -19.30 -2.25
C SER C 98 -10.34 -19.00 -0.81
N ILE C 99 -10.17 -17.71 -0.53
CA ILE C 99 -9.69 -17.20 0.75
C ILE C 99 -10.77 -16.29 1.35
N GLU C 100 -10.84 -16.28 2.67
CA GLU C 100 -11.66 -15.32 3.41
C GLU C 100 -10.76 -14.69 4.45
N ASP C 101 -10.61 -13.37 4.40
CA ASP C 101 -9.68 -12.71 5.30
C ASP C 101 -10.33 -11.50 5.96
N SER C 102 -10.14 -11.38 7.27
CA SER C 102 -10.70 -10.29 8.06
C SER C 102 -9.64 -9.27 8.46
N VAL C 103 -8.44 -9.35 7.89
CA VAL C 103 -7.39 -8.37 8.18
C VAL C 103 -7.22 -7.39 7.03
N ILE C 104 -7.38 -7.83 5.78
CA ILE C 104 -7.42 -6.91 4.67
C ILE C 104 -8.80 -6.28 4.57
N SER C 105 -8.88 -5.15 3.86
CA SER C 105 -10.15 -4.46 3.67
C SER C 105 -10.14 -3.77 2.32
N LEU C 106 -11.33 -3.37 1.87
CA LEU C 106 -11.48 -2.58 0.65
C LEU C 106 -11.79 -1.12 0.95
N SER C 107 -11.52 -0.67 2.18
CA SER C 107 -11.73 0.72 2.56
C SER C 107 -10.98 0.98 3.86
N GLY C 108 -10.65 2.25 4.08
CA GLY C 108 -10.02 2.64 5.33
C GLY C 108 -8.51 2.46 5.32
N ASP C 109 -7.95 2.27 6.51
CA ASP C 109 -6.50 2.23 6.67
C ASP C 109 -5.89 0.92 6.19
N HIS C 110 -6.64 -0.17 6.21
CA HIS C 110 -6.17 -1.46 5.72
C HIS C 110 -6.60 -1.73 4.29
N CYS C 111 -7.07 -0.71 3.59
CA CYS C 111 -7.55 -0.88 2.23
C CYS C 111 -6.42 -1.31 1.32
N ILE C 112 -6.68 -2.34 0.50
CA ILE C 112 -5.67 -2.87 -0.40
C ILE C 112 -5.89 -2.43 -1.84
N ILE C 113 -6.90 -1.60 -2.10
CA ILE C 113 -7.10 -1.08 -3.44
C ILE C 113 -5.94 -0.16 -3.80
N GLY C 114 -5.38 -0.34 -5.00
CA GLY C 114 -4.23 0.41 -5.42
C GLY C 114 -2.90 -0.16 -5.00
N ARG C 115 -2.88 -1.29 -4.31
CA ARG C 115 -1.65 -1.99 -3.97
C ARG C 115 -1.54 -3.22 -4.86
N THR C 116 -0.45 -3.99 -4.68
CA THR C 116 -0.12 -5.04 -5.64
C THR C 116 -0.34 -6.42 -5.05
N LEU C 117 -1.07 -7.27 -5.76
CA LEU C 117 -1.15 -8.68 -5.41
C LEU C 117 -0.05 -9.43 -6.15
N VAL C 118 0.64 -10.33 -5.44
CA VAL C 118 1.83 -10.99 -5.93
C VAL C 118 1.76 -12.48 -5.62
N VAL C 119 2.06 -13.30 -6.62
CA VAL C 119 2.21 -14.74 -6.45
C VAL C 119 3.67 -15.11 -6.71
N HIS C 120 4.23 -15.94 -5.82
CA HIS C 120 5.65 -16.18 -5.67
C HIS C 120 6.06 -17.55 -6.21
N GLU C 121 7.39 -17.76 -6.24
CA GLU C 121 7.99 -18.95 -6.81
C GLU C 121 8.00 -20.12 -5.84
N LYS C 122 8.15 -19.86 -4.54
CA LYS C 122 8.25 -20.91 -3.54
C LYS C 122 7.13 -20.78 -2.51
N ALA C 123 7.25 -21.53 -1.42
CA ALA C 123 6.27 -21.52 -0.35
C ALA C 123 6.63 -20.49 0.72
N ASP C 124 5.61 -19.76 1.19
CA ASP C 124 5.75 -18.95 2.39
C ASP C 124 5.89 -19.85 3.61
N ASP C 125 6.96 -19.68 4.38
CA ASP C 125 7.11 -20.47 5.61
C ASP C 125 6.34 -19.87 6.78
N LEU C 126 5.49 -18.87 6.53
CA LEU C 126 4.63 -18.24 7.54
C LEU C 126 5.42 -17.59 8.66
N GLY C 127 6.70 -17.29 8.43
CA GLY C 127 7.49 -16.63 9.44
C GLY C 127 8.11 -17.56 10.46
N LYS C 128 8.15 -18.86 10.20
CA LYS C 128 8.73 -19.83 11.12
C LYS C 128 10.03 -20.45 10.61
N GLY C 129 10.63 -19.86 9.57
CA GLY C 129 11.81 -20.47 8.97
C GLY C 129 13.02 -20.48 9.87
N GLY C 130 13.18 -19.43 10.68
CA GLY C 130 14.30 -19.35 11.59
C GLY C 130 15.46 -18.48 11.14
N ASN C 131 15.24 -17.62 10.15
CA ASN C 131 16.24 -16.67 9.69
C ASN C 131 15.60 -15.30 9.57
N GLU C 132 16.43 -14.29 9.30
CA GLU C 132 15.93 -12.93 9.19
C GLU C 132 14.87 -12.79 8.10
N GLU C 133 15.18 -13.30 6.91
CA GLU C 133 14.26 -13.16 5.78
C GLU C 133 12.90 -13.80 6.06
N SER C 134 12.86 -14.79 6.95
CA SER C 134 11.58 -15.42 7.29
C SER C 134 10.66 -14.43 8.01
N THR C 135 11.22 -13.59 8.88
CA THR C 135 10.45 -12.58 9.58
C THR C 135 10.09 -11.39 8.68
N LYS C 136 10.55 -11.37 7.44
CA LYS C 136 10.31 -10.27 6.51
C LYS C 136 9.46 -10.70 5.31
N THR C 137 9.81 -11.81 4.68
CA THR C 137 9.12 -12.27 3.48
C THR C 137 8.64 -13.71 3.53
N GLY C 138 9.01 -14.48 4.54
CA GLY C 138 8.68 -15.89 4.56
C GLY C 138 9.47 -16.74 3.60
N ASN C 139 10.49 -16.17 2.95
CA ASN C 139 11.36 -16.90 2.02
C ASN C 139 10.55 -17.52 0.87
N ALA C 140 9.58 -16.77 0.35
CA ALA C 140 8.75 -17.28 -0.73
C ALA C 140 9.42 -17.21 -2.09
N GLY C 141 10.67 -16.74 -2.16
CA GLY C 141 11.40 -16.73 -3.40
C GLY C 141 11.03 -15.54 -4.28
N SER C 142 11.28 -15.73 -5.57
CA SER C 142 11.07 -14.67 -6.54
C SER C 142 9.58 -14.46 -6.82
N ARG C 143 9.26 -13.26 -7.29
CA ARG C 143 7.90 -12.89 -7.65
C ARG C 143 7.60 -13.36 -9.07
N LEU C 144 6.68 -14.31 -9.20
CA LEU C 144 6.33 -14.85 -10.51
C LEU C 144 5.32 -13.99 -11.25
N ALA C 145 4.29 -13.50 -10.56
CA ALA C 145 3.34 -12.63 -11.25
C ALA C 145 2.73 -11.65 -10.26
N CYS C 146 2.23 -10.53 -10.79
CA CYS C 146 1.68 -9.50 -9.94
C CYS C 146 0.69 -8.67 -10.73
N GLY C 147 -0.13 -7.92 -9.99
CA GLY C 147 -1.06 -7.00 -10.60
C GLY C 147 -1.57 -5.99 -9.60
N VAL C 148 -1.90 -4.81 -10.09
CA VAL C 148 -2.46 -3.77 -9.23
C VAL C 148 -3.91 -4.10 -8.93
N ILE C 149 -4.32 -3.86 -7.69
CA ILE C 149 -5.67 -4.19 -7.24
C ILE C 149 -6.58 -3.01 -7.54
N GLY C 150 -7.59 -3.23 -8.38
CA GLY C 150 -8.41 -2.14 -8.86
C GLY C 150 -9.90 -2.30 -8.58
N ILE C 151 -10.60 -1.18 -8.50
CA ILE C 151 -12.03 -1.19 -8.23
C ILE C 151 -12.76 -1.91 -9.36
N ALA C 152 -13.66 -2.82 -9.00
CA ALA C 152 -14.47 -3.57 -9.95
C ALA C 152 -15.91 -3.10 -9.89
N GLN C 153 -16.64 -3.38 -10.97
CA GLN C 153 -18.06 -3.06 -11.05
C GLN C 153 -18.89 -4.09 -10.30
N GLN D 3 2.18 -42.03 7.45
CA GLN D 3 2.16 -40.87 6.56
C GLN D 3 3.56 -40.26 6.43
N LEU D 4 4.24 -40.10 7.57
CA LEU D 4 5.61 -39.59 7.61
C LEU D 4 6.46 -40.58 8.39
N GLN D 5 7.52 -41.08 7.75
CA GLN D 5 8.40 -42.06 8.39
C GLN D 5 9.85 -41.62 8.23
N GLU D 6 10.48 -41.24 9.35
CA GLU D 6 11.86 -40.79 9.37
C GLU D 6 12.79 -41.93 9.80
N SER D 7 14.06 -41.78 9.44
CA SER D 7 15.10 -42.76 9.73
C SER D 7 16.45 -42.10 9.53
N GLY D 8 17.50 -42.80 9.97
CA GLY D 8 18.87 -42.36 9.74
C GLY D 8 19.55 -41.68 10.91
N GLY D 9 18.84 -41.50 12.03
CA GLY D 9 19.47 -40.90 13.19
C GLY D 9 20.33 -41.89 13.96
N GLY D 10 21.22 -41.35 14.77
CA GLY D 10 22.10 -42.18 15.56
C GLY D 10 23.02 -41.35 16.42
N LEU D 11 23.89 -42.05 17.13
CA LEU D 11 24.88 -41.42 17.99
C LEU D 11 26.12 -41.06 17.18
N VAL D 12 26.65 -39.86 17.42
CA VAL D 12 27.82 -39.37 16.70
C VAL D 12 28.55 -38.38 17.59
N GLN D 13 29.80 -38.13 17.26
CA GLN D 13 30.68 -37.25 18.01
C GLN D 13 30.71 -35.86 17.37
N PRO D 14 31.20 -34.86 18.10
CA PRO D 14 31.34 -33.52 17.50
C PRO D 14 32.20 -33.57 16.24
N GLY D 15 31.80 -32.77 15.25
CA GLY D 15 32.40 -32.82 13.94
C GLY D 15 31.95 -33.95 13.06
N GLY D 16 31.13 -34.87 13.58
CA GLY D 16 30.63 -35.97 12.80
C GLY D 16 29.53 -35.55 11.84
N SER D 17 28.91 -36.56 11.24
CA SER D 17 27.93 -36.32 10.18
C SER D 17 26.87 -37.41 10.18
N LEU D 18 25.66 -37.06 9.75
CA LEU D 18 24.60 -38.03 9.55
C LEU D 18 23.80 -37.63 8.31
N ARG D 19 22.96 -38.55 7.85
CA ARG D 19 22.05 -38.28 6.74
C ARG D 19 20.68 -38.83 7.13
N LEU D 20 19.75 -37.92 7.42
CA LEU D 20 18.40 -38.33 7.78
C LEU D 20 17.54 -38.43 6.53
N SER D 21 16.63 -39.41 6.54
CA SER D 21 15.74 -39.64 5.42
C SER D 21 14.32 -39.73 5.93
N CYS D 22 13.36 -39.33 5.10
CA CYS D 22 11.97 -39.45 5.47
C CYS D 22 11.13 -39.74 4.24
N ARG D 23 10.24 -40.72 4.37
CA ARG D 23 9.24 -41.03 3.35
C ARG D 23 7.93 -40.37 3.74
N ALA D 24 7.40 -39.54 2.85
CA ALA D 24 6.09 -38.93 3.03
C ALA D 24 5.12 -39.56 2.04
N SER D 25 3.85 -39.55 2.42
CA SER D 25 2.82 -40.00 1.48
C SER D 25 2.79 -39.06 0.28
N GLU D 26 2.15 -39.53 -0.79
CA GLU D 26 2.13 -38.77 -2.04
C GLU D 26 1.34 -37.48 -1.89
N THR D 27 0.21 -37.51 -1.18
CA THR D 27 -0.61 -36.32 -1.06
C THR D 27 0.09 -35.23 -0.25
N LEU D 28 0.81 -35.62 0.80
CA LEU D 28 1.60 -34.64 1.55
C LEU D 28 2.77 -34.13 0.72
N PHE D 29 3.50 -35.05 0.07
CA PHE D 29 4.65 -34.66 -0.74
C PHE D 29 4.26 -33.73 -1.87
N SER D 30 3.04 -33.86 -2.40
CA SER D 30 2.61 -33.13 -3.58
C SER D 30 2.34 -31.65 -3.31
N LEU D 31 2.32 -31.22 -2.06
CA LEU D 31 2.31 -29.79 -1.77
C LEU D 31 3.66 -29.15 -2.05
N TYR D 32 4.71 -29.97 -2.21
CA TYR D 32 6.06 -29.51 -2.49
C TYR D 32 6.47 -28.39 -1.54
N ALA D 33 6.21 -28.62 -0.26
CA ALA D 33 6.63 -27.73 0.82
C ALA D 33 6.98 -28.66 2.00
N MET D 34 8.19 -29.19 1.97
CA MET D 34 8.63 -30.13 2.98
C MET D 34 9.62 -29.43 3.91
N GLY D 35 9.56 -29.76 5.19
CA GLY D 35 10.44 -29.14 6.16
C GLY D 35 10.93 -30.13 7.21
N TRP D 36 12.21 -30.00 7.55
CA TRP D 36 12.81 -30.71 8.67
C TRP D 36 12.77 -29.80 9.89
N TYR D 37 12.14 -30.32 10.96
CA TYR D 37 12.05 -29.68 12.27
C TYR D 37 12.90 -30.45 13.26
N ARG D 38 13.38 -29.76 14.29
CA ARG D 38 14.06 -30.41 15.40
C ARG D 38 13.40 -29.98 16.70
N GLN D 39 13.35 -30.90 17.66
CA GLN D 39 12.76 -30.66 18.97
C GLN D 39 13.76 -31.13 20.01
N ALA D 40 14.30 -30.18 20.77
CA ALA D 40 15.10 -30.49 21.94
C ALA D 40 14.18 -30.80 23.12
N PRO D 41 14.61 -31.64 24.06
CA PRO D 41 13.77 -31.95 25.22
C PRO D 41 13.42 -30.69 26.00
N GLY D 42 12.12 -30.44 26.12
CA GLY D 42 11.59 -29.28 26.81
C GLY D 42 11.16 -28.14 25.92
N LYS D 43 11.46 -28.20 24.62
CA LYS D 43 11.15 -27.12 23.69
C LYS D 43 10.14 -27.61 22.64
N GLN D 44 9.76 -26.70 21.75
CA GLN D 44 8.86 -27.02 20.66
C GLN D 44 9.64 -27.49 19.44
N PRO D 45 9.00 -28.24 18.54
CA PRO D 45 9.67 -28.57 17.27
C PRO D 45 9.79 -27.35 16.37
N GLU D 46 11.02 -26.86 16.19
CA GLU D 46 11.29 -25.66 15.42
C GLU D 46 11.70 -26.02 14.00
N LEU D 47 11.26 -25.21 13.04
CA LEU D 47 11.59 -25.42 11.64
C LEU D 47 13.05 -25.07 11.38
N ILE D 48 13.78 -26.02 10.79
CA ILE D 48 15.24 -25.89 10.70
C ILE D 48 15.67 -25.90 9.24
N ALA D 49 14.93 -26.62 8.39
CA ALA D 49 15.25 -26.57 6.96
C ALA D 49 13.97 -26.75 6.15
N THR D 50 13.87 -26.01 5.05
CA THR D 50 12.71 -26.12 4.16
C THR D 50 13.18 -26.40 2.74
N ILE D 51 12.39 -27.17 2.02
CA ILE D 51 12.55 -27.33 0.58
C ILE D 51 11.19 -27.13 -0.07
N SER D 52 11.15 -26.28 -1.10
CA SER D 52 9.90 -26.02 -1.81
C SER D 52 10.22 -25.57 -3.23
N GLY D 53 9.17 -25.23 -3.98
CA GLY D 53 9.33 -24.87 -5.37
C GLY D 53 9.36 -26.10 -6.26
N GLY D 54 9.57 -25.87 -7.56
CA GLY D 54 9.54 -26.92 -8.55
C GLY D 54 10.93 -27.45 -8.88
N GLY D 55 10.93 -28.48 -9.73
CA GLY D 55 12.19 -29.09 -10.11
C GLY D 55 12.74 -29.93 -8.97
N GLU D 56 14.05 -29.86 -8.76
CA GLU D 56 14.65 -30.52 -7.61
C GLU D 56 14.44 -29.72 -6.33
N GLY D 57 13.87 -28.53 -6.42
CA GLY D 57 13.50 -27.76 -5.26
C GLY D 57 14.60 -26.84 -4.78
N THR D 58 14.19 -25.86 -3.99
CA THR D 58 15.08 -24.88 -3.41
C THR D 58 14.98 -24.95 -1.90
N GLY D 59 16.15 -24.88 -1.25
CA GLY D 59 16.28 -25.09 0.18
C GLY D 59 16.59 -23.81 0.91
N ASN D 60 15.96 -23.64 2.06
CA ASN D 60 16.19 -22.54 2.98
C ASN D 60 16.53 -23.11 4.35
N TYR D 61 17.33 -22.37 5.12
CA TYR D 61 17.90 -22.92 6.34
C TYR D 61 17.79 -21.92 7.48
N ALA D 62 17.47 -22.44 8.66
CA ALA D 62 17.50 -21.62 9.86
C ALA D 62 18.94 -21.23 10.19
N ASP D 63 19.08 -20.12 10.89
CA ASP D 63 20.39 -19.57 11.21
C ASP D 63 21.34 -20.55 11.89
N PRO D 64 20.93 -21.33 12.91
CA PRO D 64 21.90 -22.19 13.60
C PRO D 64 22.48 -23.30 12.74
N VAL D 65 21.95 -23.55 11.54
CA VAL D 65 22.37 -24.68 10.72
C VAL D 65 22.80 -24.26 9.33
N LYS D 66 22.69 -22.98 8.98
CA LYS D 66 23.01 -22.52 7.63
C LYS D 66 24.49 -22.71 7.32
N GLY D 67 24.78 -23.52 6.30
CA GLY D 67 26.14 -23.82 5.91
C GLY D 67 26.68 -25.11 6.47
N ARG D 68 25.86 -25.89 7.18
CA ARG D 68 26.30 -27.17 7.72
C ARG D 68 25.30 -28.26 7.33
N PHE D 69 24.05 -27.87 7.13
CA PHE D 69 22.98 -28.80 6.75
C PHE D 69 22.59 -28.53 5.31
N THR D 70 22.20 -29.60 4.60
CA THR D 70 21.64 -29.45 3.27
C THR D 70 20.42 -30.33 3.13
N ILE D 71 19.32 -29.74 2.68
CA ILE D 71 18.06 -30.45 2.48
C ILE D 71 17.89 -30.72 0.99
N SER D 72 17.33 -31.89 0.68
CA SER D 72 17.06 -32.26 -0.71
C SER D 72 15.84 -33.16 -0.72
N ARG D 73 15.39 -33.52 -1.92
CA ARG D 73 14.24 -34.40 -2.04
C ARG D 73 14.43 -35.32 -3.25
N ASN D 74 13.60 -36.35 -3.27
CA ASN D 74 13.49 -37.29 -4.38
C ASN D 74 12.00 -37.33 -4.73
N ASN D 75 11.66 -36.75 -5.89
CA ASN D 75 10.26 -36.53 -6.22
C ASN D 75 9.56 -37.85 -6.53
N ALA D 76 10.26 -38.78 -7.17
CA ALA D 76 9.63 -40.03 -7.57
C ALA D 76 9.37 -40.93 -6.37
N ASP D 77 10.27 -40.92 -5.40
CA ASP D 77 10.14 -41.78 -4.22
C ASP D 77 9.51 -41.06 -3.04
N ASN D 78 9.08 -39.82 -3.21
CA ASN D 78 8.49 -39.02 -2.14
C ASN D 78 9.39 -38.96 -0.92
N MET D 79 10.68 -38.74 -1.15
CA MET D 79 11.65 -38.73 -0.07
C MET D 79 12.15 -37.32 0.19
N VAL D 80 12.46 -37.04 1.46
CA VAL D 80 13.14 -35.83 1.85
C VAL D 80 14.38 -36.21 2.65
N PHE D 81 15.50 -35.54 2.39
CA PHE D 81 16.78 -35.89 2.97
C PHE D 81 17.40 -34.67 3.64
N LEU D 82 18.06 -34.91 4.78
CA LEU D 82 18.75 -33.87 5.53
C LEU D 82 20.18 -34.34 5.81
N GLN D 83 21.13 -33.79 5.07
CA GLN D 83 22.54 -34.09 5.23
C GLN D 83 23.14 -33.15 6.26
N MET D 84 23.65 -33.70 7.36
CA MET D 84 24.14 -32.91 8.49
C MET D 84 25.64 -33.15 8.64
N ASN D 85 26.42 -32.08 8.48
CA ASN D 85 27.87 -32.11 8.60
C ASN D 85 28.31 -31.19 9.73
N ASN D 86 29.52 -31.41 10.21
CA ASN D 86 30.14 -30.59 11.26
C ASN D 86 29.23 -30.47 12.47
N LEU D 87 28.65 -31.60 12.87
CA LEU D 87 27.63 -31.61 13.91
C LEU D 87 28.19 -31.11 15.24
N LYS D 88 27.45 -30.23 15.88
CA LYS D 88 27.76 -29.70 17.20
C LYS D 88 26.81 -30.32 18.23
N PRO D 89 27.17 -30.27 19.52
CA PRO D 89 26.24 -30.77 20.54
C PRO D 89 24.91 -30.04 20.57
N GLU D 90 24.87 -28.77 20.13
CA GLU D 90 23.61 -28.04 20.07
C GLU D 90 22.61 -28.69 19.13
N ASP D 91 23.06 -29.50 18.18
CA ASP D 91 22.18 -30.17 17.23
C ASP D 91 21.48 -31.39 17.81
N THR D 92 21.81 -31.78 19.04
CA THR D 92 21.17 -32.95 19.64
C THR D 92 19.69 -32.66 19.88
N ALA D 93 18.83 -33.53 19.32
CA ALA D 93 17.39 -33.39 19.42
C ALA D 93 16.70 -34.53 18.69
N VAL D 94 15.38 -34.56 18.71
CA VAL D 94 14.62 -35.46 17.84
C VAL D 94 14.23 -34.69 16.59
N TYR D 95 14.54 -35.24 15.43
CA TYR D 95 14.28 -34.60 14.15
C TYR D 95 13.05 -35.22 13.51
N TYR D 96 12.15 -34.38 13.03
CA TYR D 96 10.94 -34.79 12.34
C TYR D 96 10.91 -34.15 10.96
N CYS D 97 10.16 -34.77 10.06
CA CYS D 97 9.90 -34.22 8.75
C CYS D 97 8.40 -34.05 8.58
N ASN D 98 7.98 -32.91 8.05
CA ASN D 98 6.55 -32.60 7.95
C ASN D 98 6.35 -31.59 6.82
N VAL D 99 5.11 -31.18 6.63
CA VAL D 99 4.82 -30.10 5.70
C VAL D 99 5.13 -28.79 6.41
N TYR D 100 5.16 -27.70 5.64
CA TYR D 100 5.18 -26.36 6.21
C TYR D 100 4.41 -25.46 5.26
N GLY D 101 4.20 -24.21 5.69
CA GLY D 101 3.40 -23.27 4.93
C GLY D 101 1.93 -23.59 4.90
N THR D 102 1.45 -24.48 5.76
CA THR D 102 0.06 -24.93 5.79
C THR D 102 -0.11 -25.71 7.09
N ASN D 103 -1.30 -26.28 7.29
CA ASN D 103 -1.56 -27.04 8.51
C ASN D 103 -0.68 -28.29 8.55
N LEU D 104 -0.02 -28.52 9.67
CA LEU D 104 0.84 -29.68 9.81
C LEU D 104 0.04 -30.97 9.77
N ALA D 105 0.65 -32.00 9.21
CA ALA D 105 0.12 -33.36 9.29
C ALA D 105 0.39 -33.91 10.67
N PRO D 106 -0.25 -35.01 11.04
CA PRO D 106 0.10 -35.69 12.30
C PRO D 106 1.58 -36.05 12.33
N TRP D 107 2.24 -35.72 13.43
CA TRP D 107 3.68 -35.96 13.54
C TRP D 107 4.00 -37.45 13.37
N GLY D 108 5.10 -37.72 12.68
CA GLY D 108 5.65 -39.06 12.63
C GLY D 108 6.54 -39.32 13.82
N GLN D 109 7.07 -40.55 13.87
CA GLN D 109 7.87 -40.96 15.03
C GLN D 109 9.16 -40.16 15.16
N GLY D 110 9.65 -39.54 14.09
CA GLY D 110 10.91 -38.82 14.17
C GLY D 110 12.10 -39.76 14.30
N THR D 111 13.26 -39.16 14.54
CA THR D 111 14.48 -39.93 14.69
C THR D 111 15.44 -39.13 15.57
N GLN D 112 16.09 -39.81 16.50
CA GLN D 112 16.94 -39.13 17.49
C GLN D 112 18.33 -38.87 16.93
N VAL D 113 18.91 -37.73 17.31
CA VAL D 113 20.27 -37.37 16.92
C VAL D 113 20.96 -36.83 18.17
N THR D 114 22.02 -37.51 18.61
CA THR D 114 22.76 -37.13 19.79
C THR D 114 24.21 -36.87 19.40
N VAL D 115 24.68 -35.66 19.65
CA VAL D 115 26.09 -35.32 19.43
C VAL D 115 26.77 -35.23 20.78
N SER D 116 27.25 -36.36 21.29
CA SER D 116 27.85 -36.44 22.61
C SER D 116 29.34 -36.13 22.52
N SER D 117 29.78 -35.12 23.26
CA SER D 117 31.18 -34.72 23.25
C SER D 117 32.07 -35.80 23.86
N ALA E 1 14.77 12.90 -23.18
CA ALA E 1 14.43 14.09 -23.93
C ALA E 1 15.20 15.27 -23.34
N THR E 2 15.41 15.23 -22.03
CA THR E 2 16.13 16.30 -21.35
C THR E 2 17.56 15.83 -21.06
N LYS E 3 18.51 16.73 -21.28
CA LYS E 3 19.92 16.40 -21.16
C LYS E 3 20.63 17.51 -20.42
N ALA E 4 21.66 17.13 -19.67
CA ALA E 4 22.48 18.08 -18.94
C ALA E 4 23.95 17.71 -19.14
N VAL E 5 24.83 18.61 -18.72
CA VAL E 5 26.26 18.42 -18.87
C VAL E 5 26.97 19.17 -17.76
N CYS E 6 28.18 18.71 -17.44
CA CYS E 6 28.96 19.33 -16.37
C CYS E 6 30.44 19.21 -16.72
N VAL E 7 31.15 20.33 -16.69
CA VAL E 7 32.58 20.37 -16.90
C VAL E 7 33.23 20.47 -15.51
N LEU E 8 33.82 19.36 -15.05
CA LEU E 8 34.50 19.34 -13.76
C LEU E 8 35.87 19.97 -13.91
N LYS E 9 36.10 21.05 -13.17
CA LYS E 9 37.38 21.75 -13.14
C LYS E 9 37.80 21.96 -11.69
N GLY E 10 39.08 22.22 -11.49
CA GLY E 10 39.57 22.42 -10.15
C GLY E 10 40.91 23.13 -10.15
N ASP E 11 41.54 23.14 -8.98
CA ASP E 11 42.85 23.77 -8.86
C ASP E 11 43.98 22.83 -9.26
N GLY E 12 43.83 21.52 -8.99
CA GLY E 12 44.83 20.56 -9.36
C GLY E 12 44.65 20.05 -10.78
N PRO E 13 45.11 18.82 -11.04
CA PRO E 13 45.03 18.25 -12.38
C PRO E 13 43.71 17.54 -12.70
N VAL E 14 42.75 17.49 -11.79
CA VAL E 14 41.54 16.71 -12.00
C VAL E 14 40.59 17.51 -12.88
N GLN E 15 40.20 16.93 -14.02
CA GLN E 15 39.25 17.61 -14.90
C GLN E 15 38.48 16.57 -15.68
N GLY E 16 37.23 16.90 -16.01
CA GLY E 16 36.43 15.92 -16.71
C GLY E 16 35.16 16.50 -17.28
N ILE E 17 34.42 15.65 -17.99
CA ILE E 17 33.14 16.00 -18.58
C ILE E 17 32.15 14.89 -18.24
N ILE E 18 30.98 15.28 -17.74
CA ILE E 18 29.96 14.34 -17.31
C ILE E 18 28.63 14.76 -17.93
N ASN E 19 28.03 13.87 -18.71
CA ASN E 19 26.72 14.10 -19.31
C ASN E 19 25.65 13.38 -18.50
N PHE E 20 24.45 13.98 -18.52
CA PHE E 20 23.26 13.42 -17.91
C PHE E 20 22.18 13.34 -18.98
N GLU E 21 21.41 12.25 -18.96
CA GLU E 21 20.32 12.08 -19.90
C GLU E 21 19.11 11.50 -19.18
N GLN E 22 17.95 12.12 -19.36
CA GLN E 22 16.68 11.64 -18.83
C GLN E 22 15.67 11.65 -19.95
N LYS E 23 15.25 10.45 -20.39
CA LYS E 23 14.31 10.34 -21.49
C LYS E 23 12.88 10.61 -21.04
N GLU E 24 12.51 10.13 -19.86
CA GLU E 24 11.19 10.37 -19.28
C GLU E 24 11.34 11.19 -18.00
N SER E 25 10.43 12.13 -17.79
CA SER E 25 10.49 12.93 -16.58
C SER E 25 10.36 12.09 -15.32
N ASN E 26 9.82 10.88 -15.42
CA ASN E 26 9.69 9.97 -14.28
C ASN E 26 10.58 8.74 -14.42
N GLY E 27 11.55 8.79 -15.33
CA GLY E 27 12.45 7.68 -15.55
C GLY E 27 13.81 7.92 -14.93
N PRO E 28 14.68 6.92 -15.03
CA PRO E 28 16.02 7.07 -14.45
C PRO E 28 16.88 8.02 -15.27
N VAL E 29 17.97 8.46 -14.65
CA VAL E 29 18.92 9.38 -15.25
C VAL E 29 20.21 8.62 -15.51
N LYS E 30 20.70 8.70 -16.75
CA LYS E 30 21.98 8.13 -17.13
C LYS E 30 23.07 9.18 -16.94
N VAL E 31 24.12 8.82 -16.21
CA VAL E 31 25.23 9.71 -15.92
C VAL E 31 26.49 9.06 -16.47
N TRP E 32 27.07 9.65 -17.51
CA TRP E 32 28.21 9.01 -18.15
C TRP E 32 29.22 10.05 -18.59
N GLY E 33 30.49 9.67 -18.56
CA GLY E 33 31.53 10.59 -18.97
C GLY E 33 32.90 10.13 -18.53
N SER E 34 33.82 11.08 -18.47
CA SER E 34 35.22 10.76 -18.20
C SER E 34 35.84 11.84 -17.32
N ILE E 35 36.64 11.40 -16.34
CA ILE E 35 37.40 12.28 -15.48
C ILE E 35 38.86 11.83 -15.49
N LYS E 36 39.78 12.78 -15.66
CA LYS E 36 41.20 12.49 -15.69
C LYS E 36 41.92 13.23 -14.57
N GLY E 37 43.10 12.72 -14.24
CA GLY E 37 43.98 13.32 -13.25
C GLY E 37 43.87 12.76 -11.85
N LEU E 38 43.11 11.69 -11.65
CA LEU E 38 42.84 11.18 -10.32
C LEU E 38 43.88 10.13 -9.93
N THR E 39 44.06 9.95 -8.62
CA THR E 39 44.82 8.81 -8.14
C THR E 39 44.03 7.54 -8.41
N GLU E 40 44.77 6.47 -8.73
CA GLU E 40 44.13 5.20 -9.05
C GLU E 40 43.27 4.72 -7.89
N GLY E 41 42.03 4.32 -8.18
CA GLY E 41 41.18 3.78 -7.15
C GLY E 41 39.84 4.50 -7.08
N LEU E 42 39.16 4.30 -5.95
CA LEU E 42 37.82 4.84 -5.75
C LEU E 42 37.88 6.30 -5.32
N HIS E 43 36.90 7.09 -5.80
CA HIS E 43 36.79 8.49 -5.44
C HIS E 43 35.33 8.87 -5.26
N GLY E 44 35.06 9.71 -4.27
CA GLY E 44 33.68 10.14 -4.02
C GLY E 44 33.14 11.04 -5.12
N PHE E 45 31.87 10.82 -5.46
CA PHE E 45 31.21 11.45 -6.60
C PHE E 45 29.83 11.86 -6.13
N HIS E 46 29.59 13.17 -5.99
CA HIS E 46 28.37 13.64 -5.33
C HIS E 46 27.79 14.85 -6.04
N VAL E 47 26.46 14.96 -5.96
CA VAL E 47 25.76 16.19 -6.30
C VAL E 47 25.62 17.00 -5.02
N HIS E 48 26.16 18.20 -5.02
CA HIS E 48 26.07 19.15 -3.93
C HIS E 48 25.02 20.21 -4.23
N GLU E 49 24.50 20.80 -3.15
CA GLU E 49 23.22 21.48 -3.17
C GLU E 49 23.23 22.75 -4.01
N PHE E 50 24.28 23.55 -3.90
CA PHE E 50 24.31 24.88 -4.51
C PHE E 50 25.21 24.91 -5.74
N GLY E 51 24.71 25.50 -6.82
CA GLY E 51 25.53 25.74 -7.99
C GLY E 51 26.34 27.01 -7.86
N ASP E 52 27.05 27.15 -6.76
CA ASP E 52 27.78 28.37 -6.43
C ASP E 52 29.27 28.07 -6.49
N ASN E 53 29.97 28.74 -7.40
CA ASN E 53 31.41 28.57 -7.60
C ASN E 53 32.19 29.80 -7.16
N THR E 54 31.57 30.69 -6.38
CA THR E 54 32.23 31.95 -6.03
C THR E 54 33.42 31.73 -5.13
N ALA E 55 33.41 30.66 -4.32
CA ALA E 55 34.52 30.32 -3.46
C ALA E 55 35.16 28.99 -3.87
N GLY E 56 35.16 28.71 -5.18
CA GLY E 56 35.66 27.44 -5.67
C GLY E 56 34.64 26.33 -5.50
N CYS E 57 35.08 25.17 -5.03
CA CYS E 57 34.18 24.06 -4.74
C CYS E 57 33.65 24.08 -3.32
N THR E 58 34.24 24.89 -2.44
CA THR E 58 33.74 25.00 -1.07
C THR E 58 32.32 25.56 -1.04
N SER E 59 32.04 26.58 -1.86
CA SER E 59 30.75 27.25 -1.78
C SER E 59 29.61 26.43 -2.34
N ALA E 60 29.90 25.28 -2.95
CA ALA E 60 28.83 24.37 -3.37
C ALA E 60 28.02 23.84 -2.20
N GLY E 61 28.53 23.92 -0.97
CA GLY E 61 27.80 23.49 0.19
C GLY E 61 27.82 21.98 0.36
N PRO E 62 26.84 21.46 1.10
CA PRO E 62 26.82 20.01 1.38
C PRO E 62 26.14 19.22 0.28
N HIS E 63 26.06 17.90 0.46
CA HIS E 63 25.41 17.03 -0.52
C HIS E 63 23.94 17.42 -0.65
N PHE E 64 23.44 17.39 -1.89
CA PHE E 64 22.04 17.72 -2.13
C PHE E 64 21.14 16.76 -1.38
N ASN E 65 20.35 17.30 -0.45
CA ASN E 65 19.61 16.49 0.53
C ASN E 65 18.32 17.20 0.90
N PRO E 66 17.34 17.21 -0.01
CA PRO E 66 16.05 17.84 0.30
C PRO E 66 15.16 17.01 1.20
N LEU E 67 15.46 15.73 1.38
CA LEU E 67 14.68 14.86 2.23
C LEU E 67 15.25 14.74 3.64
N SER E 68 16.31 15.49 3.95
CA SER E 68 16.88 15.55 5.30
C SER E 68 17.18 14.16 5.85
N ARG E 69 17.86 13.35 5.05
CA ARG E 69 18.24 12.00 5.45
C ARG E 69 19.73 11.93 5.68
N LYS E 70 20.17 10.80 6.22
CA LYS E 70 21.59 10.58 6.48
C LYS E 70 22.30 10.13 5.20
N HIS E 71 23.61 10.30 5.19
CA HIS E 71 24.40 9.98 4.01
C HIS E 71 24.49 8.47 3.80
N GLY E 72 24.44 8.05 2.55
CA GLY E 72 24.61 6.65 2.22
C GLY E 72 25.11 6.48 0.80
N GLY E 73 25.04 5.25 0.32
CA GLY E 73 25.36 4.94 -1.05
C GLY E 73 24.13 5.06 -1.93
N PRO E 74 24.32 4.96 -3.25
CA PRO E 74 23.15 4.99 -4.15
C PRO E 74 22.19 3.84 -3.95
N LYS E 75 22.64 2.72 -3.38
CA LYS E 75 21.78 1.56 -3.21
C LYS E 75 20.92 1.65 -1.95
N ASP E 76 21.40 2.33 -0.92
CA ASP E 76 20.66 2.42 0.33
C ASP E 76 19.46 3.35 0.19
N GLU E 77 18.35 2.96 0.80
CA GLU E 77 17.18 3.82 0.81
C GLU E 77 17.43 5.08 1.64
N GLU E 78 18.19 4.95 2.72
CA GLU E 78 18.61 6.10 3.53
C GLU E 78 19.86 6.70 2.90
N ARG E 79 19.67 7.80 2.16
CA ARG E 79 20.74 8.43 1.42
C ARG E 79 20.31 9.84 1.04
N HIS E 80 21.29 10.68 0.78
CA HIS E 80 21.02 11.98 0.17
C HIS E 80 20.70 11.80 -1.31
N VAL E 81 19.90 12.71 -1.85
CA VAL E 81 19.61 12.66 -3.29
C VAL E 81 20.91 12.67 -4.09
N GLY E 82 21.89 13.43 -3.64
CA GLY E 82 23.15 13.58 -4.35
C GLY E 82 24.18 12.51 -4.13
N ASP E 83 23.83 11.44 -3.40
CA ASP E 83 24.77 10.36 -3.12
C ASP E 83 24.87 9.46 -4.35
N LEU E 84 25.90 9.68 -5.17
CA LEU E 84 26.16 8.84 -6.33
C LEU E 84 27.28 7.83 -6.09
N GLY E 85 27.74 7.69 -4.85
CA GLY E 85 28.75 6.70 -4.55
C GLY E 85 30.14 7.03 -5.05
N ASN E 86 30.85 6.03 -5.55
CA ASN E 86 32.24 6.18 -5.95
C ASN E 86 32.40 5.90 -7.44
N VAL E 87 33.38 6.59 -8.02
CA VAL E 87 33.83 6.32 -9.38
C VAL E 87 35.26 5.78 -9.30
N THR E 88 35.61 4.91 -10.25
CA THR E 88 36.86 4.18 -10.21
C THR E 88 37.81 4.71 -11.29
N ALA E 89 38.96 5.23 -10.86
CA ALA E 89 40.02 5.63 -11.77
C ALA E 89 41.01 4.47 -11.95
N ASP E 90 41.44 4.26 -13.19
CA ASP E 90 42.41 3.22 -13.49
C ASP E 90 43.81 3.71 -13.20
N LYS E 91 44.80 2.86 -13.51
CA LYS E 91 46.20 3.19 -13.22
C LYS E 91 46.69 4.42 -13.98
N ASP E 92 45.97 4.83 -15.02
CA ASP E 92 46.33 6.04 -15.76
C ASP E 92 45.68 7.30 -15.19
N GLY E 93 44.91 7.17 -14.12
CA GLY E 93 44.23 8.31 -13.52
C GLY E 93 42.90 8.66 -14.15
N VAL E 94 42.37 7.81 -15.03
CA VAL E 94 41.14 8.09 -15.76
C VAL E 94 40.04 7.23 -15.17
N ALA E 95 38.97 7.89 -14.72
CA ALA E 95 37.74 7.23 -14.30
C ALA E 95 36.73 7.37 -15.44
N ASP E 96 36.28 6.23 -15.96
CA ASP E 96 35.20 6.20 -16.94
C ASP E 96 33.90 5.97 -16.19
N VAL E 97 33.07 7.00 -16.12
CA VAL E 97 31.87 6.99 -15.28
C VAL E 97 30.69 6.54 -16.12
N SER E 98 29.95 5.56 -15.60
CA SER E 98 28.72 5.08 -16.24
C SER E 98 27.81 4.62 -15.10
N ILE E 99 26.76 5.41 -14.84
CA ILE E 99 25.87 5.19 -13.70
C ILE E 99 24.45 5.39 -14.18
N GLU E 100 23.52 4.67 -13.57
CA GLU E 100 22.09 4.92 -13.72
C GLU E 100 21.52 5.20 -12.33
N ASP E 101 20.70 6.26 -12.22
CA ASP E 101 20.17 6.64 -10.92
C ASP E 101 18.72 7.07 -11.05
N SER E 102 17.87 6.51 -10.19
CA SER E 102 16.44 6.82 -10.18
C SER E 102 16.05 7.80 -9.09
N VAL E 103 17.01 8.27 -8.27
CA VAL E 103 16.72 9.25 -7.23
C VAL E 103 16.92 10.67 -7.72
N ILE E 104 18.02 10.93 -8.42
CA ILE E 104 18.26 12.26 -9.00
C ILE E 104 17.30 12.46 -10.16
N SER E 105 17.19 13.71 -10.62
CA SER E 105 16.33 14.01 -11.75
C SER E 105 16.81 15.29 -12.39
N LEU E 106 16.43 15.47 -13.66
CA LEU E 106 16.70 16.72 -14.36
C LEU E 106 15.50 17.65 -14.37
N SER E 107 14.49 17.34 -13.57
CA SER E 107 13.32 18.20 -13.39
C SER E 107 12.60 17.76 -12.13
N GLY E 108 11.76 18.64 -11.61
CA GLY E 108 10.98 18.33 -10.42
C GLY E 108 11.73 18.59 -9.13
N ASP E 109 11.24 17.94 -8.06
CA ASP E 109 11.76 18.21 -6.72
C ASP E 109 13.24 17.84 -6.60
N HIS E 110 13.64 16.72 -7.19
CA HIS E 110 15.01 16.23 -7.11
C HIS E 110 15.87 16.72 -8.25
N CYS E 111 15.50 17.83 -8.89
CA CYS E 111 16.24 18.36 -10.01
C CYS E 111 17.64 18.78 -9.56
N ILE E 112 18.66 18.26 -10.26
CA ILE E 112 20.04 18.64 -9.98
C ILE E 112 20.57 19.66 -10.97
N ILE E 113 19.78 20.07 -11.96
CA ILE E 113 20.18 21.15 -12.85
C ILE E 113 20.38 22.41 -12.02
N GLY E 114 21.49 23.11 -12.27
CA GLY E 114 21.85 24.27 -11.48
C GLY E 114 22.56 23.97 -10.19
N ARG E 115 22.84 22.71 -9.88
CA ARG E 115 23.57 22.30 -8.69
C ARG E 115 24.97 21.85 -9.09
N THR E 116 25.77 21.40 -8.11
CA THR E 116 27.21 21.26 -8.37
C THR E 116 27.64 19.80 -8.29
N LEU E 117 28.20 19.29 -9.38
CA LEU E 117 28.81 17.97 -9.36
C LEU E 117 30.23 18.08 -8.83
N VAL E 118 30.60 17.20 -7.90
CA VAL E 118 31.89 17.25 -7.20
C VAL E 118 32.51 15.86 -7.20
N VAL E 119 33.78 15.78 -7.59
CA VAL E 119 34.59 14.58 -7.42
C VAL E 119 35.62 14.86 -6.33
N HIS E 120 35.74 13.91 -5.40
CA HIS E 120 36.42 14.06 -4.13
C HIS E 120 37.77 13.36 -4.12
N GLU E 121 38.52 13.58 -3.04
CA GLU E 121 39.90 13.12 -2.94
C GLU E 121 39.98 11.64 -2.62
N LYS E 122 39.08 11.13 -1.80
CA LYS E 122 39.16 9.77 -1.26
C LYS E 122 37.88 8.99 -1.61
N ALA E 123 37.83 7.76 -1.12
CA ALA E 123 36.67 6.92 -1.29
C ALA E 123 35.55 7.35 -0.37
N ASP E 124 34.32 7.23 -0.87
CA ASP E 124 33.13 7.36 -0.03
C ASP E 124 32.89 6.02 0.67
N ASP E 125 32.75 6.06 1.99
CA ASP E 125 32.48 4.84 2.75
C ASP E 125 31.00 4.50 2.81
N LEU E 126 30.16 5.25 2.08
CA LEU E 126 28.73 4.96 1.94
C LEU E 126 27.99 4.99 3.27
N GLY E 127 28.51 5.75 4.23
CA GLY E 127 27.83 5.91 5.51
C GLY E 127 28.09 4.82 6.52
N LYS E 128 29.02 3.90 6.25
CA LYS E 128 29.27 2.77 7.14
C LYS E 128 30.57 2.91 7.92
N GLY E 129 31.15 4.11 7.96
CA GLY E 129 32.45 4.32 8.60
C GLY E 129 32.42 4.29 10.12
N GLY E 130 31.25 4.37 10.73
CA GLY E 130 31.18 4.32 12.18
C GLY E 130 31.61 5.60 12.87
N ASN E 131 31.46 6.74 12.22
CA ASN E 131 31.69 8.04 12.86
C ASN E 131 30.66 9.03 12.33
N GLU E 132 30.68 10.22 12.92
CA GLU E 132 29.70 11.24 12.55
C GLU E 132 29.95 11.74 11.12
N GLU E 133 31.21 11.95 10.75
CA GLU E 133 31.52 12.44 9.42
C GLU E 133 31.01 11.49 8.34
N SER E 134 31.03 10.19 8.62
CA SER E 134 30.56 9.20 7.65
C SER E 134 29.06 9.31 7.42
N THR E 135 28.32 9.79 8.40
CA THR E 135 26.88 9.98 8.23
C THR E 135 26.53 11.27 7.53
N LYS E 136 27.50 12.14 7.25
CA LYS E 136 27.27 13.42 6.58
C LYS E 136 27.89 13.47 5.19
N THR E 137 29.16 13.11 5.06
CA THR E 137 29.87 13.18 3.80
C THR E 137 30.47 11.86 3.34
N GLY E 138 30.48 10.83 4.17
CA GLY E 138 31.12 9.58 3.81
C GLY E 138 32.62 9.59 3.88
N ASN E 139 33.23 10.62 4.47
CA ASN E 139 34.68 10.71 4.63
C ASN E 139 35.40 10.60 3.28
N ALA E 140 34.90 11.31 2.28
CA ALA E 140 35.51 11.28 0.96
C ALA E 140 36.65 12.27 0.81
N GLY E 141 36.92 13.09 1.82
CA GLY E 141 38.03 14.03 1.73
C GLY E 141 37.64 15.29 0.98
N SER E 142 38.66 15.95 0.43
CA SER E 142 38.49 17.27 -0.14
C SER E 142 37.86 17.19 -1.53
N ARG E 143 37.39 18.34 -2.01
CA ARG E 143 36.72 18.42 -3.31
C ARG E 143 37.77 18.70 -4.37
N LEU E 144 38.12 17.67 -5.14
CA LEU E 144 39.16 17.82 -6.15
C LEU E 144 38.66 18.62 -7.35
N ALA E 145 37.43 18.37 -7.79
CA ALA E 145 36.92 19.13 -8.93
C ALA E 145 35.41 19.25 -8.84
N CYS E 146 34.89 20.30 -9.47
CA CYS E 146 33.46 20.55 -9.40
C CYS E 146 33.01 21.33 -10.63
N GLY E 147 31.71 21.33 -10.85
CA GLY E 147 31.11 22.07 -11.94
C GLY E 147 29.62 22.22 -11.82
N VAL E 148 29.08 23.33 -12.34
CA VAL E 148 27.63 23.53 -12.32
C VAL E 148 26.99 22.72 -13.43
N ILE E 149 25.89 22.04 -13.09
CA ILE E 149 25.19 21.15 -14.02
C ILE E 149 24.23 21.99 -14.84
N GLY E 150 24.46 22.07 -16.14
CA GLY E 150 23.70 22.94 -17.02
C GLY E 150 22.93 22.17 -18.07
N ILE E 151 21.82 22.77 -18.53
CA ILE E 151 21.02 22.16 -19.58
C ILE E 151 21.85 22.07 -20.86
N ALA E 152 21.69 20.96 -21.58
CA ALA E 152 22.50 20.63 -22.74
C ALA E 152 21.60 20.32 -23.92
N GLN E 153 22.16 20.41 -25.11
CA GLN E 153 21.42 20.11 -26.34
C GLN E 153 21.31 18.60 -26.57
N GLN F 3 41.92 -14.76 -2.21
CA GLN F 3 41.73 -13.37 -2.60
C GLN F 3 42.01 -12.43 -1.43
N LEU F 4 41.62 -12.84 -0.23
CA LEU F 4 41.88 -12.06 0.98
C LEU F 4 42.33 -13.01 2.08
N GLN F 5 43.52 -12.79 2.62
CA GLN F 5 44.08 -13.66 3.66
C GLN F 5 44.59 -12.80 4.81
N GLU F 6 43.93 -12.87 5.95
CA GLU F 6 44.33 -12.13 7.14
C GLU F 6 45.13 -13.03 8.09
N SER F 7 45.87 -12.39 8.98
CA SER F 7 46.69 -13.08 9.97
C SER F 7 47.14 -12.07 11.02
N GLY F 8 47.79 -12.58 12.06
CA GLY F 8 48.34 -11.76 13.12
C GLY F 8 47.52 -11.68 14.39
N GLY F 9 46.33 -12.28 14.42
CA GLY F 9 45.52 -12.28 15.62
C GLY F 9 46.12 -13.12 16.73
N GLY F 10 45.49 -13.05 17.90
CA GLY F 10 45.95 -13.81 19.03
C GLY F 10 45.23 -13.39 20.29
N LEU F 11 45.84 -13.74 21.42
CA LEU F 11 45.30 -13.48 22.75
C LEU F 11 46.21 -12.50 23.48
N VAL F 12 45.61 -11.49 24.11
CA VAL F 12 46.35 -10.43 24.78
C VAL F 12 45.61 -10.04 26.05
N GLN F 13 46.31 -9.35 26.93
CA GLN F 13 45.71 -8.81 28.13
C GLN F 13 45.27 -7.37 27.89
N PRO F 14 44.30 -6.88 28.65
CA PRO F 14 43.86 -5.49 28.48
C PRO F 14 45.03 -4.52 28.55
N GLY F 15 45.14 -3.67 27.52
CA GLY F 15 46.26 -2.77 27.38
C GLY F 15 47.37 -3.26 26.48
N GLY F 16 47.26 -4.46 25.92
CA GLY F 16 48.26 -4.99 25.02
C GLY F 16 48.11 -4.46 23.61
N SER F 17 49.02 -4.91 22.74
CA SER F 17 49.04 -4.50 21.35
C SER F 17 49.11 -5.71 20.44
N LEU F 18 48.59 -5.55 19.23
CA LEU F 18 48.60 -6.57 18.20
C LEU F 18 48.82 -5.90 16.86
N ARG F 19 49.27 -6.67 15.88
CA ARG F 19 49.42 -6.15 14.51
C ARG F 19 48.82 -7.15 13.54
N LEU F 20 47.72 -6.77 12.90
CA LEU F 20 47.04 -7.61 11.93
C LEU F 20 47.50 -7.29 10.53
N SER F 21 47.75 -8.33 9.73
CA SER F 21 48.14 -8.20 8.34
C SER F 21 47.06 -8.83 7.47
N CYS F 22 46.96 -8.33 6.25
CA CYS F 22 46.11 -8.95 5.23
C CYS F 22 46.78 -8.84 3.86
N ARG F 23 46.93 -9.99 3.21
CA ARG F 23 47.34 -10.05 1.82
C ARG F 23 46.10 -10.06 0.94
N ALA F 24 46.02 -9.11 0.00
CA ALA F 24 44.91 -9.00 -0.92
C ALA F 24 45.40 -9.10 -2.35
N SER F 25 44.55 -9.65 -3.22
CA SER F 25 44.89 -9.71 -4.64
C SER F 25 45.01 -8.30 -5.20
N GLU F 26 45.79 -8.18 -6.27
CA GLU F 26 46.01 -6.88 -6.88
C GLU F 26 44.72 -6.26 -7.39
N THR F 27 43.79 -7.09 -7.89
CA THR F 27 42.54 -6.57 -8.43
C THR F 27 41.74 -5.82 -7.36
N LEU F 28 41.63 -6.40 -6.17
CA LEU F 28 40.91 -5.71 -5.09
C LEU F 28 41.74 -4.57 -4.52
N PHE F 29 43.04 -4.79 -4.34
CA PHE F 29 43.90 -3.77 -3.75
C PHE F 29 43.95 -2.51 -4.60
N SER F 30 43.83 -2.66 -5.93
CA SER F 30 43.97 -1.54 -6.85
C SER F 30 42.76 -0.61 -6.89
N LEU F 31 41.69 -0.95 -6.18
CA LEU F 31 40.64 0.03 -5.94
C LEU F 31 41.06 1.07 -4.91
N TYR F 32 42.16 0.82 -4.20
CA TYR F 32 42.72 1.72 -3.19
C TYR F 32 41.62 2.21 -2.24
N ALA F 33 40.95 1.24 -1.64
CA ALA F 33 39.89 1.50 -0.67
C ALA F 33 39.71 0.18 0.11
N MET F 34 40.52 0.00 1.14
CA MET F 34 40.45 -1.20 1.95
C MET F 34 39.97 -0.85 3.36
N GLY F 35 39.14 -1.72 3.91
CA GLY F 35 38.66 -1.54 5.27
C GLY F 35 38.90 -2.77 6.11
N TRP F 36 39.23 -2.54 7.37
CA TRP F 36 39.25 -3.57 8.40
C TRP F 36 37.91 -3.55 9.13
N TYR F 37 37.27 -4.73 9.17
CA TYR F 37 35.96 -4.95 9.75
C TYR F 37 36.06 -5.82 10.99
N ARG F 38 35.09 -5.68 11.88
CA ARG F 38 35.02 -6.36 13.16
C ARG F 38 33.72 -7.15 13.26
N GLN F 39 33.80 -8.39 13.74
CA GLN F 39 32.61 -9.20 13.97
C GLN F 39 32.71 -9.86 15.33
N ALA F 40 31.92 -9.38 16.29
CA ALA F 40 31.78 -10.03 17.57
C ALA F 40 30.85 -11.24 17.45
N PRO F 41 30.98 -12.21 18.34
CA PRO F 41 30.08 -13.37 18.29
C PRO F 41 28.62 -12.96 18.45
N GLY F 42 27.83 -13.24 17.42
CA GLY F 42 26.42 -12.96 17.44
C GLY F 42 25.99 -11.67 16.75
N LYS F 43 26.71 -11.24 15.72
CA LYS F 43 26.36 -10.02 14.99
C LYS F 43 27.09 -10.04 13.65
N GLN F 44 26.78 -9.03 12.81
CA GLN F 44 27.35 -8.91 11.47
C GLN F 44 28.61 -8.05 11.51
N PRO F 45 29.53 -8.26 10.56
CA PRO F 45 30.78 -7.49 10.58
C PRO F 45 30.54 -6.00 10.42
N GLU F 46 31.32 -5.20 11.14
CA GLU F 46 31.18 -3.75 11.15
C GLU F 46 32.51 -3.10 10.79
N LEU F 47 32.45 -2.10 9.91
CA LEU F 47 33.64 -1.39 9.48
C LEU F 47 34.23 -0.61 10.65
N ILE F 48 35.48 -0.89 10.99
CA ILE F 48 36.16 -0.16 12.06
C ILE F 48 37.35 0.65 11.58
N ALA F 49 37.89 0.39 10.39
CA ALA F 49 38.91 1.30 9.85
C ALA F 49 38.91 1.25 8.32
N THR F 50 39.19 2.40 7.71
CA THR F 50 39.31 2.49 6.26
C THR F 50 40.61 3.18 5.88
N ILE F 51 41.11 2.85 4.69
CA ILE F 51 42.28 3.52 4.11
C ILE F 51 42.05 3.63 2.62
N SER F 52 42.21 4.86 2.09
CA SER F 52 41.96 5.11 0.67
C SER F 52 42.72 6.37 0.25
N GLY F 53 42.56 6.74 -1.00
CA GLY F 53 43.34 7.82 -1.58
C GLY F 53 44.65 7.31 -2.13
N GLY F 54 45.46 8.26 -2.63
CA GLY F 54 46.73 7.94 -3.25
C GLY F 54 47.91 8.00 -2.30
N GLY F 55 49.08 7.64 -2.85
CA GLY F 55 50.30 7.61 -2.06
C GLY F 55 50.24 6.51 -1.03
N GLU F 56 50.74 6.80 0.17
CA GLU F 56 50.62 5.85 1.27
C GLU F 56 49.20 5.76 1.80
N GLY F 57 48.28 6.54 1.25
CA GLY F 57 46.89 6.46 1.63
C GLY F 57 46.58 7.29 2.85
N THR F 58 45.29 7.35 3.18
CA THR F 58 44.77 8.15 4.26
C THR F 58 43.76 7.31 5.02
N GLY F 59 43.89 7.32 6.34
CA GLY F 59 43.16 6.42 7.22
C GLY F 59 42.06 7.15 7.96
N ASN F 60 40.97 6.42 8.20
CA ASN F 60 39.79 6.91 8.89
C ASN F 60 39.33 5.82 9.84
N TYR F 61 38.83 6.20 11.00
CA TYR F 61 38.54 5.25 12.06
C TYR F 61 37.15 5.49 12.62
N ALA F 62 36.52 4.40 13.07
CA ALA F 62 35.25 4.51 13.76
C ALA F 62 35.48 5.01 15.18
N ASP F 63 34.40 5.49 15.80
CA ASP F 63 34.48 6.07 17.14
C ASP F 63 35.11 5.13 18.17
N PRO F 64 34.75 3.85 18.27
CA PRO F 64 35.32 3.02 19.37
C PRO F 64 36.81 2.79 19.26
N VAL F 65 37.40 2.89 18.08
CA VAL F 65 38.80 2.52 17.88
C VAL F 65 39.69 3.73 17.62
N LYS F 66 39.12 4.93 17.50
CA LYS F 66 39.91 6.11 17.20
C LYS F 66 40.93 6.39 18.30
N GLY F 67 42.19 6.60 17.89
CA GLY F 67 43.26 6.90 18.81
C GLY F 67 44.03 5.70 19.29
N ARG F 68 43.46 4.50 19.16
CA ARG F 68 44.11 3.28 19.59
C ARG F 68 44.59 2.41 18.45
N PHE F 69 43.92 2.45 17.29
CA PHE F 69 44.27 1.66 16.12
C PHE F 69 44.83 2.57 15.04
N THR F 70 45.70 2.02 14.19
CA THR F 70 46.22 2.73 13.04
C THR F 70 46.21 1.81 11.82
N ILE F 71 45.61 2.30 10.73
CA ILE F 71 45.57 1.56 9.47
C ILE F 71 46.73 2.03 8.60
N SER F 72 47.23 1.13 7.76
CA SER F 72 48.33 1.43 6.86
C SER F 72 48.30 0.41 5.74
N ARG F 73 49.16 0.62 4.75
CA ARG F 73 49.19 -0.28 3.61
C ARG F 73 50.57 -0.27 2.97
N ASN F 74 50.83 -1.34 2.22
CA ASN F 74 52.05 -1.53 1.45
C ASN F 74 51.60 -1.81 0.03
N ASN F 75 51.78 -0.83 -0.87
CA ASN F 75 51.19 -0.92 -2.19
C ASN F 75 51.92 -1.93 -3.06
N ALA F 76 53.24 -2.01 -2.91
CA ALA F 76 54.01 -2.98 -3.70
C ALA F 76 53.67 -4.42 -3.30
N ASP F 77 53.39 -4.66 -2.04
CA ASP F 77 53.05 -6.00 -1.58
C ASP F 77 51.55 -6.25 -1.48
N ASN F 78 50.72 -5.27 -1.87
CA ASN F 78 49.27 -5.36 -1.74
C ASN F 78 48.86 -5.80 -0.33
N MET F 79 49.50 -5.24 0.69
CA MET F 79 49.18 -5.61 2.06
C MET F 79 48.48 -4.48 2.78
N VAL F 80 47.56 -4.84 3.67
CA VAL F 80 46.88 -3.90 4.56
C VAL F 80 47.22 -4.27 5.99
N PHE F 81 47.56 -3.27 6.80
CA PHE F 81 48.01 -3.49 8.17
C PHE F 81 47.14 -2.70 9.14
N LEU F 82 46.84 -3.32 10.29
CA LEU F 82 46.10 -2.68 11.37
C LEU F 82 46.89 -2.86 12.66
N GLN F 83 47.42 -1.77 13.19
CA GLN F 83 48.15 -1.78 14.45
C GLN F 83 47.18 -1.42 15.57
N MET F 84 47.01 -2.33 16.52
CA MET F 84 46.06 -2.18 17.62
C MET F 84 46.82 -1.96 18.92
N ASN F 85 46.57 -0.82 19.55
CA ASN F 85 47.25 -0.46 20.79
C ASN F 85 46.21 -0.27 21.90
N ASN F 86 46.64 -0.61 23.12
CA ASN F 86 45.80 -0.53 24.32
C ASN F 86 44.47 -1.26 24.10
N LEU F 87 44.58 -2.54 23.77
CA LEU F 87 43.40 -3.35 23.53
C LEU F 87 42.57 -3.51 24.80
N LYS F 88 41.27 -3.63 24.62
CA LYS F 88 40.31 -3.76 25.71
C LYS F 88 39.39 -4.95 25.41
N PRO F 89 38.79 -5.54 26.45
CA PRO F 89 37.88 -6.67 26.22
C PRO F 89 36.82 -6.43 25.16
N GLU F 90 36.39 -5.18 24.96
CA GLU F 90 35.42 -4.89 23.92
C GLU F 90 35.98 -5.06 22.51
N ASP F 91 37.31 -5.16 22.35
CA ASP F 91 37.91 -5.35 21.05
C ASP F 91 37.92 -6.80 20.59
N THR F 92 37.54 -7.73 21.45
CA THR F 92 37.57 -9.15 21.12
C THR F 92 36.56 -9.44 20.02
N ALA F 93 37.02 -10.09 18.94
CA ALA F 93 36.19 -10.38 17.78
C ALA F 93 37.02 -11.10 16.73
N VAL F 94 36.33 -11.51 15.67
CA VAL F 94 36.99 -11.93 14.43
C VAL F 94 37.15 -10.71 13.54
N TYR F 95 38.38 -10.45 13.11
CA TYR F 95 38.70 -9.30 12.27
C TYR F 95 38.87 -9.75 10.84
N TYR F 96 38.24 -9.02 9.92
CA TYR F 96 38.32 -9.32 8.49
C TYR F 96 38.83 -8.09 7.76
N CYS F 97 39.34 -8.30 6.55
CA CYS F 97 39.78 -7.19 5.70
C CYS F 97 39.13 -7.35 4.35
N ASN F 98 38.48 -6.29 3.88
CA ASN F 98 37.76 -6.34 2.61
C ASN F 98 37.88 -4.98 1.93
N VAL F 99 37.22 -4.84 0.79
CA VAL F 99 37.09 -3.54 0.16
C VAL F 99 35.97 -2.81 0.86
N TYR F 100 35.80 -1.53 0.54
CA TYR F 100 34.64 -0.78 0.97
C TYR F 100 34.31 0.24 -0.11
N GLY F 101 33.18 0.94 0.06
CA GLY F 101 32.73 1.86 -0.96
C GLY F 101 32.24 1.22 -2.24
N THR F 102 32.07 -0.09 -2.24
CA THR F 102 31.67 -0.85 -3.43
C THR F 102 31.27 -2.24 -2.96
N ASN F 103 30.88 -3.09 -3.91
CA ASN F 103 30.45 -4.45 -3.58
C ASN F 103 31.57 -5.23 -2.90
N LEU F 104 31.29 -5.75 -1.72
CA LEU F 104 32.30 -6.51 -0.98
C LEU F 104 32.67 -7.79 -1.72
N ALA F 105 33.96 -8.12 -1.67
CA ALA F 105 34.40 -9.42 -2.15
C ALA F 105 34.01 -10.51 -1.16
N PRO F 106 34.04 -11.77 -1.57
CA PRO F 106 33.81 -12.86 -0.62
C PRO F 106 34.78 -12.79 0.56
N TRP F 107 34.24 -12.93 1.77
CA TRP F 107 35.04 -12.77 2.97
C TRP F 107 36.19 -13.76 3.03
N GLY F 108 37.28 -13.33 3.64
CA GLY F 108 38.39 -14.20 3.94
C GLY F 108 38.13 -15.01 5.19
N GLN F 109 39.17 -15.69 5.64
CA GLN F 109 39.06 -16.49 6.85
C GLN F 109 39.01 -15.61 8.10
N GLY F 110 39.60 -14.42 8.04
CA GLY F 110 39.66 -13.55 9.20
C GLY F 110 40.64 -14.05 10.24
N THR F 111 40.88 -13.25 11.28
CA THR F 111 41.77 -13.64 12.35
C THR F 111 41.12 -13.33 13.69
N GLN F 112 41.33 -14.20 14.67
CA GLN F 112 40.67 -14.08 15.95
C GLN F 112 41.52 -13.23 16.90
N VAL F 113 40.88 -12.27 17.57
CA VAL F 113 41.52 -11.40 18.53
C VAL F 113 40.75 -11.52 19.84
N THR F 114 41.43 -11.97 20.90
CA THR F 114 40.82 -12.10 22.22
C THR F 114 41.61 -11.28 23.23
N VAL F 115 40.89 -10.52 24.06
CA VAL F 115 41.50 -9.62 25.03
C VAL F 115 40.89 -9.99 26.39
N SER F 116 41.65 -10.72 27.20
CA SER F 116 41.19 -11.13 28.51
C SER F 116 42.40 -11.26 29.43
N SER F 117 42.13 -11.37 30.73
CA SER F 117 43.20 -11.49 31.72
C SER F 117 43.03 -12.77 32.54
N ALA G 1 -7.14 -39.55 -53.74
CA ALA G 1 -6.12 -39.05 -52.82
C ALA G 1 -5.06 -40.10 -52.55
N THR G 2 -3.84 -39.85 -53.01
CA THR G 2 -2.73 -40.76 -52.81
C THR G 2 -1.55 -40.13 -52.08
N LYS G 3 -1.61 -38.83 -51.79
CA LYS G 3 -0.53 -38.16 -51.08
C LYS G 3 -1.12 -37.17 -50.08
N ALA G 4 -0.55 -37.15 -48.87
CA ALA G 4 -1.02 -36.25 -47.83
C ALA G 4 0.18 -35.70 -47.07
N VAL G 5 -0.06 -34.60 -46.35
CA VAL G 5 0.98 -33.90 -45.61
C VAL G 5 0.39 -33.36 -44.32
N CYS G 6 1.28 -33.12 -43.34
CA CYS G 6 0.86 -32.63 -42.04
C CYS G 6 2.01 -31.85 -41.42
N VAL G 7 1.76 -30.58 -41.10
CA VAL G 7 2.73 -29.74 -40.42
C VAL G 7 2.36 -29.74 -38.93
N LEU G 8 3.24 -30.32 -38.12
CA LEU G 8 3.03 -30.36 -36.67
C LEU G 8 3.59 -29.09 -36.04
N LYS G 9 2.78 -28.46 -35.21
CA LYS G 9 3.14 -27.25 -34.48
C LYS G 9 2.47 -27.31 -33.11
N GLY G 10 3.01 -26.54 -32.18
CA GLY G 10 2.42 -26.44 -30.87
C GLY G 10 2.90 -25.20 -30.16
N ASP G 11 2.67 -25.18 -28.85
CA ASP G 11 3.10 -24.04 -28.04
C ASP G 11 4.60 -24.03 -27.76
N GLY G 12 5.25 -25.20 -27.84
CA GLY G 12 6.64 -25.31 -27.49
C GLY G 12 7.56 -25.39 -28.69
N PRO G 13 8.75 -25.94 -28.49
CA PRO G 13 9.73 -26.03 -29.59
C PRO G 13 9.51 -27.22 -30.52
N VAL G 14 8.70 -28.19 -30.13
CA VAL G 14 8.45 -29.35 -30.98
C VAL G 14 7.71 -28.89 -32.23
N GLN G 15 8.25 -29.22 -33.40
CA GLN G 15 7.56 -28.95 -34.66
C GLN G 15 8.10 -29.89 -35.71
N GLY G 16 7.31 -30.13 -36.76
CA GLY G 16 7.80 -31.05 -37.77
C GLY G 16 6.93 -31.11 -39.00
N ILE G 17 7.36 -31.96 -39.94
CA ILE G 17 6.65 -32.18 -41.20
C ILE G 17 6.57 -33.68 -41.46
N ILE G 18 5.37 -34.18 -41.72
CA ILE G 18 5.10 -35.60 -41.94
C ILE G 18 4.38 -35.75 -43.27
N ASN G 19 4.79 -36.75 -44.06
CA ASN G 19 4.22 -37.06 -45.35
C ASN G 19 3.60 -38.46 -45.33
N PHE G 20 2.56 -38.64 -46.13
CA PHE G 20 1.82 -39.87 -46.27
C PHE G 20 1.69 -40.20 -47.74
N GLU G 21 1.92 -41.47 -48.08
CA GLU G 21 1.80 -41.96 -49.46
C GLU G 21 1.01 -43.25 -49.49
N GLN G 22 -0.01 -43.30 -50.34
CA GLN G 22 -0.82 -44.52 -50.52
C GLN G 22 -1.31 -44.51 -51.98
N LYS G 23 -0.52 -45.11 -52.86
CA LYS G 23 -0.82 -45.09 -54.29
C LYS G 23 -2.05 -45.92 -54.63
N GLU G 24 -2.37 -46.92 -53.82
CA GLU G 24 -3.51 -47.79 -54.08
C GLU G 24 -4.43 -47.80 -52.87
N SER G 25 -5.71 -47.56 -53.11
CA SER G 25 -6.70 -47.68 -52.04
C SER G 25 -6.70 -49.09 -51.49
N ASN G 26 -6.92 -49.21 -50.18
CA ASN G 26 -6.79 -50.46 -49.44
C ASN G 26 -5.37 -51.00 -49.45
N GLY G 27 -4.39 -50.21 -49.87
CA GLY G 27 -3.00 -50.58 -49.78
C GLY G 27 -2.36 -49.94 -48.57
N PRO G 28 -1.12 -50.34 -48.26
CA PRO G 28 -0.46 -49.78 -47.08
C PRO G 28 -0.11 -48.32 -47.27
N VAL G 29 -0.09 -47.59 -46.17
CA VAL G 29 0.24 -46.17 -46.14
C VAL G 29 1.66 -46.02 -45.60
N LYS G 30 2.49 -45.31 -46.36
CA LYS G 30 3.84 -44.98 -45.93
C LYS G 30 3.84 -43.62 -45.25
N VAL G 31 4.40 -43.57 -44.05
CA VAL G 31 4.43 -42.36 -43.23
C VAL G 31 5.89 -42.02 -42.97
N TRP G 32 6.31 -40.82 -43.36
CA TRP G 32 7.72 -40.50 -43.21
C TRP G 32 7.92 -39.00 -43.06
N GLY G 33 8.94 -38.63 -42.30
CA GLY G 33 9.22 -37.21 -42.15
C GLY G 33 10.15 -36.96 -40.99
N SER G 34 10.07 -35.74 -40.45
CA SER G 34 10.98 -35.36 -39.37
C SER G 34 10.30 -34.44 -38.37
N ILE G 35 10.58 -34.67 -37.09
CA ILE G 35 10.09 -33.82 -36.01
C ILE G 35 11.27 -33.39 -35.15
N LYS G 36 11.40 -32.09 -34.91
CA LYS G 36 12.49 -31.54 -34.11
C LYS G 36 11.95 -30.91 -32.84
N GLY G 37 12.86 -30.73 -31.87
CA GLY G 37 12.53 -30.14 -30.60
C GLY G 37 12.12 -31.11 -29.51
N LEU G 38 12.34 -32.41 -29.70
CA LEU G 38 11.86 -33.41 -28.76
C LEU G 38 12.93 -33.77 -27.74
N THR G 39 12.49 -34.23 -26.58
CA THR G 39 13.41 -34.87 -25.65
C THR G 39 13.83 -36.21 -26.22
N GLU G 40 15.10 -36.55 -26.05
CA GLU G 40 15.64 -37.80 -26.56
C GLU G 40 14.78 -38.97 -26.09
N GLY G 41 14.54 -39.92 -26.99
CA GLY G 41 13.82 -41.11 -26.60
C GLY G 41 12.50 -41.35 -27.30
N LEU G 42 11.64 -42.17 -26.70
CA LEU G 42 10.39 -42.57 -27.32
C LEU G 42 9.31 -41.51 -27.10
N HIS G 43 8.49 -41.30 -28.12
CA HIS G 43 7.38 -40.35 -28.02
C HIS G 43 6.16 -40.94 -28.69
N GLY G 44 5.02 -40.89 -28.00
CA GLY G 44 3.78 -41.37 -28.59
C GLY G 44 3.42 -40.57 -29.84
N PHE G 45 2.91 -41.28 -30.84
CA PHE G 45 2.67 -40.74 -32.18
C PHE G 45 1.32 -41.27 -32.63
N HIS G 46 0.30 -40.41 -32.67
CA HIS G 46 -1.06 -40.90 -32.84
C HIS G 46 -1.84 -40.05 -33.83
N VAL G 47 -2.88 -40.67 -34.40
CA VAL G 47 -3.87 -39.95 -35.19
C VAL G 47 -5.12 -39.84 -34.34
N HIS G 48 -5.44 -38.62 -33.95
CA HIS G 48 -6.64 -38.31 -33.19
C HIS G 48 -7.78 -37.92 -34.14
N GLU G 49 -9.00 -38.04 -33.62
CA GLU G 49 -10.19 -38.18 -34.46
C GLU G 49 -10.52 -36.91 -35.23
N PHE G 50 -10.43 -35.74 -34.59
CA PHE G 50 -10.90 -34.50 -35.19
C PHE G 50 -9.75 -33.62 -35.62
N GLY G 51 -9.92 -32.95 -36.75
CA GLY G 51 -8.99 -31.93 -37.21
C GLY G 51 -9.41 -30.57 -36.69
N ASP G 52 -9.70 -30.51 -35.40
CA ASP G 52 -10.19 -29.31 -34.74
C ASP G 52 -9.04 -28.71 -33.92
N ASN G 53 -8.61 -27.52 -34.30
CA ASN G 53 -7.53 -26.82 -33.62
C ASN G 53 -8.01 -25.55 -32.93
N THR G 54 -9.31 -25.42 -32.68
CA THR G 54 -9.83 -24.21 -32.05
C THR G 54 -9.29 -24.03 -30.65
N ALA G 55 -9.05 -25.12 -29.92
CA ALA G 55 -8.45 -25.07 -28.59
C ALA G 55 -7.12 -25.81 -28.58
N GLY G 56 -6.35 -25.66 -29.65
CA GLY G 56 -5.11 -26.42 -29.76
C GLY G 56 -5.36 -27.91 -29.89
N CYS G 57 -4.29 -28.69 -29.67
CA CYS G 57 -4.37 -30.14 -29.75
C CYS G 57 -5.41 -30.72 -28.80
N THR G 58 -5.75 -29.99 -27.74
CA THR G 58 -6.83 -30.40 -26.84
C THR G 58 -8.10 -30.74 -27.62
N SER G 59 -8.44 -29.93 -28.61
CA SER G 59 -9.68 -30.16 -29.36
C SER G 59 -9.55 -31.26 -30.39
N ALA G 60 -8.39 -31.91 -30.50
CA ALA G 60 -8.22 -32.98 -31.48
C ALA G 60 -9.05 -34.23 -31.15
N GLY G 61 -9.61 -34.31 -29.94
CA GLY G 61 -10.38 -35.46 -29.55
C GLY G 61 -9.49 -36.62 -29.15
N PRO G 62 -10.06 -37.81 -28.98
CA PRO G 62 -9.26 -38.99 -28.63
C PRO G 62 -8.65 -39.59 -29.88
N HIS G 63 -7.94 -40.69 -29.68
CA HIS G 63 -7.37 -41.44 -30.79
C HIS G 63 -8.48 -41.88 -31.74
N PHE G 64 -8.20 -41.77 -33.04
CA PHE G 64 -9.14 -42.18 -34.08
C PHE G 64 -9.52 -43.64 -33.89
N ASN G 65 -10.77 -43.90 -33.51
CA ASN G 65 -11.22 -45.24 -33.12
C ASN G 65 -12.60 -45.50 -33.70
N PRO G 66 -12.70 -45.66 -35.02
CA PRO G 66 -14.01 -45.90 -35.63
C PRO G 66 -14.53 -47.31 -35.41
N LEU G 67 -13.71 -48.22 -34.91
CA LEU G 67 -14.10 -49.61 -34.71
C LEU G 67 -14.40 -49.93 -33.25
N SER G 68 -14.32 -48.94 -32.37
CA SER G 68 -14.68 -49.10 -30.95
C SER G 68 -13.85 -50.22 -30.29
N ARG G 69 -12.54 -50.13 -30.47
CA ARG G 69 -11.61 -51.07 -29.87
C ARG G 69 -10.78 -50.36 -28.81
N LYS G 70 -9.96 -51.14 -28.10
CA LYS G 70 -9.09 -50.59 -27.08
C LYS G 70 -7.74 -50.19 -27.68
N HIS G 71 -7.00 -49.39 -26.91
CA HIS G 71 -5.71 -48.90 -27.38
C HIS G 71 -4.66 -50.01 -27.35
N GLY G 72 -3.88 -50.11 -28.43
CA GLY G 72 -2.78 -51.04 -28.51
C GLY G 72 -1.68 -50.51 -29.39
N GLY G 73 -0.65 -51.32 -29.62
CA GLY G 73 0.40 -50.96 -30.53
C GLY G 73 0.00 -51.16 -31.97
N PRO G 74 0.83 -50.65 -32.87
CA PRO G 74 0.54 -50.85 -34.30
C PRO G 74 0.52 -52.31 -34.72
N LYS G 75 1.29 -53.16 -34.05
CA LYS G 75 1.35 -54.58 -34.38
C LYS G 75 0.25 -55.41 -33.73
N ASP G 76 -0.48 -54.86 -32.77
CA ASP G 76 -1.56 -55.58 -32.12
C ASP G 76 -2.80 -55.62 -32.99
N GLU G 77 -3.58 -56.69 -32.83
CA GLU G 77 -4.86 -56.79 -33.54
C GLU G 77 -5.92 -55.91 -32.88
N GLU G 78 -5.88 -55.80 -31.56
CA GLU G 78 -6.77 -54.89 -30.84
C GLU G 78 -6.07 -53.53 -30.73
N ARG G 79 -6.51 -52.57 -31.53
CA ARG G 79 -5.89 -51.26 -31.55
C ARG G 79 -6.84 -50.27 -32.19
N HIS G 80 -6.66 -49.00 -31.83
CA HIS G 80 -7.31 -47.92 -32.56
C HIS G 80 -6.62 -47.74 -33.91
N VAL G 81 -7.39 -47.24 -34.88
CA VAL G 81 -6.83 -47.00 -36.21
C VAL G 81 -5.64 -46.05 -36.11
N GLY G 82 -5.75 -45.02 -35.26
CA GLY G 82 -4.70 -44.02 -35.13
C GLY G 82 -3.52 -44.41 -34.27
N ASP G 83 -3.39 -45.68 -33.90
CA ASP G 83 -2.33 -46.13 -32.97
C ASP G 83 -1.07 -46.46 -33.76
N LEU G 84 -0.26 -45.44 -34.02
CA LEU G 84 0.97 -45.58 -34.79
C LEU G 84 2.20 -45.83 -33.91
N GLY G 85 2.01 -46.16 -32.64
CA GLY G 85 3.13 -46.53 -31.80
C GLY G 85 3.94 -45.33 -31.33
N ASN G 86 5.27 -45.49 -31.36
CA ASN G 86 6.21 -44.49 -30.88
C ASN G 86 7.19 -44.12 -31.98
N VAL G 87 7.70 -42.89 -31.91
CA VAL G 87 8.82 -42.47 -32.73
C VAL G 87 10.00 -42.17 -31.80
N THR G 88 11.21 -42.17 -32.39
CA THR G 88 12.44 -42.11 -31.61
C THR G 88 13.19 -40.83 -31.92
N ALA G 89 13.34 -39.97 -30.91
CA ALA G 89 14.15 -38.78 -31.02
C ALA G 89 15.59 -39.08 -30.60
N ASP G 90 16.55 -38.55 -31.36
CA ASP G 90 17.96 -38.79 -31.10
C ASP G 90 18.47 -37.85 -30.03
N LYS G 91 19.79 -37.86 -29.79
CA LYS G 91 20.38 -36.98 -28.80
C LYS G 91 20.16 -35.52 -29.15
N ASP G 92 20.12 -35.18 -30.43
CA ASP G 92 19.82 -33.83 -30.87
C ASP G 92 18.33 -33.50 -30.83
N GLY G 93 17.51 -34.41 -30.32
CA GLY G 93 16.10 -34.15 -30.25
C GLY G 93 15.36 -34.22 -31.56
N VAL G 94 15.97 -34.82 -32.59
CA VAL G 94 15.34 -34.99 -33.88
C VAL G 94 14.88 -36.43 -34.02
N ALA G 95 13.63 -36.61 -34.44
CA ALA G 95 13.05 -37.91 -34.72
C ALA G 95 12.78 -38.00 -36.22
N ASP G 96 13.49 -38.89 -36.90
CA ASP G 96 13.19 -39.24 -38.28
C ASP G 96 12.18 -40.36 -38.28
N VAL G 97 11.00 -40.09 -38.86
CA VAL G 97 9.87 -41.01 -38.80
C VAL G 97 9.82 -41.81 -40.09
N SER G 98 9.75 -43.14 -39.94
CA SER G 98 9.58 -44.05 -41.08
C SER G 98 8.68 -45.20 -40.59
N ILE G 99 7.42 -45.15 -40.98
CA ILE G 99 6.38 -46.09 -40.58
C ILE G 99 5.69 -46.61 -41.84
N GLU G 100 5.25 -47.86 -41.79
CA GLU G 100 4.32 -48.39 -42.77
C GLU G 100 3.15 -48.99 -42.03
N ASP G 101 1.93 -48.60 -42.41
CA ASP G 101 0.75 -49.03 -41.67
C ASP G 101 -0.38 -49.36 -42.63
N SER G 102 -1.03 -50.49 -42.42
CA SER G 102 -2.14 -50.93 -43.27
C SER G 102 -3.49 -50.76 -42.60
N VAL G 103 -3.54 -50.27 -41.36
CA VAL G 103 -4.81 -49.99 -40.72
C VAL G 103 -5.32 -48.61 -41.11
N ILE G 104 -4.45 -47.60 -41.10
CA ILE G 104 -4.82 -46.25 -41.55
C ILE G 104 -5.00 -46.27 -43.06
N SER G 105 -5.59 -45.21 -43.60
CA SER G 105 -5.81 -45.11 -45.04
C SER G 105 -6.07 -43.66 -45.40
N LEU G 106 -5.94 -43.36 -46.69
CA LEU G 106 -6.27 -42.04 -47.23
C LEU G 106 -7.64 -42.02 -47.90
N SER G 107 -8.42 -43.09 -47.76
CA SER G 107 -9.78 -43.12 -48.25
C SER G 107 -10.56 -44.18 -47.48
N GLY G 108 -11.89 -44.12 -47.60
CA GLY G 108 -12.74 -45.10 -46.98
C GLY G 108 -13.02 -44.80 -45.52
N ASP G 109 -13.41 -45.87 -44.79
CA ASP G 109 -13.84 -45.70 -43.41
C ASP G 109 -12.67 -45.36 -42.48
N HIS G 110 -11.44 -45.77 -42.84
CA HIS G 110 -10.27 -45.49 -42.03
C HIS G 110 -9.48 -44.29 -42.54
N CYS G 111 -10.16 -43.38 -43.24
CA CYS G 111 -9.48 -42.22 -43.82
C CYS G 111 -9.04 -41.27 -42.72
N ILE G 112 -7.75 -40.91 -42.73
CA ILE G 112 -7.21 -40.00 -41.73
C ILE G 112 -7.07 -38.58 -42.25
N ILE G 113 -7.42 -38.33 -43.51
CA ILE G 113 -7.39 -36.96 -44.03
C ILE G 113 -8.45 -36.14 -43.32
N GLY G 114 -8.05 -34.98 -42.81
CA GLY G 114 -8.93 -34.15 -42.02
C GLY G 114 -8.90 -34.44 -40.53
N ARG G 115 -8.22 -35.50 -40.12
CA ARG G 115 -8.02 -35.78 -38.72
C ARG G 115 -6.68 -35.18 -38.28
N THR G 116 -6.34 -35.33 -37.01
CA THR G 116 -5.17 -34.67 -36.48
C THR G 116 -4.06 -35.69 -36.22
N LEU G 117 -2.83 -35.33 -36.57
CA LEU G 117 -1.65 -36.08 -36.15
C LEU G 117 -1.05 -35.37 -34.94
N VAL G 118 -0.67 -36.14 -33.93
CA VAL G 118 -0.22 -35.61 -32.65
C VAL G 118 1.03 -36.35 -32.19
N VAL G 119 2.07 -35.61 -31.83
CA VAL G 119 3.24 -36.14 -31.16
C VAL G 119 3.18 -35.75 -29.69
N HIS G 120 3.37 -36.74 -28.82
CA HIS G 120 3.10 -36.68 -27.39
C HIS G 120 4.39 -36.49 -26.59
N GLU G 121 4.21 -36.25 -25.29
CA GLU G 121 5.32 -35.90 -24.41
C GLU G 121 6.12 -37.13 -23.98
N LYS G 122 5.46 -38.25 -23.72
CA LYS G 122 6.08 -39.43 -23.14
C LYS G 122 5.95 -40.61 -24.10
N ALA G 123 6.35 -41.79 -23.62
CA ALA G 123 6.27 -43.00 -24.40
C ALA G 123 4.87 -43.61 -24.28
N ASP G 124 4.49 -44.34 -25.32
CA ASP G 124 3.24 -45.08 -25.37
C ASP G 124 3.52 -46.52 -24.98
N ASP G 125 2.86 -47.00 -23.92
CA ASP G 125 3.09 -48.38 -23.48
C ASP G 125 2.30 -49.40 -24.29
N LEU G 126 1.68 -48.97 -25.39
CA LEU G 126 1.02 -49.86 -26.36
C LEU G 126 -0.13 -50.65 -25.74
N GLY G 127 -0.73 -50.12 -24.68
CA GLY G 127 -1.82 -50.81 -24.04
C GLY G 127 -1.42 -51.91 -23.08
N LYS G 128 -0.16 -51.99 -22.69
CA LYS G 128 0.33 -53.04 -21.80
C LYS G 128 0.67 -52.52 -20.41
N GLY G 129 0.24 -51.30 -20.08
CA GLY G 129 0.61 -50.69 -18.81
C GLY G 129 -0.13 -51.21 -17.59
N GLY G 130 -1.18 -51.99 -17.79
CA GLY G 130 -1.90 -52.56 -16.65
C GLY G 130 -2.74 -51.58 -15.87
N ASN G 131 -3.27 -50.54 -16.52
CA ASN G 131 -4.22 -49.65 -15.87
C ASN G 131 -5.25 -49.20 -16.90
N GLU G 132 -6.25 -48.45 -16.45
CA GLU G 132 -7.33 -48.02 -17.32
C GLU G 132 -6.81 -47.11 -18.44
N GLU G 133 -6.01 -46.10 -18.08
CA GLU G 133 -5.53 -45.16 -19.08
C GLU G 133 -4.67 -45.83 -20.15
N SER G 134 -4.05 -46.96 -19.81
CA SER G 134 -3.25 -47.70 -20.78
C SER G 134 -4.09 -48.20 -21.94
N THR G 135 -5.36 -48.56 -21.68
CA THR G 135 -6.25 -49.08 -22.70
C THR G 135 -6.96 -47.98 -23.49
N LYS G 136 -6.69 -46.71 -23.18
CA LYS G 136 -7.32 -45.60 -23.88
C LYS G 136 -6.29 -44.76 -24.64
N THR G 137 -5.20 -44.35 -23.99
CA THR G 137 -4.21 -43.48 -24.61
C THR G 137 -2.79 -44.03 -24.55
N GLY G 138 -2.55 -45.13 -23.84
CA GLY G 138 -1.20 -45.64 -23.72
C GLY G 138 -0.30 -44.83 -22.81
N ASN G 139 -0.87 -43.91 -22.03
CA ASN G 139 -0.12 -43.13 -21.04
C ASN G 139 1.02 -42.34 -21.68
N ALA G 140 0.77 -41.82 -22.89
CA ALA G 140 1.79 -41.07 -23.61
C ALA G 140 1.88 -39.61 -23.18
N GLY G 141 1.10 -39.20 -22.19
CA GLY G 141 1.22 -37.86 -21.64
C GLY G 141 0.63 -36.78 -22.53
N SER G 142 1.10 -35.55 -22.29
CA SER G 142 0.51 -34.39 -22.95
C SER G 142 0.84 -34.37 -24.44
N ARG G 143 0.09 -33.56 -25.17
CA ARG G 143 0.26 -33.41 -26.62
C ARG G 143 1.25 -32.28 -26.86
N LEU G 144 2.42 -32.62 -27.43
CA LEU G 144 3.45 -31.62 -27.65
C LEU G 144 3.21 -30.86 -28.93
N ALA G 145 2.87 -31.55 -30.01
CA ALA G 145 2.54 -30.84 -31.23
C ALA G 145 1.48 -31.62 -32.00
N CYS G 146 0.80 -30.90 -32.90
CA CYS G 146 -0.27 -31.50 -33.68
C CYS G 146 -0.47 -30.72 -34.96
N GLY G 147 -1.16 -31.36 -35.90
CA GLY G 147 -1.51 -30.71 -37.15
C GLY G 147 -2.62 -31.47 -37.85
N VAL G 148 -3.34 -30.74 -38.69
CA VAL G 148 -4.40 -31.36 -39.48
C VAL G 148 -3.78 -31.99 -40.72
N ILE G 149 -4.19 -33.22 -41.02
CA ILE G 149 -3.68 -33.94 -42.18
C ILE G 149 -4.44 -33.46 -43.40
N GLY G 150 -3.71 -33.01 -44.41
CA GLY G 150 -4.32 -32.43 -45.60
C GLY G 150 -3.77 -33.06 -46.86
N ILE G 151 -4.60 -33.02 -47.91
CA ILE G 151 -4.22 -33.58 -49.19
C ILE G 151 -2.99 -32.87 -49.73
N ALA G 152 -2.04 -33.65 -50.26
CA ALA G 152 -0.82 -33.11 -50.83
C ALA G 152 -0.77 -33.43 -52.32
N GLN G 153 0.07 -32.67 -53.02
CA GLN G 153 0.24 -32.86 -54.46
C GLN G 153 1.18 -34.03 -54.75
N GLN H 3 23.90 -56.06 -20.67
CA GLN H 3 22.98 -55.05 -21.20
C GLN H 3 21.87 -54.71 -20.20
N LEU H 4 21.47 -55.69 -19.40
CA LEU H 4 20.39 -55.52 -18.42
C LEU H 4 20.74 -56.34 -17.18
N GLN H 5 21.07 -55.67 -16.08
CA GLN H 5 21.51 -56.35 -14.86
C GLN H 5 20.63 -55.90 -13.70
N GLU H 6 19.78 -56.79 -13.21
CA GLU H 6 18.88 -56.53 -12.10
C GLU H 6 19.44 -57.09 -10.80
N SER H 7 19.10 -56.44 -9.70
CA SER H 7 19.60 -56.83 -8.38
C SER H 7 18.70 -56.21 -7.31
N GLY H 8 18.83 -56.71 -6.08
CA GLY H 8 18.17 -56.15 -4.92
C GLY H 8 17.04 -56.99 -4.35
N GLY H 9 16.56 -57.97 -5.09
CA GLY H 9 15.49 -58.81 -4.59
C GLY H 9 15.95 -59.70 -3.45
N GLY H 10 14.97 -60.26 -2.76
CA GLY H 10 15.27 -61.12 -1.63
C GLY H 10 14.00 -61.56 -0.93
N LEU H 11 14.18 -62.18 0.23
CA LEU H 11 13.09 -62.64 1.07
C LEU H 11 12.72 -61.55 2.07
N VAL H 12 11.42 -61.21 2.11
CA VAL H 12 10.94 -60.13 2.95
C VAL H 12 9.62 -60.56 3.58
N GLN H 13 9.33 -60.00 4.76
CA GLN H 13 8.07 -60.18 5.46
C GLN H 13 6.98 -59.32 4.83
N PRO H 14 5.73 -59.79 4.86
CA PRO H 14 4.61 -58.94 4.42
C PRO H 14 4.61 -57.62 5.17
N GLY H 15 4.45 -56.52 4.43
CA GLY H 15 4.52 -55.19 4.98
C GLY H 15 5.87 -54.53 4.86
N GLY H 16 6.91 -55.28 4.50
CA GLY H 16 8.24 -54.74 4.39
C GLY H 16 8.49 -54.05 3.05
N SER H 17 9.71 -53.57 2.89
CA SER H 17 10.11 -52.82 1.71
C SER H 17 11.32 -53.48 1.05
N LEU H 18 11.56 -53.07 -0.20
CA LEU H 18 12.71 -53.48 -0.99
C LEU H 18 13.02 -52.36 -1.99
N ARG H 19 14.26 -52.37 -2.50
CA ARG H 19 14.65 -51.46 -3.56
C ARG H 19 15.42 -52.25 -4.61
N LEU H 20 14.77 -52.51 -5.74
CA LEU H 20 15.42 -53.17 -6.86
C LEU H 20 16.15 -52.15 -7.73
N SER H 21 17.27 -52.57 -8.30
CA SER H 21 18.10 -51.74 -9.16
C SER H 21 18.40 -52.49 -10.45
N CYS H 22 18.48 -51.74 -11.54
CA CYS H 22 18.91 -52.33 -12.80
C CYS H 22 19.88 -51.38 -13.48
N ARG H 23 21.00 -51.94 -13.90
CA ARG H 23 21.94 -51.24 -14.77
C ARG H 23 21.63 -51.62 -16.21
N ALA H 24 21.40 -50.62 -17.05
CA ALA H 24 21.07 -50.82 -18.45
C ALA H 24 22.15 -50.17 -19.31
N SER H 25 22.37 -50.75 -20.49
CA SER H 25 23.34 -50.19 -21.41
C SER H 25 22.86 -48.83 -21.89
N GLU H 26 23.82 -47.98 -22.27
CA GLU H 26 23.48 -46.64 -22.77
C GLU H 26 22.55 -46.73 -23.97
N THR H 27 22.75 -47.73 -24.83
CA THR H 27 21.90 -47.89 -26.01
C THR H 27 20.43 -48.05 -25.62
N LEU H 28 20.15 -48.95 -24.68
CA LEU H 28 18.76 -49.19 -24.28
C LEU H 28 18.22 -48.04 -23.46
N PHE H 29 19.04 -47.50 -22.55
CA PHE H 29 18.58 -46.43 -21.67
C PHE H 29 18.24 -45.16 -22.46
N SER H 30 18.98 -44.89 -23.54
CA SER H 30 18.83 -43.65 -24.29
C SER H 30 17.54 -43.59 -25.09
N LEU H 31 16.75 -44.66 -25.11
CA LEU H 31 15.39 -44.60 -25.62
C LEU H 31 14.43 -43.97 -24.61
N TYR H 32 14.88 -43.79 -23.36
CA TYR H 32 14.09 -43.14 -22.31
C TYR H 32 12.68 -43.69 -22.25
N ALA H 33 12.60 -45.01 -22.13
CA ALA H 33 11.36 -45.74 -21.96
C ALA H 33 11.67 -47.07 -21.29
N MET H 34 11.83 -47.06 -19.97
CA MET H 34 12.22 -48.26 -19.23
C MET H 34 11.05 -48.75 -18.38
N GLY H 35 11.03 -50.06 -18.16
CA GLY H 35 9.95 -50.68 -17.43
C GLY H 35 10.38 -51.83 -16.55
N TRP H 36 9.69 -51.92 -15.41
CA TRP H 36 9.82 -53.04 -14.49
C TRP H 36 8.64 -53.98 -14.71
N TYR H 37 8.97 -55.23 -15.07
CA TYR H 37 8.03 -56.32 -15.27
C TYR H 37 8.19 -57.34 -14.14
N ARG H 38 7.11 -58.08 -13.88
CA ARG H 38 7.13 -59.17 -12.92
C ARG H 38 6.55 -60.40 -13.56
N GLN H 39 7.13 -61.56 -13.22
CA GLN H 39 6.70 -62.85 -13.74
C GLN H 39 6.38 -63.75 -12.55
N ALA H 40 5.11 -64.16 -12.45
CA ALA H 40 4.70 -65.13 -11.44
C ALA H 40 5.20 -66.51 -11.82
N PRO H 41 5.26 -67.44 -10.86
CA PRO H 41 5.77 -68.79 -11.16
C PRO H 41 5.22 -69.42 -12.44
N GLY H 42 3.89 -69.47 -12.58
CA GLY H 42 3.29 -70.06 -13.75
C GLY H 42 2.47 -69.08 -14.57
N LYS H 43 3.06 -67.94 -14.91
CA LYS H 43 2.36 -66.90 -15.65
C LYS H 43 3.32 -66.28 -16.66
N GLN H 44 2.90 -65.15 -17.21
CA GLN H 44 3.63 -64.40 -18.23
C GLN H 44 4.32 -63.19 -17.61
N PRO H 45 5.33 -62.64 -18.27
CA PRO H 45 5.95 -61.41 -17.77
C PRO H 45 5.02 -60.22 -17.99
N GLU H 46 4.55 -59.63 -16.90
CA GLU H 46 3.59 -58.55 -16.93
C GLU H 46 4.27 -57.24 -16.57
N LEU H 47 4.03 -56.21 -17.37
CA LEU H 47 4.57 -54.88 -17.11
C LEU H 47 3.80 -54.22 -15.98
N ILE H 48 4.51 -53.79 -14.95
CA ILE H 48 3.86 -53.16 -13.80
C ILE H 48 4.36 -51.74 -13.54
N ALA H 49 5.50 -51.30 -14.08
CA ALA H 49 5.92 -49.93 -13.86
C ALA H 49 6.68 -49.41 -15.06
N THR H 50 6.47 -48.14 -15.42
CA THR H 50 7.11 -47.52 -16.57
C THR H 50 7.65 -46.14 -16.20
N ILE H 51 8.75 -45.77 -16.84
CA ILE H 51 9.31 -44.42 -16.71
C ILE H 51 9.74 -43.95 -18.11
N SER H 52 9.30 -42.76 -18.48
CA SER H 52 9.62 -42.20 -19.79
C SER H 52 9.53 -40.68 -19.76
N GLY H 53 9.89 -40.06 -20.87
CA GLY H 53 9.94 -38.62 -20.96
C GLY H 53 11.27 -38.06 -20.49
N GLY H 54 11.49 -36.79 -20.79
CA GLY H 54 12.73 -36.14 -20.46
C GLY H 54 12.84 -35.82 -18.97
N GLY H 55 13.95 -35.14 -18.63
CA GLY H 55 14.18 -34.74 -17.27
C GLY H 55 14.43 -35.94 -16.37
N GLU H 56 13.97 -35.83 -15.12
CA GLU H 56 14.10 -36.95 -14.19
C GLU H 56 13.16 -38.09 -14.53
N GLY H 57 12.27 -37.91 -15.49
CA GLY H 57 11.40 -38.97 -15.94
C GLY H 57 10.04 -38.92 -15.25
N THR H 58 9.06 -39.54 -15.92
CA THR H 58 7.69 -39.61 -15.44
C THR H 58 7.30 -41.07 -15.32
N GLY H 59 6.77 -41.44 -14.16
CA GLY H 59 6.46 -42.82 -13.85
C GLY H 59 4.96 -43.10 -13.89
N ASN H 60 4.63 -44.31 -14.32
CA ASN H 60 3.26 -44.79 -14.37
C ASN H 60 3.23 -46.23 -13.88
N TYR H 61 2.09 -46.64 -13.31
CA TYR H 61 2.03 -47.89 -12.57
C TYR H 61 0.75 -48.66 -12.88
N ALA H 62 0.88 -49.98 -12.90
CA ALA H 62 -0.28 -50.85 -13.03
C ALA H 62 -1.08 -50.87 -11.73
N ASP H 63 -2.36 -51.21 -11.87
CA ASP H 63 -3.27 -51.15 -10.73
C ASP H 63 -2.83 -51.97 -9.51
N PRO H 64 -2.31 -53.19 -9.63
CA PRO H 64 -1.96 -53.95 -8.42
C PRO H 64 -0.89 -53.29 -7.57
N VAL H 65 -0.13 -52.34 -8.09
CA VAL H 65 1.00 -51.76 -7.38
C VAL H 65 0.90 -50.26 -7.22
N LYS H 66 -0.13 -49.62 -7.79
CA LYS H 66 -0.27 -48.18 -7.68
C LYS H 66 -0.37 -47.75 -6.23
N GLY H 67 0.31 -46.65 -5.89
CA GLY H 67 0.36 -46.16 -4.54
C GLY H 67 1.30 -46.91 -3.61
N ARG H 68 1.84 -48.05 -4.04
CA ARG H 68 2.78 -48.82 -3.22
C ARG H 68 4.19 -48.88 -3.78
N PHE H 69 4.34 -48.85 -5.11
CA PHE H 69 5.64 -48.89 -5.76
C PHE H 69 5.93 -47.54 -6.39
N THR H 70 7.22 -47.19 -6.45
CA THR H 70 7.65 -46.03 -7.20
C THR H 70 8.83 -46.40 -8.09
N ILE H 71 8.86 -45.85 -9.30
CA ILE H 71 9.93 -46.14 -10.24
C ILE H 71 10.67 -44.84 -10.52
N SER H 72 12.00 -44.91 -10.57
CA SER H 72 12.82 -43.74 -10.82
C SER H 72 14.03 -44.14 -11.66
N ARG H 73 14.84 -43.16 -12.01
CA ARG H 73 16.01 -43.43 -12.85
C ARG H 73 17.10 -42.41 -12.57
N ASN H 74 18.32 -42.83 -12.89
CA ASN H 74 19.52 -42.01 -12.81
C ASN H 74 20.09 -41.96 -14.22
N ASN H 75 20.03 -40.78 -14.85
CA ASN H 75 20.39 -40.65 -16.26
C ASN H 75 21.89 -40.79 -16.46
N ALA H 76 22.69 -40.12 -15.62
CA ALA H 76 24.14 -40.17 -15.77
C ALA H 76 24.68 -41.58 -15.60
N ASP H 77 24.08 -42.38 -14.72
CA ASP H 77 24.55 -43.73 -14.44
C ASP H 77 23.76 -44.80 -15.17
N ASN H 78 22.76 -44.41 -15.98
CA ASN H 78 21.94 -45.35 -16.75
C ASN H 78 21.29 -46.41 -15.84
N MET H 79 20.74 -45.97 -14.71
CA MET H 79 20.17 -46.88 -13.72
C MET H 79 18.66 -46.69 -13.63
N VAL H 80 17.94 -47.79 -13.43
CA VAL H 80 16.50 -47.76 -13.21
C VAL H 80 16.21 -48.43 -11.86
N PHE H 81 15.44 -47.74 -11.01
CA PHE H 81 15.19 -48.21 -9.66
C PHE H 81 13.69 -48.43 -9.43
N LEU H 82 13.38 -49.41 -8.58
CA LEU H 82 12.01 -49.73 -8.21
C LEU H 82 11.93 -49.84 -6.69
N GLN H 83 11.25 -48.90 -6.05
CA GLN H 83 11.04 -48.91 -4.61
C GLN H 83 9.70 -49.59 -4.32
N MET H 84 9.74 -50.70 -3.59
CA MET H 84 8.56 -51.46 -3.22
C MET H 84 8.30 -51.29 -1.73
N ASN H 85 7.17 -50.68 -1.39
CA ASN H 85 6.74 -50.52 0.00
C ASN H 85 5.43 -51.28 0.20
N ASN H 86 5.13 -51.60 1.45
CA ASN H 86 3.91 -52.33 1.81
C ASN H 86 3.80 -53.62 1.01
N LEU H 87 4.88 -54.39 1.02
CA LEU H 87 4.95 -55.59 0.21
C LEU H 87 3.95 -56.63 0.69
N LYS H 88 3.38 -57.37 -0.25
CA LYS H 88 2.30 -58.32 -0.01
C LYS H 88 2.66 -59.65 -0.67
N PRO H 89 2.07 -60.75 -0.17
CA PRO H 89 2.44 -62.06 -0.73
C PRO H 89 2.16 -62.22 -2.22
N GLU H 90 1.18 -61.50 -2.78
CA GLU H 90 0.95 -61.58 -4.21
C GLU H 90 2.04 -60.89 -5.02
N ASP H 91 2.91 -60.12 -4.37
CA ASP H 91 4.05 -59.50 -5.05
C ASP H 91 5.20 -60.47 -5.29
N THR H 92 5.14 -61.68 -4.72
CA THR H 92 6.18 -62.67 -4.94
C THR H 92 6.27 -63.04 -6.41
N ALA H 93 7.45 -62.86 -7.01
CA ALA H 93 7.64 -63.08 -8.43
C ALA H 93 9.11 -62.83 -8.75
N VAL H 94 9.49 -63.14 -9.98
CA VAL H 94 10.78 -62.71 -10.50
C VAL H 94 10.60 -61.38 -11.21
N TYR H 95 11.44 -60.41 -10.88
CA TYR H 95 11.32 -59.04 -11.36
C TYR H 95 12.42 -58.78 -12.38
N TYR H 96 12.02 -58.25 -13.54
CA TYR H 96 12.92 -57.95 -14.64
C TYR H 96 12.80 -56.48 -15.02
N CYS H 97 13.87 -55.95 -15.59
CA CYS H 97 13.88 -54.60 -16.17
C CYS H 97 14.18 -54.70 -17.65
N ASN H 98 13.40 -53.97 -18.45
CA ASN H 98 13.60 -53.96 -19.89
C ASN H 98 13.15 -52.61 -20.43
N VAL H 99 13.18 -52.46 -21.74
CA VAL H 99 12.60 -51.29 -22.37
C VAL H 99 11.10 -51.53 -22.51
N TYR H 100 10.39 -50.58 -23.08
CA TYR H 100 8.98 -50.77 -23.42
C TYR H 100 8.65 -49.78 -24.52
N GLY H 101 7.46 -49.95 -25.10
CA GLY H 101 7.05 -49.17 -26.24
C GLY H 101 7.75 -49.50 -27.54
N THR H 102 8.59 -50.52 -27.55
CA THR H 102 9.29 -50.96 -28.76
C THR H 102 9.59 -52.44 -28.61
N ASN H 103 10.47 -52.95 -29.46
CA ASN H 103 10.86 -54.36 -29.37
C ASN H 103 11.73 -54.56 -28.13
N LEU H 104 11.37 -55.55 -27.32
CA LEU H 104 12.07 -55.77 -26.06
C LEU H 104 13.47 -56.29 -26.30
N ALA H 105 14.40 -55.88 -25.44
CA ALA H 105 15.75 -56.40 -25.47
C ALA H 105 15.78 -57.82 -24.90
N PRO H 106 16.84 -58.59 -25.18
CA PRO H 106 16.99 -59.90 -24.53
C PRO H 106 16.98 -59.75 -23.01
N TRP H 107 16.14 -60.55 -22.36
CA TRP H 107 15.91 -60.44 -20.93
C TRP H 107 17.18 -60.77 -20.14
N GLY H 108 17.35 -60.09 -19.01
CA GLY H 108 18.41 -60.38 -18.09
C GLY H 108 18.03 -61.48 -17.12
N GLN H 109 18.92 -61.71 -16.16
CA GLN H 109 18.69 -62.73 -15.14
C GLN H 109 17.53 -62.40 -14.23
N GLY H 110 17.20 -61.11 -14.08
CA GLY H 110 16.17 -60.70 -13.14
C GLY H 110 16.59 -60.94 -11.69
N THR H 111 15.70 -60.56 -10.79
CA THR H 111 15.94 -60.72 -9.36
C THR H 111 14.68 -61.29 -8.71
N GLN H 112 14.87 -62.22 -7.77
CA GLN H 112 13.75 -62.91 -7.16
C GLN H 112 13.23 -62.11 -5.97
N VAL H 113 11.91 -62.05 -5.84
CA VAL H 113 11.27 -61.38 -4.71
C VAL H 113 10.26 -62.35 -4.11
N THR H 114 10.39 -62.61 -2.82
CA THR H 114 9.49 -63.51 -2.11
C THR H 114 8.96 -62.78 -0.88
N VAL H 115 7.65 -62.61 -0.81
CA VAL H 115 7.00 -61.98 0.33
C VAL H 115 6.25 -63.08 1.07
N SER H 116 6.73 -63.42 2.26
CA SER H 116 6.12 -64.48 3.05
C SER H 116 6.52 -64.32 4.50
N SER H 117 5.59 -64.60 5.40
CA SER H 117 5.85 -64.45 6.83
C SER H 117 6.26 -65.78 7.46
N ALA I 1 45.95 3.41 -29.47
CA ALA I 1 44.74 3.22 -28.68
C ALA I 1 43.55 2.88 -29.58
N THR I 2 43.32 1.59 -29.76
CA THR I 2 42.20 1.10 -30.57
C THR I 2 41.17 0.45 -29.67
N LYS I 3 39.90 0.69 -29.96
CA LYS I 3 38.79 0.13 -29.20
C LYS I 3 37.92 -0.73 -30.11
N ALA I 4 37.28 -1.72 -29.51
CA ALA I 4 36.36 -2.60 -30.23
C ALA I 4 35.22 -2.96 -29.29
N VAL I 5 34.15 -3.51 -29.87
CA VAL I 5 32.95 -3.83 -29.12
C VAL I 5 32.25 -5.00 -29.80
N CYS I 6 31.45 -5.72 -29.02
CA CYS I 6 30.74 -6.89 -29.53
C CYS I 6 29.45 -7.07 -28.74
N VAL I 7 28.36 -7.27 -29.46
CA VAL I 7 27.04 -7.47 -28.87
C VAL I 7 26.67 -8.93 -29.09
N LEU I 8 26.78 -9.73 -28.03
CA LEU I 8 26.46 -11.16 -28.11
C LEU I 8 24.94 -11.36 -28.03
N LYS I 9 24.39 -12.01 -29.05
CA LYS I 9 22.99 -12.38 -29.10
C LYS I 9 22.87 -13.79 -29.65
N GLY I 10 21.73 -14.43 -29.39
CA GLY I 10 21.51 -15.79 -29.82
C GLY I 10 20.05 -16.17 -29.86
N ASP I 11 19.80 -17.48 -29.93
CA ASP I 11 18.46 -18.01 -30.00
C ASP I 11 17.74 -18.04 -28.65
N GLY I 12 18.47 -17.90 -27.55
CA GLY I 12 17.88 -17.98 -26.24
C GLY I 12 17.98 -16.69 -25.46
N PRO I 13 18.08 -16.80 -24.14
CA PRO I 13 18.12 -15.61 -23.28
C PRO I 13 19.52 -15.06 -23.03
N VAL I 14 20.56 -15.67 -23.57
CA VAL I 14 21.92 -15.22 -23.29
C VAL I 14 22.22 -14.01 -24.18
N GLN I 15 22.61 -12.91 -23.55
CA GLN I 15 22.95 -11.72 -24.34
C GLN I 15 23.93 -10.87 -23.55
N GLY I 16 24.75 -10.12 -24.26
CA GLY I 16 25.75 -9.34 -23.53
C GLY I 16 26.47 -8.34 -24.40
N ILE I 17 27.30 -7.54 -23.73
CA ILE I 17 28.15 -6.55 -24.39
C ILE I 17 29.57 -6.71 -23.87
N ILE I 18 30.53 -6.85 -24.78
CA ILE I 18 31.93 -7.04 -24.44
C ILE I 18 32.75 -6.00 -25.19
N ASN I 19 33.53 -5.20 -24.45
CA ASN I 19 34.38 -4.18 -25.03
C ASN I 19 35.84 -4.61 -24.97
N PHE I 20 36.62 -4.12 -25.94
CA PHE I 20 38.04 -4.40 -26.11
C PHE I 20 38.80 -3.09 -26.20
N GLU I 21 39.98 -3.05 -25.60
CA GLU I 21 40.81 -1.86 -25.61
C GLU I 21 42.28 -2.24 -25.73
N GLN I 22 43.02 -1.56 -26.59
CA GLN I 22 44.43 -1.82 -26.80
C GLN I 22 45.18 -0.49 -26.86
N LYS I 23 46.01 -0.22 -25.84
CA LYS I 23 46.70 1.05 -25.76
C LYS I 23 47.93 1.07 -26.65
N GLU I 24 48.86 0.14 -26.43
CA GLU I 24 50.08 0.09 -27.23
C GLU I 24 49.90 -0.92 -28.35
N SER I 25 50.35 -0.55 -29.54
CA SER I 25 50.26 -1.44 -30.70
C SER I 25 50.90 -2.79 -30.41
N ASN I 26 50.20 -3.86 -30.80
CA ASN I 26 50.59 -5.24 -30.50
C ASN I 26 50.79 -5.47 -29.01
N GLY I 27 50.21 -4.62 -28.16
CA GLY I 27 50.33 -4.76 -26.74
C GLY I 27 49.17 -5.54 -26.15
N PRO I 28 49.07 -5.54 -24.82
CA PRO I 28 47.98 -6.29 -24.18
C PRO I 28 46.61 -5.71 -24.55
N VAL I 29 45.59 -6.54 -24.43
CA VAL I 29 44.21 -6.18 -24.77
C VAL I 29 43.35 -6.40 -23.54
N LYS I 30 42.60 -5.35 -23.17
CA LYS I 30 41.62 -5.44 -22.09
C LYS I 30 40.28 -5.83 -22.68
N VAL I 31 39.66 -6.83 -22.07
CA VAL I 31 38.39 -7.41 -22.49
C VAL I 31 37.47 -7.35 -21.29
N TRP I 32 36.46 -6.49 -21.33
CA TRP I 32 35.61 -6.34 -20.16
C TRP I 32 34.17 -6.10 -20.60
N GLY I 33 33.25 -6.56 -19.77
CA GLY I 33 31.85 -6.35 -20.10
C GLY I 33 30.94 -7.23 -19.25
N SER I 34 29.76 -7.51 -19.80
CA SER I 34 28.75 -8.24 -19.05
C SER I 34 27.94 -9.11 -19.98
N ILE I 35 27.73 -10.37 -19.58
CA ILE I 35 26.83 -11.29 -20.26
C ILE I 35 25.78 -11.73 -19.26
N LYS I 36 24.54 -11.88 -19.72
CA LYS I 36 23.43 -12.26 -18.85
C LYS I 36 22.62 -13.37 -19.51
N GLY I 37 21.76 -13.99 -18.71
CA GLY I 37 20.97 -15.12 -19.15
C GLY I 37 21.69 -16.44 -19.09
N LEU I 38 22.87 -16.50 -18.48
CA LEU I 38 23.66 -17.71 -18.43
C LEU I 38 23.29 -18.56 -17.22
N THR I 39 23.57 -19.84 -17.32
CA THR I 39 23.52 -20.70 -16.15
C THR I 39 24.70 -20.38 -15.24
N GLU I 40 24.50 -20.62 -13.94
CA GLU I 40 25.55 -20.34 -12.96
C GLU I 40 26.79 -21.16 -13.28
N GLY I 41 27.96 -20.55 -13.12
CA GLY I 41 29.21 -21.24 -13.28
C GLY I 41 30.02 -20.80 -14.48
N LEU I 42 30.93 -21.68 -14.90
CA LEU I 42 31.90 -21.39 -15.95
C LEU I 42 31.31 -21.65 -17.32
N HIS I 43 31.65 -20.78 -18.27
CA HIS I 43 31.23 -20.87 -19.66
C HIS I 43 32.40 -20.56 -20.56
N GLY I 44 32.57 -21.37 -21.62
CA GLY I 44 33.62 -21.11 -22.57
C GLY I 44 33.43 -19.78 -23.29
N PHE I 45 34.54 -19.09 -23.52
CA PHE I 45 34.56 -17.74 -24.09
C PHE I 45 35.63 -17.72 -25.17
N HIS I 46 35.23 -17.72 -26.44
CA HIS I 46 36.19 -17.93 -27.51
C HIS I 46 36.03 -16.93 -28.64
N VAL I 47 37.14 -16.63 -29.31
CA VAL I 47 37.13 -15.89 -30.56
C VAL I 47 37.25 -16.91 -31.69
N HIS I 48 36.25 -16.94 -32.56
CA HIS I 48 36.17 -17.80 -33.71
C HIS I 48 36.50 -17.03 -34.98
N GLU I 49 36.90 -17.79 -36.00
CA GLU I 49 37.71 -17.26 -37.10
C GLU I 49 36.94 -16.25 -37.96
N PHE I 50 35.69 -16.56 -38.32
CA PHE I 50 34.95 -15.77 -39.28
C PHE I 50 33.88 -14.93 -38.62
N GLY I 51 33.58 -13.77 -39.21
CA GLY I 51 32.50 -12.92 -38.75
C GLY I 51 31.24 -13.19 -39.53
N ASP I 52 30.77 -14.43 -39.48
CA ASP I 52 29.70 -14.92 -40.33
C ASP I 52 28.48 -15.24 -39.47
N ASN I 53 27.39 -14.51 -39.69
CA ASN I 53 26.13 -14.72 -38.99
C ASN I 53 25.03 -15.22 -39.92
N THR I 54 25.40 -15.81 -41.05
CA THR I 54 24.41 -16.30 -42.01
C THR I 54 23.60 -17.44 -41.40
N ALA I 55 24.27 -18.50 -40.93
CA ALA I 55 23.60 -19.62 -40.30
C ALA I 55 23.85 -19.62 -38.81
N GLY I 56 23.67 -18.46 -38.16
CA GLY I 56 23.92 -18.37 -36.74
C GLY I 56 25.39 -18.52 -36.40
N CYS I 57 25.63 -18.75 -35.10
CA CYS I 57 27.00 -18.88 -34.62
C CYS I 57 27.74 -20.06 -35.25
N THR I 58 27.00 -21.03 -35.80
CA THR I 58 27.63 -22.13 -36.53
C THR I 58 28.51 -21.60 -37.66
N SER I 59 28.10 -20.50 -38.30
CA SER I 59 28.86 -19.96 -39.40
C SER I 59 30.19 -19.36 -38.97
N ALA I 60 30.38 -19.13 -37.67
CA ALA I 60 31.60 -18.47 -37.20
C ALA I 60 32.84 -19.32 -37.43
N GLY I 61 32.70 -20.60 -37.73
CA GLY I 61 33.83 -21.47 -37.93
C GLY I 61 34.42 -21.94 -36.61
N PRO I 62 35.64 -22.46 -36.66
CA PRO I 62 36.30 -22.93 -35.43
C PRO I 62 37.00 -21.76 -34.73
N HIS I 63 37.65 -22.08 -33.61
CA HIS I 63 38.40 -21.07 -32.88
C HIS I 63 39.49 -20.49 -33.77
N PHE I 64 39.67 -19.16 -33.70
CA PHE I 64 40.67 -18.46 -34.49
C PHE I 64 42.06 -19.02 -34.21
N ASN I 65 42.65 -19.69 -35.20
CA ASN I 65 43.90 -20.45 -35.03
C ASN I 65 44.84 -20.15 -36.19
N PRO I 66 45.38 -18.92 -36.27
CA PRO I 66 46.30 -18.61 -37.38
C PRO I 66 47.63 -19.34 -37.27
N LEU I 67 47.96 -19.91 -36.13
CA LEU I 67 49.22 -20.62 -35.94
C LEU I 67 49.06 -22.12 -35.89
N SER I 68 47.84 -22.63 -36.06
CA SER I 68 47.56 -24.07 -36.16
C SER I 68 48.09 -24.82 -34.93
N ARG I 69 48.03 -24.19 -33.77
CA ARG I 69 48.35 -24.88 -32.54
C ARG I 69 47.14 -25.66 -32.05
N LYS I 70 47.30 -26.38 -30.95
CA LYS I 70 46.21 -27.10 -30.33
C LYS I 70 45.50 -26.22 -29.31
N HIS I 71 44.25 -26.58 -29.01
CA HIS I 71 43.45 -25.80 -28.08
C HIS I 71 44.03 -25.88 -26.67
N GLY I 72 44.00 -24.75 -25.97
CA GLY I 72 44.44 -24.68 -24.60
C GLY I 72 43.76 -23.53 -23.88
N GLY I 73 44.27 -23.23 -22.70
CA GLY I 73 43.79 -22.08 -21.95
C GLY I 73 44.56 -20.83 -22.31
N PRO I 74 44.07 -19.67 -21.86
CA PRO I 74 44.80 -18.42 -22.12
C PRO I 74 46.20 -18.42 -21.52
N LYS I 75 46.38 -19.08 -20.37
CA LYS I 75 47.70 -19.16 -19.75
C LYS I 75 48.65 -20.08 -20.49
N ASP I 76 48.14 -21.05 -21.25
CA ASP I 76 48.98 -22.05 -21.87
C ASP I 76 49.65 -21.50 -23.13
N GLU I 77 50.91 -21.89 -23.33
CA GLU I 77 51.62 -21.48 -24.55
C GLU I 77 50.99 -22.11 -25.79
N GLU I 78 50.65 -23.39 -25.73
CA GLU I 78 49.95 -24.07 -26.81
C GLU I 78 48.46 -23.75 -26.70
N ARG I 79 47.99 -22.84 -27.55
CA ARG I 79 46.61 -22.39 -27.49
C ARG I 79 46.23 -21.76 -28.83
N HIS I 80 44.92 -21.75 -29.09
CA HIS I 80 44.39 -20.89 -30.14
C HIS I 80 44.61 -19.43 -29.77
N VAL I 81 44.69 -18.57 -30.79
CA VAL I 81 44.72 -17.14 -30.51
C VAL I 81 43.43 -16.72 -29.80
N GLY I 82 42.30 -17.31 -30.19
CA GLY I 82 41.02 -16.95 -29.59
C GLY I 82 40.61 -17.80 -28.41
N ASP I 83 41.58 -18.38 -27.69
CA ASP I 83 41.28 -19.18 -26.50
C ASP I 83 41.32 -18.25 -25.30
N LEU I 84 40.15 -17.82 -24.83
CA LEU I 84 40.05 -16.89 -23.71
C LEU I 84 39.57 -17.57 -22.45
N GLY I 85 39.52 -18.89 -22.42
CA GLY I 85 39.23 -19.61 -21.19
C GLY I 85 37.75 -19.60 -20.87
N ASN I 86 37.42 -19.24 -19.63
CA ASN I 86 36.06 -19.33 -19.13
C ASN I 86 35.67 -18.03 -18.45
N VAL I 87 34.41 -17.68 -18.59
CA VAL I 87 33.79 -16.58 -17.84
C VAL I 87 32.88 -17.20 -16.78
N THR I 88 32.64 -16.43 -15.72
CA THR I 88 31.92 -16.92 -14.54
C THR I 88 30.63 -16.15 -14.36
N ALA I 89 29.50 -16.85 -14.50
CA ALA I 89 28.19 -16.28 -14.21
C ALA I 89 27.78 -16.61 -12.79
N ASP I 90 27.17 -15.65 -12.12
CA ASP I 90 26.77 -15.79 -10.72
C ASP I 90 25.40 -16.45 -10.62
N LYS I 91 24.86 -16.51 -9.40
CA LYS I 91 23.58 -17.18 -9.17
C LYS I 91 22.43 -16.51 -9.90
N ASP I 92 22.58 -15.25 -10.29
CA ASP I 92 21.57 -14.56 -11.06
C ASP I 92 21.74 -14.74 -12.56
N GLY I 93 22.84 -15.32 -13.00
CA GLY I 93 23.08 -15.54 -14.41
C GLY I 93 23.82 -14.43 -15.10
N VAL I 94 24.53 -13.58 -14.35
CA VAL I 94 25.25 -12.44 -14.90
C VAL I 94 26.73 -12.69 -14.72
N ALA I 95 27.42 -12.99 -15.80
CA ALA I 95 28.87 -13.06 -15.85
C ALA I 95 29.44 -11.66 -16.10
N ASP I 96 30.21 -11.16 -15.13
CA ASP I 96 30.99 -9.94 -15.30
C ASP I 96 32.38 -10.32 -15.79
N VAL I 97 32.72 -9.89 -16.99
CA VAL I 97 33.93 -10.34 -17.68
C VAL I 97 35.01 -9.29 -17.50
N SER I 98 36.17 -9.71 -16.99
CA SER I 98 37.37 -8.87 -16.89
C SER I 98 38.57 -9.74 -17.22
N ILE I 99 39.24 -9.44 -18.32
CA ILE I 99 40.30 -10.29 -18.86
C ILE I 99 41.36 -9.39 -19.50
N GLU I 100 42.63 -9.78 -19.35
CA GLU I 100 43.73 -9.12 -20.02
C GLU I 100 44.50 -10.19 -20.81
N ASP I 101 44.54 -10.06 -22.13
CA ASP I 101 45.14 -11.06 -22.99
C ASP I 101 46.12 -10.42 -23.95
N SER I 102 47.30 -11.05 -24.08
CA SER I 102 48.37 -10.54 -24.94
C SER I 102 48.43 -11.22 -26.31
N VAL I 103 47.76 -12.37 -26.48
CA VAL I 103 47.82 -13.07 -27.75
C VAL I 103 46.86 -12.43 -28.77
N ILE I 104 45.63 -12.13 -28.34
CA ILE I 104 44.71 -11.42 -29.22
C ILE I 104 45.21 -10.01 -29.45
N SER I 105 44.83 -9.43 -30.59
CA SER I 105 45.22 -8.06 -30.90
C SER I 105 44.12 -7.41 -31.74
N LEU I 106 44.10 -6.08 -31.71
CA LEU I 106 43.20 -5.29 -32.53
C LEU I 106 43.88 -4.76 -33.77
N SER I 107 45.03 -5.34 -34.12
CA SER I 107 45.78 -4.97 -35.32
C SER I 107 46.76 -6.09 -35.62
N GLY I 108 47.40 -6.00 -36.78
CA GLY I 108 48.40 -6.98 -37.14
C GLY I 108 47.79 -8.32 -37.56
N ASP I 109 48.62 -9.36 -37.49
CA ASP I 109 48.20 -10.67 -37.94
C ASP I 109 47.19 -11.29 -36.98
N HIS I 110 47.35 -11.07 -35.68
CA HIS I 110 46.45 -11.63 -34.68
C HIS I 110 45.22 -10.77 -34.45
N CYS I 111 44.82 -9.98 -35.45
CA CYS I 111 43.69 -9.08 -35.31
C CYS I 111 42.39 -9.86 -35.22
N ILE I 112 41.56 -9.51 -34.23
CA ILE I 112 40.27 -10.17 -34.05
C ILE I 112 39.11 -9.30 -34.50
N ILE I 113 39.37 -8.09 -35.00
CA ILE I 113 38.30 -7.25 -35.52
C ILE I 113 37.75 -7.89 -36.79
N GLY I 114 36.43 -8.03 -36.86
CA GLY I 114 35.79 -8.71 -37.96
C GLY I 114 35.55 -10.20 -37.74
N ARG I 115 36.03 -10.75 -36.63
CA ARG I 115 35.81 -12.14 -36.29
C ARG I 115 34.68 -12.24 -35.27
N THR I 116 34.38 -13.46 -34.83
CA THR I 116 33.21 -13.67 -33.98
C THR I 116 33.64 -13.96 -32.55
N LEU I 117 32.92 -13.39 -31.59
CA LEU I 117 33.05 -13.75 -30.18
C LEU I 117 31.87 -14.64 -29.80
N VAL I 118 32.14 -15.70 -29.04
CA VAL I 118 31.14 -16.72 -28.77
C VAL I 118 31.21 -17.13 -27.30
N VAL I 119 30.05 -17.18 -26.64
CA VAL I 119 29.93 -17.76 -25.30
C VAL I 119 29.27 -19.13 -25.43
N HIS I 120 29.83 -20.12 -24.74
CA HIS I 120 29.43 -21.51 -24.90
C HIS I 120 28.57 -21.99 -23.74
N GLU I 121 27.94 -23.15 -23.93
CA GLU I 121 26.99 -23.67 -22.95
C GLU I 121 27.69 -24.17 -21.70
N LYS I 122 28.80 -24.90 -21.86
CA LYS I 122 29.49 -25.58 -20.77
C LYS I 122 30.82 -24.90 -20.47
N ALA I 123 31.60 -25.52 -19.60
CA ALA I 123 32.93 -25.02 -19.27
C ALA I 123 33.97 -25.52 -20.27
N ASP I 124 34.91 -24.64 -20.60
CA ASP I 124 36.09 -25.01 -21.38
C ASP I 124 37.06 -25.78 -20.49
N ASP I 125 37.42 -27.00 -20.90
CA ASP I 125 38.35 -27.79 -20.08
C ASP I 125 39.81 -27.41 -20.31
N LEU I 126 40.05 -26.34 -21.06
CA LEU I 126 41.38 -25.77 -21.29
C LEU I 126 42.30 -26.73 -22.04
N GLY I 127 41.73 -27.69 -22.76
CA GLY I 127 42.50 -28.63 -23.53
C GLY I 127 43.02 -29.82 -22.76
N LYS I 128 42.71 -29.95 -21.47
CA LYS I 128 43.25 -31.02 -20.64
C LYS I 128 42.25 -32.14 -20.41
N GLY I 129 41.26 -32.29 -21.29
CA GLY I 129 40.20 -33.27 -21.07
C GLY I 129 40.58 -34.71 -21.36
N GLY I 130 41.66 -34.94 -22.10
CA GLY I 130 42.07 -36.29 -22.42
C GLY I 130 41.35 -36.92 -23.58
N ASN I 131 40.75 -36.12 -24.46
CA ASN I 131 40.11 -36.63 -25.67
C ASN I 131 40.36 -35.63 -26.80
N GLU I 132 39.98 -36.02 -28.02
CA GLU I 132 40.30 -35.21 -29.19
C GLU I 132 39.54 -33.88 -29.17
N GLU I 133 38.24 -33.94 -28.87
CA GLU I 133 37.44 -32.71 -28.80
C GLU I 133 38.04 -31.71 -27.83
N SER I 134 38.64 -32.20 -26.75
CA SER I 134 39.30 -31.31 -25.80
C SER I 134 40.46 -30.57 -26.44
N THR I 135 41.17 -31.23 -27.36
CA THR I 135 42.26 -30.58 -28.06
C THR I 135 41.78 -29.71 -29.22
N LYS I 136 40.52 -29.87 -29.63
CA LYS I 136 39.93 -29.01 -30.66
C LYS I 136 39.13 -27.86 -30.08
N THR I 137 38.15 -28.14 -29.22
CA THR I 137 37.23 -27.12 -28.72
C THR I 137 37.21 -26.94 -27.22
N GLY I 138 37.77 -27.86 -26.45
CA GLY I 138 37.67 -27.76 -25.00
C GLY I 138 36.39 -28.30 -24.42
N ASN I 139 35.55 -28.93 -25.24
CA ASN I 139 34.31 -29.55 -24.77
C ASN I 139 33.40 -28.54 -24.07
N ALA I 140 33.34 -27.33 -24.61
CA ALA I 140 32.53 -26.26 -24.05
C ALA I 140 31.08 -26.33 -24.49
N GLY I 141 30.75 -27.21 -25.43
CA GLY I 141 29.36 -27.40 -25.81
C GLY I 141 28.91 -26.44 -26.89
N SER I 142 27.60 -26.35 -27.03
CA SER I 142 26.99 -25.54 -28.08
C SER I 142 27.30 -24.06 -27.85
N ARG I 143 27.01 -23.25 -28.87
CA ARG I 143 27.23 -21.82 -28.84
C ARG I 143 25.92 -21.14 -28.46
N LEU I 144 25.90 -20.48 -27.30
CA LEU I 144 24.68 -19.87 -26.80
C LEU I 144 24.43 -18.48 -27.38
N ALA I 145 25.48 -17.70 -27.59
CA ALA I 145 25.35 -16.39 -28.21
C ALA I 145 26.68 -15.98 -28.80
N CYS I 146 26.62 -15.11 -29.80
CA CYS I 146 27.79 -14.68 -30.54
C CYS I 146 27.60 -13.27 -31.06
N GLY I 147 28.69 -12.71 -31.57
CA GLY I 147 28.64 -11.41 -32.23
C GLY I 147 29.90 -11.07 -33.00
N VAL I 148 29.75 -10.31 -34.08
CA VAL I 148 30.91 -9.83 -34.82
C VAL I 148 31.63 -8.78 -33.98
N ILE I 149 32.96 -8.76 -34.06
CA ILE I 149 33.76 -7.80 -33.31
C ILE I 149 34.02 -6.61 -34.21
N GLY I 150 33.42 -5.46 -33.86
CA GLY I 150 33.53 -4.26 -34.68
C GLY I 150 34.29 -3.13 -34.02
N ILE I 151 34.73 -2.16 -34.84
CA ILE I 151 35.49 -1.03 -34.33
C ILE I 151 34.57 -0.12 -33.50
N ALA I 152 35.09 0.35 -32.37
CA ALA I 152 34.36 1.22 -31.47
C ALA I 152 35.00 2.61 -31.45
N GLN I 153 34.37 3.53 -30.71
CA GLN I 153 34.87 4.89 -30.59
C GLN I 153 35.67 5.08 -29.31
N GLN J 3 37.85 -27.98 1.92
CA GLN J 3 37.21 -27.49 0.70
C GLN J 3 36.87 -28.64 -0.24
N LEU J 4 37.61 -29.74 -0.11
CA LEU J 4 37.41 -30.91 -0.96
C LEU J 4 37.73 -32.16 -0.15
N GLN J 5 36.81 -33.12 -0.14
CA GLN J 5 36.98 -34.35 0.61
C GLN J 5 36.47 -35.52 -0.20
N GLU J 6 37.37 -36.44 -0.55
CA GLU J 6 37.02 -37.62 -1.33
C GLU J 6 36.88 -38.86 -0.44
N SER J 7 36.12 -39.83 -0.94
CA SER J 7 35.98 -41.12 -0.29
C SER J 7 35.37 -42.09 -1.28
N GLY J 8 35.28 -43.36 -0.87
CA GLY J 8 34.71 -44.40 -1.69
C GLY J 8 35.71 -45.28 -2.40
N GLY J 9 36.97 -44.84 -2.49
CA GLY J 9 37.99 -45.69 -3.07
C GLY J 9 38.39 -46.80 -2.13
N GLY J 10 39.04 -47.83 -2.70
CA GLY J 10 39.47 -48.94 -1.89
C GLY J 10 39.95 -50.09 -2.77
N LEU J 11 40.18 -51.22 -2.11
CA LEU J 11 40.68 -52.41 -2.76
C LEU J 11 39.56 -53.09 -3.53
N VAL J 12 39.83 -53.43 -4.79
CA VAL J 12 38.82 -54.02 -5.66
C VAL J 12 39.53 -54.88 -6.70
N GLN J 13 38.83 -55.92 -7.17
CA GLN J 13 39.28 -56.92 -8.12
C GLN J 13 39.00 -56.46 -9.55
N PRO J 14 39.75 -56.98 -10.53
CA PRO J 14 39.46 -56.65 -11.92
C PRO J 14 38.04 -57.03 -12.31
N GLY J 15 37.41 -56.16 -13.10
CA GLY J 15 36.00 -56.27 -13.40
C GLY J 15 35.08 -55.72 -12.34
N GLY J 16 35.61 -55.40 -11.16
CA GLY J 16 34.80 -54.81 -10.11
C GLY J 16 34.39 -53.39 -10.44
N SER J 17 33.65 -52.79 -9.51
CA SER J 17 33.12 -51.44 -9.68
C SER J 17 33.16 -50.71 -8.35
N LEU J 18 33.50 -49.42 -8.40
CA LEU J 18 33.63 -48.57 -7.23
C LEU J 18 32.89 -47.26 -7.48
N ARG J 19 32.25 -46.72 -6.45
CA ARG J 19 31.57 -45.43 -6.56
C ARG J 19 32.32 -44.43 -5.69
N LEU J 20 33.08 -43.55 -6.33
CA LEU J 20 33.78 -42.49 -5.62
C LEU J 20 32.84 -41.32 -5.37
N SER J 21 32.94 -40.74 -4.19
CA SER J 21 32.19 -39.54 -3.85
C SER J 21 33.16 -38.46 -3.41
N CYS J 22 32.77 -37.21 -3.63
CA CYS J 22 33.53 -36.08 -3.13
C CYS J 22 32.55 -35.00 -2.68
N ARG J 23 32.83 -34.43 -1.51
CA ARG J 23 32.11 -33.27 -1.01
C ARG J 23 33.00 -32.06 -1.22
N ALA J 24 32.52 -31.10 -2.00
CA ALA J 24 33.24 -29.88 -2.29
C ALA J 24 32.57 -28.71 -1.56
N SER J 25 33.37 -27.73 -1.17
CA SER J 25 32.82 -26.52 -0.59
C SER J 25 31.85 -25.88 -1.57
N GLU J 26 30.87 -25.15 -1.03
CA GLU J 26 29.80 -24.61 -1.86
C GLU J 26 30.33 -23.59 -2.85
N THR J 27 31.32 -22.79 -2.45
CA THR J 27 31.88 -21.80 -3.36
C THR J 27 32.58 -22.46 -4.54
N LEU J 28 33.24 -23.60 -4.31
CA LEU J 28 33.88 -24.31 -5.41
C LEU J 28 32.85 -25.00 -6.29
N PHE J 29 31.88 -25.68 -5.68
CA PHE J 29 30.84 -26.34 -6.43
C PHE J 29 30.06 -25.37 -7.31
N SER J 30 29.88 -24.13 -6.85
CA SER J 30 29.08 -23.14 -7.58
C SER J 30 29.73 -22.69 -8.87
N LEU J 31 30.97 -23.08 -9.14
CA LEU J 31 31.56 -22.85 -10.45
C LEU J 31 30.97 -23.81 -11.48
N TYR J 32 30.30 -24.86 -11.02
CA TYR J 32 29.65 -25.85 -11.89
C TYR J 32 30.61 -26.36 -12.97
N ALA J 33 31.84 -26.63 -12.54
CA ALA J 33 32.86 -27.23 -13.39
C ALA J 33 33.73 -28.09 -12.47
N MET J 34 33.37 -29.36 -12.32
CA MET J 34 34.02 -30.25 -11.38
C MET J 34 34.62 -31.43 -12.13
N GLY J 35 35.87 -31.74 -11.84
CA GLY J 35 36.56 -32.84 -12.51
C GLY J 35 37.12 -33.85 -11.54
N TRP J 36 37.01 -35.11 -11.92
CA TRP J 36 37.73 -36.21 -11.27
C TRP J 36 39.06 -36.40 -12.00
N TYR J 37 40.15 -36.22 -11.27
CA TYR J 37 41.52 -36.42 -11.73
C TYR J 37 42.10 -37.70 -11.15
N ARG J 38 43.08 -38.25 -11.84
CA ARG J 38 43.71 -39.52 -11.47
C ARG J 38 45.21 -39.36 -11.53
N GLN J 39 45.91 -39.75 -10.46
CA GLN J 39 47.35 -39.63 -10.37
C GLN J 39 47.97 -41.01 -10.11
N ALA J 40 48.76 -41.47 -11.06
CA ALA J 40 49.52 -42.70 -10.94
C ALA J 40 50.77 -42.47 -10.09
N PRO J 41 51.38 -43.53 -9.55
CA PRO J 41 52.60 -43.34 -8.75
C PRO J 41 53.72 -42.73 -9.57
N GLY J 42 54.20 -41.57 -9.13
CA GLY J 42 55.32 -40.90 -9.75
C GLY J 42 54.99 -39.95 -10.88
N LYS J 43 53.76 -39.98 -11.39
CA LYS J 43 53.37 -39.14 -12.52
C LYS J 43 52.48 -37.99 -12.05
N GLN J 44 51.93 -37.25 -13.01
CA GLN J 44 51.11 -36.07 -12.81
C GLN J 44 49.62 -36.44 -12.81
N PRO J 45 48.83 -35.77 -11.99
CA PRO J 45 47.37 -36.05 -11.97
C PRO J 45 46.70 -35.53 -13.23
N GLU J 46 46.14 -36.44 -14.01
CA GLU J 46 45.48 -36.10 -15.27
C GLU J 46 43.97 -36.06 -15.09
N LEU J 47 43.32 -35.19 -15.87
CA LEU J 47 41.88 -35.06 -15.84
C LEU J 47 41.24 -36.30 -16.50
N ILE J 48 40.36 -36.97 -15.77
CA ILE J 48 39.74 -38.20 -16.22
C ILE J 48 38.27 -38.00 -16.55
N ALA J 49 37.58 -37.17 -15.79
CA ALA J 49 36.17 -36.91 -16.07
C ALA J 49 35.82 -35.48 -15.69
N THR J 50 34.95 -34.85 -16.48
CA THR J 50 34.46 -33.51 -16.18
C THR J 50 32.94 -33.52 -16.15
N ILE J 51 32.38 -32.64 -15.33
CA ILE J 51 30.95 -32.37 -15.31
C ILE J 51 30.74 -30.86 -15.20
N SER J 52 29.89 -30.33 -16.07
CA SER J 52 29.68 -28.88 -16.10
C SER J 52 28.35 -28.58 -16.77
N GLY J 53 27.99 -27.30 -16.76
CA GLY J 53 26.69 -26.87 -17.24
C GLY J 53 25.63 -26.93 -16.17
N GLY J 54 24.46 -26.38 -16.51
CA GLY J 54 23.36 -26.29 -15.57
C GLY J 54 22.58 -27.59 -15.44
N GLY J 55 21.56 -27.54 -14.59
CA GLY J 55 20.69 -28.69 -14.40
C GLY J 55 21.43 -29.81 -13.69
N GLU J 56 21.21 -31.04 -14.16
CA GLU J 56 21.95 -32.17 -13.62
C GLU J 56 23.33 -32.29 -14.23
N GLY J 57 23.71 -31.39 -15.12
CA GLY J 57 25.07 -31.34 -15.64
C GLY J 57 25.36 -32.32 -16.75
N THR J 58 26.28 -31.93 -17.63
CA THR J 58 26.74 -32.76 -18.73
C THR J 58 28.15 -33.24 -18.43
N GLY J 59 28.39 -34.52 -18.65
CA GLY J 59 29.66 -35.15 -18.34
C GLY J 59 30.45 -35.48 -19.59
N ASN J 60 31.77 -35.32 -19.50
CA ASN J 60 32.70 -35.74 -20.54
C ASN J 60 33.78 -36.61 -19.91
N TYR J 61 34.38 -37.47 -20.74
CA TYR J 61 35.30 -38.48 -20.23
C TYR J 61 36.53 -38.57 -21.11
N ALA J 62 37.68 -38.83 -20.48
CA ALA J 62 38.90 -39.07 -21.22
C ALA J 62 38.84 -40.44 -21.91
N ASP J 63 39.67 -40.59 -22.94
CA ASP J 63 39.69 -41.84 -23.72
C ASP J 63 39.84 -43.09 -22.89
N PRO J 64 40.78 -43.20 -21.93
CA PRO J 64 40.95 -44.47 -21.22
C PRO J 64 39.77 -44.90 -20.36
N VAL J 65 38.68 -44.12 -20.28
CA VAL J 65 37.61 -44.47 -19.36
C VAL J 65 36.23 -44.31 -20.02
N LYS J 66 36.21 -43.85 -21.27
CA LYS J 66 34.94 -43.64 -21.96
C LYS J 66 34.19 -44.96 -22.13
N GLY J 67 33.01 -45.04 -21.53
CA GLY J 67 32.19 -46.23 -21.61
C GLY J 67 32.22 -47.09 -20.37
N ARG J 68 33.14 -46.84 -19.44
CA ARG J 68 33.21 -47.56 -18.18
C ARG J 68 32.95 -46.69 -16.97
N PHE J 69 33.27 -45.40 -17.05
CA PHE J 69 33.06 -44.47 -15.96
C PHE J 69 31.90 -43.55 -16.29
N THR J 70 31.16 -43.13 -15.26
CA THR J 70 30.12 -42.12 -15.40
C THR J 70 30.23 -41.12 -14.26
N ILE J 71 30.14 -39.84 -14.59
CA ILE J 71 30.25 -38.77 -13.60
C ILE J 71 28.86 -38.17 -13.39
N SER J 72 28.59 -37.74 -12.16
CA SER J 72 27.32 -37.11 -11.83
C SER J 72 27.53 -36.18 -10.64
N ARG J 73 26.47 -35.47 -10.28
CA ARG J 73 26.56 -34.54 -9.16
C ARG J 73 25.22 -34.46 -8.45
N ASN J 74 25.26 -33.87 -7.25
CA ASN J 74 24.10 -33.57 -6.44
C ASN J 74 24.24 -32.12 -6.04
N ASN J 75 23.43 -31.24 -6.64
CA ASN J 75 23.58 -29.81 -6.43
C ASN J 75 23.22 -29.42 -5.01
N ALA J 76 22.21 -30.08 -4.42
CA ALA J 76 21.78 -29.73 -3.08
C ALA J 76 22.85 -30.05 -2.04
N ASP J 77 23.44 -31.24 -2.13
CA ASP J 77 24.48 -31.66 -1.20
C ASP J 77 25.88 -31.25 -1.66
N ASN J 78 25.99 -30.53 -2.77
CA ASN J 78 27.27 -30.13 -3.35
C ASN J 78 28.24 -31.32 -3.43
N MET J 79 27.78 -32.39 -4.08
CA MET J 79 28.54 -33.62 -4.14
C MET J 79 28.81 -34.00 -5.57
N VAL J 80 29.96 -34.62 -5.82
CA VAL J 80 30.32 -35.14 -7.13
C VAL J 80 30.58 -36.63 -6.99
N PHE J 81 30.05 -37.42 -7.93
CA PHE J 81 30.18 -38.87 -7.88
C PHE J 81 30.80 -39.39 -9.17
N LEU J 82 31.61 -40.45 -9.02
CA LEU J 82 32.23 -41.13 -10.15
C LEU J 82 31.95 -42.63 -10.02
N GLN J 83 31.07 -43.15 -10.87
CA GLN J 83 30.81 -44.58 -10.94
C GLN J 83 31.83 -45.21 -11.88
N MET J 84 32.63 -46.16 -11.36
CA MET J 84 33.66 -46.82 -12.14
C MET J 84 33.29 -48.29 -12.26
N ASN J 85 32.91 -48.70 -13.47
CA ASN J 85 32.62 -50.10 -13.78
C ASN J 85 33.73 -50.64 -14.67
N ASN J 86 33.79 -51.97 -14.77
CA ASN J 86 34.72 -52.65 -15.68
C ASN J 86 36.15 -52.20 -15.38
N LEU J 87 36.62 -52.54 -14.19
CA LEU J 87 37.86 -51.99 -13.64
C LEU J 87 39.06 -52.86 -14.05
N LYS J 88 40.11 -52.20 -14.55
CA LYS J 88 41.38 -52.81 -14.92
C LYS J 88 42.46 -52.44 -13.92
N PRO J 89 43.48 -53.29 -13.75
CA PRO J 89 44.66 -52.89 -12.98
C PRO J 89 45.26 -51.57 -13.41
N GLU J 90 45.10 -51.19 -14.68
CA GLU J 90 45.57 -49.91 -15.17
C GLU J 90 44.84 -48.72 -14.55
N ASP J 91 43.74 -48.97 -13.82
CA ASP J 91 42.99 -47.90 -13.19
C ASP J 91 43.50 -47.55 -11.80
N THR J 92 44.43 -48.33 -11.25
CA THR J 92 44.96 -48.09 -9.92
C THR J 92 45.67 -46.73 -9.87
N ALA J 93 45.28 -45.91 -8.91
CA ALA J 93 45.83 -44.56 -8.76
C ALA J 93 45.21 -43.90 -7.54
N VAL J 94 45.74 -42.74 -7.18
CA VAL J 94 45.07 -41.90 -6.20
C VAL J 94 44.17 -40.94 -6.98
N TYR J 95 42.88 -40.93 -6.64
CA TYR J 95 41.90 -40.13 -7.35
C TYR J 95 41.56 -38.89 -6.54
N TYR J 96 41.60 -37.75 -7.20
CA TYR J 96 41.21 -36.48 -6.58
C TYR J 96 40.00 -35.92 -7.31
N CYS J 97 39.30 -35.02 -6.63
CA CYS J 97 38.21 -34.27 -7.23
C CYS J 97 38.46 -32.79 -6.99
N ASN J 98 38.43 -32.00 -8.06
CA ASN J 98 38.78 -30.58 -7.96
C ASN J 98 37.95 -29.82 -8.98
N VAL J 99 38.19 -28.51 -9.07
CA VAL J 99 37.62 -27.72 -10.14
C VAL J 99 38.47 -27.92 -11.39
N TYR J 100 37.95 -27.50 -12.54
CA TYR J 100 38.72 -27.44 -13.77
C TYR J 100 38.29 -26.19 -14.52
N GLY J 101 38.97 -25.93 -15.64
CA GLY J 101 38.67 -24.74 -16.42
C GLY J 101 39.02 -23.43 -15.76
N THR J 102 39.71 -23.47 -14.63
CA THR J 102 40.12 -22.26 -13.90
C THR J 102 41.21 -22.68 -12.92
N ASN J 103 41.65 -21.72 -12.10
CA ASN J 103 42.69 -21.99 -11.13
C ASN J 103 42.26 -23.09 -10.17
N LEU J 104 43.10 -24.11 -10.02
CA LEU J 104 42.73 -25.26 -9.21
C LEU J 104 42.76 -24.93 -7.73
N ALA J 105 41.75 -25.43 -7.01
CA ALA J 105 41.77 -25.36 -5.56
C ALA J 105 42.88 -26.25 -5.00
N PRO J 106 43.33 -25.98 -3.77
CA PRO J 106 44.29 -26.89 -3.14
C PRO J 106 43.73 -28.32 -3.09
N TRP J 107 44.56 -29.27 -3.49
CA TRP J 107 44.12 -30.65 -3.60
C TRP J 107 43.64 -31.18 -2.26
N GLY J 108 42.60 -32.00 -2.29
CA GLY J 108 42.17 -32.74 -1.13
C GLY J 108 43.07 -33.92 -0.86
N GLN J 109 42.68 -34.71 0.14
CA GLN J 109 43.47 -35.88 0.51
C GLN J 109 43.44 -36.97 -0.54
N GLY J 110 42.44 -36.95 -1.42
CA GLY J 110 42.30 -37.98 -2.44
C GLY J 110 41.82 -39.30 -1.83
N THR J 111 41.62 -40.27 -2.71
CA THR J 111 41.27 -41.62 -2.30
C THR J 111 42.03 -42.63 -3.13
N GLN J 112 42.61 -43.63 -2.47
CA GLN J 112 43.41 -44.65 -3.14
C GLN J 112 42.49 -45.67 -3.79
N VAL J 113 42.81 -46.05 -5.03
CA VAL J 113 42.09 -47.07 -5.75
C VAL J 113 43.12 -48.10 -6.21
N THR J 114 43.10 -49.28 -5.59
CA THR J 114 44.03 -50.37 -5.90
C THR J 114 43.25 -51.49 -6.58
N VAL J 115 43.63 -51.81 -7.81
CA VAL J 115 42.95 -52.83 -8.60
C VAL J 115 43.96 -53.92 -8.93
N SER J 116 43.69 -55.13 -8.48
CA SER J 116 44.54 -56.27 -8.77
C SER J 116 43.79 -57.55 -8.43
N SER J 117 44.04 -58.59 -9.21
CA SER J 117 43.45 -59.90 -8.96
C SER J 117 44.30 -60.68 -7.98
N ALA K 1 -12.34 -46.34 25.21
CA ALA K 1 -13.38 -45.43 25.69
C ALA K 1 -13.06 -44.95 27.09
N THR K 2 -12.19 -43.93 27.18
CA THR K 2 -11.75 -43.43 28.47
C THR K 2 -12.81 -42.52 29.09
N LYS K 3 -12.87 -42.57 30.42
CA LYS K 3 -13.79 -41.73 31.19
C LYS K 3 -13.04 -41.14 32.36
N ALA K 4 -13.29 -39.86 32.62
CA ALA K 4 -12.66 -39.14 33.71
C ALA K 4 -13.71 -38.34 34.46
N VAL K 5 -13.35 -37.87 35.65
CA VAL K 5 -14.24 -37.14 36.52
C VAL K 5 -13.43 -36.18 37.37
N CYS K 6 -14.04 -35.07 37.75
CA CYS K 6 -13.37 -34.06 38.56
C CYS K 6 -14.39 -33.43 39.51
N VAL K 7 -14.00 -33.31 40.77
CA VAL K 7 -14.83 -32.72 41.81
C VAL K 7 -14.25 -31.35 42.12
N LEU K 8 -14.97 -30.29 41.75
CA LEU K 8 -14.53 -28.93 41.97
C LEU K 8 -14.95 -28.48 43.37
N LYS K 9 -13.97 -28.07 44.17
CA LYS K 9 -14.21 -27.52 45.50
C LYS K 9 -13.26 -26.34 45.69
N GLY K 10 -13.60 -25.49 46.65
CA GLY K 10 -12.77 -24.36 47.00
C GLY K 10 -13.07 -23.88 48.40
N ASP K 11 -12.68 -22.63 48.67
CA ASP K 11 -12.93 -22.05 49.98
C ASP K 11 -14.34 -21.51 50.13
N GLY K 12 -14.92 -20.97 49.05
CA GLY K 12 -16.24 -20.40 49.09
C GLY K 12 -17.31 -21.42 48.82
N PRO K 13 -18.46 -20.97 48.32
CA PRO K 13 -19.60 -21.88 48.07
C PRO K 13 -19.58 -22.58 46.72
N VAL K 14 -18.63 -22.30 45.85
CA VAL K 14 -18.63 -22.85 44.50
C VAL K 14 -18.16 -24.30 44.54
N GLN K 15 -18.98 -25.21 44.03
CA GLN K 15 -18.61 -26.61 44.01
C GLN K 15 -19.37 -27.32 42.90
N GLY K 16 -18.81 -28.42 42.42
CA GLY K 16 -19.49 -29.12 41.35
C GLY K 16 -18.80 -30.41 40.96
N ILE K 17 -19.37 -31.06 39.95
CA ILE K 17 -18.85 -32.33 39.44
C ILE K 17 -18.88 -32.28 37.91
N ILE K 18 -17.75 -32.60 37.29
CA ILE K 18 -17.60 -32.51 35.84
C ILE K 18 -17.06 -33.84 35.32
N ASN K 19 -17.68 -34.38 34.28
CA ASN K 19 -17.31 -35.66 33.71
C ASN K 19 -16.77 -35.47 32.29
N PHE K 20 -15.80 -36.32 31.94
CA PHE K 20 -15.18 -36.34 30.62
C PHE K 20 -15.34 -37.74 30.03
N GLU K 21 -15.64 -37.80 28.74
CA GLU K 21 -15.80 -39.07 28.02
C GLU K 21 -15.16 -38.97 26.66
N GLN K 22 -14.30 -39.94 26.34
CA GLN K 22 -13.63 -40.01 25.04
C GLN K 22 -13.86 -41.41 24.47
N LYS K 23 -14.67 -41.49 23.41
CA LYS K 23 -15.05 -42.78 22.85
C LYS K 23 -13.95 -43.37 21.98
N GLU K 24 -13.25 -42.53 21.22
CA GLU K 24 -12.19 -42.99 20.32
C GLU K 24 -10.89 -42.26 20.66
N SER K 25 -9.77 -42.96 20.42
CA SER K 25 -8.46 -42.39 20.69
C SER K 25 -8.25 -41.13 19.86
N ASN K 26 -7.76 -40.07 20.51
CA ASN K 26 -7.60 -38.75 19.90
C ASN K 26 -8.91 -38.19 19.36
N GLY K 27 -10.04 -38.73 19.81
CA GLY K 27 -11.33 -38.25 19.37
C GLY K 27 -11.79 -37.05 20.17
N PRO K 28 -12.97 -36.54 19.86
CA PRO K 28 -13.54 -35.46 20.67
C PRO K 28 -13.87 -35.93 22.08
N VAL K 29 -13.63 -35.05 23.04
CA VAL K 29 -13.93 -35.32 24.44
C VAL K 29 -15.19 -34.56 24.82
N LYS K 30 -16.15 -35.28 25.39
CA LYS K 30 -17.36 -34.68 25.93
C LYS K 30 -17.15 -34.32 27.38
N VAL K 31 -17.53 -33.09 27.75
CA VAL K 31 -17.33 -32.55 29.09
C VAL K 31 -18.69 -32.06 29.58
N TRP K 32 -19.27 -32.74 30.56
CA TRP K 32 -20.60 -32.38 31.00
C TRP K 32 -20.72 -32.50 32.51
N GLY K 33 -21.59 -31.69 33.08
CA GLY K 33 -21.77 -31.77 34.52
C GLY K 33 -22.43 -30.51 35.06
N SER K 34 -22.15 -30.24 36.34
CA SER K 34 -22.86 -29.14 36.98
C SER K 34 -21.97 -28.47 38.02
N ILE K 35 -22.01 -27.15 38.04
CA ILE K 35 -21.34 -26.33 39.05
C ILE K 35 -22.39 -25.46 39.73
N LYS K 36 -22.25 -25.25 41.04
CA LYS K 36 -23.22 -24.46 41.78
C LYS K 36 -22.47 -23.50 42.70
N GLY K 37 -23.21 -22.49 43.17
CA GLY K 37 -22.66 -21.45 44.01
C GLY K 37 -22.00 -20.31 43.27
N LEU K 38 -22.18 -20.22 41.96
CA LEU K 38 -21.56 -19.16 41.16
C LEU K 38 -22.46 -17.94 41.09
N THR K 39 -21.85 -16.79 40.84
CA THR K 39 -22.63 -15.61 40.45
C THR K 39 -23.20 -15.84 39.06
N GLU K 40 -24.43 -15.39 38.84
CA GLU K 40 -25.06 -15.57 37.56
C GLU K 40 -24.18 -15.01 36.45
N GLY K 41 -24.11 -15.73 35.33
CA GLY K 41 -23.33 -15.25 34.21
C GLY K 41 -22.12 -16.09 33.82
N LEU K 42 -21.22 -15.51 33.03
CA LEU K 42 -20.10 -16.26 32.46
C LEU K 42 -18.96 -16.42 33.47
N HIS K 43 -18.32 -17.58 33.43
CA HIS K 43 -17.19 -17.87 34.31
C HIS K 43 -16.14 -18.66 33.55
N GLY K 44 -14.90 -18.22 33.64
CA GLY K 44 -13.81 -18.94 32.99
C GLY K 44 -13.72 -20.37 33.47
N PHE K 45 -13.33 -21.25 32.55
CA PHE K 45 -13.36 -22.69 32.75
C PHE K 45 -12.13 -23.26 32.04
N HIS K 46 -11.11 -23.68 32.80
CA HIS K 46 -9.84 -24.03 32.18
C HIS K 46 -9.22 -25.27 32.83
N VAL K 47 -8.45 -26.00 32.03
CA VAL K 47 -7.56 -27.03 32.55
C VAL K 47 -6.19 -26.40 32.77
N HIS K 48 -5.76 -26.34 34.03
CA HIS K 48 -4.44 -25.91 34.44
C HIS K 48 -3.49 -27.10 34.56
N GLU K 49 -2.20 -26.79 34.50
CA GLU K 49 -1.17 -27.76 34.18
C GLU K 49 -1.03 -28.85 35.24
N PHE K 50 -1.02 -28.48 36.51
CA PHE K 50 -0.61 -29.39 37.58
C PHE K 50 -1.79 -29.83 38.42
N GLY K 51 -1.81 -31.12 38.78
CA GLY K 51 -2.76 -31.63 39.74
C GLY K 51 -2.25 -31.49 41.15
N ASP K 52 -1.69 -30.34 41.46
CA ASP K 52 -1.10 -30.05 42.76
C ASP K 52 -2.06 -29.17 43.55
N ASN K 53 -2.65 -29.74 44.61
CA ASN K 53 -3.59 -29.03 45.46
C ASN K 53 -2.97 -28.59 46.79
N THR K 54 -1.65 -28.64 46.91
CA THR K 54 -1.00 -28.40 48.19
C THR K 54 -1.21 -26.97 48.67
N ALA K 55 -1.38 -26.01 47.76
CA ALA K 55 -1.68 -24.63 48.11
C ALA K 55 -3.02 -24.21 47.54
N GLY K 56 -4.02 -25.07 47.67
CA GLY K 56 -5.32 -24.80 47.08
C GLY K 56 -5.25 -24.85 45.57
N CYS K 57 -6.00 -23.94 44.93
CA CYS K 57 -5.96 -23.82 43.48
C CYS K 57 -4.74 -23.07 42.98
N THR K 58 -3.96 -22.45 43.88
CA THR K 58 -2.79 -21.70 43.46
C THR K 58 -1.73 -22.62 42.85
N SER K 59 -1.47 -23.76 43.49
CA SER K 59 -0.42 -24.67 43.05
C SER K 59 -0.75 -25.37 41.74
N ALA K 60 -1.97 -25.21 41.22
CA ALA K 60 -2.33 -25.84 39.96
C ALA K 60 -1.51 -25.32 38.79
N GLY K 61 -0.86 -24.16 38.96
CA GLY K 61 -0.04 -23.60 37.91
C GLY K 61 -0.87 -22.87 36.87
N PRO K 62 -0.29 -22.62 35.71
CA PRO K 62 -0.98 -21.88 34.65
C PRO K 62 -1.86 -22.81 33.83
N HIS K 63 -2.52 -22.23 32.83
CA HIS K 63 -3.32 -23.02 31.90
C HIS K 63 -2.46 -24.06 31.20
N PHE K 64 -2.99 -25.26 31.06
CA PHE K 64 -2.29 -26.35 30.39
C PHE K 64 -1.94 -25.94 28.95
N ASN K 65 -0.65 -25.67 28.70
CA ASN K 65 -0.19 -25.08 27.44
C ASN K 65 1.06 -25.81 26.95
N PRO K 66 0.91 -27.08 26.53
CA PRO K 66 2.09 -27.85 26.11
C PRO K 66 2.67 -27.42 24.78
N LEU K 67 1.93 -26.67 23.98
CA LEU K 67 2.40 -26.19 22.68
C LEU K 67 2.98 -24.78 22.74
N SER K 68 3.02 -24.17 23.93
CA SER K 68 3.60 -22.84 24.13
C SER K 68 2.91 -21.79 23.28
N ARG K 69 1.58 -21.87 23.20
CA ARG K 69 0.78 -20.94 22.43
C ARG K 69 0.19 -19.86 23.34
N LYS K 70 -0.50 -18.90 22.75
CA LYS K 70 -1.17 -17.84 23.49
C LYS K 70 -2.59 -18.25 23.85
N HIS K 71 -3.15 -17.55 24.83
CA HIS K 71 -4.48 -17.88 25.33
C HIS K 71 -5.55 -17.47 24.32
N GLY K 72 -6.57 -18.30 24.19
CA GLY K 72 -7.68 -18.01 23.31
C GLY K 72 -8.92 -18.70 23.81
N GLY K 73 -9.92 -18.75 22.93
CA GLY K 73 -11.13 -19.49 23.21
C GLY K 73 -11.04 -20.90 22.66
N PRO K 74 -11.99 -21.75 23.05
CA PRO K 74 -11.96 -23.14 22.57
C PRO K 74 -12.04 -23.26 21.05
N LYS K 75 -12.72 -22.33 20.38
CA LYS K 75 -12.86 -22.39 18.93
C LYS K 75 -11.70 -21.75 18.19
N ASP K 76 -10.83 -21.01 18.87
CA ASP K 76 -9.70 -20.38 18.21
C ASP K 76 -8.59 -21.39 17.99
N GLU K 77 -7.87 -21.20 16.88
CA GLU K 77 -6.72 -22.07 16.62
C GLU K 77 -5.54 -21.72 17.52
N GLU K 78 -5.34 -20.43 17.78
CA GLU K 78 -4.34 -20.00 18.76
C GLU K 78 -5.00 -20.07 20.13
N ARG K 79 -4.74 -21.15 20.85
CA ARG K 79 -5.31 -21.34 22.18
C ARG K 79 -4.41 -22.26 22.97
N HIS K 80 -4.55 -22.18 24.30
CA HIS K 80 -3.97 -23.20 25.16
C HIS K 80 -4.82 -24.46 25.08
N VAL K 81 -4.18 -25.60 25.28
CA VAL K 81 -4.92 -26.86 25.27
C VAL K 81 -6.01 -26.85 26.34
N GLY K 82 -5.73 -26.24 27.48
CA GLY K 82 -6.68 -26.17 28.56
C GLY K 82 -7.74 -25.10 28.47
N ASP K 83 -7.76 -24.32 27.38
CA ASP K 83 -8.72 -23.23 27.24
C ASP K 83 -10.07 -23.80 26.81
N LEU K 84 -11.00 -23.90 27.75
CA LEU K 84 -12.33 -24.42 27.48
C LEU K 84 -13.38 -23.31 27.49
N GLY K 85 -12.97 -22.05 27.53
CA GLY K 85 -13.89 -20.94 27.43
C GLY K 85 -14.64 -20.63 28.70
N ASN K 86 -15.93 -20.32 28.56
CA ASN K 86 -16.77 -19.91 29.69
C ASN K 86 -17.92 -20.88 29.88
N VAL K 87 -18.30 -21.06 31.13
CA VAL K 87 -19.54 -21.74 31.49
C VAL K 87 -20.52 -20.70 31.99
N THR K 88 -21.81 -20.98 31.85
CA THR K 88 -22.87 -20.00 32.13
C THR K 88 -23.68 -20.44 33.34
N ALA K 89 -23.67 -19.60 34.39
CA ALA K 89 -24.48 -19.82 35.57
C ALA K 89 -25.84 -19.13 35.42
N ASP K 90 -26.90 -19.81 35.89
CA ASP K 90 -28.24 -19.28 35.82
C ASP K 90 -28.52 -18.39 37.04
N LYS K 91 -29.76 -17.92 37.17
CA LYS K 91 -30.13 -17.05 38.28
C LYS K 91 -29.86 -17.72 39.62
N ASP K 92 -30.04 -19.04 39.70
CA ASP K 92 -29.82 -19.79 40.94
C ASP K 92 -28.35 -20.14 41.15
N GLY K 93 -27.46 -19.64 40.29
CA GLY K 93 -26.04 -19.91 40.45
C GLY K 93 -25.61 -21.29 40.02
N VAL K 94 -26.38 -21.94 39.16
CA VAL K 94 -26.06 -23.28 38.69
C VAL K 94 -25.70 -23.19 37.21
N ALA K 95 -24.52 -23.69 36.87
CA ALA K 95 -24.05 -23.77 35.49
C ALA K 95 -24.12 -25.22 35.06
N ASP K 96 -24.96 -25.50 34.07
CA ASP K 96 -25.04 -26.81 33.43
C ASP K 96 -23.99 -26.84 32.33
N VAL K 97 -22.90 -27.55 32.57
CA VAL K 97 -21.80 -27.62 31.62
C VAL K 97 -22.09 -28.70 30.60
N SER K 98 -22.00 -28.34 29.32
CA SER K 98 -22.10 -29.31 28.22
C SER K 98 -21.23 -28.80 27.09
N ILE K 99 -20.08 -29.44 26.89
CA ILE K 99 -19.03 -28.99 25.99
C ILE K 99 -18.50 -30.19 25.23
N GLU K 100 -18.10 -29.96 23.98
CA GLU K 100 -17.35 -30.94 23.21
C GLU K 100 -16.08 -30.28 22.70
N ASP K 101 -14.94 -30.91 22.95
CA ASP K 101 -13.66 -30.31 22.58
C ASP K 101 -12.75 -31.35 21.97
N SER K 102 -12.16 -31.01 20.83
CA SER K 102 -11.26 -31.91 20.10
C SER K 102 -9.80 -31.62 20.38
N VAL K 103 -9.49 -30.66 21.24
CA VAL K 103 -8.10 -30.35 21.56
C VAL K 103 -7.64 -31.08 22.82
N ILE K 104 -8.49 -31.14 23.85
CA ILE K 104 -8.19 -32.01 24.98
C ILE K 104 -8.41 -33.46 24.56
N SER K 105 -7.90 -34.36 25.40
CA SER K 105 -7.99 -35.81 25.22
C SER K 105 -7.67 -36.44 26.56
N LEU K 106 -8.01 -37.72 26.70
CA LEU K 106 -7.74 -38.47 27.91
C LEU K 106 -6.51 -39.37 27.75
N SER K 107 -5.62 -39.06 26.81
CA SER K 107 -4.41 -39.83 26.56
C SER K 107 -3.53 -39.03 25.60
N GLY K 108 -2.27 -39.40 25.54
CA GLY K 108 -1.34 -38.76 24.63
C GLY K 108 -0.67 -37.54 25.21
N ASP K 109 -0.15 -36.71 24.30
CA ASP K 109 0.61 -35.53 24.72
C ASP K 109 -0.29 -34.47 25.35
N HIS K 110 -1.55 -34.40 24.95
CA HIS K 110 -2.47 -33.42 25.48
C HIS K 110 -3.24 -33.92 26.69
N CYS K 111 -2.90 -35.10 27.22
CA CYS K 111 -3.69 -35.75 28.25
C CYS K 111 -3.89 -34.84 29.46
N ILE K 112 -5.14 -34.76 29.94
CA ILE K 112 -5.47 -33.90 31.07
C ILE K 112 -5.69 -34.69 32.36
N ILE K 113 -5.59 -36.01 32.31
CA ILE K 113 -5.70 -36.80 33.54
C ILE K 113 -4.54 -36.46 34.46
N GLY K 114 -4.87 -36.15 35.72
CA GLY K 114 -3.86 -35.71 36.66
C GLY K 114 -3.57 -34.23 36.68
N ARG K 115 -4.23 -33.44 35.83
CA ARG K 115 -4.14 -31.99 35.85
C ARG K 115 -5.41 -31.44 36.49
N THR K 116 -5.50 -30.11 36.60
CA THR K 116 -6.50 -29.51 37.47
C THR K 116 -7.55 -28.76 36.65
N LEU K 117 -8.82 -29.10 36.86
CA LEU K 117 -9.91 -28.32 36.31
C LEU K 117 -10.23 -27.16 37.25
N VAL K 118 -10.39 -25.96 36.70
CA VAL K 118 -10.56 -24.74 37.48
C VAL K 118 -11.69 -23.91 36.91
N VAL K 119 -12.60 -23.46 37.78
CA VAL K 119 -13.62 -22.48 37.45
C VAL K 119 -13.29 -21.20 38.18
N HIS K 120 -13.41 -20.07 37.45
CA HIS K 120 -12.86 -18.76 37.79
C HIS K 120 -13.97 -17.80 38.23
N GLU K 121 -13.54 -16.59 38.61
CA GLU K 121 -14.41 -15.58 39.19
C GLU K 121 -15.13 -14.74 38.15
N LYS K 122 -14.44 -14.37 37.08
CA LYS K 122 -14.94 -13.50 36.02
C LYS K 122 -15.06 -14.27 34.72
N ALA K 123 -15.43 -13.56 33.66
CA ALA K 123 -15.50 -14.17 32.34
C ALA K 123 -14.13 -14.21 31.69
N ASP K 124 -13.90 -15.26 30.92
CA ASP K 124 -12.74 -15.34 30.02
C ASP K 124 -13.02 -14.51 28.77
N ASP K 125 -12.17 -13.51 28.51
CA ASP K 125 -12.36 -12.68 27.32
C ASP K 125 -11.84 -13.34 26.04
N LEU K 126 -11.44 -14.61 26.12
CA LEU K 126 -11.04 -15.44 24.99
C LEU K 126 -9.77 -14.92 24.30
N GLY K 127 -9.01 -14.09 24.99
CA GLY K 127 -7.79 -13.55 24.42
C GLY K 127 -7.96 -12.33 23.56
N LYS K 128 -9.12 -11.67 23.61
CA LYS K 128 -9.41 -10.48 22.82
C LYS K 128 -9.45 -9.21 23.66
N GLY K 129 -8.95 -9.25 24.90
CA GLY K 129 -9.04 -8.11 25.79
C GLY K 129 -8.12 -6.97 25.42
N GLY K 130 -7.12 -7.20 24.58
CA GLY K 130 -6.24 -6.13 24.16
C GLY K 130 -5.24 -5.70 25.21
N ASN K 131 -4.86 -6.59 26.12
CA ASN K 131 -3.83 -6.30 27.10
C ASN K 131 -3.01 -7.57 27.32
N GLU K 132 -1.89 -7.42 28.05
CA GLU K 132 -0.97 -8.53 28.24
C GLU K 132 -1.68 -9.74 28.85
N GLU K 133 -2.42 -9.53 29.94
CA GLU K 133 -3.01 -10.65 30.66
C GLU K 133 -4.01 -11.43 29.80
N SER K 134 -4.68 -10.73 28.87
CA SER K 134 -5.66 -11.38 28.01
C SER K 134 -5.04 -12.50 27.19
N THR K 135 -3.80 -12.32 26.75
CA THR K 135 -3.09 -13.36 26.01
C THR K 135 -2.53 -14.46 26.90
N LYS K 136 -2.64 -14.34 28.23
CA LYS K 136 -2.17 -15.37 29.15
C LYS K 136 -3.33 -16.10 29.83
N THR K 137 -4.19 -15.39 30.55
CA THR K 137 -5.28 -16.00 31.28
C THR K 137 -6.67 -15.59 30.80
N GLY K 138 -6.77 -14.61 29.91
CA GLY K 138 -8.08 -14.13 29.51
C GLY K 138 -8.75 -13.20 30.50
N ASN K 139 -8.06 -12.79 31.56
CA ASN K 139 -8.61 -11.87 32.56
C ASN K 139 -9.87 -12.43 33.21
N ALA K 140 -9.81 -13.70 33.60
CA ALA K 140 -10.94 -14.35 34.24
C ALA K 140 -10.89 -14.26 35.76
N GLY K 141 -9.95 -13.51 36.31
CA GLY K 141 -9.93 -13.30 37.74
C GLY K 141 -9.44 -14.53 38.50
N SER K 142 -9.75 -14.53 39.80
CA SER K 142 -9.25 -15.54 40.71
C SER K 142 -9.86 -16.91 40.41
N ARG K 143 -9.29 -17.93 41.06
CA ARG K 143 -9.77 -19.29 40.94
C ARG K 143 -10.81 -19.53 42.03
N LEU K 144 -12.04 -19.81 41.63
CA LEU K 144 -13.11 -20.02 42.61
C LEU K 144 -13.10 -21.45 43.12
N ALA K 145 -12.94 -22.41 42.21
CA ALA K 145 -12.86 -23.80 42.65
C ALA K 145 -12.04 -24.59 41.64
N CYS K 146 -11.53 -25.72 42.09
CA CYS K 146 -10.64 -26.55 41.30
C CYS K 146 -10.69 -27.98 41.81
N GLY K 147 -10.18 -28.89 40.99
CA GLY K 147 -10.09 -30.28 41.36
C GLY K 147 -9.20 -31.05 40.40
N VAL K 148 -8.54 -32.08 40.93
CA VAL K 148 -7.73 -32.94 40.07
C VAL K 148 -8.64 -33.83 39.23
N ILE K 149 -8.29 -33.97 37.95
CA ILE K 149 -9.03 -34.83 37.03
C ILE K 149 -8.55 -36.27 37.21
N GLY K 150 -9.47 -37.18 37.51
CA GLY K 150 -9.10 -38.55 37.75
C GLY K 150 -9.80 -39.54 36.85
N ILE K 151 -9.26 -40.76 36.76
CA ILE K 151 -9.86 -41.81 35.96
C ILE K 151 -11.17 -42.25 36.59
N ALA K 152 -12.21 -42.38 35.77
CA ALA K 152 -13.53 -42.80 36.24
C ALA K 152 -13.91 -44.13 35.62
N GLN K 153 -14.84 -44.83 36.28
CA GLN K 153 -15.39 -46.08 35.76
C GLN K 153 -16.14 -45.85 34.46
N ALA L 1 -18.44 47.71 -31.29
CA ALA L 1 -18.53 48.42 -30.02
C ALA L 1 -19.98 48.73 -29.67
N THR L 2 -20.84 47.74 -29.81
CA THR L 2 -22.26 47.92 -29.53
C THR L 2 -22.47 48.13 -28.04
N LYS L 3 -23.30 49.11 -27.71
CA LYS L 3 -23.66 49.42 -26.33
C LYS L 3 -25.17 49.42 -26.21
N ALA L 4 -25.67 48.97 -25.06
CA ALA L 4 -27.09 48.97 -24.78
C ALA L 4 -27.31 49.29 -23.31
N VAL L 5 -28.53 49.69 -22.97
CA VAL L 5 -28.84 50.13 -21.62
C VAL L 5 -30.30 49.82 -21.35
N CYS L 6 -30.60 49.58 -20.07
CA CYS L 6 -31.95 49.26 -19.65
C CYS L 6 -32.19 49.89 -18.29
N VAL L 7 -33.29 50.64 -18.17
CA VAL L 7 -33.69 51.25 -16.91
C VAL L 7 -34.81 50.39 -16.33
N LEU L 8 -34.52 49.74 -15.20
CA LEU L 8 -35.49 48.85 -14.56
C LEU L 8 -36.37 49.67 -13.62
N LYS L 9 -37.68 49.63 -13.88
CA LYS L 9 -38.70 50.30 -13.09
C LYS L 9 -39.80 49.30 -12.75
N GLY L 10 -40.48 49.55 -11.64
CA GLY L 10 -41.59 48.71 -11.23
C GLY L 10 -42.55 49.50 -10.36
N ASP L 11 -43.57 48.80 -9.86
CA ASP L 11 -44.54 49.44 -8.98
C ASP L 11 -43.95 49.72 -7.61
N GLY L 12 -43.16 48.79 -7.09
CA GLY L 12 -42.59 48.92 -5.77
C GLY L 12 -41.32 49.74 -5.75
N PRO L 13 -40.44 49.45 -4.78
CA PRO L 13 -39.19 50.22 -4.65
C PRO L 13 -38.01 49.73 -5.49
N VAL L 14 -38.14 48.58 -6.17
CA VAL L 14 -37.00 48.03 -6.90
C VAL L 14 -36.79 48.83 -8.17
N GLN L 15 -35.60 49.39 -8.32
CA GLN L 15 -35.28 50.13 -9.54
C GLN L 15 -33.79 50.11 -9.77
N GLY L 16 -33.38 50.21 -11.03
CA GLY L 16 -31.97 50.17 -11.31
C GLY L 16 -31.63 50.55 -12.73
N ILE L 17 -30.34 50.45 -13.04
CA ILE L 17 -29.81 50.71 -14.38
C ILE L 17 -28.80 49.62 -14.71
N ILE L 18 -28.94 49.02 -15.90
CA ILE L 18 -28.09 47.92 -16.33
C ILE L 18 -27.56 48.23 -17.72
N ASN L 19 -26.24 48.18 -17.89
CA ASN L 19 -25.57 48.43 -19.14
C ASN L 19 -25.07 47.13 -19.74
N PHE L 20 -25.07 47.09 -21.06
CA PHE L 20 -24.57 45.97 -21.86
C PHE L 20 -23.54 46.50 -22.84
N GLU L 21 -22.46 45.75 -23.01
CA GLU L 21 -21.39 46.15 -23.93
C GLU L 21 -20.91 44.91 -24.68
N GLN L 22 -20.93 44.97 -26.01
CA GLN L 22 -20.38 43.93 -26.86
C GLN L 22 -19.33 44.59 -27.75
N LYS L 23 -18.06 44.33 -27.43
CA LYS L 23 -16.94 44.99 -28.09
C LYS L 23 -16.69 44.40 -29.47
N GLU L 24 -16.75 43.07 -29.59
CA GLU L 24 -16.61 42.37 -30.84
C GLU L 24 -17.97 41.83 -31.28
N SER L 25 -18.18 41.77 -32.60
CA SER L 25 -19.48 41.37 -33.13
C SER L 25 -19.87 39.97 -32.69
N ASN L 26 -18.89 39.10 -32.43
CA ASN L 26 -19.17 37.73 -32.02
C ASN L 26 -18.45 37.39 -30.72
N GLY L 27 -18.22 38.39 -29.87
CA GLY L 27 -17.58 38.18 -28.59
C GLY L 27 -18.58 38.22 -27.44
N PRO L 28 -18.07 38.12 -26.21
CA PRO L 28 -18.96 38.11 -25.05
C PRO L 28 -19.55 39.48 -24.76
N VAL L 29 -20.66 39.47 -24.03
CA VAL L 29 -21.36 40.68 -23.62
C VAL L 29 -21.11 40.90 -22.13
N LYS L 30 -20.62 42.10 -21.80
CA LYS L 30 -20.54 42.55 -20.42
C LYS L 30 -21.88 43.15 -19.99
N VAL L 31 -22.30 42.82 -18.78
CA VAL L 31 -23.56 43.27 -18.19
C VAL L 31 -23.21 43.83 -16.83
N TRP L 32 -23.33 45.14 -16.65
CA TRP L 32 -22.95 45.72 -15.36
C TRP L 32 -23.88 46.86 -15.00
N GLY L 33 -24.10 47.02 -13.70
CA GLY L 33 -24.97 48.09 -13.24
C GLY L 33 -25.37 47.88 -11.80
N SER L 34 -26.50 48.49 -11.43
CA SER L 34 -26.93 48.42 -10.04
C SER L 34 -28.44 48.45 -9.95
N ILE L 35 -28.97 47.64 -9.03
CA ILE L 35 -30.39 47.59 -8.72
C ILE L 35 -30.56 47.79 -7.21
N LYS L 36 -31.36 48.76 -6.81
CA LYS L 36 -31.64 49.00 -5.41
C LYS L 36 -33.10 48.72 -5.09
N GLY L 37 -33.38 48.63 -3.78
CA GLY L 37 -34.71 48.34 -3.27
C GLY L 37 -35.02 46.87 -3.11
N LEU L 38 -34.05 45.99 -3.23
CA LEU L 38 -34.29 44.55 -3.21
C LEU L 38 -34.16 43.99 -1.79
N THR L 39 -34.82 42.86 -1.56
CA THR L 39 -34.55 42.12 -0.34
C THR L 39 -33.17 41.47 -0.43
N GLU L 40 -32.45 41.47 0.68
CA GLU L 40 -31.14 40.85 0.73
C GLU L 40 -31.20 39.44 0.17
N GLY L 41 -30.21 39.09 -0.66
CA GLY L 41 -30.16 37.73 -1.19
C GLY L 41 -30.16 37.61 -2.70
N LEU L 42 -30.44 36.41 -3.19
CA LEU L 42 -30.43 36.13 -4.62
C LEU L 42 -31.78 36.46 -5.24
N HIS L 43 -31.74 37.07 -6.43
CA HIS L 43 -32.95 37.39 -7.16
C HIS L 43 -32.78 36.95 -8.61
N GLY L 44 -33.82 36.33 -9.16
CA GLY L 44 -33.79 35.97 -10.56
C GLY L 44 -33.60 37.17 -11.45
N PHE L 45 -32.88 36.97 -12.55
CA PHE L 45 -32.43 38.05 -13.42
C PHE L 45 -32.45 37.50 -14.84
N HIS L 46 -33.47 37.86 -15.62
CA HIS L 46 -33.65 37.24 -16.92
C HIS L 46 -33.93 38.27 -18.00
N VAL L 47 -33.69 37.86 -19.24
CA VAL L 47 -34.12 38.59 -20.43
C VAL L 47 -35.36 37.87 -20.96
N HIS L 48 -36.51 38.52 -20.86
CA HIS L 48 -37.75 38.03 -21.41
C HIS L 48 -37.91 38.50 -22.85
N GLU L 49 -38.71 37.74 -23.60
CA GLU L 49 -38.64 37.72 -25.06
C GLU L 49 -39.25 38.98 -25.69
N PHE L 50 -40.24 39.61 -25.06
CA PHE L 50 -40.93 40.74 -25.65
C PHE L 50 -40.63 42.02 -24.89
N GLY L 51 -40.39 43.10 -25.64
CA GLY L 51 -40.24 44.42 -25.05
C GLY L 51 -41.58 45.13 -24.98
N ASP L 52 -42.57 44.43 -24.42
CA ASP L 52 -43.94 44.91 -24.31
C ASP L 52 -44.21 45.25 -22.85
N ASN L 53 -44.39 46.54 -22.57
CA ASN L 53 -44.62 47.05 -21.22
C ASN L 53 -46.07 47.52 -21.03
N THR L 54 -46.97 47.17 -21.97
CA THR L 54 -48.32 47.71 -21.93
C THR L 54 -49.07 47.28 -20.66
N ALA L 55 -48.88 46.04 -20.24
CA ALA L 55 -49.49 45.58 -19.00
C ALA L 55 -48.41 45.29 -17.97
N GLY L 56 -47.53 46.27 -17.73
CA GLY L 56 -46.43 46.08 -16.80
C GLY L 56 -45.42 45.07 -17.31
N CYS L 57 -44.78 44.37 -16.36
CA CYS L 57 -43.83 43.33 -16.70
C CYS L 57 -44.50 42.04 -17.15
N THR L 58 -45.79 41.87 -16.89
CA THR L 58 -46.51 40.69 -17.34
C THR L 58 -46.43 40.54 -18.86
N SER L 59 -46.54 41.65 -19.59
CA SER L 59 -46.55 41.58 -21.05
C SER L 59 -45.18 41.27 -21.66
N ALA L 60 -44.14 41.10 -20.85
CA ALA L 60 -42.83 40.75 -21.38
C ALA L 60 -42.78 39.31 -21.90
N GLY L 61 -43.76 38.48 -21.58
CA GLY L 61 -43.78 37.12 -22.05
C GLY L 61 -42.85 36.22 -21.28
N PRO L 62 -42.55 35.05 -21.83
CA PRO L 62 -41.68 34.10 -21.16
C PRO L 62 -40.21 34.50 -21.33
N HIS L 63 -39.33 33.69 -20.76
CA HIS L 63 -37.90 33.91 -20.94
C HIS L 63 -37.54 33.79 -22.41
N PHE L 64 -36.66 34.67 -22.87
CA PHE L 64 -36.19 34.65 -24.25
C PHE L 64 -35.55 33.31 -24.55
N ASN L 65 -36.19 32.51 -25.41
CA ASN L 65 -35.80 31.12 -25.65
C ASN L 65 -36.01 30.79 -27.13
N PRO L 66 -35.20 31.38 -28.01
CA PRO L 66 -35.39 31.11 -29.44
C PRO L 66 -34.95 29.72 -29.87
N LEU L 67 -34.02 29.10 -29.15
CA LEU L 67 -33.60 27.73 -29.46
C LEU L 67 -34.52 26.68 -28.85
N SER L 68 -35.59 27.09 -28.18
CA SER L 68 -36.62 26.20 -27.63
C SER L 68 -36.00 25.14 -26.73
N ARG L 69 -35.27 25.61 -25.72
CA ARG L 69 -34.67 24.75 -24.72
C ARG L 69 -35.34 24.95 -23.36
N LYS L 70 -34.96 24.10 -22.42
CA LYS L 70 -35.50 24.18 -21.06
C LYS L 70 -34.71 25.19 -20.23
N HIS L 71 -35.29 25.58 -19.11
CA HIS L 71 -34.70 26.62 -18.28
C HIS L 71 -33.50 26.09 -17.52
N GLY L 72 -32.40 26.84 -17.57
CA GLY L 72 -31.23 26.52 -16.77
C GLY L 72 -30.53 27.76 -16.25
N GLY L 73 -29.35 27.59 -15.67
CA GLY L 73 -28.53 28.70 -15.27
C GLY L 73 -27.63 29.16 -16.40
N PRO L 74 -26.95 30.29 -16.22
CA PRO L 74 -26.11 30.81 -17.30
C PRO L 74 -24.95 29.91 -17.68
N LYS L 75 -24.52 29.03 -16.77
CA LYS L 75 -23.42 28.11 -17.03
C LYS L 75 -23.87 26.81 -17.69
N ASP L 76 -25.14 26.44 -17.54
CA ASP L 76 -25.64 25.20 -18.13
C ASP L 76 -25.72 25.30 -19.64
N GLU L 77 -25.40 24.19 -20.32
CA GLU L 77 -25.57 24.15 -21.77
C GLU L 77 -27.04 24.15 -22.15
N GLU L 78 -27.89 23.49 -21.36
CA GLU L 78 -29.34 23.50 -21.56
C GLU L 78 -29.89 24.69 -20.78
N ARG L 79 -30.26 25.75 -21.50
CA ARG L 79 -30.74 26.98 -20.89
C ARG L 79 -31.44 27.80 -21.96
N HIS L 80 -32.22 28.78 -21.51
CA HIS L 80 -32.71 29.81 -22.43
C HIS L 80 -31.58 30.77 -22.77
N VAL L 81 -31.79 31.52 -23.85
CA VAL L 81 -30.86 32.61 -24.16
C VAL L 81 -30.94 33.69 -23.08
N GLY L 82 -32.15 33.96 -22.58
CA GLY L 82 -32.33 34.98 -21.56
C GLY L 82 -31.98 34.59 -20.14
N ASP L 83 -31.52 33.36 -19.91
CA ASP L 83 -31.24 32.86 -18.55
C ASP L 83 -29.92 33.44 -18.05
N LEU L 84 -30.01 34.50 -17.25
CA LEU L 84 -28.82 35.14 -16.69
C LEU L 84 -28.61 34.80 -15.22
N GLY L 85 -29.37 33.85 -14.69
CA GLY L 85 -29.18 33.39 -13.32
C GLY L 85 -29.71 34.34 -12.27
N ASN L 86 -28.92 34.57 -11.23
CA ASN L 86 -29.31 35.39 -10.10
C ASN L 86 -28.35 36.55 -9.94
N VAL L 87 -28.84 37.60 -9.28
CA VAL L 87 -28.02 38.71 -8.84
C VAL L 87 -28.21 38.86 -7.34
N THR L 88 -27.16 39.32 -6.66
CA THR L 88 -27.10 39.31 -5.21
C THR L 88 -27.26 40.73 -4.67
N ALA L 89 -28.28 40.92 -3.83
CA ALA L 89 -28.47 42.17 -3.11
C ALA L 89 -27.86 42.06 -1.72
N ASP L 90 -27.11 43.08 -1.32
CA ASP L 90 -26.44 43.09 -0.02
C ASP L 90 -27.46 43.38 1.07
N LYS L 91 -26.96 43.64 2.29
CA LYS L 91 -27.85 43.92 3.41
C LYS L 91 -28.60 45.24 3.23
N ASP L 92 -28.05 46.17 2.46
CA ASP L 92 -28.72 47.43 2.19
C ASP L 92 -29.73 47.34 1.06
N GLY L 93 -29.90 46.16 0.47
CA GLY L 93 -30.83 46.00 -0.63
C GLY L 93 -30.31 46.43 -1.97
N VAL L 94 -29.00 46.44 -2.18
CA VAL L 94 -28.38 46.90 -3.42
C VAL L 94 -27.63 45.74 -4.03
N ALA L 95 -27.93 45.45 -5.30
CA ALA L 95 -27.27 44.42 -6.08
C ALA L 95 -26.40 45.09 -7.12
N ASP L 96 -25.08 44.87 -7.02
CA ASP L 96 -24.12 45.33 -8.01
C ASP L 96 -23.93 44.22 -9.03
N VAL L 97 -24.40 44.44 -10.25
CA VAL L 97 -24.42 43.42 -11.29
C VAL L 97 -23.14 43.52 -12.12
N SER L 98 -22.42 42.41 -12.21
CA SER L 98 -21.24 42.28 -13.07
C SER L 98 -21.24 40.87 -13.65
N ILE L 99 -21.52 40.76 -14.94
CA ILE L 99 -21.78 39.50 -15.62
C ILE L 99 -21.09 39.52 -16.97
N GLU L 100 -20.59 38.37 -17.41
CA GLU L 100 -20.09 38.20 -18.76
C GLU L 100 -20.77 36.98 -19.36
N ASP L 101 -21.56 37.18 -20.41
CA ASP L 101 -22.32 36.10 -21.00
C ASP L 101 -22.07 36.02 -22.50
N SER L 102 -21.93 34.80 -23.01
CA SER L 102 -21.64 34.58 -24.42
C SER L 102 -22.78 33.90 -25.16
N VAL L 103 -23.95 33.78 -24.55
CA VAL L 103 -25.15 33.29 -25.24
C VAL L 103 -26.03 34.43 -25.71
N ILE L 104 -26.24 35.45 -24.87
CA ILE L 104 -26.91 36.65 -25.37
C ILE L 104 -25.98 37.39 -26.32
N SER L 105 -26.57 38.30 -27.09
CA SER L 105 -25.82 39.10 -28.04
C SER L 105 -26.57 40.40 -28.29
N LEU L 106 -25.84 41.41 -28.76
CA LEU L 106 -26.45 42.66 -29.18
C LEU L 106 -26.76 42.69 -30.67
N SER L 107 -26.67 41.55 -31.34
CA SER L 107 -27.01 41.46 -32.77
C SER L 107 -27.21 40.00 -33.12
N GLY L 108 -27.91 39.77 -34.23
CA GLY L 108 -28.14 38.43 -34.72
C GLY L 108 -29.34 37.75 -34.09
N ASP L 109 -29.37 36.43 -34.27
CA ASP L 109 -30.51 35.63 -33.82
C ASP L 109 -30.71 35.71 -32.32
N HIS L 110 -29.66 35.98 -31.56
CA HIS L 110 -29.74 36.07 -30.11
C HIS L 110 -29.75 37.51 -29.61
N CYS L 111 -30.14 38.46 -30.47
CA CYS L 111 -30.18 39.86 -30.08
C CYS L 111 -31.25 40.09 -29.01
N ILE L 112 -30.88 40.82 -27.95
CA ILE L 112 -31.80 41.15 -26.87
C ILE L 112 -32.18 42.62 -26.90
N ILE L 113 -31.77 43.35 -27.94
CA ILE L 113 -32.19 44.74 -28.08
C ILE L 113 -33.65 44.77 -28.51
N GLY L 114 -34.48 45.46 -27.73
CA GLY L 114 -35.91 45.45 -27.98
C GLY L 114 -36.67 44.40 -27.20
N ARG L 115 -35.99 43.60 -26.39
CA ARG L 115 -36.62 42.67 -25.46
C ARG L 115 -36.55 43.27 -24.06
N THR L 116 -37.04 42.53 -23.07
CA THR L 116 -37.21 43.09 -21.73
C THR L 116 -36.24 42.46 -20.75
N LEU L 117 -35.62 43.28 -19.90
CA LEU L 117 -34.85 42.78 -18.78
C LEU L 117 -35.72 42.84 -17.53
N VAL L 118 -35.73 41.75 -16.76
CA VAL L 118 -36.61 41.60 -15.59
C VAL L 118 -35.76 41.13 -14.41
N VAL L 119 -36.00 41.74 -13.25
CA VAL L 119 -35.49 41.27 -11.97
C VAL L 119 -36.68 40.85 -11.11
N HIS L 120 -36.52 39.70 -10.46
CA HIS L 120 -37.60 38.91 -9.87
C HIS L 120 -37.61 38.98 -8.35
N GLU L 121 -38.67 38.41 -7.77
CA GLU L 121 -38.89 38.50 -6.33
C GLU L 121 -38.11 37.43 -5.56
N LYS L 122 -37.85 36.28 -6.17
CA LYS L 122 -37.25 35.13 -5.50
C LYS L 122 -35.99 34.70 -6.25
N ALA L 123 -35.36 33.65 -5.73
CA ALA L 123 -34.17 33.10 -6.35
C ALA L 123 -34.55 32.16 -7.49
N ASP L 124 -33.82 32.29 -8.59
CA ASP L 124 -33.90 31.33 -9.69
C ASP L 124 -33.21 30.03 -9.25
N ASP L 125 -33.92 28.91 -9.30
CA ASP L 125 -33.33 27.63 -8.90
C ASP L 125 -32.52 26.98 -10.02
N LEU L 126 -32.36 27.68 -11.14
CA LEU L 126 -31.53 27.25 -12.27
C LEU L 126 -32.06 25.98 -12.93
N GLY L 127 -33.33 25.68 -12.74
CA GLY L 127 -33.93 24.51 -13.35
C GLY L 127 -33.78 23.22 -12.56
N LYS L 128 -33.14 23.26 -11.39
CA LYS L 128 -32.91 22.07 -10.59
C LYS L 128 -33.99 21.85 -9.52
N GLY L 129 -35.13 22.55 -9.62
CA GLY L 129 -36.14 22.46 -8.59
C GLY L 129 -36.95 21.17 -8.59
N GLY L 130 -36.90 20.40 -9.66
CA GLY L 130 -37.63 19.16 -9.72
C GLY L 130 -39.13 19.30 -9.85
N ASN L 131 -39.60 20.35 -10.50
CA ASN L 131 -41.03 20.53 -10.78
C ASN L 131 -41.18 21.20 -12.13
N GLU L 132 -42.43 21.21 -12.62
CA GLU L 132 -42.69 21.71 -13.97
C GLU L 132 -42.27 23.17 -14.13
N GLU L 133 -42.61 24.01 -13.14
CA GLU L 133 -42.29 25.43 -13.24
C GLU L 133 -40.79 25.69 -13.26
N SER L 134 -40.00 24.81 -12.62
CA SER L 134 -38.55 24.99 -12.62
C SER L 134 -37.98 24.93 -14.03
N THR L 135 -38.57 24.12 -14.90
CA THR L 135 -38.10 23.99 -16.28
C THR L 135 -38.55 25.14 -17.17
N LYS L 136 -39.40 26.03 -16.68
CA LYS L 136 -39.91 27.16 -17.46
C LYS L 136 -39.36 28.49 -16.95
N THR L 137 -39.56 28.79 -15.65
CA THR L 137 -39.16 30.06 -15.08
C THR L 137 -38.14 29.93 -13.96
N GLY L 138 -37.81 28.72 -13.51
CA GLY L 138 -36.92 28.57 -12.38
C GLY L 138 -37.50 28.95 -11.05
N ASN L 139 -38.82 29.14 -10.97
CA ASN L 139 -39.51 29.46 -9.72
C ASN L 139 -38.95 30.71 -9.06
N ALA L 140 -38.60 31.72 -9.87
CA ALA L 140 -38.07 32.96 -9.30
C ALA L 140 -39.16 33.91 -8.84
N GLY L 141 -40.42 33.51 -8.89
CA GLY L 141 -41.48 34.33 -8.36
C GLY L 141 -41.89 35.45 -9.31
N SER L 142 -42.52 36.46 -8.72
CA SER L 142 -43.11 37.55 -9.49
C SER L 142 -42.03 38.51 -9.97
N ARG L 143 -42.41 39.30 -10.97
CA ARG L 143 -41.52 40.28 -11.57
C ARG L 143 -41.59 41.57 -10.76
N LEU L 144 -40.45 41.99 -10.22
CA LEU L 144 -40.38 43.20 -9.42
C LEU L 144 -40.08 44.43 -10.27
N ALA L 145 -39.12 44.31 -11.19
CA ALA L 145 -38.85 45.45 -12.06
C ALA L 145 -38.46 44.95 -13.44
N CYS L 146 -38.72 45.78 -14.43
CA CYS L 146 -38.39 45.42 -15.81
C CYS L 146 -38.16 46.68 -16.62
N GLY L 147 -37.65 46.49 -17.82
CA GLY L 147 -37.42 47.58 -18.73
C GLY L 147 -37.03 47.11 -20.12
N VAL L 148 -37.36 47.89 -21.15
CA VAL L 148 -36.96 47.54 -22.51
C VAL L 148 -35.47 47.81 -22.68
N ILE L 149 -34.81 46.93 -23.41
CA ILE L 149 -33.37 47.02 -23.62
C ILE L 149 -33.14 47.88 -24.87
N GLY L 150 -32.55 49.05 -24.69
CA GLY L 150 -32.44 50.01 -25.76
C GLY L 150 -31.02 50.28 -26.21
N ILE L 151 -30.89 50.82 -27.43
CA ILE L 151 -29.59 51.15 -27.98
C ILE L 151 -29.00 52.34 -27.21
N ALA L 152 -27.74 52.22 -26.82
CA ALA L 152 -27.05 53.26 -26.08
C ALA L 152 -25.95 53.87 -26.94
N GLN L 153 -25.52 55.07 -26.54
CA GLN L 153 -24.44 55.76 -27.23
C GLN L 153 -23.09 55.17 -26.83
N GLN M 3 -19.63 24.64 8.23
CA GLN M 3 -20.44 25.71 7.69
C GLN M 3 -21.91 25.29 7.55
N LEU M 4 -22.13 23.98 7.44
CA LEU M 4 -23.47 23.42 7.33
C LEU M 4 -23.59 22.22 8.26
N GLN M 5 -24.46 22.33 9.28
CA GLN M 5 -24.65 21.27 10.27
C GLN M 5 -26.11 20.82 10.25
N GLU M 6 -26.36 19.60 9.80
CA GLU M 6 -27.69 19.03 9.73
C GLU M 6 -27.95 18.10 10.90
N SER M 7 -29.23 17.91 11.21
CA SER M 7 -29.64 17.01 12.28
C SER M 7 -31.14 16.77 12.13
N GLY M 8 -31.63 15.76 12.86
CA GLY M 8 -33.05 15.48 12.94
C GLY M 8 -33.49 14.21 12.25
N GLY M 9 -32.62 13.56 11.48
CA GLY M 9 -32.98 12.35 10.79
C GLY M 9 -33.02 11.13 11.70
N GLY M 10 -33.45 10.02 11.13
CA GLY M 10 -33.50 8.78 11.88
C GLY M 10 -34.33 7.74 11.15
N LEU M 11 -34.78 6.75 11.92
CA LEU M 11 -35.60 5.66 11.41
C LEU M 11 -37.06 5.90 11.80
N VAL M 12 -37.97 5.64 10.86
CA VAL M 12 -39.39 5.83 11.07
C VAL M 12 -40.15 4.79 10.26
N GLN M 13 -41.43 4.65 10.55
CA GLN M 13 -42.34 3.76 9.86
C GLN M 13 -43.14 4.54 8.83
N PRO M 14 -43.66 3.86 7.80
CA PRO M 14 -44.50 4.56 6.81
C PRO M 14 -45.65 5.30 7.48
N GLY M 15 -45.96 6.48 6.93
CA GLY M 15 -46.91 7.38 7.54
C GLY M 15 -46.37 8.20 8.69
N GLY M 16 -45.09 8.09 8.99
CA GLY M 16 -44.50 8.82 10.09
C GLY M 16 -44.10 10.23 9.70
N SER M 17 -43.42 10.90 10.63
CA SER M 17 -43.00 12.28 10.43
C SER M 17 -41.63 12.50 11.06
N LEU M 18 -40.95 13.55 10.59
CA LEU M 18 -39.66 13.95 11.11
C LEU M 18 -39.48 15.45 10.85
N ARG M 19 -38.50 16.04 11.52
CA ARG M 19 -38.17 17.45 11.35
C ARG M 19 -36.67 17.61 11.35
N LEU M 20 -36.08 17.89 10.18
CA LEU M 20 -34.66 18.17 10.09
C LEU M 20 -34.39 19.65 10.32
N SER M 21 -33.30 19.91 11.05
CA SER M 21 -32.78 21.25 11.27
C SER M 21 -31.40 21.34 10.64
N CYS M 22 -31.06 22.55 10.17
CA CYS M 22 -29.73 22.79 9.64
C CYS M 22 -29.28 24.18 10.06
N ARG M 23 -28.14 24.24 10.73
CA ARG M 23 -27.46 25.49 11.05
C ARG M 23 -26.49 25.80 9.92
N ALA M 24 -26.72 26.92 9.25
CA ALA M 24 -25.86 27.39 8.18
C ALA M 24 -25.06 28.59 8.66
N SER M 25 -23.86 28.76 8.09
CA SER M 25 -23.09 29.94 8.39
C SER M 25 -23.83 31.19 7.94
N GLU M 26 -23.54 32.32 8.60
CA GLU M 26 -24.22 33.56 8.27
C GLU M 26 -23.90 34.03 6.87
N THR M 27 -22.65 33.84 6.43
CA THR M 27 -22.26 34.20 5.07
C THR M 27 -23.10 33.45 4.04
N LEU M 28 -23.32 32.15 4.26
CA LEU M 28 -24.13 31.37 3.34
C LEU M 28 -25.62 31.66 3.51
N PHE M 29 -26.05 31.91 4.76
CA PHE M 29 -27.45 32.20 5.01
C PHE M 29 -27.88 33.51 4.38
N SER M 30 -26.99 34.50 4.33
CA SER M 30 -27.30 35.84 3.84
C SER M 30 -27.64 35.87 2.36
N LEU M 31 -27.32 34.82 1.61
CA LEU M 31 -27.79 34.70 0.23
C LEU M 31 -29.30 34.49 0.17
N TYR M 32 -29.92 34.10 1.28
CA TYR M 32 -31.37 33.91 1.40
C TYR M 32 -31.90 33.09 0.23
N ALA M 33 -31.18 32.03 -0.11
CA ALA M 33 -31.60 31.02 -1.08
C ALA M 33 -31.05 29.70 -0.55
N MET M 34 -31.84 29.04 0.29
CA MET M 34 -31.41 27.79 0.89
C MET M 34 -32.30 26.66 0.38
N GLY M 35 -31.77 25.44 0.45
CA GLY M 35 -32.50 24.31 -0.06
C GLY M 35 -32.10 22.99 0.59
N TRP M 36 -33.09 22.14 0.79
CA TRP M 36 -32.90 20.76 1.21
C TRP M 36 -32.83 19.86 -0.01
N TYR M 37 -31.73 19.11 -0.11
CA TYR M 37 -31.47 18.11 -1.13
C TYR M 37 -31.54 16.73 -0.50
N ARG M 38 -31.92 15.74 -1.30
CA ARG M 38 -31.93 14.35 -0.85
C ARG M 38 -31.06 13.52 -1.78
N GLN M 39 -30.38 12.52 -1.22
CA GLN M 39 -29.51 11.64 -2.00
C GLN M 39 -29.83 10.20 -1.65
N ALA M 40 -30.40 9.48 -2.60
CA ALA M 40 -30.63 8.05 -2.48
C ALA M 40 -29.33 7.29 -2.75
N PRO M 41 -29.22 6.05 -2.28
CA PRO M 41 -28.00 5.27 -2.54
C PRO M 41 -27.74 5.13 -4.04
N GLY M 42 -26.50 5.45 -4.43
CA GLY M 42 -26.11 5.36 -5.82
C GLY M 42 -26.71 6.39 -6.75
N LYS M 43 -27.10 7.55 -6.22
CA LYS M 43 -27.70 8.61 -7.01
C LYS M 43 -27.05 9.96 -6.65
N GLN M 44 -27.56 11.04 -7.27
CA GLN M 44 -27.07 12.38 -7.02
C GLN M 44 -27.96 13.09 -6.01
N PRO M 45 -27.43 14.09 -5.29
CA PRO M 45 -28.29 14.91 -4.43
C PRO M 45 -29.23 15.76 -5.27
N GLU M 46 -30.54 15.57 -5.07
CA GLU M 46 -31.56 16.26 -5.83
C GLU M 46 -32.24 17.30 -4.96
N LEU M 47 -32.38 18.50 -5.49
CA LEU M 47 -33.06 19.59 -4.78
C LEU M 47 -34.54 19.26 -4.64
N ILE M 48 -35.01 19.13 -3.40
CA ILE M 48 -36.39 18.80 -3.14
C ILE M 48 -37.15 19.94 -2.46
N ALA M 49 -36.47 20.82 -1.73
CA ALA M 49 -37.17 21.96 -1.16
C ALA M 49 -36.28 23.19 -1.22
N THR M 50 -36.88 24.34 -1.55
CA THR M 50 -36.16 25.60 -1.55
C THR M 50 -36.93 26.64 -0.75
N ILE M 51 -36.20 27.53 -0.09
CA ILE M 51 -36.76 28.72 0.53
C ILE M 51 -35.91 29.92 0.11
N SER M 52 -36.58 30.96 -0.39
CA SER M 52 -35.87 32.15 -0.84
C SER M 52 -36.77 33.37 -0.65
N GLY M 53 -36.24 34.54 -1.01
CA GLY M 53 -36.97 35.77 -0.81
C GLY M 53 -36.80 36.31 0.60
N GLY M 54 -37.44 37.46 0.83
CA GLY M 54 -37.32 38.16 2.10
C GLY M 54 -38.40 37.77 3.09
N GLY M 55 -38.37 38.42 4.24
CA GLY M 55 -39.33 38.09 5.29
C GLY M 55 -39.03 36.73 5.88
N GLU M 56 -40.09 35.95 6.12
CA GLU M 56 -39.91 34.57 6.52
C GLU M 56 -39.64 33.64 5.34
N GLY M 57 -39.57 34.19 4.13
CA GLY M 57 -39.24 33.42 2.96
C GLY M 57 -40.44 32.77 2.31
N THR M 58 -40.21 32.27 1.11
CA THR M 58 -41.20 31.55 0.32
C THR M 58 -40.62 30.21 -0.08
N GLY M 59 -41.45 29.18 0.03
CA GLY M 59 -41.02 27.81 -0.17
C GLY M 59 -41.52 27.25 -1.49
N ASN M 60 -40.72 26.36 -2.06
CA ASN M 60 -41.02 25.66 -3.29
C ASN M 60 -40.57 24.21 -3.15
N TYR M 61 -41.30 23.30 -3.78
CA TYR M 61 -41.12 21.88 -3.54
C TYR M 61 -41.13 21.10 -4.85
N ALA M 62 -40.31 20.06 -4.91
CA ALA M 62 -40.33 19.17 -6.06
C ALA M 62 -41.59 18.32 -6.04
N ASP M 63 -41.88 17.71 -7.20
CA ASP M 63 -43.11 16.93 -7.33
C ASP M 63 -43.25 15.81 -6.30
N PRO M 64 -42.26 14.95 -6.06
CA PRO M 64 -42.50 13.80 -5.18
C PRO M 64 -42.67 14.15 -3.70
N VAL M 65 -42.45 15.40 -3.31
CA VAL M 65 -42.58 15.82 -1.91
C VAL M 65 -43.64 16.88 -1.73
N LYS M 66 -44.28 17.35 -2.80
CA LYS M 66 -45.25 18.44 -2.69
C LYS M 66 -46.47 17.98 -1.90
N GLY M 67 -46.89 18.81 -0.94
CA GLY M 67 -48.06 18.56 -0.15
C GLY M 67 -47.83 17.75 1.11
N ARG M 68 -46.59 17.33 1.38
CA ARG M 68 -46.29 16.55 2.56
C ARG M 68 -45.12 17.16 3.33
N PHE M 69 -44.25 17.86 2.61
CA PHE M 69 -43.07 18.49 3.20
C PHE M 69 -43.29 20.00 3.29
N THR M 70 -42.82 20.60 4.38
CA THR M 70 -42.90 22.05 4.58
C THR M 70 -41.52 22.56 4.97
N ILE M 71 -41.00 23.53 4.22
CA ILE M 71 -39.70 24.12 4.51
C ILE M 71 -39.90 25.45 5.19
N SER M 72 -39.02 25.77 6.13
CA SER M 72 -39.10 27.04 6.85
C SER M 72 -37.70 27.47 7.23
N ARG M 73 -37.58 28.65 7.81
CA ARG M 73 -36.28 29.14 8.24
C ARG M 73 -36.44 30.06 9.44
N ASN M 74 -35.35 30.17 10.20
CA ASN M 74 -35.20 31.11 11.31
C ASN M 74 -34.06 32.04 10.93
N ASN M 75 -34.41 33.30 10.61
CA ASN M 75 -33.41 34.24 10.11
C ASN M 75 -32.41 34.61 11.19
N ALA M 76 -32.89 34.84 12.42
CA ALA M 76 -32.01 35.25 13.50
C ALA M 76 -30.99 34.17 13.85
N ASP M 77 -31.42 32.91 13.88
CA ASP M 77 -30.55 31.80 14.24
C ASP M 77 -29.87 31.17 13.04
N ASN M 78 -30.09 31.69 11.83
CA ASN M 78 -29.47 31.16 10.61
C ASN M 78 -29.81 29.68 10.41
N MET M 79 -31.06 29.32 10.67
CA MET M 79 -31.48 27.93 10.62
C MET M 79 -32.45 27.70 9.47
N VAL M 80 -32.40 26.52 8.90
CA VAL M 80 -33.38 26.06 7.94
C VAL M 80 -33.99 24.77 8.48
N PHE M 81 -35.29 24.58 8.23
CA PHE M 81 -36.01 23.45 8.78
C PHE M 81 -36.82 22.78 7.68
N LEU M 82 -36.85 21.46 7.71
CA LEU M 82 -37.66 20.65 6.79
C LEU M 82 -38.55 19.73 7.62
N GLN M 83 -39.85 19.96 7.56
CA GLN M 83 -40.83 19.14 8.28
C GLN M 83 -41.47 18.17 7.29
N MET M 84 -41.24 16.88 7.49
CA MET M 84 -41.83 15.87 6.62
C MET M 84 -42.89 15.10 7.37
N ASN M 85 -44.07 15.01 6.78
CA ASN M 85 -45.17 14.21 7.28
C ASN M 85 -45.61 13.26 6.18
N ASN M 86 -46.30 12.20 6.58
CA ASN M 86 -46.69 11.12 5.67
C ASN M 86 -45.45 10.62 4.92
N LEU M 87 -44.58 9.95 5.68
CA LEU M 87 -43.29 9.52 5.17
C LEU M 87 -43.42 8.19 4.46
N LYS M 88 -42.84 8.10 3.27
CA LYS M 88 -42.93 6.95 2.39
C LYS M 88 -41.54 6.31 2.23
N PRO M 89 -41.49 5.03 1.83
CA PRO M 89 -40.19 4.42 1.57
C PRO M 89 -39.39 5.13 0.49
N GLU M 90 -40.07 5.82 -0.44
CA GLU M 90 -39.38 6.59 -1.47
C GLU M 90 -38.59 7.75 -0.89
N ASP M 91 -38.88 8.17 0.33
CA ASP M 91 -38.14 9.24 1.00
C ASP M 91 -36.89 8.73 1.70
N THR M 92 -36.61 7.43 1.63
CA THR M 92 -35.38 6.89 2.21
C THR M 92 -34.17 7.48 1.50
N ALA M 93 -33.36 8.25 2.23
CA ALA M 93 -32.18 8.88 1.65
C ALA M 93 -31.38 9.60 2.72
N VAL M 94 -30.24 10.18 2.35
CA VAL M 94 -29.51 11.08 3.23
C VAL M 94 -29.83 12.50 2.78
N TYR M 95 -30.27 13.33 3.72
CA TYR M 95 -30.70 14.68 3.42
C TYR M 95 -29.61 15.67 3.76
N TYR M 96 -29.32 16.55 2.81
CA TYR M 96 -28.35 17.63 2.98
C TYR M 96 -29.07 18.97 2.86
N CYS M 97 -28.45 20.01 3.43
CA CYS M 97 -28.94 21.37 3.29
C CYS M 97 -27.80 22.23 2.76
N ASN M 98 -28.08 23.00 1.71
CA ASN M 98 -27.07 23.78 1.03
C ASN M 98 -27.72 24.96 0.35
N VAL M 99 -26.90 25.90 -0.09
CA VAL M 99 -27.39 27.01 -0.90
C VAL M 99 -27.90 26.46 -2.22
N TYR M 100 -28.59 27.29 -2.99
CA TYR M 100 -29.01 26.92 -4.34
C TYR M 100 -29.08 28.19 -5.18
N GLY M 101 -29.25 28.01 -6.49
CA GLY M 101 -29.22 29.14 -7.40
C GLY M 101 -27.87 29.82 -7.52
N THR M 102 -26.82 29.17 -7.05
CA THR M 102 -25.46 29.69 -7.08
C THR M 102 -24.51 28.54 -6.82
N ASN M 103 -23.21 28.83 -6.82
CA ASN M 103 -22.22 27.79 -6.60
C ASN M 103 -22.40 27.16 -5.23
N LEU M 104 -22.44 25.83 -5.20
CA LEU M 104 -22.69 25.11 -3.95
C LEU M 104 -21.50 25.24 -3.01
N ALA M 105 -21.81 25.28 -1.72
CA ALA M 105 -20.79 25.22 -0.68
C ALA M 105 -20.34 23.77 -0.49
N PRO M 106 -19.19 23.56 0.17
CA PRO M 106 -18.80 22.18 0.52
C PRO M 106 -19.89 21.50 1.34
N TRP M 107 -20.23 20.27 0.94
CA TRP M 107 -21.33 19.55 1.56
C TRP M 107 -21.08 19.36 3.05
N GLY M 108 -22.17 19.36 3.81
CA GLY M 108 -22.13 18.98 5.21
C GLY M 108 -22.23 17.49 5.37
N GLN M 109 -22.24 17.05 6.64
CA GLN M 109 -22.33 15.62 6.91
C GLN M 109 -23.68 15.05 6.54
N GLY M 110 -24.73 15.86 6.54
CA GLY M 110 -26.06 15.37 6.20
C GLY M 110 -26.68 14.59 7.35
N THR M 111 -27.87 14.07 7.09
CA THR M 111 -28.54 13.26 8.10
C THR M 111 -29.35 12.15 7.41
N GLN M 112 -29.22 10.94 7.92
CA GLN M 112 -29.88 9.79 7.33
C GLN M 112 -31.36 9.79 7.68
N VAL M 113 -32.18 9.36 6.72
CA VAL M 113 -33.63 9.27 6.91
C VAL M 113 -34.07 7.95 6.28
N THR M 114 -34.57 7.03 7.11
CA THR M 114 -35.01 5.73 6.65
C THR M 114 -36.47 5.52 7.04
N VAL M 115 -37.26 5.06 6.08
CA VAL M 115 -38.67 4.78 6.26
C VAL M 115 -38.88 3.32 5.88
N SER M 116 -39.06 2.46 6.88
CA SER M 116 -39.22 1.03 6.63
C SER M 116 -39.95 0.43 7.82
N SER M 117 -40.40 -0.82 7.63
CA SER M 117 -41.10 -1.55 8.68
C SER M 117 -41.00 -3.05 8.45
N ALA N 1 -1.10 60.54 -35.42
CA ALA N 1 0.12 61.05 -34.81
C ALA N 1 -0.18 62.28 -33.95
N THR N 2 -0.91 62.07 -32.85
CA THR N 2 -1.33 63.17 -32.01
C THR N 2 -0.22 63.57 -31.03
N LYS N 3 -0.19 64.87 -30.71
CA LYS N 3 0.75 65.42 -29.76
C LYS N 3 0.00 66.29 -28.75
N ALA N 4 0.57 66.43 -27.57
CA ALA N 4 -0.03 67.22 -26.51
C ALA N 4 1.07 67.78 -25.63
N VAL N 5 0.73 68.79 -24.84
CA VAL N 5 1.70 69.46 -23.98
C VAL N 5 0.99 69.93 -22.72
N CYS N 6 1.75 70.02 -21.63
CA CYS N 6 1.24 70.44 -20.34
C CYS N 6 2.27 71.36 -19.69
N VAL N 7 1.81 72.51 -19.21
CA VAL N 7 2.66 73.46 -18.49
C VAL N 7 2.33 73.33 -17.02
N LEU N 8 3.28 72.85 -16.24
CA LEU N 8 3.08 72.60 -14.82
C LEU N 8 3.46 73.87 -14.05
N LYS N 9 2.49 74.42 -13.33
CA LYS N 9 2.74 75.58 -12.48
C LYS N 9 1.90 75.46 -11.21
N GLY N 10 2.40 76.04 -10.14
CA GLY N 10 1.71 76.02 -8.86
C GLY N 10 2.01 77.24 -8.04
N ASP N 11 1.56 77.25 -6.78
CA ASP N 11 1.78 78.41 -5.91
C ASP N 11 3.21 78.52 -5.43
N GLY N 12 4.06 77.51 -5.69
CA GLY N 12 5.40 77.50 -5.18
C GLY N 12 6.46 77.45 -6.26
N PRO N 13 7.63 76.87 -5.93
CA PRO N 13 8.75 76.88 -6.87
C PRO N 13 8.67 75.81 -7.97
N VAL N 14 7.82 74.81 -7.82
CA VAL N 14 7.76 73.73 -8.81
C VAL N 14 7.19 74.26 -10.12
N GLN N 15 7.88 73.97 -11.22
CA GLN N 15 7.38 74.38 -12.53
C GLN N 15 8.05 73.52 -13.60
N GLY N 16 7.32 73.28 -14.69
CA GLY N 16 7.90 72.43 -15.71
C GLY N 16 7.08 72.36 -16.98
N ILE N 17 7.59 71.58 -17.94
CA ILE N 17 6.94 71.37 -19.22
C ILE N 17 6.98 69.87 -19.54
N ILE N 18 5.82 69.30 -19.87
CA ILE N 18 5.70 67.89 -20.19
C ILE N 18 5.09 67.75 -21.58
N ASN N 19 5.58 66.79 -22.36
CA ASN N 19 5.13 66.53 -23.72
C ASN N 19 4.60 65.11 -23.82
N PHE N 20 3.49 64.96 -24.55
CA PHE N 20 2.86 63.67 -24.81
C PHE N 20 2.82 63.45 -26.31
N GLU N 21 3.07 62.22 -26.74
CA GLU N 21 3.03 61.88 -28.16
C GLU N 21 2.49 60.47 -28.34
N GLN N 22 1.48 60.34 -29.22
CA GLN N 22 0.90 59.05 -29.58
C GLN N 22 1.00 58.91 -31.10
N LYS N 23 1.91 58.05 -31.55
CA LYS N 23 2.12 57.88 -32.98
C LYS N 23 0.92 57.20 -33.64
N GLU N 24 0.45 56.10 -33.04
CA GLU N 24 -0.70 55.36 -33.55
C GLU N 24 -1.80 55.36 -32.50
N SER N 25 -3.05 55.46 -32.96
CA SER N 25 -4.18 55.35 -32.04
C SER N 25 -4.19 53.97 -31.39
N ASN N 26 -4.71 53.91 -30.17
CA ASN N 26 -4.72 52.71 -29.35
C ASN N 26 -3.32 52.16 -29.11
N GLY N 27 -2.30 53.00 -29.24
CA GLY N 27 -0.94 52.59 -29.04
C GLY N 27 -0.30 53.27 -27.86
N PRO N 28 0.99 52.99 -27.63
CA PRO N 28 1.67 53.60 -26.48
C PRO N 28 1.78 55.12 -26.61
N VAL N 29 2.07 55.76 -25.48
CA VAL N 29 2.18 57.21 -25.38
C VAL N 29 3.52 57.53 -24.73
N LYS N 30 4.32 58.34 -25.43
CA LYS N 30 5.58 58.84 -24.90
C LYS N 30 5.30 60.11 -24.10
N VAL N 31 5.84 60.18 -22.89
CA VAL N 31 5.66 61.30 -21.97
C VAL N 31 7.06 61.73 -21.53
N TRP N 32 7.51 62.87 -22.02
CA TRP N 32 8.86 63.31 -21.70
C TRP N 32 8.87 64.81 -21.43
N GLY N 33 9.81 65.24 -20.60
CA GLY N 33 9.91 66.65 -20.30
C GLY N 33 10.78 66.90 -19.09
N SER N 34 10.56 68.06 -18.46
CA SER N 34 11.42 68.48 -17.37
C SER N 34 10.59 69.23 -16.34
N ILE N 35 10.83 68.94 -15.06
CA ILE N 35 10.25 69.68 -13.95
C ILE N 35 11.37 70.13 -13.03
N LYS N 36 11.26 71.34 -12.51
CA LYS N 36 12.27 71.89 -11.62
C LYS N 36 11.59 72.49 -10.39
N GLY N 37 12.42 72.84 -9.40
CA GLY N 37 11.94 73.35 -8.14
C GLY N 37 11.53 72.30 -7.14
N LEU N 38 11.83 71.03 -7.40
CA LEU N 38 11.40 69.93 -6.55
C LEU N 38 12.48 69.58 -5.53
N THR N 39 12.07 68.89 -4.46
CA THR N 39 13.04 68.30 -3.55
C THR N 39 13.59 67.00 -4.13
N GLU N 40 14.86 66.73 -3.85
CA GLU N 40 15.51 65.53 -4.35
C GLU N 40 14.71 64.28 -3.98
N GLY N 41 14.54 63.38 -4.94
CA GLY N 41 13.85 62.14 -4.67
C GLY N 41 12.62 61.90 -5.53
N LEU N 42 11.78 60.95 -5.11
CA LEU N 42 10.61 60.52 -5.89
C LEU N 42 9.41 61.40 -5.57
N HIS N 43 8.69 61.79 -6.63
CA HIS N 43 7.48 62.60 -6.51
C HIS N 43 6.36 62.00 -7.34
N GLY N 44 5.17 61.97 -6.74
CA GLY N 44 4.01 61.46 -7.45
C GLY N 44 3.74 62.23 -8.72
N PHE N 45 3.24 61.50 -9.72
CA PHE N 45 3.07 62.05 -11.07
C PHE N 45 1.83 61.39 -11.66
N HIS N 46 0.69 62.09 -11.58
CA HIS N 46 -0.59 61.49 -11.90
C HIS N 46 -1.37 62.35 -12.89
N VAL N 47 -2.30 61.71 -13.58
CA VAL N 47 -3.29 62.40 -14.41
C VAL N 47 -4.60 62.35 -13.66
N HIS N 48 -5.09 63.52 -13.27
CA HIS N 48 -6.34 63.69 -12.57
C HIS N 48 -7.47 64.02 -13.54
N GLU N 49 -8.69 63.71 -13.10
CA GLU N 49 -9.83 63.54 -13.99
C GLU N 49 -10.22 64.84 -14.70
N PHE N 50 -10.22 65.97 -13.99
CA PHE N 50 -10.78 67.21 -14.50
C PHE N 50 -9.69 68.22 -14.83
N GLY N 51 -9.85 68.88 -15.98
CA GLY N 51 -9.01 70.01 -16.34
C GLY N 51 -9.54 71.31 -15.78
N ASP N 52 -9.93 71.28 -14.51
CA ASP N 52 -10.51 72.41 -13.81
C ASP N 52 -9.45 73.03 -12.92
N ASN N 53 -9.19 74.32 -13.11
CA ASN N 53 -8.17 75.05 -12.35
C ASN N 53 -8.78 76.22 -11.57
N THR N 54 -10.10 76.25 -11.39
CA THR N 54 -10.73 77.38 -10.71
C THR N 54 -10.26 77.49 -9.27
N ALA N 55 -10.12 76.36 -8.58
CA ALA N 55 -9.57 76.34 -7.22
C ALA N 55 -8.17 75.75 -7.21
N GLY N 56 -7.40 75.99 -8.27
CA GLY N 56 -6.08 75.41 -8.34
C GLY N 56 -6.14 73.90 -8.54
N CYS N 57 -4.99 73.27 -8.27
CA CYS N 57 -4.87 71.83 -8.51
C CYS N 57 -5.91 71.02 -7.75
N THR N 58 -6.39 71.54 -6.60
CA THR N 58 -7.40 70.82 -5.84
C THR N 58 -8.66 70.58 -6.66
N SER N 59 -9.05 71.55 -7.48
CA SER N 59 -10.25 71.37 -8.30
C SER N 59 -10.06 70.40 -9.46
N ALA N 60 -8.89 69.76 -9.58
CA ALA N 60 -8.69 68.78 -10.65
C ALA N 60 -9.36 67.45 -10.36
N GLY N 61 -9.70 67.17 -9.10
CA GLY N 61 -10.38 65.94 -8.75
C GLY N 61 -9.43 64.78 -8.46
N PRO N 62 -9.97 63.57 -8.40
CA PRO N 62 -9.13 62.39 -8.14
C PRO N 62 -8.44 61.94 -9.43
N HIS N 63 -7.68 60.86 -9.31
CA HIS N 63 -6.98 60.33 -10.47
C HIS N 63 -7.97 59.88 -11.54
N PHE N 64 -7.61 60.10 -12.81
CA PHE N 64 -8.45 59.69 -13.93
C PHE N 64 -8.68 58.19 -13.89
N ASN N 65 -9.92 57.78 -13.58
CA ASN N 65 -10.24 56.38 -13.32
C ASN N 65 -11.56 56.03 -13.99
N PRO N 66 -11.57 55.93 -15.33
CA PRO N 66 -12.80 55.56 -16.02
C PRO N 66 -13.20 54.10 -15.86
N LEU N 67 -12.26 53.22 -15.51
CA LEU N 67 -12.56 51.81 -15.33
C LEU N 67 -12.95 51.47 -13.90
N SER N 68 -13.01 52.46 -13.01
CA SER N 68 -13.39 52.27 -11.60
C SER N 68 -12.53 51.21 -10.92
N ARG N 69 -11.22 51.32 -11.13
CA ARG N 69 -10.24 50.45 -10.50
C ARG N 69 -9.65 51.13 -9.27
N LYS N 70 -8.79 50.40 -8.56
CA LYS N 70 -8.06 50.95 -7.42
C LYS N 70 -6.70 51.47 -7.87
N HIS N 71 -6.16 52.38 -7.07
CA HIS N 71 -4.88 52.99 -7.40
C HIS N 71 -3.75 51.96 -7.35
N GLY N 72 -2.78 52.14 -8.23
CA GLY N 72 -1.62 51.28 -8.26
C GLY N 72 -0.49 51.94 -9.03
N GLY N 73 0.56 51.19 -9.26
CA GLY N 73 1.64 51.63 -10.10
C GLY N 73 1.30 51.49 -11.57
N PRO N 74 2.10 52.15 -12.42
CA PRO N 74 1.86 52.05 -13.86
C PRO N 74 2.09 50.64 -14.41
N LYS N 75 2.87 49.81 -13.73
CA LYS N 75 3.11 48.44 -14.20
C LYS N 75 2.01 47.48 -13.76
N ASP N 76 1.23 47.82 -12.74
CA ASP N 76 0.18 46.91 -12.28
C ASP N 76 -1.00 46.91 -13.25
N GLU N 77 -1.78 45.82 -13.19
CA GLU N 77 -2.99 45.75 -14.00
C GLU N 77 -4.15 46.43 -13.30
N GLU N 78 -4.20 46.36 -11.97
CA GLU N 78 -5.21 47.06 -11.17
C GLU N 78 -4.67 48.45 -10.90
N ARG N 79 -5.07 49.42 -11.71
CA ARG N 79 -4.53 50.78 -11.60
C ARG N 79 -5.51 51.75 -12.24
N HIS N 80 -5.44 53.00 -11.77
CA HIS N 80 -6.15 54.08 -12.43
C HIS N 80 -5.46 54.40 -13.75
N VAL N 81 -6.25 54.84 -14.74
CA VAL N 81 -5.66 55.24 -16.01
C VAL N 81 -4.64 56.34 -15.82
N GLY N 82 -4.89 57.25 -14.87
CA GLY N 82 -3.97 58.34 -14.60
C GLY N 82 -2.76 58.01 -13.77
N ASP N 83 -2.59 56.74 -13.36
CA ASP N 83 -1.47 56.34 -12.50
C ASP N 83 -0.19 56.25 -13.34
N LEU N 84 0.71 57.22 -13.18
CA LEU N 84 1.97 57.21 -13.90
C LEU N 84 3.17 57.05 -12.98
N GLY N 85 2.96 56.66 -11.73
CA GLY N 85 4.07 56.36 -10.84
C GLY N 85 4.76 57.58 -10.26
N ASN N 86 6.08 57.55 -10.21
CA ASN N 86 6.88 58.62 -9.63
C ASN N 86 7.91 59.10 -10.63
N VAL N 87 8.25 60.37 -10.53
CA VAL N 87 9.39 60.94 -11.23
C VAL N 87 10.49 61.19 -10.21
N THR N 88 11.73 61.24 -10.70
CA THR N 88 12.91 61.36 -9.85
C THR N 88 13.56 62.71 -10.08
N ALA N 89 13.64 63.52 -9.03
CA ALA N 89 14.37 64.78 -9.08
C ALA N 89 15.76 64.56 -8.50
N ASP N 90 16.78 65.08 -9.20
CA ASP N 90 18.16 64.91 -8.77
C ASP N 90 18.51 65.87 -7.64
N LYS N 91 19.82 66.07 -7.41
CA LYS N 91 20.24 66.93 -6.31
C LYS N 91 20.01 68.41 -6.60
N ASP N 92 19.83 68.80 -7.86
CA ASP N 92 19.52 70.17 -8.23
C ASP N 92 18.02 70.46 -8.26
N GLY N 93 17.19 69.52 -7.81
CA GLY N 93 15.76 69.69 -7.85
C GLY N 93 15.14 69.52 -9.21
N VAL N 94 15.86 68.95 -10.18
CA VAL N 94 15.38 68.78 -11.54
C VAL N 94 15.04 67.32 -11.77
N ALA N 95 13.82 67.07 -12.24
CA ALA N 95 13.36 65.75 -12.67
C ALA N 95 13.23 65.77 -14.19
N ASP N 96 14.08 65.01 -14.86
CA ASP N 96 13.94 64.72 -16.28
C ASP N 96 13.03 63.52 -16.43
N VAL N 97 11.90 63.70 -17.11
CA VAL N 97 10.87 62.68 -17.20
C VAL N 97 10.92 62.04 -18.58
N SER N 98 10.93 60.71 -18.62
CA SER N 98 10.91 59.95 -19.87
C SER N 98 10.19 58.63 -19.59
N ILE N 99 8.87 58.66 -19.74
CA ILE N 99 7.97 57.55 -19.44
C ILE N 99 7.33 57.10 -20.75
N GLU N 100 7.04 55.80 -20.86
CA GLU N 100 6.21 55.26 -21.93
C GLU N 100 5.05 54.51 -21.30
N ASP N 101 3.83 54.88 -21.65
CA ASP N 101 2.64 54.30 -21.04
C ASP N 101 1.62 53.92 -22.10
N SER N 102 1.15 52.67 -22.06
CA SER N 102 0.18 52.17 -23.03
C SER N 102 -1.23 52.11 -22.45
N VAL N 103 -1.46 52.69 -21.28
CA VAL N 103 -2.79 52.73 -20.69
C VAL N 103 -3.47 54.07 -20.94
N ILE N 104 -2.74 55.16 -20.88
CA ILE N 104 -3.28 56.46 -21.30
C ILE N 104 -3.25 56.53 -22.82
N SER N 105 -4.15 57.34 -23.38
CA SER N 105 -4.18 57.59 -24.81
C SER N 105 -4.58 59.03 -25.05
N LEU N 106 -4.37 59.49 -26.28
CA LEU N 106 -4.82 60.81 -26.71
C LEU N 106 -6.11 60.75 -27.51
N SER N 107 -6.86 59.65 -27.40
CA SER N 107 -8.13 59.49 -28.09
C SER N 107 -8.89 58.35 -27.44
N GLY N 108 -10.21 58.44 -27.50
CA GLY N 108 -11.06 57.37 -27.00
C GLY N 108 -11.48 57.53 -25.55
N ASP N 109 -11.73 56.40 -24.89
CA ASP N 109 -12.20 56.38 -23.50
C ASP N 109 -11.10 56.63 -22.49
N HIS N 110 -9.83 56.51 -22.88
CA HIS N 110 -8.71 56.81 -22.01
C HIS N 110 -8.01 58.11 -22.42
N CYS N 111 -8.73 59.00 -23.10
CA CYS N 111 -8.14 60.24 -23.57
C CYS N 111 -7.92 61.20 -22.41
N ILE N 112 -6.70 61.72 -22.29
CA ILE N 112 -6.35 62.61 -21.18
C ILE N 112 -6.29 64.07 -21.59
N ILE N 113 -6.47 64.39 -22.87
CA ILE N 113 -6.47 65.78 -23.31
C ILE N 113 -7.68 66.49 -22.70
N GLY N 114 -7.43 67.64 -22.07
CA GLY N 114 -8.47 68.31 -21.33
C GLY N 114 -8.54 67.96 -19.87
N ARG N 115 -7.73 67.00 -19.41
CA ARG N 115 -7.65 66.63 -18.01
C ARG N 115 -6.40 67.26 -17.41
N THR N 116 -6.07 66.91 -16.16
CA THR N 116 -5.00 67.62 -15.47
C THR N 116 -3.82 66.70 -15.20
N LEU N 117 -2.61 67.24 -15.35
CA LEU N 117 -1.39 66.55 -14.95
C LEU N 117 -0.86 67.20 -13.68
N VAL N 118 -0.58 66.38 -12.67
CA VAL N 118 -0.22 66.87 -11.34
C VAL N 118 1.05 66.16 -10.86
N VAL N 119 2.03 66.94 -10.43
CA VAL N 119 3.19 66.44 -9.69
C VAL N 119 2.99 66.76 -8.22
N HIS N 120 3.21 65.75 -7.36
CA HIS N 120 2.84 65.75 -5.95
C HIS N 120 4.05 65.95 -5.06
N GLU N 121 3.78 66.02 -3.74
CA GLU N 121 4.78 66.43 -2.77
C GLU N 121 5.70 65.29 -2.35
N LYS N 122 5.16 64.09 -2.22
CA LYS N 122 5.89 62.94 -1.72
C LYS N 122 5.87 61.81 -2.74
N ALA N 123 6.39 60.66 -2.35
CA ALA N 123 6.41 59.51 -3.23
C ALA N 123 5.05 58.84 -3.29
N ASP N 124 4.69 58.34 -4.47
CA ASP N 124 3.55 57.45 -4.63
C ASP N 124 3.95 56.05 -4.18
N ASP N 125 3.16 55.46 -3.29
CA ASP N 125 3.48 54.13 -2.77
C ASP N 125 2.93 53.00 -3.64
N LEU N 126 2.35 53.33 -4.79
CA LEU N 126 1.89 52.37 -5.78
C LEU N 126 0.76 51.47 -5.26
N GLY N 127 0.08 51.91 -4.20
CA GLY N 127 -1.03 51.16 -3.67
C GLY N 127 -0.65 50.06 -2.71
N LYS N 128 0.63 49.98 -2.32
CA LYS N 128 1.09 48.97 -1.38
C LYS N 128 1.27 49.52 0.03
N GLY N 129 0.75 50.71 0.32
CA GLY N 129 0.94 51.32 1.62
C GLY N 129 0.13 50.72 2.75
N GLY N 130 -0.82 49.83 2.45
CA GLY N 130 -1.56 49.16 3.48
C GLY N 130 -2.54 50.03 4.24
N ASN N 131 -3.05 51.08 3.62
CA ASN N 131 -4.12 51.89 4.20
C ASN N 131 -5.07 52.30 3.09
N GLU N 132 -6.21 52.88 3.50
CA GLU N 132 -7.26 53.22 2.54
C GLU N 132 -6.79 54.27 1.55
N GLU N 133 -6.03 55.26 2.02
CA GLU N 133 -5.54 56.31 1.13
C GLU N 133 -4.58 55.77 0.08
N SER N 134 -3.88 54.68 0.40
CA SER N 134 -2.92 54.12 -0.54
C SER N 134 -3.61 53.58 -1.78
N THR N 135 -4.80 53.02 -1.62
CA THR N 135 -5.57 52.50 -2.73
C THR N 135 -6.38 53.59 -3.43
N LYS N 136 -6.25 54.84 -2.99
CA LYS N 136 -6.94 55.97 -3.62
C LYS N 136 -5.97 56.89 -4.33
N THR N 137 -5.05 57.53 -3.60
CA THR N 137 -4.13 58.50 -4.19
C THR N 137 -2.67 58.08 -4.10
N GLY N 138 -2.34 57.01 -3.41
CA GLY N 138 -0.96 56.59 -3.23
C GLY N 138 -0.22 57.28 -2.12
N ASN N 139 -0.90 58.07 -1.28
CA ASN N 139 -0.26 58.83 -0.21
C ASN N 139 0.87 59.71 -0.74
N ALA N 140 0.66 60.29 -1.93
CA ALA N 140 1.70 61.09 -2.56
C ALA N 140 1.77 62.51 -2.03
N GLY N 141 0.86 62.91 -1.15
CA GLY N 141 0.92 64.22 -0.55
C GLY N 141 0.23 65.29 -1.36
N SER N 142 0.52 66.53 -0.99
CA SER N 142 -0.16 67.67 -1.58
C SER N 142 0.24 67.82 -3.06
N ARG N 143 -0.65 68.44 -3.82
CA ARG N 143 -0.41 68.72 -5.23
C ARG N 143 0.56 69.89 -5.33
N LEU N 144 1.77 69.63 -5.82
CA LEU N 144 2.78 70.69 -5.90
C LEU N 144 2.62 71.53 -7.17
N ALA N 145 2.36 70.89 -8.31
CA ALA N 145 2.13 71.66 -9.51
C ALA N 145 1.20 70.89 -10.43
N CYS N 146 0.54 71.63 -11.32
CA CYS N 146 -0.45 71.02 -12.19
C CYS N 146 -0.61 71.85 -13.45
N GLY N 147 -1.21 71.23 -14.45
CA GLY N 147 -1.55 71.91 -15.68
C GLY N 147 -2.61 71.16 -16.44
N VAL N 148 -3.24 71.84 -17.39
CA VAL N 148 -4.23 71.23 -18.26
C VAL N 148 -3.54 70.71 -19.50
N ILE N 149 -3.76 69.43 -19.82
CA ILE N 149 -3.16 68.85 -21.01
C ILE N 149 -3.90 69.39 -22.24
N GLY N 150 -3.13 69.95 -23.19
CA GLY N 150 -3.71 70.59 -24.34
C GLY N 150 -3.06 70.11 -25.62
N ILE N 151 -3.84 70.21 -26.71
CA ILE N 151 -3.35 69.76 -28.01
C ILE N 151 -2.15 70.59 -28.42
N ALA N 152 -1.10 69.92 -28.86
CA ALA N 152 0.13 70.57 -29.31
C ALA N 152 0.26 70.42 -30.82
N GLN N 153 1.29 71.07 -31.37
CA GLN N 153 1.55 71.00 -32.80
C GLN N 153 2.78 70.13 -33.10
N GLN O 3 24.45 47.43 0.82
CA GLN O 3 23.59 48.51 0.34
C GLN O 3 22.43 48.76 1.32
N LEU O 4 22.01 47.71 2.02
CA LEU O 4 20.97 47.81 3.04
C LEU O 4 21.36 46.92 4.21
N GLN O 5 21.49 47.50 5.41
CA GLN O 5 21.90 46.77 6.60
C GLN O 5 20.95 47.14 7.74
N GLU O 6 20.24 46.14 8.27
CA GLU O 6 19.25 46.35 9.31
C GLU O 6 19.71 45.74 10.63
N SER O 7 19.28 46.37 11.73
CA SER O 7 19.61 45.90 13.07
C SER O 7 18.58 46.48 14.04
N GLY O 8 18.69 46.08 15.30
CA GLY O 8 17.83 46.59 16.35
C GLY O 8 16.67 45.68 16.74
N GLY O 9 16.51 44.54 16.07
CA GLY O 9 15.44 43.63 16.44
C GLY O 9 15.84 42.72 17.59
N GLY O 10 14.82 42.16 18.23
CA GLY O 10 15.07 41.25 19.34
C GLY O 10 13.76 40.66 19.84
N LEU O 11 13.88 39.88 20.92
CA LEU O 11 12.74 39.27 21.56
C LEU O 11 12.18 40.22 22.61
N VAL O 12 10.86 40.43 22.58
CA VAL O 12 10.20 41.35 23.51
C VAL O 12 8.82 40.78 23.84
N GLN O 13 8.21 41.30 24.89
CA GLN O 13 6.90 40.90 25.35
C GLN O 13 5.85 41.93 24.97
N PRO O 14 4.58 41.52 24.84
CA PRO O 14 3.53 42.48 24.46
C PRO O 14 3.52 43.70 25.37
N GLY O 15 3.43 44.87 24.75
CA GLY O 15 3.56 46.13 25.45
C GLY O 15 4.95 46.72 25.43
N GLY O 16 5.97 45.93 25.08
CA GLY O 16 7.31 46.42 24.98
C GLY O 16 7.54 47.23 23.72
N SER O 17 8.74 47.80 23.62
CA SER O 17 9.11 48.63 22.50
C SER O 17 10.45 48.19 21.93
N LEU O 18 10.72 48.63 20.70
CA LEU O 18 11.96 48.34 19.99
C LEU O 18 12.26 49.49 19.05
N ARG O 19 13.53 49.60 18.68
CA ARG O 19 13.96 50.60 17.70
C ARG O 19 14.83 49.93 16.65
N LEU O 20 14.30 49.82 15.44
CA LEU O 20 15.06 49.24 14.33
C LEU O 20 15.79 50.34 13.58
N SER O 21 17.04 50.05 13.19
CA SER O 21 17.86 50.95 12.40
C SER O 21 18.23 50.28 11.09
N CYS O 22 18.40 51.07 10.04
CA CYS O 22 18.91 50.54 8.79
C CYS O 22 19.80 51.57 8.14
N ARG O 23 21.03 51.16 7.81
CA ARG O 23 21.94 51.96 7.02
C ARG O 23 21.75 51.59 5.55
N ALA O 24 21.43 52.59 4.74
CA ALA O 24 21.23 52.41 3.30
C ALA O 24 22.32 53.14 2.54
N SER O 25 22.59 52.65 1.32
CA SER O 25 23.55 53.31 0.45
C SER O 25 23.06 54.69 0.06
N GLU O 26 24.02 55.57 -0.26
CA GLU O 26 23.67 56.94 -0.62
C GLU O 26 22.83 56.99 -1.89
N THR O 27 23.15 56.13 -2.86
CA THR O 27 22.38 56.08 -4.10
C THR O 27 20.93 55.72 -3.84
N LEU O 28 20.67 54.73 -2.99
CA LEU O 28 19.31 54.35 -2.66
C LEU O 28 18.64 55.40 -1.77
N PHE O 29 19.37 55.94 -0.81
CA PHE O 29 18.80 56.92 0.12
C PHE O 29 18.40 58.20 -0.59
N SER O 30 19.15 58.60 -1.63
CA SER O 30 18.90 59.84 -2.35
C SER O 30 17.62 59.80 -3.17
N LEU O 31 16.94 58.66 -3.23
CA LEU O 31 15.59 58.62 -3.79
C LEU O 31 14.56 59.18 -2.82
N TYR O 32 14.93 59.38 -1.56
CA TYR O 32 14.07 59.95 -0.52
C TYR O 32 12.68 59.33 -0.55
N ALA O 33 12.67 57.99 -0.60
CA ALA O 33 11.48 57.17 -0.58
C ALA O 33 11.89 55.83 0.03
N MET O 34 11.99 55.81 1.35
CA MET O 34 12.41 54.62 2.06
C MET O 34 11.22 54.03 2.80
N GLY O 35 11.26 52.73 3.02
CA GLY O 35 10.15 52.05 3.66
C GLY O 35 10.62 50.88 4.48
N TRP O 36 9.89 50.63 5.55
CA TRP O 36 10.03 49.42 6.34
C TRP O 36 8.91 48.47 5.96
N TYR O 37 9.30 47.22 5.63
CA TYR O 37 8.42 46.12 5.32
C TYR O 37 8.55 45.05 6.39
N ARG O 38 7.50 44.26 6.56
CA ARG O 38 7.51 43.15 7.50
C ARG O 38 7.08 41.88 6.79
N GLN O 39 7.69 40.75 7.18
CA GLN O 39 7.38 39.45 6.59
C GLN O 39 7.23 38.45 7.72
N ALA O 40 6.01 37.95 7.91
CA ALA O 40 5.81 36.87 8.86
C ALA O 40 6.29 35.55 8.24
N PRO O 41 6.70 34.58 9.08
CA PRO O 41 7.21 33.31 8.55
C PRO O 41 6.28 32.67 7.52
N GLY O 42 6.81 32.46 6.31
CA GLY O 42 6.03 31.83 5.26
C GLY O 42 5.48 32.80 4.22
N LYS O 43 4.97 33.94 4.69
CA LYS O 43 4.25 34.86 3.83
C LYS O 43 5.22 35.77 3.06
N GLN O 44 4.68 36.82 2.44
CA GLN O 44 5.45 37.76 1.61
C GLN O 44 5.61 39.09 2.34
N PRO O 45 6.70 39.82 2.09
CA PRO O 45 6.98 41.04 2.85
C PRO O 45 6.11 42.19 2.37
N GLU O 46 5.30 42.73 3.28
CA GLU O 46 4.37 43.80 2.97
C GLU O 46 4.83 45.12 3.59
N LEU O 47 4.53 46.21 2.90
CA LEU O 47 4.95 47.54 3.33
C LEU O 47 4.10 48.04 4.50
N ILE O 48 4.76 48.45 5.58
CA ILE O 48 4.06 48.94 6.75
C ILE O 48 4.44 50.36 7.14
N ALA O 49 5.60 50.87 6.72
CA ALA O 49 5.92 52.26 7.01
C ALA O 49 6.67 52.86 5.84
N THR O 50 6.32 54.11 5.49
CA THR O 50 6.98 54.83 4.40
C THR O 50 7.40 56.20 4.88
N ILE O 51 8.57 56.65 4.42
CA ILE O 51 9.01 58.02 4.62
C ILE O 51 9.50 58.57 3.29
N SER O 52 8.92 59.71 2.90
CA SER O 52 9.31 60.38 1.66
C SER O 52 9.15 61.87 1.84
N GLY O 53 9.62 62.63 0.85
CA GLY O 53 9.59 64.07 0.90
C GLY O 53 10.89 64.66 1.43
N GLY O 54 11.02 65.98 1.27
CA GLY O 54 12.21 66.68 1.66
C GLY O 54 12.29 66.96 3.15
N GLY O 55 13.39 67.57 3.55
CA GLY O 55 13.57 67.95 4.94
C GLY O 55 13.64 66.73 5.84
N GLU O 56 12.94 66.82 6.98
CA GLU O 56 12.89 65.71 7.92
C GLU O 56 12.22 64.49 7.30
N GLY O 57 11.33 64.70 6.35
CA GLY O 57 10.59 63.61 5.76
C GLY O 57 9.21 63.47 6.39
N THR O 58 8.29 62.93 5.60
CA THR O 58 6.91 62.71 6.02
C THR O 58 6.65 61.21 6.03
N GLY O 59 6.02 60.74 7.10
CA GLY O 59 5.80 59.32 7.33
C GLY O 59 4.34 58.96 7.14
N ASN O 60 4.12 57.81 6.52
CA ASN O 60 2.81 57.19 6.37
C ASN O 60 2.89 55.76 6.90
N TYR O 61 1.76 55.25 7.37
CA TYR O 61 1.75 53.99 8.10
C TYR O 61 0.59 53.09 7.68
N ALA O 62 0.87 51.81 7.52
CA ALA O 62 -0.19 50.84 7.27
C ALA O 62 -1.12 50.75 8.48
N ASP O 63 -2.36 50.35 8.20
CA ASP O 63 -3.39 50.37 9.25
C ASP O 63 -3.04 49.55 10.48
N PRO O 64 -2.50 48.32 10.38
CA PRO O 64 -2.25 47.53 11.61
C PRO O 64 -1.25 48.16 12.57
N VAL O 65 -0.37 49.04 12.12
CA VAL O 65 0.64 49.65 12.98
C VAL O 65 0.45 51.15 13.16
N LYS O 66 -0.58 51.74 12.56
CA LYS O 66 -0.80 53.18 12.69
C LYS O 66 -1.11 53.54 14.13
N GLY O 67 -0.43 54.56 14.65
CA GLY O 67 -0.59 54.98 16.02
C GLY O 67 0.35 54.34 17.01
N ARG O 68 1.09 53.30 16.60
CA ARG O 68 2.06 52.65 17.47
C ARG O 68 3.49 52.70 16.92
N PHE O 69 3.66 52.77 15.60
CA PHE O 69 4.96 52.79 14.96
C PHE O 69 5.21 54.18 14.41
N THR O 70 6.45 54.66 14.54
CA THR O 70 6.86 55.92 13.93
C THR O 70 8.12 55.70 13.12
N ILE O 71 8.13 56.17 11.88
CA ILE O 71 9.29 56.07 11.02
C ILE O 71 9.98 57.43 10.95
N SER O 72 11.29 57.41 10.84
CA SER O 72 12.08 58.63 10.78
C SER O 72 13.36 58.33 10.01
N ARG O 73 14.16 59.37 9.78
CA ARG O 73 15.38 59.18 9.00
C ARG O 73 16.41 60.21 9.46
N ASN O 74 17.66 59.95 9.08
CA ASN O 74 18.79 60.84 9.31
C ASN O 74 19.50 60.96 7.97
N ASN O 75 19.33 62.11 7.31
CA ASN O 75 19.85 62.28 5.95
C ASN O 75 21.37 62.29 5.92
N ALA O 76 22.00 62.86 6.95
CA ALA O 76 23.46 62.95 6.95
C ALA O 76 24.10 61.57 7.04
N ASP O 77 23.51 60.66 7.82
CA ASP O 77 24.05 59.33 8.02
C ASP O 77 23.39 58.27 7.16
N ASN O 78 22.46 58.67 6.29
CA ASN O 78 21.74 57.74 5.41
C ASN O 78 21.02 56.66 6.21
N MET O 79 20.44 57.05 7.34
CA MET O 79 19.82 56.09 8.25
C MET O 79 18.31 56.18 8.18
N VAL O 80 17.65 55.04 8.34
CA VAL O 80 16.20 54.97 8.47
C VAL O 80 15.87 54.24 9.77
N PHE O 81 15.05 54.85 10.60
CA PHE O 81 14.71 54.33 11.91
C PHE O 81 13.22 54.04 11.99
N LEU O 82 12.88 52.98 12.73
CA LEU O 82 11.49 52.61 12.97
C LEU O 82 11.33 52.34 14.47
N GLN O 83 10.57 53.20 15.14
CA GLN O 83 10.28 53.07 16.56
C GLN O 83 8.95 52.34 16.72
N MET O 84 8.98 51.19 17.39
CA MET O 84 7.82 50.34 17.58
C MET O 84 7.46 50.37 19.05
N ASN O 85 6.32 50.97 19.38
CA ASN O 85 5.81 50.99 20.73
C ASN O 85 4.54 50.15 20.82
N ASN O 86 4.20 49.74 22.04
CA ASN O 86 3.03 48.92 22.32
C ASN O 86 2.93 47.74 21.36
N LEU O 87 3.98 46.92 21.37
CA LEU O 87 4.07 45.83 20.42
C LEU O 87 3.07 44.73 20.77
N LYS O 88 2.64 44.01 19.74
CA LYS O 88 1.65 42.94 19.84
C LYS O 88 2.21 41.66 19.24
N PRO O 89 1.73 40.49 19.69
CA PRO O 89 2.24 39.24 19.12
C PRO O 89 2.11 39.15 17.61
N GLU O 90 1.11 39.81 17.02
CA GLU O 90 0.94 39.83 15.58
C GLU O 90 2.04 40.61 14.87
N ASP O 91 2.89 41.33 15.60
CA ASP O 91 4.00 42.06 15.02
C ASP O 91 5.25 41.20 14.85
N THR O 92 5.20 39.93 15.24
CA THR O 92 6.33 39.03 15.04
C THR O 92 6.59 38.84 13.55
N ALA O 93 7.80 39.18 13.11
CA ALA O 93 8.16 39.08 11.72
C ALA O 93 9.63 39.44 11.55
N VAL O 94 10.15 39.15 10.36
CA VAL O 94 11.42 39.71 9.94
C VAL O 94 11.12 41.06 9.27
N TYR O 95 11.75 42.12 9.75
CA TYR O 95 11.55 43.46 9.24
C TYR O 95 12.72 43.84 8.35
N TYR O 96 12.41 44.32 7.15
CA TYR O 96 13.39 44.74 6.17
C TYR O 96 13.19 46.22 5.87
N CYS O 97 14.22 46.84 5.33
CA CYS O 97 14.15 48.23 4.92
C CYS O 97 14.62 48.33 3.47
N ASN O 98 13.78 48.92 2.61
CA ASN O 98 14.08 49.00 1.19
C ASN O 98 13.56 50.34 0.67
N VAL O 99 13.73 50.57 -0.62
CA VAL O 99 13.09 51.74 -1.24
C VAL O 99 11.63 51.38 -1.47
N TYR O 100 10.85 52.32 -1.99
CA TYR O 100 9.49 52.03 -2.43
C TYR O 100 9.10 53.04 -3.49
N GLY O 101 7.94 52.79 -4.11
CA GLY O 101 7.53 53.62 -5.22
C GLY O 101 8.38 53.48 -6.47
N THR O 102 9.29 52.50 -6.48
CA THR O 102 10.17 52.22 -7.61
C THR O 102 10.66 50.79 -7.50
N ASN O 103 11.56 50.42 -8.42
CA ASN O 103 12.15 49.08 -8.44
C ASN O 103 12.89 48.82 -7.14
N LEU O 104 12.46 47.80 -6.41
CA LEU O 104 13.07 47.50 -5.13
C LEU O 104 14.49 46.98 -5.31
N ALA O 105 15.37 47.38 -4.40
CA ALA O 105 16.74 46.90 -4.39
C ALA O 105 16.78 45.45 -3.93
N PRO O 106 17.89 44.75 -4.14
CA PRO O 106 18.06 43.43 -3.52
C PRO O 106 17.90 43.53 -2.00
N TRP O 107 17.08 42.64 -1.45
CA TRP O 107 16.78 42.68 -0.03
C TRP O 107 18.05 42.50 0.79
N GLY O 108 18.07 43.16 1.95
CA GLY O 108 19.11 42.95 2.92
C GLY O 108 18.80 41.75 3.80
N GLN O 109 19.66 41.56 4.80
CA GLN O 109 19.49 40.43 5.70
C GLN O 109 18.27 40.56 6.60
N GLY O 110 17.76 41.79 6.79
CA GLY O 110 16.63 42.00 7.68
C GLY O 110 17.03 41.96 9.14
N THR O 111 16.02 42.11 9.99
CA THR O 111 16.22 41.96 11.43
C THR O 111 14.95 41.35 12.02
N GLN O 112 15.12 40.43 12.97
CA GLN O 112 13.98 39.66 13.46
C GLN O 112 13.36 40.30 14.70
N VAL O 113 12.04 40.20 14.79
CA VAL O 113 11.27 40.78 15.90
C VAL O 113 10.25 39.76 16.35
N THR O 114 10.29 39.39 17.63
CA THR O 114 9.37 38.43 18.22
C THR O 114 8.63 39.07 19.38
N VAL O 115 7.32 38.94 19.39
CA VAL O 115 6.48 39.43 20.48
C VAL O 115 5.65 38.26 20.96
N SER O 116 5.92 37.81 22.19
CA SER O 116 5.21 36.69 22.79
C SER O 116 5.60 36.60 24.26
N SER O 117 4.70 36.05 25.06
CA SER O 117 4.97 35.85 26.48
C SER O 117 4.14 34.69 27.03
N ALA P 1 42.25 -14.05 -52.25
CA ALA P 1 40.95 -13.39 -52.38
C ALA P 1 40.39 -13.04 -51.00
N THR P 2 40.34 -11.74 -50.69
CA THR P 2 39.79 -11.30 -49.43
C THR P 2 38.26 -11.26 -49.53
N LYS P 3 37.59 -11.82 -48.53
CA LYS P 3 36.14 -11.93 -48.53
C LYS P 3 35.59 -11.43 -47.20
N ALA P 4 34.40 -10.82 -47.28
CA ALA P 4 33.70 -10.34 -46.09
C ALA P 4 32.21 -10.57 -46.28
N VAL P 5 31.48 -10.54 -45.16
CA VAL P 5 30.03 -10.76 -45.17
C VAL P 5 29.40 -9.88 -44.11
N CYS P 6 28.11 -9.61 -44.29
CA CYS P 6 27.36 -8.78 -43.37
C CYS P 6 25.90 -9.19 -43.41
N VAL P 7 25.36 -9.53 -42.23
CA VAL P 7 23.95 -9.84 -42.08
C VAL P 7 23.25 -8.60 -41.56
N LEU P 8 22.43 -7.98 -42.41
CA LEU P 8 21.65 -6.81 -42.02
C LEU P 8 20.41 -7.25 -41.26
N LYS P 9 20.24 -6.69 -40.07
CA LYS P 9 19.10 -6.98 -39.21
C LYS P 9 18.63 -5.69 -38.57
N GLY P 10 17.34 -5.64 -38.23
CA GLY P 10 16.78 -4.46 -37.60
C GLY P 10 15.59 -4.78 -36.72
N ASP P 11 14.87 -3.74 -36.30
CA ASP P 11 13.70 -3.93 -35.45
C ASP P 11 12.51 -4.42 -36.26
N GLY P 12 12.31 -3.86 -37.44
CA GLY P 12 11.21 -4.24 -38.30
C GLY P 12 11.55 -5.40 -39.21
N PRO P 13 10.88 -5.47 -40.36
CA PRO P 13 11.00 -6.64 -41.24
C PRO P 13 12.15 -6.57 -42.24
N VAL P 14 12.95 -5.52 -42.25
CA VAL P 14 14.04 -5.39 -43.21
C VAL P 14 15.20 -6.27 -42.76
N GLN P 15 15.62 -7.19 -43.63
CA GLN P 15 16.76 -8.03 -43.31
C GLN P 15 17.43 -8.48 -44.59
N GLY P 16 18.72 -8.77 -44.50
CA GLY P 16 19.42 -9.12 -45.72
C GLY P 16 20.80 -9.69 -45.47
N ILE P 17 21.43 -10.10 -46.56
CA ILE P 17 22.79 -10.64 -46.53
C ILE P 17 23.58 -10.01 -47.66
N ILE P 18 24.74 -9.44 -47.34
CA ILE P 18 25.57 -8.72 -48.29
C ILE P 18 27.00 -9.26 -48.19
N ASN P 19 27.58 -9.61 -49.33
CA ASN P 19 28.94 -10.12 -49.40
C ASN P 19 29.86 -9.13 -50.10
N PHE P 20 31.11 -9.10 -49.67
CA PHE P 20 32.15 -8.25 -50.22
C PHE P 20 33.30 -9.12 -50.68
N GLU P 21 33.83 -8.83 -51.87
CA GLU P 21 34.96 -9.58 -52.41
C GLU P 21 35.98 -8.63 -53.00
N GLN P 22 37.24 -8.75 -52.54
CA GLN P 22 38.37 -8.02 -53.10
C GLN P 22 39.38 -9.05 -53.57
N LYS P 23 39.46 -9.24 -54.88
CA LYS P 23 40.37 -10.24 -55.44
C LYS P 23 41.82 -9.81 -55.27
N GLU P 24 42.12 -8.54 -55.49
CA GLU P 24 43.48 -8.03 -55.40
C GLU P 24 43.53 -6.87 -54.41
N SER P 25 44.68 -6.73 -53.75
CA SER P 25 44.85 -5.69 -52.74
C SER P 25 44.68 -4.31 -53.36
N ASN P 26 43.87 -3.48 -52.69
CA ASN P 26 43.58 -2.11 -53.10
C ASN P 26 42.91 -2.04 -54.48
N GLY P 27 42.36 -3.16 -54.95
CA GLY P 27 41.65 -3.19 -56.20
C GLY P 27 40.15 -3.04 -56.01
N PRO P 28 39.37 -3.30 -57.06
CA PRO P 28 37.92 -3.18 -56.95
C PRO P 28 37.34 -4.12 -55.89
N VAL P 29 36.23 -3.70 -55.31
CA VAL P 29 35.50 -4.48 -54.32
C VAL P 29 34.10 -4.71 -54.86
N LYS P 30 33.70 -5.97 -54.96
CA LYS P 30 32.37 -6.34 -55.42
C LYS P 30 31.46 -6.55 -54.22
N VAL P 31 30.34 -5.84 -54.21
CA VAL P 31 29.38 -5.83 -53.11
C VAL P 31 28.07 -6.37 -53.66
N TRP P 32 27.70 -7.58 -53.27
CA TRP P 32 26.52 -8.20 -53.85
C TRP P 32 25.73 -8.97 -52.80
N GLY P 33 24.43 -9.05 -53.02
CA GLY P 33 23.60 -9.77 -52.07
C GLY P 33 22.13 -9.41 -52.25
N SER P 34 21.38 -9.54 -51.16
CA SER P 34 19.94 -9.32 -51.23
C SER P 34 19.42 -8.79 -49.91
N ILE P 35 18.52 -7.80 -49.99
CA ILE P 35 17.85 -7.23 -48.83
C ILE P 35 16.35 -7.26 -49.08
N LYS P 36 15.60 -7.87 -48.16
CA LYS P 36 14.15 -7.95 -48.27
C LYS P 36 13.49 -7.16 -47.15
N GLY P 37 12.19 -6.94 -47.31
CA GLY P 37 11.41 -6.18 -46.36
C GLY P 37 11.35 -4.68 -46.59
N LEU P 38 11.90 -4.19 -47.69
CA LEU P 38 11.95 -2.76 -47.96
C LEU P 38 10.69 -2.30 -48.70
N THR P 39 10.42 -1.01 -48.61
CA THR P 39 9.42 -0.39 -49.48
C THR P 39 10.01 -0.24 -50.88
N GLU P 40 9.17 -0.45 -51.90
CA GLU P 40 9.61 -0.34 -53.29
C GLU P 40 10.27 1.01 -53.53
N GLY P 41 11.41 0.98 -54.24
CA GLY P 41 12.11 2.22 -54.56
C GLY P 41 13.55 2.29 -54.10
N LEU P 42 14.11 3.49 -54.08
CA LEU P 42 15.50 3.68 -53.68
C LEU P 42 15.64 3.74 -52.16
N HIS P 43 16.75 3.21 -51.67
CA HIS P 43 17.08 3.25 -50.25
C HIS P 43 18.57 3.48 -50.08
N GLY P 44 18.92 4.32 -49.10
CA GLY P 44 20.32 4.61 -48.86
C GLY P 44 21.08 3.38 -48.40
N PHE P 45 22.32 3.27 -48.87
CA PHE P 45 23.17 2.10 -48.64
C PHE P 45 24.55 2.63 -48.27
N HIS P 46 24.90 2.58 -46.98
CA HIS P 46 26.11 3.26 -46.52
C HIS P 46 26.95 2.36 -45.62
N VAL P 47 28.23 2.71 -45.53
CA VAL P 47 29.16 2.10 -44.58
C VAL P 47 29.48 3.14 -43.53
N HIS P 48 28.95 2.95 -42.33
CA HIS P 48 29.16 3.83 -41.20
C HIS P 48 30.38 3.40 -40.39
N GLU P 49 30.93 4.37 -39.67
CA GLU P 49 32.28 4.28 -39.12
C GLU P 49 32.44 3.11 -38.15
N PHE P 50 31.54 3.00 -37.17
CA PHE P 50 31.76 2.13 -36.02
C PHE P 50 30.94 0.84 -36.14
N GLY P 51 31.60 -0.29 -35.90
CA GLY P 51 30.91 -1.57 -35.85
C GLY P 51 30.34 -1.81 -34.46
N ASP P 52 29.49 -0.88 -34.01
CA ASP P 52 28.96 -0.85 -32.65
C ASP P 52 27.45 -0.93 -32.72
N ASN P 53 26.89 -2.00 -32.13
CA ASN P 53 25.46 -2.22 -32.10
C ASN P 53 24.91 -2.19 -30.67
N THR P 54 25.61 -1.51 -29.75
CA THR P 54 25.17 -1.47 -28.36
C THR P 54 23.83 -0.76 -28.21
N ALA P 55 23.61 0.28 -29.00
CA ALA P 55 22.36 1.03 -28.99
C ALA P 55 21.69 0.97 -30.35
N GLY P 56 21.75 -0.20 -31.00
CA GLY P 56 21.21 -0.34 -32.34
C GLY P 56 22.07 0.38 -33.37
N CYS P 57 21.50 0.48 -34.58
CA CYS P 57 22.21 1.12 -35.69
C CYS P 57 22.62 2.54 -35.34
N THR P 58 21.90 3.17 -34.40
CA THR P 58 22.25 4.51 -33.93
C THR P 58 23.70 4.58 -33.47
N SER P 59 24.16 3.58 -32.72
CA SER P 59 25.52 3.61 -32.21
C SER P 59 26.56 3.36 -33.30
N ALA P 60 26.15 3.20 -34.56
CA ALA P 60 27.11 2.98 -35.65
C ALA P 60 27.86 4.23 -36.03
N GLY P 61 27.41 5.42 -35.59
CA GLY P 61 28.07 6.66 -35.91
C GLY P 61 27.74 7.12 -37.32
N PRO P 62 28.49 8.09 -37.83
CA PRO P 62 28.24 8.63 -39.17
C PRO P 62 28.90 7.76 -40.24
N HIS P 63 28.79 8.22 -41.49
CA HIS P 63 29.38 7.49 -42.61
C HIS P 63 30.90 7.45 -42.48
N PHE P 64 31.49 6.33 -42.87
CA PHE P 64 32.94 6.15 -42.77
C PHE P 64 33.67 7.18 -43.60
N ASN P 65 34.37 8.10 -42.92
CA ASN P 65 34.98 9.25 -43.58
C ASN P 65 36.39 9.46 -43.04
N PRO P 66 37.35 8.64 -43.49
CA PRO P 66 38.73 8.84 -43.04
C PRO P 66 39.40 10.04 -43.69
N LEU P 67 39.05 10.34 -44.93
CA LEU P 67 39.63 11.49 -45.64
C LEU P 67 38.89 12.79 -45.36
N SER P 68 37.89 12.78 -44.48
CA SER P 68 37.23 13.99 -43.99
C SER P 68 36.62 14.82 -45.13
N ARG P 69 36.07 14.13 -46.12
CA ARG P 69 35.47 14.79 -47.26
C ARG P 69 34.00 15.12 -46.95
N LYS P 70 33.29 15.64 -47.94
CA LYS P 70 31.87 15.90 -47.84
C LYS P 70 31.07 14.75 -48.45
N HIS P 71 29.78 14.72 -48.14
CA HIS P 71 28.93 13.63 -48.63
C HIS P 71 28.69 13.75 -50.13
N GLY P 72 28.68 12.60 -50.81
CA GLY P 72 28.38 12.57 -52.22
C GLY P 72 27.95 11.19 -52.65
N GLY P 73 27.70 11.05 -53.94
CA GLY P 73 27.38 9.78 -54.53
C GLY P 73 28.60 8.92 -54.73
N PRO P 74 28.37 7.64 -55.05
CA PRO P 74 29.51 6.74 -55.29
C PRO P 74 30.35 7.15 -56.50
N LYS P 75 29.76 7.84 -57.47
CA LYS P 75 30.51 8.26 -58.65
C LYS P 75 31.24 9.58 -58.46
N ASP P 76 30.86 10.38 -57.46
CA ASP P 76 31.51 11.67 -57.25
C ASP P 76 32.91 11.47 -56.67
N GLU P 77 33.81 12.38 -57.05
CA GLU P 77 35.13 12.39 -56.42
C GLU P 77 35.06 12.88 -54.99
N GLU P 78 34.14 13.79 -54.69
CA GLU P 78 33.89 14.25 -53.33
C GLU P 78 32.80 13.37 -52.71
N ARG P 79 33.19 12.47 -51.82
CA ARG P 79 32.28 11.51 -51.22
C ARG P 79 32.94 10.90 -50.00
N HIS P 80 32.10 10.37 -49.09
CA HIS P 80 32.62 9.52 -48.03
C HIS P 80 33.16 8.23 -48.62
N VAL P 81 34.03 7.56 -47.87
CA VAL P 81 34.48 6.24 -48.28
C VAL P 81 33.32 5.26 -48.30
N GLY P 82 32.42 5.37 -47.32
CA GLY P 82 31.30 4.45 -47.24
C GLY P 82 30.06 4.92 -47.97
N ASP P 83 30.22 5.83 -48.93
CA ASP P 83 29.08 6.36 -49.69
C ASP P 83 28.83 5.45 -50.89
N LEU P 84 28.08 4.37 -50.66
CA LEU P 84 27.79 3.39 -51.69
C LEU P 84 26.51 3.71 -52.46
N GLY P 85 25.87 4.84 -52.20
CA GLY P 85 24.74 5.26 -53.00
C GLY P 85 23.40 4.67 -52.58
N ASN P 86 22.63 4.22 -53.56
CA ASN P 86 21.28 3.73 -53.33
C ASN P 86 21.12 2.32 -53.88
N VAL P 87 20.26 1.55 -53.23
CA VAL P 87 19.83 0.25 -53.72
C VAL P 87 18.35 0.35 -54.07
N THR P 88 17.92 -0.54 -54.97
CA THR P 88 16.58 -0.46 -55.56
C THR P 88 15.78 -1.69 -55.17
N ALA P 89 14.75 -1.49 -54.35
CA ALA P 89 13.84 -2.58 -53.99
C ALA P 89 12.70 -2.64 -55.00
N ASP P 90 12.36 -3.86 -55.43
CA ASP P 90 11.30 -4.07 -56.40
C ASP P 90 9.94 -4.04 -55.69
N LYS P 91 8.89 -4.43 -56.42
CA LYS P 91 7.53 -4.35 -55.89
C LYS P 91 7.35 -5.25 -54.68
N ASP P 92 7.97 -6.43 -54.69
CA ASP P 92 7.91 -7.34 -53.56
C ASP P 92 8.79 -6.92 -52.40
N GLY P 93 9.44 -5.77 -52.49
CA GLY P 93 10.28 -5.28 -51.42
C GLY P 93 11.68 -5.85 -51.39
N VAL P 94 12.14 -6.43 -52.49
CA VAL P 94 13.43 -7.12 -52.54
C VAL P 94 14.38 -6.31 -53.39
N ALA P 95 15.48 -5.86 -52.78
CA ALA P 95 16.57 -5.22 -53.50
C ALA P 95 17.69 -6.23 -53.70
N ASP P 96 18.00 -6.52 -54.96
CA ASP P 96 19.15 -7.34 -55.32
C ASP P 96 20.35 -6.41 -55.53
N VAL P 97 21.28 -6.43 -54.59
CA VAL P 97 22.42 -5.51 -54.61
C VAL P 97 23.51 -6.12 -55.48
N SER P 98 24.00 -5.34 -56.44
CA SER P 98 25.14 -5.70 -57.26
C SER P 98 25.91 -4.42 -57.53
N ILE P 99 27.12 -4.32 -56.95
CA ILE P 99 27.86 -3.07 -56.92
C ILE P 99 29.34 -3.38 -57.09
N GLU P 100 30.05 -2.48 -57.75
CA GLU P 100 31.51 -2.52 -57.82
C GLU P 100 32.03 -1.16 -57.39
N ASP P 101 32.79 -1.11 -56.30
CA ASP P 101 33.32 0.13 -55.77
C ASP P 101 34.81 -0.01 -55.50
N SER P 102 35.59 0.99 -55.91
CA SER P 102 37.03 0.98 -55.73
C SER P 102 37.50 1.91 -54.62
N VAL P 103 36.60 2.64 -53.98
CA VAL P 103 37.00 3.53 -52.89
C VAL P 103 37.08 2.76 -51.57
N ILE P 104 36.06 1.94 -51.28
CA ILE P 104 36.15 1.04 -50.14
C ILE P 104 37.25 0.01 -50.39
N SER P 105 37.66 -0.65 -49.31
CA SER P 105 38.63 -1.73 -49.40
C SER P 105 38.43 -2.68 -48.22
N LEU P 106 38.96 -3.89 -48.37
CA LEU P 106 38.97 -4.86 -47.28
C LEU P 106 40.30 -4.88 -46.55
N SER P 107 41.13 -3.87 -46.75
CA SER P 107 42.41 -3.75 -46.05
C SER P 107 42.89 -2.31 -46.20
N GLY P 108 43.83 -1.92 -45.34
CA GLY P 108 44.44 -0.62 -45.44
C GLY P 108 43.67 0.50 -44.75
N ASP P 109 43.83 1.72 -45.28
CA ASP P 109 43.21 2.89 -44.66
C ASP P 109 41.70 2.95 -44.91
N HIS P 110 41.24 2.43 -46.05
CA HIS P 110 39.83 2.41 -46.39
C HIS P 110 39.17 1.07 -46.05
N CYS P 111 39.78 0.30 -45.16
CA CYS P 111 39.22 -1.00 -44.78
C CYS P 111 37.90 -0.81 -44.07
N ILE P 112 36.89 -1.57 -44.49
CA ILE P 112 35.55 -1.48 -43.91
C ILE P 112 35.23 -2.67 -43.02
N ILE P 113 36.13 -3.64 -42.89
CA ILE P 113 35.90 -4.74 -41.97
C ILE P 113 35.87 -4.20 -40.54
N GLY P 114 34.85 -4.58 -39.80
CA GLY P 114 34.65 -4.06 -38.46
C GLY P 114 33.80 -2.80 -38.39
N ARG P 115 33.33 -2.29 -39.51
CA ARG P 115 32.44 -1.14 -39.57
C ARG P 115 31.03 -1.62 -39.90
N THR P 116 30.08 -0.69 -40.02
CA THR P 116 28.67 -1.07 -40.03
C THR P 116 28.02 -0.75 -41.37
N LEU P 117 27.45 -1.78 -42.00
CA LEU P 117 26.67 -1.59 -43.22
C LEU P 117 25.23 -1.29 -42.84
N VAL P 118 24.67 -0.21 -43.41
CA VAL P 118 23.35 0.29 -43.04
C VAL P 118 22.51 0.49 -44.30
N VAL P 119 21.30 -0.08 -44.30
CA VAL P 119 20.28 0.23 -45.30
C VAL P 119 19.22 1.10 -44.62
N HIS P 120 18.84 2.18 -45.31
CA HIS P 120 18.14 3.32 -44.74
C HIS P 120 16.69 3.37 -45.19
N GLU P 121 15.94 4.30 -44.58
CA GLU P 121 14.51 4.41 -44.79
C GLU P 121 14.16 5.04 -46.14
N LYS P 122 14.92 6.04 -46.56
CA LYS P 122 14.60 6.88 -47.71
C LYS P 122 15.71 6.79 -48.76
N ALA P 123 15.60 7.61 -49.80
CA ALA P 123 16.63 7.67 -50.83
C ALA P 123 17.74 8.64 -50.44
N ASP P 124 18.97 8.26 -50.73
CA ASP P 124 20.11 9.16 -50.61
C ASP P 124 20.12 10.13 -51.79
N ASP P 125 20.20 11.43 -51.51
CA ASP P 125 20.24 12.43 -52.57
C ASP P 125 21.66 12.73 -53.04
N LEU P 126 22.64 11.94 -52.60
CA LEU P 126 24.01 11.97 -53.11
C LEU P 126 24.67 13.33 -52.92
N GLY P 127 24.30 14.04 -51.85
CA GLY P 127 24.89 15.33 -51.57
C GLY P 127 24.43 16.46 -52.45
N LYS P 128 23.41 16.25 -53.28
CA LYS P 128 22.87 17.28 -54.15
C LYS P 128 21.61 17.94 -53.57
N GLY P 129 21.31 17.68 -52.29
CA GLY P 129 20.03 18.11 -51.74
C GLY P 129 19.92 19.59 -51.46
N GLY P 130 21.03 20.31 -51.41
CA GLY P 130 20.95 21.74 -51.19
C GLY P 130 20.63 22.16 -49.77
N ASN P 131 20.91 21.30 -48.79
CA ASN P 131 20.81 21.67 -47.39
C ASN P 131 22.01 21.10 -46.66
N GLU P 132 22.13 21.45 -45.38
CA GLU P 132 23.28 21.01 -44.59
C GLU P 132 23.31 19.50 -44.44
N GLU P 133 22.15 18.88 -44.15
CA GLU P 133 22.11 17.44 -43.95
C GLU P 133 22.54 16.68 -45.19
N SER P 134 22.27 17.21 -46.38
CA SER P 134 22.70 16.55 -47.61
C SER P 134 24.20 16.38 -47.67
N THR P 135 24.95 17.34 -47.13
CA THR P 135 26.41 17.28 -47.10
C THR P 135 26.94 16.37 -45.98
N LYS P 136 26.07 15.84 -45.14
CA LYS P 136 26.48 14.91 -44.08
C LYS P 136 25.95 13.50 -44.34
N THR P 137 24.64 13.32 -44.40
CA THR P 137 24.03 12.00 -44.57
C THR P 137 23.37 11.80 -45.93
N GLY P 138 23.02 12.86 -46.64
CA GLY P 138 22.27 12.71 -47.86
C GLY P 138 20.77 12.56 -47.68
N ASN P 139 20.26 12.86 -46.48
CA ASN P 139 18.82 12.81 -46.18
C ASN P 139 18.21 11.47 -46.58
N ALA P 140 18.87 10.38 -46.18
CA ALA P 140 18.38 9.05 -46.45
C ALA P 140 17.45 8.53 -45.36
N GLY P 141 17.10 9.36 -44.39
CA GLY P 141 16.18 8.96 -43.35
C GLY P 141 16.81 8.01 -42.34
N SER P 142 15.92 7.40 -41.55
CA SER P 142 16.35 6.55 -40.45
C SER P 142 17.02 5.29 -40.97
N ARG P 143 17.61 4.54 -40.04
CA ARG P 143 18.35 3.32 -40.34
C ARG P 143 17.43 2.12 -40.15
N LEU P 144 17.07 1.45 -41.25
CA LEU P 144 16.15 0.33 -41.16
C LEU P 144 16.85 -0.94 -40.73
N ALA P 145 18.03 -1.21 -41.30
CA ALA P 145 18.76 -2.39 -40.89
C ALA P 145 20.25 -2.12 -40.97
N CYS P 146 21.00 -2.86 -40.16
CA CYS P 146 22.44 -2.68 -40.12
C CYS P 146 23.10 -3.98 -39.71
N GLY P 147 24.41 -4.03 -39.92
CA GLY P 147 25.19 -5.19 -39.52
C GLY P 147 26.67 -4.91 -39.52
N VAL P 148 27.41 -5.63 -38.70
CA VAL P 148 28.86 -5.48 -38.67
C VAL P 148 29.46 -6.30 -39.80
N ILE P 149 30.41 -5.71 -40.52
CA ILE P 149 31.06 -6.39 -41.63
C ILE P 149 32.14 -7.31 -41.10
N GLY P 150 31.98 -8.62 -41.30
CA GLY P 150 32.90 -9.58 -40.75
C GLY P 150 33.74 -10.30 -41.77
N ILE P 151 34.84 -10.90 -41.31
CA ILE P 151 35.71 -11.69 -42.18
C ILE P 151 34.98 -12.97 -42.57
N ALA P 152 35.03 -13.32 -43.85
CA ALA P 152 34.34 -14.49 -44.38
C ALA P 152 35.36 -15.46 -44.96
N GLN P 153 34.89 -16.67 -45.24
CA GLN P 153 35.74 -17.69 -45.83
C GLN P 153 35.77 -17.55 -47.35
N GLN Q 3 -32.34 -4.95 20.85
CA GLN Q 3 -31.68 -5.78 21.85
C GLN Q 3 -30.45 -5.10 22.42
N LEU Q 4 -29.84 -4.21 21.62
CA LEU Q 4 -28.67 -3.43 22.06
C LEU Q 4 -28.81 -2.03 21.49
N GLN Q 5 -28.95 -1.03 22.36
CA GLN Q 5 -29.16 0.35 21.93
C GLN Q 5 -28.13 1.26 22.60
N GLU Q 6 -27.17 1.73 21.81
CA GLU Q 6 -26.13 2.63 22.27
C GLU Q 6 -26.53 4.10 22.03
N SER Q 7 -25.94 4.98 22.83
CA SER Q 7 -26.18 6.41 22.71
C SER Q 7 -25.10 7.16 23.47
N GLY Q 8 -25.04 8.48 23.25
CA GLY Q 8 -24.18 9.36 24.00
C GLY Q 8 -22.91 9.80 23.32
N GLY Q 9 -22.65 9.34 22.10
CA GLY Q 9 -21.48 9.81 21.37
C GLY Q 9 -21.72 11.15 20.69
N GLY Q 10 -20.63 11.73 20.19
CA GLY Q 10 -20.72 13.01 19.52
C GLY Q 10 -19.35 13.62 19.32
N LEU Q 11 -19.36 14.91 19.00
CA LEU Q 11 -18.15 15.68 18.73
C LEU Q 11 -17.53 16.20 20.02
N VAL Q 12 -16.22 16.07 20.14
CA VAL Q 12 -15.49 16.49 21.34
C VAL Q 12 -14.12 17.01 20.91
N GLN Q 13 -13.70 18.10 21.55
CA GLN Q 13 -12.37 18.65 21.32
C GLN Q 13 -11.32 17.82 22.06
N PRO Q 14 -10.08 17.80 21.56
CA PRO Q 14 -9.03 17.04 22.25
C PRO Q 14 -8.92 17.42 23.71
N GLY Q 15 -8.92 16.41 24.58
CA GLY Q 15 -8.88 16.60 26.01
C GLY Q 15 -10.23 16.57 26.69
N GLY Q 16 -11.32 16.51 25.92
CA GLY Q 16 -12.65 16.54 26.48
C GLY Q 16 -13.06 15.22 27.09
N SER Q 17 -14.37 15.07 27.28
CA SER Q 17 -14.92 13.88 27.91
C SER Q 17 -16.25 13.52 27.28
N LEU Q 18 -16.59 12.23 27.36
CA LEU Q 18 -17.86 11.73 26.88
C LEU Q 18 -18.33 10.62 27.82
N ARG Q 19 -19.64 10.36 27.79
CA ARG Q 19 -20.21 9.21 28.49
C ARG Q 19 -21.13 8.48 27.53
N LEU Q 20 -20.74 7.28 27.12
CA LEU Q 20 -21.58 6.43 26.29
C LEU Q 20 -22.42 5.52 27.17
N SER Q 21 -23.65 5.28 26.74
CA SER Q 21 -24.53 4.36 27.44
C SER Q 21 -25.09 3.37 26.44
N CYS Q 22 -25.49 2.22 26.96
CA CYS Q 22 -26.15 1.20 26.16
C CYS Q 22 -27.20 0.50 27.00
N ARG Q 23 -28.41 0.45 26.48
CA ARG Q 23 -29.46 -0.36 27.05
C ARG Q 23 -29.46 -1.71 26.34
N ALA Q 24 -29.26 -2.77 27.11
CA ALA Q 24 -29.25 -4.13 26.59
C ALA Q 24 -30.47 -4.88 27.10
N SER Q 25 -30.91 -5.87 26.33
CA SER Q 25 -31.98 -6.75 26.77
C SER Q 25 -31.53 -7.54 28.01
N GLU Q 26 -32.51 -7.97 28.81
CA GLU Q 26 -32.20 -8.70 30.03
C GLU Q 26 -31.55 -10.05 29.74
N THR Q 27 -31.95 -10.71 28.65
CA THR Q 27 -31.33 -12.00 28.31
C THR Q 27 -29.85 -11.83 28.01
N LEU Q 28 -29.49 -10.77 27.28
CA LEU Q 28 -28.07 -10.53 27.01
C LEU Q 28 -27.35 -10.01 28.25
N PHE Q 29 -27.96 -9.08 28.97
CA PHE Q 29 -27.31 -8.52 30.16
C PHE Q 29 -27.06 -9.60 31.21
N SER Q 30 -27.91 -10.62 31.27
CA SER Q 30 -27.87 -11.61 32.33
C SER Q 30 -26.70 -12.58 32.20
N LEU Q 31 -25.93 -12.51 31.11
CA LEU Q 31 -24.69 -13.27 31.03
C LEU Q 31 -23.57 -12.62 31.82
N TYR Q 32 -23.77 -11.37 32.26
CA TYR Q 32 -22.80 -10.63 33.05
C TYR Q 32 -21.41 -10.72 32.45
N ALA Q 33 -21.35 -10.40 31.15
CA ALA Q 33 -20.09 -10.28 30.44
C ALA Q 33 -20.37 -9.31 29.28
N MET Q 34 -20.20 -8.02 29.53
CA MET Q 34 -20.49 -6.99 28.53
C MET Q 34 -19.24 -6.21 28.20
N GLY Q 35 -19.08 -5.89 26.92
CA GLY Q 35 -17.91 -5.18 26.46
C GLY Q 35 -18.29 -4.05 25.51
N TRP Q 36 -17.50 -2.99 25.58
CA TRP Q 36 -17.54 -1.91 24.63
C TRP Q 36 -16.43 -2.12 23.61
N TYR Q 37 -16.83 -2.11 22.33
CA TYR Q 37 -15.98 -2.31 21.18
C TYR Q 37 -15.87 -1.01 20.40
N ARG Q 38 -14.72 -0.81 19.76
CA ARG Q 38 -14.43 0.38 18.97
C ARG Q 38 -14.05 -0.06 17.56
N GLN Q 39 -14.55 0.68 16.56
CA GLN Q 39 -14.43 0.27 15.16
C GLN Q 39 -14.13 1.49 14.31
N ALA Q 40 -12.99 1.45 13.61
CA ALA Q 40 -12.58 2.44 12.64
C ALA Q 40 -13.12 2.09 11.26
N PRO Q 41 -13.20 3.04 10.35
CA PRO Q 41 -13.75 2.74 9.02
C PRO Q 41 -12.97 1.62 8.35
N GLY Q 42 -13.71 0.58 7.94
CA GLY Q 42 -13.14 -0.53 7.20
C GLY Q 42 -12.42 -1.57 8.02
N LYS Q 43 -12.27 -1.37 9.33
CA LYS Q 43 -11.50 -2.28 10.18
C LYS Q 43 -12.42 -3.13 11.05
N GLN Q 44 -11.82 -4.12 11.70
CA GLN Q 44 -12.59 -4.99 12.58
C GLN Q 44 -12.87 -4.28 13.90
N PRO Q 45 -14.02 -4.53 14.52
CA PRO Q 45 -14.28 -3.98 15.85
C PRO Q 45 -13.39 -4.66 16.88
N GLU Q 46 -12.72 -3.86 17.69
CA GLU Q 46 -11.83 -4.36 18.72
C GLU Q 46 -12.45 -4.13 20.10
N LEU Q 47 -12.32 -5.13 20.97
CA LEU Q 47 -12.82 -5.04 22.33
C LEU Q 47 -11.99 -4.04 23.12
N ILE Q 48 -12.63 -2.99 23.61
CA ILE Q 48 -11.94 -1.90 24.30
C ILE Q 48 -12.12 -1.99 25.81
N ALA Q 49 -13.30 -2.37 26.28
CA ALA Q 49 -13.50 -2.47 27.72
C ALA Q 49 -14.44 -3.62 28.03
N THR Q 50 -14.17 -4.34 29.11
CA THR Q 50 -15.01 -5.46 29.53
C THR Q 50 -15.44 -5.26 30.98
N ILE Q 51 -16.63 -5.76 31.30
CA ILE Q 51 -17.12 -5.79 32.67
C ILE Q 51 -17.85 -7.11 32.88
N SER Q 52 -17.44 -7.84 33.92
CA SER Q 52 -18.01 -9.15 34.20
C SER Q 52 -17.89 -9.46 35.68
N GLY Q 53 -18.51 -10.58 36.08
CA GLY Q 53 -18.54 -10.98 37.47
C GLY Q 53 -19.74 -10.41 38.20
N GLY Q 54 -19.84 -10.76 39.47
CA GLY Q 54 -20.99 -10.39 40.28
C GLY Q 54 -20.83 -9.06 40.99
N GLY Q 55 -21.90 -8.66 41.68
CA GLY Q 55 -21.92 -7.38 42.35
C GLY Q 55 -22.06 -6.24 41.37
N GLU Q 56 -21.27 -5.19 41.54
CA GLU Q 56 -21.22 -4.12 40.57
C GLU Q 56 -20.36 -4.48 39.36
N GLY Q 57 -19.72 -5.63 39.37
CA GLY Q 57 -18.90 -6.07 38.26
C GLY Q 57 -17.47 -5.56 38.36
N THR Q 58 -16.61 -6.17 37.55
CA THR Q 58 -15.20 -5.84 37.51
C THR Q 58 -14.83 -5.51 36.07
N GLY Q 59 -14.16 -4.38 35.88
CA GLY Q 59 -13.82 -3.88 34.57
C GLY Q 59 -12.37 -4.11 34.23
N ASN Q 60 -12.13 -4.51 32.98
CA ASN Q 60 -10.81 -4.68 32.42
C ASN Q 60 -10.72 -3.83 31.14
N TYR Q 61 -9.51 -3.39 30.80
CA TYR Q 61 -9.35 -2.43 29.72
C TYR Q 61 -8.19 -2.81 28.81
N ALA Q 62 -8.37 -2.54 27.52
CA ALA Q 62 -7.27 -2.66 26.57
C ALA Q 62 -6.21 -1.61 26.87
N ASP Q 63 -4.99 -1.88 26.38
CA ASP Q 63 -3.87 -0.99 26.65
C ASP Q 63 -4.08 0.43 26.12
N PRO Q 64 -4.65 0.67 24.94
CA PRO Q 64 -4.76 2.06 24.47
C PRO Q 64 -5.64 2.93 25.33
N VAL Q 65 -6.61 2.35 26.04
CA VAL Q 65 -7.59 3.12 26.80
C VAL Q 65 -7.38 3.04 28.30
N LYS Q 66 -6.46 2.20 28.78
CA LYS Q 66 -6.30 2.02 30.22
C LYS Q 66 -5.82 3.31 30.87
N GLY Q 67 -6.44 3.65 32.01
CA GLY Q 67 -6.18 4.90 32.68
C GLY Q 67 -6.98 6.09 32.19
N ARG Q 68 -7.76 5.93 31.13
CA ARG Q 68 -8.54 7.04 30.59
C ARG Q 68 -10.02 6.70 30.46
N PHE Q 69 -10.34 5.43 30.23
CA PHE Q 69 -11.72 4.97 30.10
C PHE Q 69 -12.08 4.12 31.30
N THR Q 70 -13.33 4.24 31.76
CA THR Q 70 -13.86 3.34 32.79
C THR Q 70 -15.18 2.76 32.32
N ILE Q 71 -15.40 1.48 32.62
CA ILE Q 71 -16.63 0.80 32.26
C ILE Q 71 -17.42 0.52 33.53
N SER Q 72 -18.74 0.60 33.43
CA SER Q 72 -19.60 0.33 34.56
C SER Q 72 -20.91 -0.24 34.04
N ARG Q 73 -21.76 -0.66 34.98
CA ARG Q 73 -23.07 -1.17 34.61
C ARG Q 73 -24.09 -0.79 35.67
N ASN Q 74 -25.36 -0.89 35.28
CA ASN Q 74 -26.51 -0.76 36.16
C ASN Q 74 -27.30 -2.04 36.01
N ASN Q 75 -27.27 -2.88 37.06
CA ASN Q 75 -27.86 -4.20 36.99
C ASN Q 75 -29.38 -4.12 36.87
N ALA Q 76 -30.00 -3.18 37.59
CA ALA Q 76 -31.45 -3.09 37.58
C ALA Q 76 -31.98 -2.58 36.24
N ASP Q 77 -31.32 -1.59 35.65
CA ASP Q 77 -31.76 -1.03 34.38
C ASP Q 77 -31.17 -1.77 33.19
N ASN Q 78 -30.33 -2.78 33.42
CA ASN Q 78 -29.66 -3.54 32.36
C ASN Q 78 -28.89 -2.60 31.43
N MET Q 79 -28.13 -1.68 32.02
CA MET Q 79 -27.42 -0.68 31.25
C MET Q 79 -25.92 -0.84 31.43
N VAL Q 80 -25.17 -0.44 30.40
CA VAL Q 80 -23.71 -0.49 30.44
C VAL Q 80 -23.18 0.89 30.02
N PHE Q 81 -22.22 1.40 30.77
CA PHE Q 81 -21.72 2.76 30.59
C PHE Q 81 -20.23 2.75 30.34
N LEU Q 82 -19.78 3.68 29.50
CA LEU Q 82 -18.36 3.87 29.21
C LEU Q 82 -18.04 5.35 29.37
N GLN Q 83 -17.32 5.66 30.45
CA GLN Q 83 -16.88 7.03 30.74
C GLN Q 83 -15.52 7.21 30.10
N MET Q 84 -15.45 8.10 29.10
CA MET Q 84 -14.23 8.35 28.34
C MET Q 84 -13.69 9.72 28.70
N ASN Q 85 -12.53 9.76 29.34
CA ASN Q 85 -11.89 11.00 29.75
C ASN Q 85 -10.60 11.21 28.97
N ASN Q 86 -10.20 12.47 28.89
CA ASN Q 86 -8.99 12.89 28.17
C ASN Q 86 -8.94 12.25 26.77
N LEU Q 87 -9.97 12.55 25.99
CA LEU Q 87 -10.06 11.98 24.65
C LEU Q 87 -8.98 12.53 23.74
N LYS Q 88 -8.63 11.75 22.72
CA LYS Q 88 -7.62 12.10 21.73
C LYS Q 88 -8.14 11.68 20.36
N PRO Q 89 -7.70 12.37 19.30
CA PRO Q 89 -8.17 12.01 17.94
C PRO Q 89 -8.05 10.53 17.62
N GLU Q 90 -7.10 9.83 18.22
CA GLU Q 90 -6.95 8.39 18.03
C GLU Q 90 -8.12 7.60 18.59
N ASP Q 91 -9.04 8.25 19.30
CA ASP Q 91 -10.23 7.59 19.83
C ASP Q 91 -11.43 7.69 18.89
N THR Q 92 -11.33 8.49 17.83
CA THR Q 92 -12.42 8.63 16.89
C THR Q 92 -12.76 7.30 16.27
N ALA Q 93 -14.02 6.89 16.39
CA ALA Q 93 -14.49 5.61 15.88
C ALA Q 93 -15.97 5.47 16.23
N VAL Q 94 -16.59 4.43 15.67
CA VAL Q 94 -17.93 4.03 16.07
C VAL Q 94 -17.79 3.04 17.22
N TYR Q 95 -18.52 3.28 18.31
CA TYR Q 95 -18.46 2.44 19.49
C TYR Q 95 -19.74 1.64 19.59
N TYR Q 96 -19.60 0.33 19.78
CA TYR Q 96 -20.72 -0.59 19.95
C TYR Q 96 -20.62 -1.24 21.32
N CYS Q 97 -21.76 -1.68 21.84
CA CYS Q 97 -21.80 -2.48 23.04
C CYS Q 97 -22.37 -3.86 22.71
N ASN Q 98 -21.75 -4.89 23.26
CA ASN Q 98 -22.18 -6.26 22.98
C ASN Q 98 -21.68 -7.16 24.11
N VAL Q 99 -21.95 -8.46 23.99
CA VAL Q 99 -21.42 -9.42 24.95
C VAL Q 99 -19.97 -9.74 24.58
N TYR Q 100 -19.33 -10.58 25.39
CA TYR Q 100 -18.02 -11.10 25.04
C TYR Q 100 -17.83 -12.42 25.79
N GLY Q 101 -16.75 -13.12 25.45
CA GLY Q 101 -16.56 -14.44 26.01
C GLY Q 101 -17.54 -15.49 25.55
N THR Q 102 -18.35 -15.18 24.54
CA THR Q 102 -19.32 -16.10 23.98
C THR Q 102 -19.67 -15.63 22.58
N ASN Q 103 -20.62 -16.31 21.95
CA ASN Q 103 -21.08 -15.91 20.62
C ASN Q 103 -21.73 -14.54 20.69
N LEU Q 104 -21.21 -13.61 19.89
CA LEU Q 104 -21.69 -12.23 19.92
C LEU Q 104 -23.14 -12.16 19.43
N ALA Q 105 -23.86 -11.19 19.97
CA ALA Q 105 -25.22 -10.95 19.55
C ALA Q 105 -25.24 -10.09 18.30
N PRO Q 106 -26.34 -10.08 17.56
CA PRO Q 106 -26.47 -9.15 16.43
C PRO Q 106 -26.19 -7.71 16.87
N TRP Q 107 -25.29 -7.06 16.15
CA TRP Q 107 -24.82 -5.74 16.53
C TRP Q 107 -25.97 -4.73 16.60
N GLY Q 108 -25.83 -3.75 17.47
CA GLY Q 108 -26.67 -2.58 17.46
C GLY Q 108 -26.12 -1.56 16.49
N GLN Q 109 -26.76 -0.38 16.50
CA GLN Q 109 -26.38 0.68 15.58
C GLN Q 109 -25.11 1.41 15.98
N GLY Q 110 -24.66 1.24 17.23
CA GLY Q 110 -23.46 1.93 17.71
C GLY Q 110 -23.66 3.44 17.75
N THR Q 111 -22.62 4.13 18.21
CA THR Q 111 -22.65 5.57 18.29
C THR Q 111 -21.27 6.12 17.96
N GLN Q 112 -21.24 7.20 17.16
CA GLN Q 112 -19.99 7.74 16.66
C GLN Q 112 -19.36 8.69 17.66
N VAL Q 113 -18.05 8.58 17.83
CA VAL Q 113 -17.27 9.49 18.64
C VAL Q 113 -16.20 10.09 17.73
N THR Q 114 -16.11 11.41 17.71
CA THR Q 114 -15.12 12.11 16.89
C THR Q 114 -14.40 13.12 17.76
N VAL Q 115 -13.06 13.03 17.76
CA VAL Q 115 -12.23 13.89 18.59
C VAL Q 115 -11.38 14.72 17.64
N SER Q 116 -11.77 15.98 17.45
CA SER Q 116 -11.03 16.88 16.59
C SER Q 116 -11.18 18.30 17.11
N SER Q 117 -10.14 19.10 16.90
CA SER Q 117 -10.16 20.50 17.33
C SER Q 117 -11.01 21.34 16.38
N GLN R 3 7.02 10.71 -70.59
CA GLN R 3 7.90 10.25 -69.54
C GLN R 3 7.93 11.20 -68.34
N LEU R 4 8.09 12.50 -68.61
CA LEU R 4 8.06 13.53 -67.58
C LEU R 4 7.40 14.76 -68.18
N GLN R 5 6.16 15.05 -67.77
CA GLN R 5 5.41 16.19 -68.30
C GLN R 5 5.01 17.10 -67.15
N GLU R 6 5.56 18.31 -67.12
CA GLU R 6 5.31 19.28 -66.06
C GLU R 6 4.40 20.40 -66.54
N SER R 7 3.67 20.99 -65.60
CA SER R 7 2.73 22.05 -65.89
C SER R 7 2.39 22.78 -64.59
N GLY R 8 1.64 23.86 -64.73
CA GLY R 8 1.19 24.63 -63.59
C GLY R 8 1.95 25.91 -63.31
N GLY R 9 3.01 26.19 -64.05
CA GLY R 9 3.77 27.41 -63.85
C GLY R 9 3.05 28.63 -64.39
N GLY R 10 3.68 29.78 -64.23
CA GLY R 10 3.09 31.01 -64.71
C GLY R 10 3.78 32.21 -64.08
N LEU R 11 3.08 33.35 -64.16
CA LEU R 11 3.57 34.62 -63.67
C LEU R 11 2.76 35.03 -62.45
N VAL R 12 3.46 35.32 -61.34
CA VAL R 12 2.81 35.76 -60.11
C VAL R 12 3.61 36.94 -59.56
N GLN R 13 2.96 37.71 -58.69
CA GLN R 13 3.62 38.79 -57.97
C GLN R 13 4.17 38.27 -56.65
N PRO R 14 5.19 38.94 -56.10
CA PRO R 14 5.75 38.53 -54.81
C PRO R 14 4.67 38.31 -53.75
N GLY R 15 4.69 37.12 -53.14
CA GLY R 15 3.73 36.73 -52.13
C GLY R 15 2.77 35.67 -52.59
N GLY R 16 2.50 35.59 -53.90
CA GLY R 16 1.54 34.65 -54.43
C GLY R 16 1.99 33.21 -54.30
N SER R 17 1.15 32.31 -54.83
CA SER R 17 1.37 30.88 -54.76
C SER R 17 1.23 30.28 -56.14
N LEU R 18 1.70 29.04 -56.26
CA LEU R 18 1.62 28.28 -57.51
C LEU R 18 1.69 26.81 -57.18
N ARG R 19 0.86 26.01 -57.83
CA ARG R 19 0.91 24.56 -57.68
C ARG R 19 1.40 23.96 -59.00
N LEU R 20 2.61 23.43 -58.98
CA LEU R 20 3.18 22.74 -60.13
C LEU R 20 2.85 21.25 -60.03
N SER R 21 2.59 20.66 -61.19
CA SER R 21 2.30 19.23 -61.29
C SER R 21 3.21 18.61 -62.33
N CYS R 22 3.47 17.32 -62.15
CA CYS R 22 4.22 16.57 -63.14
C CYS R 22 3.69 15.15 -63.18
N ARG R 23 3.45 14.67 -64.40
CA ARG R 23 3.09 13.27 -64.61
C ARG R 23 4.35 12.53 -65.08
N ALA R 24 4.73 11.49 -64.34
CA ALA R 24 5.89 10.69 -64.63
C ALA R 24 5.46 9.30 -65.09
N SER R 25 6.32 8.65 -65.86
CA SER R 25 6.06 7.28 -66.26
C SER R 25 6.04 6.37 -65.04
N GLU R 26 5.29 5.27 -65.15
CA GLU R 26 5.21 4.34 -64.02
C GLU R 26 6.57 3.76 -63.67
N THR R 27 7.40 3.48 -64.68
CA THR R 27 8.73 2.95 -64.43
C THR R 27 9.59 3.92 -63.64
N LEU R 28 9.56 5.21 -64.00
CA LEU R 28 10.35 6.21 -63.30
C LEU R 28 9.78 6.50 -61.91
N PHE R 29 8.46 6.58 -61.80
CA PHE R 29 7.83 6.84 -60.51
C PHE R 29 8.05 5.69 -59.54
N SER R 30 8.21 4.47 -60.07
CA SER R 30 8.33 3.27 -59.24
C SER R 30 9.66 3.18 -58.51
N LEU R 31 10.59 4.09 -58.76
CA LEU R 31 11.79 4.19 -57.95
C LEU R 31 11.55 4.97 -56.66
N TYR R 32 10.36 5.55 -56.51
CA TYR R 32 9.95 6.31 -55.32
C TYR R 32 11.07 7.21 -54.82
N ALA R 33 11.60 8.01 -55.76
CA ALA R 33 12.66 8.98 -55.49
C ALA R 33 12.51 10.06 -56.58
N MET R 34 11.61 11.01 -56.33
CA MET R 34 11.32 12.06 -57.29
C MET R 34 11.77 13.39 -56.72
N GLY R 35 12.02 14.34 -57.61
CA GLY R 35 12.53 15.64 -57.19
C GLY R 35 12.15 16.73 -58.16
N TRP R 36 11.94 17.93 -57.60
CA TRP R 36 11.79 19.15 -58.37
C TRP R 36 13.11 19.90 -58.36
N TYR R 37 13.64 20.14 -59.55
CA TYR R 37 14.84 20.92 -59.81
C TYR R 37 14.46 22.29 -60.36
N ARG R 38 15.37 23.24 -60.17
CA ARG R 38 15.15 24.66 -60.46
C ARG R 38 16.32 25.19 -61.27
N GLN R 39 16.05 25.73 -62.47
CA GLN R 39 17.09 26.27 -63.34
C GLN R 39 16.78 27.74 -63.60
N ALA R 40 17.60 28.62 -63.03
CA ALA R 40 17.43 30.05 -63.20
C ALA R 40 18.06 30.51 -64.51
N PRO R 41 17.62 31.67 -65.04
CA PRO R 41 18.23 32.19 -66.27
C PRO R 41 19.74 32.34 -66.16
N GLY R 42 20.47 31.46 -66.83
CA GLY R 42 21.92 31.52 -66.83
C GLY R 42 22.58 30.41 -66.03
N LYS R 43 22.18 30.27 -64.77
CA LYS R 43 22.82 29.31 -63.87
C LYS R 43 22.43 27.89 -64.27
N GLN R 44 22.92 26.92 -63.47
CA GLN R 44 22.71 25.49 -63.60
C GLN R 44 21.57 25.03 -62.71
N PRO R 45 20.88 23.94 -63.07
CA PRO R 45 19.72 23.52 -62.27
C PRO R 45 20.16 22.94 -60.93
N GLU R 46 19.34 23.19 -59.90
CA GLU R 46 19.62 22.74 -58.55
C GLU R 46 18.44 21.97 -58.00
N LEU R 47 18.71 20.84 -57.35
CA LEU R 47 17.67 20.05 -56.70
C LEU R 47 17.05 20.84 -55.56
N ILE R 48 15.77 21.15 -55.70
CA ILE R 48 15.09 22.05 -54.77
C ILE R 48 14.14 21.30 -53.84
N ALA R 49 13.58 20.18 -54.27
CA ALA R 49 12.72 19.42 -53.38
C ALA R 49 12.78 17.94 -53.75
N THR R 50 12.80 17.08 -52.74
CA THR R 50 12.83 15.64 -52.95
C THR R 50 11.70 14.98 -52.18
N ILE R 51 11.13 13.93 -52.76
CA ILE R 51 10.16 13.09 -52.07
C ILE R 51 10.55 11.63 -52.31
N SER R 52 10.61 10.86 -51.22
CA SER R 52 11.01 9.47 -51.31
C SER R 52 10.51 8.72 -50.08
N GLY R 53 10.51 7.40 -50.19
CA GLY R 53 10.04 6.53 -49.13
C GLY R 53 8.67 5.93 -49.46
N GLY R 54 8.24 5.02 -48.60
CA GLY R 54 6.97 4.35 -48.78
C GLY R 54 5.78 5.25 -48.43
N GLY R 55 4.60 4.70 -48.67
CA GLY R 55 3.38 5.42 -48.33
C GLY R 55 3.23 6.67 -49.16
N GLU R 56 2.79 7.75 -48.51
CA GLU R 56 2.70 9.05 -49.16
C GLU R 56 4.06 9.72 -49.30
N GLY R 57 5.13 9.09 -48.83
CA GLY R 57 6.47 9.61 -49.00
C GLY R 57 6.82 10.70 -48.00
N THR R 58 8.11 10.99 -47.93
CA THR R 58 8.65 12.03 -47.09
C THR R 58 9.39 13.04 -47.94
N GLY R 59 9.24 14.32 -47.58
CA GLY R 59 9.77 15.43 -48.37
C GLY R 59 10.92 16.12 -47.67
N ASN R 60 11.94 16.46 -48.44
CA ASN R 60 13.09 17.25 -47.98
C ASN R 60 13.26 18.42 -48.93
N TYR R 61 13.73 19.55 -48.38
CA TYR R 61 13.76 20.80 -49.12
C TYR R 61 15.10 21.50 -48.96
N ALA R 62 15.58 22.11 -50.04
CA ALA R 62 16.77 22.93 -49.98
C ALA R 62 16.53 24.16 -49.11
N ASP R 63 17.63 24.72 -48.60
CA ASP R 63 17.55 25.86 -47.68
C ASP R 63 16.76 27.05 -48.23
N PRO R 64 16.96 27.51 -49.46
CA PRO R 64 16.25 28.74 -49.89
C PRO R 64 14.73 28.57 -49.94
N VAL R 65 14.21 27.35 -50.01
CA VAL R 65 12.78 27.12 -50.15
C VAL R 65 12.18 26.41 -48.96
N LYS R 66 12.98 25.99 -47.98
CA LYS R 66 12.44 25.31 -46.81
C LYS R 66 11.53 26.25 -46.03
N GLY R 67 10.34 25.76 -45.70
CA GLY R 67 9.33 26.54 -45.03
C GLY R 67 8.31 27.19 -45.95
N ARG R 68 8.61 27.29 -47.24
CA ARG R 68 7.70 27.88 -48.22
C ARG R 68 7.14 26.88 -49.22
N PHE R 69 7.96 25.94 -49.68
CA PHE R 69 7.54 24.95 -50.66
C PHE R 69 7.20 23.64 -49.96
N THR R 70 6.21 22.93 -50.49
CA THR R 70 5.84 21.61 -50.01
C THR R 70 5.70 20.67 -51.18
N ILE R 71 6.41 19.56 -51.13
CA ILE R 71 6.36 18.54 -52.18
C ILE R 71 5.44 17.43 -51.73
N SER R 72 4.74 16.82 -52.68
CA SER R 72 3.85 15.71 -52.40
C SER R 72 3.75 14.84 -53.65
N ARG R 73 3.01 13.74 -53.53
CA ARG R 73 2.85 12.85 -54.67
C ARG R 73 1.50 12.17 -54.60
N ASN R 74 1.07 11.65 -55.75
CA ASN R 74 -0.10 10.79 -55.89
C ASN R 74 0.39 9.52 -56.54
N ASN R 75 0.41 8.42 -55.77
CA ASN R 75 0.98 7.16 -56.25
C ASN R 75 0.13 6.56 -57.36
N ALA R 76 -1.19 6.60 -57.22
CA ALA R 76 -2.06 5.93 -58.19
C ALA R 76 -1.94 6.55 -59.57
N ASP R 77 -1.79 7.88 -59.64
CA ASP R 77 -1.70 8.59 -60.91
C ASP R 77 -0.26 8.90 -61.32
N ASN R 78 0.73 8.41 -60.57
CA ASN R 78 2.15 8.63 -60.87
C ASN R 78 2.46 10.13 -60.98
N MET R 79 1.91 10.93 -60.07
CA MET R 79 2.01 12.38 -60.15
C MET R 79 2.84 12.93 -59.01
N VAL R 80 3.58 14.00 -59.28
CA VAL R 80 4.35 14.71 -58.26
C VAL R 80 3.92 16.17 -58.26
N PHE R 81 3.72 16.74 -57.06
CA PHE R 81 3.20 18.09 -56.91
C PHE R 81 4.15 18.93 -56.07
N LEU R 82 4.22 20.21 -56.41
CA LEU R 82 5.04 21.20 -55.70
C LEU R 82 4.18 22.42 -55.43
N GLN R 83 3.83 22.62 -54.16
CA GLN R 83 3.08 23.81 -53.73
C GLN R 83 4.08 24.88 -53.31
N MET R 84 3.98 26.05 -53.94
CA MET R 84 4.94 27.14 -53.75
C MET R 84 4.17 28.33 -53.20
N ASN R 85 4.33 28.60 -51.91
CA ASN R 85 3.71 29.73 -51.24
C ASN R 85 4.77 30.77 -50.89
N ASN R 86 4.30 31.96 -50.53
CA ASN R 86 5.16 33.09 -50.19
C ASN R 86 6.27 33.27 -51.23
N LEU R 87 5.86 33.32 -52.50
CA LEU R 87 6.81 33.37 -53.59
C LEU R 87 7.65 34.65 -53.55
N LYS R 88 8.92 34.52 -53.91
CA LYS R 88 9.87 35.61 -54.00
C LYS R 88 10.46 35.66 -55.41
N PRO R 89 10.91 36.83 -55.87
CA PRO R 89 11.55 36.90 -57.19
C PRO R 89 12.72 35.96 -57.36
N GLU R 90 13.34 35.52 -56.25
CA GLU R 90 14.43 34.56 -56.34
C GLU R 90 13.97 33.18 -56.82
N ASP R 91 12.66 32.92 -56.77
CA ASP R 91 12.10 31.66 -57.25
C ASP R 91 11.86 31.63 -58.76
N THR R 92 12.17 32.72 -59.47
CA THR R 92 11.96 32.76 -60.91
C THR R 92 12.91 31.78 -61.58
N ALA R 93 12.36 30.80 -62.31
CA ALA R 93 13.18 29.79 -62.96
C ALA R 93 12.28 28.86 -63.77
N VAL R 94 12.91 28.05 -64.61
CA VAL R 94 12.25 26.88 -65.18
C VAL R 94 12.34 25.75 -64.18
N TYR R 95 11.20 25.14 -63.87
CA TYR R 95 11.13 24.05 -62.92
C TYR R 95 10.95 22.74 -63.68
N TYR R 96 11.75 21.74 -63.33
CA TYR R 96 11.68 20.42 -63.92
C TYR R 96 11.45 19.39 -62.83
N CYS R 97 10.84 18.27 -63.19
CA CYS R 97 10.66 17.17 -62.26
C CYS R 97 11.32 15.94 -62.85
N ASN R 98 12.22 15.34 -62.07
CA ASN R 98 12.98 14.17 -62.52
C ASN R 98 13.14 13.21 -61.36
N VAL R 99 13.83 12.10 -61.60
CA VAL R 99 14.22 11.22 -60.51
C VAL R 99 15.44 11.84 -59.85
N TYR R 100 15.88 11.27 -58.74
CA TYR R 100 17.13 11.68 -58.11
C TYR R 100 17.73 10.46 -57.43
N GLY R 101 18.91 10.64 -56.86
CA GLY R 101 19.62 9.53 -56.24
C GLY R 101 19.97 8.41 -57.19
N THR R 102 19.95 8.67 -58.50
CA THR R 102 20.27 7.67 -59.50
C THR R 102 20.47 8.39 -60.84
N ASN R 103 20.70 7.61 -61.90
CA ASN R 103 20.89 8.18 -63.23
C ASN R 103 19.64 8.92 -63.68
N LEU R 104 19.80 10.21 -63.98
CA LEU R 104 18.68 11.02 -64.37
C LEU R 104 18.13 10.61 -65.73
N ALA R 105 16.82 10.71 -65.89
CA ALA R 105 16.16 10.45 -67.16
C ALA R 105 16.28 11.68 -68.05
N PRO R 106 16.00 11.55 -69.35
CA PRO R 106 15.97 12.74 -70.22
C PRO R 106 14.98 13.76 -69.70
N TRP R 107 15.45 14.99 -69.52
CA TRP R 107 14.62 16.06 -68.98
C TRP R 107 13.36 16.26 -69.82
N GLY R 108 12.31 16.73 -69.16
CA GLY R 108 11.11 17.16 -69.85
C GLY R 108 11.18 18.65 -70.18
N GLN R 109 10.10 19.14 -70.77
CA GLN R 109 10.05 20.54 -71.16
C GLN R 109 10.02 21.48 -69.97
N GLY R 110 9.62 21.00 -68.79
CA GLY R 110 9.55 21.83 -67.61
C GLY R 110 8.39 22.82 -67.70
N THR R 111 8.24 23.61 -66.65
CA THR R 111 7.26 24.69 -66.63
C THR R 111 7.93 25.93 -66.08
N GLN R 112 7.56 27.08 -66.61
CA GLN R 112 8.26 28.34 -66.36
C GLN R 112 7.54 29.13 -65.29
N VAL R 113 8.29 29.60 -64.29
CA VAL R 113 7.73 30.37 -63.19
C VAL R 113 8.46 31.71 -63.12
N THR R 114 7.69 32.79 -63.09
CA THR R 114 8.22 34.14 -62.91
C THR R 114 7.53 34.79 -61.72
N VAL R 115 8.33 35.44 -60.88
CA VAL R 115 7.85 36.21 -59.74
C VAL R 115 8.41 37.63 -59.89
N SER R 116 7.54 38.60 -60.13
CA SER R 116 7.97 39.99 -60.25
C SER R 116 6.79 40.89 -59.94
N SER R 117 7.10 42.14 -59.62
CA SER R 117 6.09 43.14 -59.29
C SER R 117 5.27 43.53 -60.53
N ALA S 1 -29.17 -48.55 14.20
CA ALA S 1 -30.39 -47.75 14.12
C ALA S 1 -31.22 -47.89 15.40
N THR S 2 -31.83 -46.78 15.81
CA THR S 2 -32.68 -46.76 16.99
C THR S 2 -34.14 -46.92 16.58
N LYS S 3 -34.87 -47.71 17.35
CA LYS S 3 -36.30 -47.93 17.14
C LYS S 3 -37.04 -47.64 18.44
N ALA S 4 -38.14 -46.92 18.32
CA ALA S 4 -38.97 -46.59 19.47
C ALA S 4 -40.42 -46.91 19.15
N VAL S 5 -41.22 -47.07 20.20
CA VAL S 5 -42.64 -47.37 20.06
C VAL S 5 -43.41 -46.55 21.08
N CYS S 6 -44.71 -46.40 20.83
CA CYS S 6 -45.58 -45.67 21.73
C CYS S 6 -47.00 -46.21 21.58
N VAL S 7 -47.60 -46.57 22.71
CA VAL S 7 -48.98 -47.05 22.76
C VAL S 7 -49.83 -45.91 23.32
N LEU S 8 -50.64 -45.31 22.46
CA LEU S 8 -51.49 -44.19 22.85
C LEU S 8 -52.80 -44.72 23.40
N LYS S 9 -53.15 -44.25 24.60
CA LYS S 9 -54.38 -44.64 25.29
C LYS S 9 -54.91 -43.43 26.04
N GLY S 10 -56.23 -43.38 26.20
CA GLY S 10 -56.85 -42.32 26.96
C GLY S 10 -58.09 -42.77 27.70
N ASP S 11 -58.89 -41.81 28.18
CA ASP S 11 -60.13 -42.14 28.88
C ASP S 11 -61.26 -42.52 27.93
N GLY S 12 -61.11 -42.24 26.64
CA GLY S 12 -62.13 -42.57 25.66
C GLY S 12 -61.70 -43.67 24.72
N PRO S 13 -62.40 -43.79 23.59
CA PRO S 13 -62.12 -44.89 22.65
C PRO S 13 -60.87 -44.68 21.81
N VAL S 14 -60.23 -43.51 21.90
CA VAL S 14 -59.07 -43.23 21.07
C VAL S 14 -57.88 -44.05 21.56
N GLN S 15 -57.27 -44.81 20.66
CA GLN S 15 -56.07 -45.57 21.03
C GLN S 15 -55.31 -45.93 19.77
N GLY S 16 -54.01 -46.11 19.93
CA GLY S 16 -53.20 -46.39 18.75
C GLY S 16 -51.81 -46.87 19.08
N ILE S 17 -51.06 -47.17 18.03
CA ILE S 17 -49.67 -47.60 18.13
C ILE S 17 -48.86 -46.83 17.09
N ILE S 18 -47.81 -46.15 17.55
CA ILE S 18 -46.97 -45.32 16.70
C ILE S 18 -45.52 -45.73 16.91
N ASN S 19 -44.81 -46.02 15.81
CA ASN S 19 -43.43 -46.46 15.83
C ASN S 19 -42.53 -45.40 15.21
N PHE S 20 -41.29 -45.35 15.70
CA PHE S 20 -40.27 -44.41 15.27
C PHE S 20 -39.01 -45.17 14.88
N GLU S 21 -38.40 -44.78 13.77
CA GLU S 21 -37.18 -45.42 13.28
C GLU S 21 -36.18 -44.35 12.87
N GLN S 22 -34.96 -44.43 13.43
CA GLN S 22 -33.88 -43.52 13.08
C GLN S 22 -32.67 -44.35 12.66
N LYS S 23 -32.31 -44.27 11.39
CA LYS S 23 -31.22 -45.10 10.86
C LYS S 23 -29.87 -44.62 11.37
N GLU S 24 -29.54 -43.36 11.13
CA GLU S 24 -28.28 -42.78 11.56
C GLU S 24 -28.54 -41.62 12.52
N SER S 25 -27.52 -41.29 13.30
CA SER S 25 -27.67 -40.24 14.30
C SER S 25 -27.93 -38.89 13.65
N ASN S 26 -28.81 -38.11 14.27
CA ASN S 26 -29.25 -36.79 13.80
C ASN S 26 -29.89 -36.83 12.43
N GLY S 27 -30.21 -38.01 11.91
CA GLY S 27 -30.84 -38.14 10.62
C GLY S 27 -32.35 -38.06 10.71
N PRO S 28 -33.03 -38.38 9.62
CA PRO S 28 -34.49 -38.30 9.61
C PRO S 28 -35.11 -39.44 10.40
N VAL S 29 -36.12 -39.11 11.19
CA VAL S 29 -36.91 -40.07 11.94
C VAL S 29 -38.19 -40.37 11.17
N LYS S 30 -38.48 -41.65 10.99
CA LYS S 30 -39.72 -42.11 10.36
C LYS S 30 -40.73 -42.45 11.45
N VAL S 31 -41.91 -41.84 11.37
CA VAL S 31 -42.96 -41.98 12.37
C VAL S 31 -44.17 -42.57 11.67
N TRP S 32 -44.50 -43.83 11.97
CA TRP S 32 -45.58 -44.49 11.27
C TRP S 32 -46.39 -45.37 12.20
N GLY S 33 -47.65 -45.59 11.85
CA GLY S 33 -48.51 -46.41 12.68
C GLY S 33 -49.96 -46.08 12.44
N SER S 34 -50.77 -46.29 13.48
CA SER S 34 -52.21 -46.11 13.31
C SER S 34 -52.86 -45.74 14.63
N ILE S 35 -53.81 -44.81 14.55
CA ILE S 35 -54.67 -44.43 15.66
C ILE S 35 -56.11 -44.71 15.25
N LYS S 36 -56.94 -45.10 16.22
CA LYS S 36 -58.35 -45.36 15.95
C LYS S 36 -59.20 -44.72 17.04
N GLY S 37 -60.50 -44.60 16.75
CA GLY S 37 -61.44 -43.94 17.64
C GLY S 37 -61.53 -42.44 17.46
N LEU S 38 -60.95 -41.90 16.40
CA LEU S 38 -60.94 -40.46 16.19
C LEU S 38 -62.14 -40.00 15.36
N THR S 39 -62.59 -38.78 15.62
CA THR S 39 -63.54 -38.16 14.69
C THR S 39 -62.86 -37.90 13.36
N GLU S 40 -63.61 -38.10 12.28
CA GLU S 40 -63.04 -37.90 10.95
C GLU S 40 -62.50 -36.48 10.80
N GLY S 41 -61.31 -36.37 10.20
CA GLY S 41 -60.70 -35.07 10.00
C GLY S 41 -59.31 -34.96 10.59
N LEU S 42 -58.83 -33.72 10.74
CA LEU S 42 -57.46 -33.51 11.23
C LEU S 42 -57.42 -33.52 12.75
N HIS S 43 -56.28 -33.96 13.29
CA HIS S 43 -56.06 -34.00 14.73
C HIS S 43 -54.62 -33.62 15.04
N GLY S 44 -54.46 -32.82 16.08
CA GLY S 44 -53.12 -32.42 16.49
C GLY S 44 -52.29 -33.61 16.95
N PHE S 45 -51.00 -33.55 16.65
CA PHE S 45 -50.06 -34.65 16.89
C PHE S 45 -48.77 -34.03 17.42
N HIS S 46 -48.53 -34.16 18.72
CA HIS S 46 -47.43 -33.42 19.33
C HIS S 46 -46.66 -34.28 20.32
N VAL S 47 -45.35 -34.08 20.37
CA VAL S 47 -44.48 -34.67 21.37
C VAL S 47 -44.29 -33.63 22.46
N HIS S 48 -44.77 -33.93 23.66
CA HIS S 48 -44.70 -33.02 24.80
C HIS S 48 -43.45 -33.29 25.62
N GLU S 49 -43.20 -32.42 26.60
CA GLU S 49 -41.92 -32.41 27.28
C GLU S 49 -41.73 -33.63 28.19
N PHE S 50 -42.67 -33.88 29.09
CA PHE S 50 -42.49 -34.86 30.15
C PHE S 50 -43.20 -36.17 29.82
N GLY S 51 -42.56 -37.28 30.17
CA GLY S 51 -43.18 -38.59 30.07
C GLY S 51 -43.87 -38.99 31.35
N ASP S 52 -44.68 -38.07 31.88
CA ASP S 52 -45.37 -38.28 33.16
C ASP S 52 -46.83 -38.60 32.89
N ASN S 53 -47.26 -39.77 33.32
CA ASN S 53 -48.65 -40.21 33.14
C ASN S 53 -49.41 -40.29 34.46
N THR S 54 -48.91 -39.62 35.50
CA THR S 54 -49.56 -39.73 36.81
C THR S 54 -50.91 -39.02 36.84
N ALA S 55 -51.06 -37.92 36.10
CA ALA S 55 -52.32 -37.20 36.03
C ALA S 55 -52.89 -37.22 34.62
N GLY S 56 -52.87 -38.38 33.97
CA GLY S 56 -53.33 -38.46 32.61
C GLY S 56 -52.39 -37.72 31.66
N CYS S 57 -52.95 -37.37 30.50
CA CYS S 57 -52.16 -36.62 29.51
C CYS S 57 -51.84 -35.21 29.98
N THR S 58 -52.66 -34.64 30.88
CA THR S 58 -52.41 -33.28 31.35
C THR S 58 -51.06 -33.17 32.07
N SER S 59 -50.57 -34.26 32.63
CA SER S 59 -49.28 -34.27 33.31
C SER S 59 -48.10 -34.28 32.33
N ALA S 60 -48.35 -34.50 31.04
CA ALA S 60 -47.26 -34.59 30.07
C ALA S 60 -46.53 -33.26 29.88
N GLY S 61 -47.07 -32.16 30.38
CA GLY S 61 -46.45 -30.87 30.25
C GLY S 61 -46.75 -30.20 28.92
N PRO S 62 -46.00 -29.16 28.58
CA PRO S 62 -46.18 -28.48 27.30
C PRO S 62 -45.43 -29.21 26.19
N HIS S 63 -45.53 -28.66 24.99
CA HIS S 63 -44.82 -29.24 23.85
C HIS S 63 -43.32 -29.22 24.10
N PHE S 64 -42.64 -30.29 23.68
CA PHE S 64 -41.20 -30.37 23.80
C PHE S 64 -40.55 -29.20 23.07
N ASN S 65 -40.07 -28.21 23.82
CA ASN S 65 -39.57 -26.96 23.27
C ASN S 65 -38.24 -26.60 23.91
N PRO S 66 -37.17 -27.36 23.61
CA PRO S 66 -35.86 -27.04 24.20
C PRO S 66 -35.19 -25.84 23.55
N LEU S 67 -35.57 -25.47 22.33
CA LEU S 67 -35.00 -24.31 21.67
C LEU S 67 -35.68 -23.02 22.07
N SER S 68 -36.70 -23.08 22.93
CA SER S 68 -37.43 -21.89 23.41
C SER S 68 -37.99 -21.09 22.25
N ARG S 69 -38.75 -21.77 21.39
CA ARG S 69 -39.32 -21.18 20.19
C ARG S 69 -40.84 -21.17 20.28
N LYS S 70 -41.46 -20.48 19.33
CA LYS S 70 -42.91 -20.41 19.25
C LYS S 70 -43.45 -21.63 18.49
N HIS S 71 -44.75 -21.86 18.64
CA HIS S 71 -45.40 -22.99 17.99
C HIS S 71 -45.44 -22.79 16.48
N GLY S 72 -45.33 -23.90 15.74
CA GLY S 72 -45.42 -23.87 14.30
C GLY S 72 -45.67 -25.27 13.77
N GLY S 73 -45.79 -25.35 12.44
CA GLY S 73 -45.98 -26.62 11.78
C GLY S 73 -44.67 -27.36 11.61
N PRO S 74 -44.77 -28.61 11.15
CA PRO S 74 -43.54 -29.39 10.92
C PRO S 74 -42.68 -28.82 9.80
N LYS S 75 -43.27 -28.24 8.76
CA LYS S 75 -42.48 -27.60 7.72
C LYS S 75 -41.88 -26.28 8.20
N ASP S 76 -42.43 -25.68 9.26
CA ASP S 76 -41.91 -24.41 9.77
C ASP S 76 -40.52 -24.58 10.34
N GLU S 77 -39.69 -23.55 10.15
CA GLU S 77 -38.41 -23.50 10.85
C GLU S 77 -38.56 -22.93 12.25
N GLU S 78 -39.58 -22.12 12.48
CA GLU S 78 -39.93 -21.61 13.80
C GLU S 78 -41.01 -22.51 14.37
N ARG S 79 -40.62 -23.44 15.23
CA ARG S 79 -41.53 -24.47 15.73
C ARG S 79 -40.91 -25.10 16.96
N HIS S 80 -41.77 -25.72 17.77
CA HIS S 80 -41.27 -26.61 18.80
C HIS S 80 -40.56 -27.80 18.16
N VAL S 81 -39.63 -28.40 18.91
CA VAL S 81 -39.03 -29.63 18.43
C VAL S 81 -40.07 -30.75 18.38
N GLY S 82 -41.10 -30.66 19.22
CA GLY S 82 -42.14 -31.66 19.28
C GLY S 82 -43.35 -31.44 18.38
N ASP S 83 -43.35 -30.40 17.55
CA ASP S 83 -44.47 -30.15 16.65
C ASP S 83 -44.42 -31.11 15.48
N LEU S 84 -45.46 -31.91 15.31
CA LEU S 84 -45.53 -32.90 14.24
C LEU S 84 -46.72 -32.67 13.31
N GLY S 85 -47.37 -31.52 13.40
CA GLY S 85 -48.46 -31.19 12.51
C GLY S 85 -49.77 -31.88 12.84
N ASN S 86 -50.44 -32.39 11.83
CA ASN S 86 -51.74 -33.02 12.00
C ASN S 86 -51.73 -34.43 11.41
N VAL S 87 -52.65 -35.25 11.89
CA VAL S 87 -52.91 -36.56 11.32
C VAL S 87 -54.36 -36.59 10.87
N THR S 88 -54.66 -37.43 9.88
CA THR S 88 -55.96 -37.44 9.22
C THR S 88 -56.68 -38.74 9.54
N ALA S 89 -57.86 -38.62 10.15
CA ALA S 89 -58.73 -39.76 10.41
C ALA S 89 -59.78 -39.85 9.33
N ASP S 90 -60.01 -41.07 8.81
CA ASP S 90 -60.94 -41.27 7.71
C ASP S 90 -62.37 -41.39 8.21
N LYS S 91 -63.26 -41.93 7.37
CA LYS S 91 -64.66 -42.09 7.76
C LYS S 91 -64.80 -43.05 8.93
N ASP S 92 -64.08 -44.18 8.89
CA ASP S 92 -64.15 -45.16 9.96
C ASP S 92 -63.52 -44.69 11.27
N GLY S 93 -62.89 -43.52 11.28
CA GLY S 93 -62.22 -43.05 12.47
C GLY S 93 -60.79 -43.52 12.62
N VAL S 94 -60.18 -44.04 11.55
CA VAL S 94 -58.81 -44.55 11.58
C VAL S 94 -57.89 -43.53 10.93
N ALA S 95 -56.83 -43.17 11.64
CA ALA S 95 -55.79 -42.28 11.14
C ALA S 95 -54.53 -43.11 10.92
N ASP S 96 -54.12 -43.23 9.65
CA ASP S 96 -52.90 -43.94 9.31
C ASP S 96 -51.76 -42.93 9.27
N VAL S 97 -50.87 -43.02 10.25
CA VAL S 97 -49.80 -42.05 10.44
C VAL S 97 -48.60 -42.48 9.63
N SER S 98 -48.11 -41.58 8.77
CA SER S 98 -46.90 -41.82 7.99
C SER S 98 -46.24 -40.47 7.77
N ILE S 99 -45.26 -40.14 8.62
CA ILE S 99 -44.56 -38.87 8.59
C ILE S 99 -43.06 -39.14 8.63
N GLU S 100 -42.29 -38.19 8.11
CA GLU S 100 -40.83 -38.21 8.21
C GLU S 100 -40.38 -36.83 8.69
N ASP S 101 -39.72 -36.78 9.84
CA ASP S 101 -39.31 -35.51 10.43
C ASP S 101 -37.81 -35.46 10.60
N SER S 102 -37.26 -34.25 10.63
CA SER S 102 -35.84 -34.04 10.79
C SER S 102 -35.50 -33.15 11.98
N VAL S 103 -36.49 -32.62 12.70
CA VAL S 103 -36.21 -31.85 13.89
C VAL S 103 -36.25 -32.73 15.15
N ILE S 104 -37.04 -33.80 15.15
CA ILE S 104 -37.01 -34.75 16.25
C ILE S 104 -35.83 -35.70 16.06
N SER S 105 -35.45 -36.35 17.17
CA SER S 105 -34.37 -37.32 17.14
C SER S 105 -34.62 -38.36 18.21
N LEU S 106 -34.12 -39.57 17.97
CA LEU S 106 -34.14 -40.63 18.96
C LEU S 106 -32.85 -40.68 19.78
N SER S 107 -32.05 -39.63 19.73
CA SER S 107 -30.76 -39.58 20.43
C SER S 107 -30.25 -38.15 20.42
N GLY S 108 -29.53 -37.79 21.49
CA GLY S 108 -28.93 -36.47 21.57
C GLY S 108 -29.75 -35.44 22.32
N ASP S 109 -29.56 -34.16 21.97
CA ASP S 109 -30.31 -33.10 22.63
C ASP S 109 -31.79 -33.21 22.34
N HIS S 110 -32.15 -33.31 21.06
CA HIS S 110 -33.54 -33.40 20.63
C HIS S 110 -34.14 -34.78 20.85
N CYS S 111 -33.61 -35.57 21.79
CA CYS S 111 -34.12 -36.91 22.01
C CYS S 111 -35.54 -36.85 22.56
N ILE S 112 -36.44 -37.62 21.95
CA ILE S 112 -37.83 -37.67 22.39
C ILE S 112 -38.13 -38.94 23.16
N ILE S 113 -37.15 -39.82 23.38
CA ILE S 113 -37.35 -41.00 24.20
C ILE S 113 -37.63 -40.57 25.63
N GLY S 114 -38.58 -41.24 26.27
CA GLY S 114 -38.97 -40.88 27.61
C GLY S 114 -39.93 -39.71 27.70
N ARG S 115 -40.35 -39.17 26.56
CA ARG S 115 -41.33 -38.11 26.50
C ARG S 115 -42.65 -38.69 25.98
N THR S 116 -43.66 -37.84 25.93
CA THR S 116 -45.03 -38.27 25.67
C THR S 116 -45.46 -37.87 24.27
N LEU S 117 -46.07 -38.80 23.55
CA LEU S 117 -46.73 -38.52 22.29
C LEU S 117 -48.22 -38.37 22.57
N VAL S 118 -48.83 -37.32 22.01
CA VAL S 118 -50.20 -36.94 22.32
C VAL S 118 -50.94 -36.62 21.02
N VAL S 119 -52.10 -37.25 20.87
CA VAL S 119 -53.04 -36.92 19.79
C VAL S 119 -54.21 -36.17 20.42
N HIS S 120 -54.54 -35.01 19.81
CA HIS S 120 -55.43 -34.01 20.36
C HIS S 120 -56.82 -34.10 19.74
N GLU S 121 -57.72 -33.27 20.26
CA GLU S 121 -59.14 -33.33 19.90
C GLU S 121 -59.44 -32.62 18.59
N LYS S 122 -58.75 -31.51 18.30
CA LYS S 122 -59.04 -30.69 17.13
C LYS S 122 -57.80 -30.58 16.25
N ALA S 123 -57.94 -29.83 15.16
CA ALA S 123 -56.83 -29.61 14.25
C ALA S 123 -55.86 -28.57 14.80
N ASP S 124 -54.59 -28.72 14.43
CA ASP S 124 -53.55 -27.76 14.78
C ASP S 124 -53.45 -26.72 13.68
N ASP S 125 -53.54 -25.43 14.05
CA ASP S 125 -53.50 -24.36 13.06
C ASP S 125 -52.08 -23.98 12.65
N LEU S 126 -51.07 -24.68 13.18
CA LEU S 126 -49.66 -24.49 12.80
C LEU S 126 -49.15 -23.10 13.11
N GLY S 127 -49.68 -22.48 14.16
CA GLY S 127 -49.23 -21.17 14.59
C GLY S 127 -49.82 -20.00 13.85
N LYS S 128 -50.50 -20.23 12.73
CA LYS S 128 -51.08 -19.15 11.93
C LYS S 128 -52.48 -18.77 12.37
N GLY S 129 -52.81 -18.97 13.66
CA GLY S 129 -54.18 -18.77 14.11
C GLY S 129 -54.52 -17.34 14.45
N GLY S 130 -53.54 -16.50 14.76
CA GLY S 130 -53.78 -15.10 15.03
C GLY S 130 -54.03 -14.77 16.48
N ASN S 131 -53.96 -15.74 17.38
CA ASN S 131 -54.10 -15.51 18.82
C ASN S 131 -52.86 -16.03 19.54
N GLU S 132 -52.73 -15.64 20.81
CA GLU S 132 -51.55 -16.03 21.56
C GLU S 132 -51.51 -17.53 21.83
N GLU S 133 -52.67 -18.17 21.96
CA GLU S 133 -52.69 -19.62 22.11
C GLU S 133 -52.21 -20.33 20.85
N SER S 134 -52.33 -19.68 19.69
CA SER S 134 -51.84 -20.26 18.45
C SER S 134 -50.32 -20.36 18.44
N THR S 135 -49.65 -19.50 19.21
CA THR S 135 -48.19 -19.52 19.31
C THR S 135 -47.68 -20.42 20.43
N LYS S 136 -48.59 -21.03 21.19
CA LYS S 136 -48.22 -21.95 22.27
C LYS S 136 -48.57 -23.39 21.92
N THR S 137 -49.84 -23.69 21.71
CA THR S 137 -50.30 -25.05 21.49
C THR S 137 -50.90 -25.28 20.11
N GLY S 138 -51.13 -24.23 19.33
CA GLY S 138 -51.76 -24.39 18.04
C GLY S 138 -53.25 -24.60 18.09
N ASN S 139 -53.89 -24.37 19.24
CA ASN S 139 -55.34 -24.47 19.39
C ASN S 139 -55.84 -25.86 19.02
N ALA S 140 -55.04 -26.90 19.28
CA ALA S 140 -55.42 -28.25 18.92
C ALA S 140 -56.45 -28.85 19.87
N GLY S 141 -56.77 -28.18 20.97
CA GLY S 141 -57.81 -28.64 21.86
C GLY S 141 -57.30 -29.56 22.94
N SER S 142 -58.22 -30.36 23.47
CA SER S 142 -57.89 -31.25 24.58
C SER S 142 -57.09 -32.46 24.09
N ARG S 143 -56.45 -33.14 25.02
CA ARG S 143 -55.59 -34.27 24.72
C ARG S 143 -56.43 -35.55 24.77
N LEU S 144 -56.62 -36.17 23.60
CA LEU S 144 -57.45 -37.38 23.54
C LEU S 144 -56.67 -38.60 24.00
N ALA S 145 -55.46 -38.79 23.48
CA ALA S 145 -54.70 -39.97 23.87
C ALA S 145 -53.23 -39.61 23.96
N CYS S 146 -52.50 -40.38 24.77
CA CYS S 146 -51.10 -40.12 25.00
C CYS S 146 -50.40 -41.42 25.39
N GLY S 147 -49.08 -41.39 25.27
CA GLY S 147 -48.27 -42.51 25.69
C GLY S 147 -46.83 -42.10 25.81
N VAL S 148 -46.10 -42.76 26.70
CA VAL S 148 -44.68 -42.50 26.84
C VAL S 148 -43.93 -43.22 25.72
N ILE S 149 -42.97 -42.52 25.11
CA ILE S 149 -42.19 -43.08 24.01
C ILE S 149 -41.09 -43.95 24.58
N GLY S 150 -41.08 -45.22 24.22
CA GLY S 150 -40.13 -46.16 24.77
C GLY S 150 -39.26 -46.84 23.74
N ILE S 151 -38.10 -47.36 24.16
CA ILE S 151 -37.19 -48.02 23.24
C ILE S 151 -37.76 -49.38 22.84
N ALA S 152 -37.51 -49.77 21.60
CA ALA S 152 -38.00 -51.02 21.05
C ALA S 152 -36.87 -51.76 20.37
N GLN S 153 -37.15 -52.97 19.89
CA GLN S 153 -36.16 -53.79 19.21
C GLN S 153 -36.18 -53.54 17.71
N GLN T 3 -64.66 -26.04 -6.34
CA GLN T 3 -64.10 -26.59 -5.12
C GLN T 3 -64.39 -25.70 -3.90
N LEU T 4 -64.20 -24.40 -4.06
CA LEU T 4 -64.44 -23.43 -3.00
C LEU T 4 -65.18 -22.24 -3.57
N GLN T 5 -66.39 -21.98 -3.07
CA GLN T 5 -67.24 -20.92 -3.61
C GLN T 5 -67.82 -20.10 -2.46
N GLU T 6 -67.31 -18.89 -2.29
CA GLU T 6 -67.72 -17.98 -1.23
C GLU T 6 -68.76 -16.98 -1.76
N SER T 7 -69.54 -16.42 -0.83
CA SER T 7 -70.54 -15.41 -1.16
C SER T 7 -71.01 -14.73 0.12
N GLY T 8 -71.82 -13.68 -0.07
CA GLY T 8 -72.41 -12.96 1.03
C GLY T 8 -71.79 -11.61 1.32
N GLY T 9 -70.70 -11.26 0.65
CA GLY T 9 -70.04 -9.99 0.91
C GLY T 9 -70.78 -8.80 0.36
N GLY T 10 -70.28 -7.62 0.70
CA GLY T 10 -70.85 -6.39 0.18
C GLY T 10 -70.29 -5.18 0.90
N LEU T 11 -70.99 -4.06 0.74
CA LEU T 11 -70.66 -2.82 1.43
C LEU T 11 -71.65 -2.60 2.56
N VAL T 12 -71.13 -2.26 3.75
CA VAL T 12 -71.95 -2.07 4.93
C VAL T 12 -71.41 -0.89 5.73
N GLN T 13 -72.25 -0.36 6.58
CA GLN T 13 -71.90 0.76 7.45
C GLN T 13 -71.25 0.25 8.73
N PRO T 14 -70.36 1.06 9.32
CA PRO T 14 -69.76 0.67 10.61
C PRO T 14 -70.81 0.30 11.63
N GLY T 15 -70.60 -0.83 12.30
CA GLY T 15 -71.56 -1.37 13.23
C GLY T 15 -72.55 -2.35 12.64
N GLY T 16 -72.51 -2.56 11.31
CA GLY T 16 -73.46 -3.46 10.67
C GLY T 16 -72.99 -4.91 10.66
N SER T 17 -73.89 -5.78 10.21
CA SER T 17 -73.65 -7.22 10.18
C SER T 17 -73.56 -7.73 8.75
N LEU T 18 -72.96 -8.91 8.60
CA LEU T 18 -72.77 -9.53 7.30
C LEU T 18 -72.48 -11.01 7.53
N ARG T 19 -73.21 -11.88 6.84
CA ARG T 19 -73.03 -13.33 6.98
C ARG T 19 -72.44 -13.87 5.68
N LEU T 20 -71.17 -14.26 5.73
CA LEU T 20 -70.52 -14.89 4.59
C LEU T 20 -70.76 -16.39 4.63
N SER T 21 -70.91 -16.98 3.45
CA SER T 21 -71.12 -18.42 3.33
C SER T 21 -70.15 -18.98 2.29
N CYS T 22 -69.74 -20.23 2.49
CA CYS T 22 -68.88 -20.88 1.51
C CYS T 22 -69.31 -22.33 1.33
N ARG T 23 -69.47 -22.72 0.07
CA ARG T 23 -69.67 -24.10 -0.31
C ARG T 23 -68.32 -24.71 -0.66
N ALA T 24 -67.97 -25.78 0.05
CA ALA T 24 -66.72 -26.49 -0.17
C ALA T 24 -67.00 -27.88 -0.71
N SER T 25 -66.02 -28.42 -1.43
CA SER T 25 -66.11 -29.80 -1.90
C SER T 25 -66.16 -30.75 -0.71
N GLU T 26 -66.79 -31.90 -0.92
CA GLU T 26 -66.86 -32.91 0.13
C GLU T 26 -65.47 -33.35 0.57
N THR T 27 -64.52 -33.42 -0.38
CA THR T 27 -63.15 -33.80 -0.06
C THR T 27 -62.54 -32.84 0.95
N LEU T 28 -62.62 -31.53 0.67
CA LEU T 28 -61.99 -30.55 1.56
C LEU T 28 -62.76 -30.40 2.85
N PHE T 29 -64.09 -30.50 2.81
CA PHE T 29 -64.88 -30.39 4.03
C PHE T 29 -64.66 -31.59 4.95
N SER T 30 -64.39 -32.76 4.37
CA SER T 30 -64.19 -33.98 5.15
C SER T 30 -62.90 -33.96 5.95
N LEU T 31 -62.04 -32.96 5.75
CA LEU T 31 -60.89 -32.79 6.63
C LEU T 31 -61.27 -32.13 7.95
N TYR T 32 -62.48 -31.58 8.06
CA TYR T 32 -62.99 -30.95 9.27
C TYR T 32 -61.94 -30.04 9.91
N ALA T 33 -61.39 -29.16 9.07
CA ALA T 33 -60.41 -28.16 9.45
C ALA T 33 -60.56 -27.02 8.44
N MET T 34 -61.63 -26.24 8.58
CA MET T 34 -61.90 -25.15 7.65
C MET T 34 -61.59 -23.82 8.31
N GLY T 35 -61.35 -22.81 7.47
CA GLY T 35 -60.95 -21.51 7.97
C GLY T 35 -61.30 -20.35 7.05
N TRP T 36 -61.69 -19.25 7.67
CA TRP T 36 -61.92 -17.98 6.99
C TRP T 36 -60.65 -17.13 7.13
N TYR T 37 -60.13 -16.70 5.98
CA TYR T 37 -58.93 -15.88 5.84
C TYR T 37 -59.30 -14.50 5.33
N ARG T 38 -58.48 -13.52 5.71
CA ARG T 38 -58.67 -12.11 5.39
C ARG T 38 -57.52 -11.62 4.52
N GLN T 39 -57.82 -10.82 3.50
CA GLN T 39 -56.78 -10.24 2.66
C GLN T 39 -57.14 -8.79 2.37
N ALA T 40 -56.41 -7.86 2.98
CA ALA T 40 -56.52 -6.45 2.66
C ALA T 40 -55.74 -6.16 1.39
N PRO T 41 -55.93 -4.96 0.80
CA PRO T 41 -55.16 -4.61 -0.40
C PRO T 41 -53.66 -4.86 -0.29
N GLY T 42 -53.13 -5.66 -1.21
CA GLY T 42 -51.70 -5.90 -1.27
C GLY T 42 -51.17 -6.92 -0.28
N LYS T 43 -51.83 -7.06 0.87
CA LYS T 43 -51.37 -7.95 1.91
C LYS T 43 -51.63 -9.41 1.52
N GLN T 44 -51.13 -10.35 2.39
CA GLN T 44 -51.31 -11.79 2.23
C GLN T 44 -52.55 -12.26 3.00
N PRO T 45 -53.18 -13.36 2.58
CA PRO T 45 -54.37 -13.85 3.28
C PRO T 45 -54.04 -14.29 4.69
N GLU T 46 -54.61 -13.61 5.67
CA GLU T 46 -54.38 -13.90 7.08
C GLU T 46 -55.54 -14.70 7.64
N LEU T 47 -55.22 -15.84 8.26
CA LEU T 47 -56.24 -16.67 8.91
C LEU T 47 -56.85 -15.91 10.08
N ILE T 48 -58.18 -15.78 10.08
CA ILE T 48 -58.85 -15.06 11.15
C ILE T 48 -59.91 -15.89 11.86
N ALA T 49 -60.37 -17.01 11.29
CA ALA T 49 -61.28 -17.87 12.04
C ALA T 49 -61.11 -19.31 11.60
N THR T 50 -61.12 -20.23 12.57
CA THR T 50 -60.95 -21.64 12.28
C THR T 50 -62.08 -22.44 12.93
N ILE T 51 -62.48 -23.52 12.25
CA ILE T 51 -63.45 -24.46 12.77
C ILE T 51 -62.93 -25.87 12.53
N SER T 52 -62.90 -26.67 13.61
CA SER T 52 -62.39 -28.04 13.52
C SER T 52 -62.93 -28.87 14.67
N GLY T 53 -62.75 -30.19 14.56
CA GLY T 53 -63.28 -31.14 15.52
C GLY T 53 -64.60 -31.72 15.06
N GLY T 54 -64.98 -32.82 15.72
CA GLY T 54 -66.20 -33.52 15.36
C GLY T 54 -67.45 -32.75 15.76
N GLY T 55 -68.59 -33.40 15.54
CA GLY T 55 -69.86 -32.81 15.93
C GLY T 55 -70.14 -31.52 15.19
N GLU T 56 -70.65 -30.53 15.92
CA GLU T 56 -70.91 -29.21 15.36
C GLU T 56 -69.64 -28.44 15.06
N GLY T 57 -68.50 -28.89 15.55
CA GLY T 57 -67.25 -28.19 15.36
C GLY T 57 -67.00 -27.14 16.42
N THR T 58 -65.73 -26.80 16.59
CA THR T 58 -65.27 -25.82 17.56
C THR T 58 -64.54 -24.72 16.82
N GLY T 59 -64.87 -23.47 17.15
CA GLY T 59 -64.35 -22.31 16.46
C GLY T 59 -63.35 -21.55 17.32
N ASN T 60 -62.24 -21.18 16.70
CA ASN T 60 -61.25 -20.31 17.30
C ASN T 60 -61.12 -19.05 16.44
N TYR T 61 -60.70 -17.95 17.08
CA TYR T 61 -60.70 -16.65 16.43
C TYR T 61 -59.39 -15.91 16.68
N ALA T 62 -58.95 -15.16 15.68
CA ALA T 62 -57.82 -14.26 15.84
C ALA T 62 -58.21 -13.08 16.71
N ASP T 63 -57.20 -12.36 17.21
CA ASP T 63 -57.43 -11.28 18.15
C ASP T 63 -58.35 -10.17 17.64
N PRO T 64 -58.13 -9.56 16.47
CA PRO T 64 -58.94 -8.39 16.11
C PRO T 64 -60.38 -8.70 15.76
N VAL T 65 -60.80 -9.97 15.76
CA VAL T 65 -62.17 -10.34 15.45
C VAL T 65 -62.85 -11.11 16.57
N LYS T 66 -62.13 -11.44 17.65
CA LYS T 66 -62.74 -12.17 18.75
C LYS T 66 -63.84 -11.33 19.39
N GLY T 67 -64.99 -11.95 19.65
CA GLY T 67 -66.13 -11.27 20.22
C GLY T 67 -67.05 -10.64 19.21
N ARG T 68 -66.70 -10.62 17.93
CA ARG T 68 -67.55 -9.98 16.93
C ARG T 68 -67.87 -10.94 15.78
N PHE T 69 -66.98 -11.87 15.50
CA PHE T 69 -67.17 -12.86 14.43
C PHE T 69 -67.44 -14.23 15.04
N THR T 70 -68.37 -14.96 14.44
CA THR T 70 -68.61 -16.35 14.82
C THR T 70 -68.54 -17.23 13.57
N ILE T 71 -67.77 -18.31 13.65
CA ILE T 71 -67.65 -19.28 12.58
C ILE T 71 -68.49 -20.50 12.91
N SER T 72 -69.18 -21.02 11.91
CA SER T 72 -70.02 -22.20 12.07
C SER T 72 -69.99 -23.03 10.80
N ARG T 73 -70.60 -24.21 10.83
CA ARG T 73 -70.57 -25.08 9.67
C ARG T 73 -71.83 -25.93 9.64
N ASN T 74 -72.05 -26.54 8.49
CA ASN T 74 -73.17 -27.44 8.23
C ASN T 74 -72.60 -28.65 7.51
N ASN T 75 -72.50 -29.77 8.21
CA ASN T 75 -71.84 -30.94 7.66
C ASN T 75 -72.65 -31.56 6.52
N ALA T 76 -73.98 -31.48 6.60
CA ALA T 76 -74.82 -32.08 5.57
C ALA T 76 -74.64 -31.39 4.23
N ASP T 77 -74.77 -30.07 4.20
CA ASP T 77 -74.61 -29.30 2.97
C ASP T 77 -73.16 -28.87 2.72
N ASN T 78 -72.23 -29.27 3.59
CA ASN T 78 -70.81 -28.96 3.42
C ASN T 78 -70.56 -27.46 3.35
N MET T 79 -71.20 -26.72 4.24
CA MET T 79 -71.11 -25.26 4.24
C MET T 79 -70.29 -24.75 5.42
N VAL T 80 -69.57 -23.66 5.20
CA VAL T 80 -68.90 -22.94 6.28
C VAL T 80 -69.40 -21.50 6.28
N PHE T 81 -69.85 -21.03 7.44
CA PHE T 81 -70.44 -19.70 7.60
C PHE T 81 -69.57 -18.85 8.52
N LEU T 82 -69.52 -17.55 8.23
CA LEU T 82 -68.85 -16.56 9.07
C LEU T 82 -69.82 -15.41 9.30
N GLN T 83 -70.40 -15.33 10.49
CA GLN T 83 -71.28 -14.24 10.87
C GLN T 83 -70.44 -13.11 11.46
N MET T 84 -70.65 -11.90 10.97
CA MET T 84 -69.86 -10.73 11.37
C MET T 84 -70.81 -9.67 11.90
N ASN T 85 -70.56 -9.23 13.13
CA ASN T 85 -71.32 -8.15 13.74
C ASN T 85 -70.35 -7.08 14.23
N ASN T 86 -70.90 -5.89 14.50
CA ASN T 86 -70.13 -4.74 14.97
C ASN T 86 -68.95 -4.45 14.04
N LEU T 87 -69.24 -4.42 12.74
CA LEU T 87 -68.19 -4.30 11.74
C LEU T 87 -67.54 -2.92 11.80
N LYS T 88 -66.22 -2.90 11.60
CA LYS T 88 -65.43 -1.68 11.58
C LYS T 88 -64.74 -1.54 10.24
N PRO T 89 -64.38 -0.31 9.85
CA PRO T 89 -63.64 -0.14 8.58
C PRO T 89 -62.36 -0.95 8.51
N GLU T 90 -61.76 -1.30 9.65
CA GLU T 90 -60.56 -2.12 9.64
C GLU T 90 -60.81 -3.51 9.06
N ASP T 91 -62.08 -3.94 9.03
CA ASP T 91 -62.43 -5.25 8.50
C ASP T 91 -62.56 -5.27 6.98
N THR T 92 -62.37 -4.14 6.30
CA THR T 92 -62.48 -4.12 4.85
C THR T 92 -61.38 -4.97 4.22
N ALA T 93 -61.77 -5.97 3.45
CA ALA T 93 -60.85 -6.91 2.82
C ALA T 93 -61.65 -7.88 1.96
N VAL T 94 -60.94 -8.64 1.14
CA VAL T 94 -61.55 -9.80 0.51
C VAL T 94 -61.36 -10.99 1.44
N TYR T 95 -62.42 -11.78 1.58
CA TYR T 95 -62.47 -12.90 2.51
C TYR T 95 -62.51 -14.20 1.72
N TYR T 96 -61.62 -15.13 2.07
CA TYR T 96 -61.57 -16.44 1.45
C TYR T 96 -61.88 -17.51 2.48
N CYS T 97 -62.37 -18.64 2.02
CA CYS T 97 -62.61 -19.79 2.87
C CYS T 97 -61.85 -20.98 2.29
N ASN T 98 -61.03 -21.60 3.12
CA ASN T 98 -60.16 -22.68 2.67
C ASN T 98 -60.00 -23.69 3.81
N VAL T 99 -59.07 -24.62 3.65
CA VAL T 99 -58.70 -25.51 4.74
C VAL T 99 -57.60 -24.83 5.54
N TYR T 100 -57.13 -25.50 6.59
CA TYR T 100 -55.97 -25.05 7.34
C TYR T 100 -55.36 -26.25 8.03
N GLY T 101 -54.20 -26.05 8.65
CA GLY T 101 -53.50 -27.15 9.28
C GLY T 101 -52.90 -28.16 8.33
N THR T 102 -53.04 -27.94 7.02
CA THR T 102 -52.50 -28.83 6.00
C THR T 102 -52.19 -27.98 4.77
N ASN T 103 -51.87 -28.65 3.66
CA ASN T 103 -51.55 -27.93 2.43
C ASN T 103 -52.80 -27.22 1.91
N LEU T 104 -52.66 -25.93 1.63
CA LEU T 104 -53.80 -25.12 1.23
C LEU T 104 -54.28 -25.53 -0.16
N ALA T 105 -55.60 -25.57 -0.32
CA ALA T 105 -56.20 -25.82 -1.62
C ALA T 105 -56.10 -24.58 -2.50
N PRO T 106 -56.22 -24.74 -3.82
CA PRO T 106 -56.25 -23.56 -4.70
C PRO T 106 -57.33 -22.57 -4.28
N TRP T 107 -56.90 -21.32 -4.08
CA TRP T 107 -57.79 -20.29 -3.57
C TRP T 107 -59.01 -20.10 -4.49
N GLY T 108 -60.16 -19.86 -3.87
CA GLY T 108 -61.36 -19.51 -4.61
C GLY T 108 -61.35 -18.06 -5.03
N GLN T 109 -62.53 -17.57 -5.40
CA GLN T 109 -62.64 -16.17 -5.79
C GLN T 109 -62.82 -15.24 -4.59
N GLY T 110 -63.27 -15.77 -3.45
CA GLY T 110 -63.49 -14.96 -2.27
C GLY T 110 -64.71 -14.07 -2.42
N THR T 111 -64.95 -13.27 -1.38
CA THR T 111 -66.03 -12.29 -1.40
C THR T 111 -65.52 -11.00 -0.81
N GLN T 112 -65.92 -9.88 -1.39
CA GLN T 112 -65.42 -8.57 -0.99
C GLN T 112 -66.29 -8.03 0.15
N VAL T 113 -65.64 -7.49 1.19
CA VAL T 113 -66.33 -6.85 2.29
C VAL T 113 -65.73 -5.47 2.48
N THR T 114 -66.58 -4.44 2.47
CA THR T 114 -66.14 -3.05 2.60
C THR T 114 -67.00 -2.37 3.64
N VAL T 115 -66.35 -1.79 4.65
CA VAL T 115 -67.02 -1.05 5.71
C VAL T 115 -66.62 0.41 5.57
N SER T 116 -67.61 1.28 5.42
CA SER T 116 -67.38 2.72 5.25
C SER T 116 -68.73 3.41 5.39
N SER T 117 -68.69 4.74 5.34
CA SER T 117 -69.91 5.53 5.43
C SER T 117 -69.81 6.79 4.58
N ALA U 1 16.19 -5.01 74.59
CA ALA U 1 15.74 -5.80 73.44
C ALA U 1 14.53 -6.65 73.80
N THR U 2 13.34 -6.16 73.45
CA THR U 2 12.10 -6.87 73.76
C THR U 2 11.27 -7.05 72.50
N LYS U 3 10.57 -8.17 72.42
CA LYS U 3 9.72 -8.50 71.29
C LYS U 3 8.35 -8.97 71.79
N ALA U 4 7.32 -8.62 71.04
CA ALA U 4 5.95 -9.00 71.35
C ALA U 4 5.24 -9.44 70.08
N VAL U 5 4.13 -10.17 70.26
CA VAL U 5 3.35 -10.67 69.13
C VAL U 5 1.87 -10.56 69.45
N CYS U 6 1.07 -10.48 68.40
CA CYS U 6 -0.38 -10.35 68.53
C CYS U 6 -1.05 -11.10 67.39
N VAL U 7 -1.99 -11.97 67.74
CA VAL U 7 -2.75 -12.76 66.77
C VAL U 7 -4.16 -12.18 66.71
N LEU U 8 -4.48 -11.50 65.62
CA LEU U 8 -5.78 -10.89 65.44
C LEU U 8 -6.75 -11.91 64.86
N LYS U 9 -7.88 -12.08 65.52
CA LYS U 9 -8.95 -12.96 65.08
C LYS U 9 -10.29 -12.30 65.36
N GLY U 10 -11.32 -12.74 64.65
CA GLY U 10 -12.63 -12.18 64.84
C GLY U 10 -13.70 -13.12 64.34
N ASP U 11 -14.94 -12.62 64.34
CA ASP U 11 -16.07 -13.41 63.87
C ASP U 11 -16.11 -13.54 62.36
N GLY U 12 -15.49 -12.61 61.63
CA GLY U 12 -15.51 -12.64 60.19
C GLY U 12 -14.25 -13.27 59.61
N PRO U 13 -13.94 -12.91 58.36
CA PRO U 13 -12.75 -13.48 57.69
C PRO U 13 -11.45 -12.74 57.96
N VAL U 14 -11.48 -11.64 58.70
CA VAL U 14 -10.27 -10.86 58.94
C VAL U 14 -9.42 -11.54 59.99
N GLN U 15 -8.15 -11.77 59.68
CA GLN U 15 -7.27 -12.42 60.63
C GLN U 15 -5.83 -12.05 60.29
N GLY U 16 -4.97 -12.05 61.29
CA GLY U 16 -3.60 -11.64 60.99
C GLY U 16 -2.65 -11.87 62.15
N ILE U 17 -1.37 -11.57 61.87
CA ILE U 17 -0.29 -11.69 62.84
C ILE U 17 0.55 -10.42 62.78
N ILE U 18 0.78 -9.82 63.95
CA ILE U 18 1.45 -8.53 64.06
C ILE U 18 2.54 -8.64 65.12
N ASN U 19 3.79 -8.40 64.72
CA ASN U 19 4.94 -8.41 65.62
C ASN U 19 5.34 -7.00 66.01
N PHE U 20 5.85 -6.88 67.24
CA PHE U 20 6.38 -5.64 67.79
C PHE U 20 7.81 -5.87 68.23
N GLU U 21 8.69 -4.91 67.95
CA GLU U 21 10.08 -4.98 68.38
C GLU U 21 10.52 -3.64 68.94
N GLN U 22 11.06 -3.65 70.15
CA GLN U 22 11.63 -2.48 70.80
C GLN U 22 13.06 -2.83 71.19
N LYS U 23 14.03 -2.35 70.41
CA LYS U 23 15.42 -2.76 70.60
C LYS U 23 15.98 -2.20 71.90
N GLU U 24 15.64 -0.95 72.23
CA GLU U 24 16.05 -0.30 73.46
C GLU U 24 14.83 0.31 74.12
N SER U 25 14.87 0.38 75.46
CA SER U 25 13.73 0.90 76.19
C SER U 25 13.54 2.38 75.88
N ASN U 26 12.29 2.81 76.00
CA ASN U 26 11.87 4.19 75.77
C ASN U 26 12.15 4.69 74.37
N GLY U 27 12.55 3.82 73.43
CA GLY U 27 12.76 4.22 72.07
C GLY U 27 11.55 3.92 71.21
N PRO U 28 11.77 3.75 69.91
CA PRO U 28 10.65 3.47 69.01
C PRO U 28 10.34 1.98 68.92
N VAL U 29 9.05 1.69 68.80
CA VAL U 29 8.56 0.34 68.55
C VAL U 29 8.34 0.17 67.05
N LYS U 30 8.85 -0.91 66.48
CA LYS U 30 8.52 -1.29 65.11
C LYS U 30 7.41 -2.33 65.13
N VAL U 31 6.34 -2.03 64.40
CA VAL U 31 5.14 -2.85 64.32
C VAL U 31 5.02 -3.32 62.89
N TRP U 32 5.19 -4.62 62.66
CA TRP U 32 5.13 -5.14 61.31
C TRP U 32 4.44 -6.49 61.29
N GLY U 33 3.74 -6.76 60.19
CA GLY U 33 3.07 -8.03 60.06
C GLY U 33 2.12 -8.05 58.88
N SER U 34 1.18 -8.98 58.92
CA SER U 34 0.25 -9.18 57.81
C SER U 34 -1.15 -9.48 58.32
N ILE U 35 -2.14 -8.82 57.74
CA ILE U 35 -3.54 -9.03 58.06
C ILE U 35 -4.29 -9.31 56.76
N LYS U 36 -4.97 -10.45 56.68
CA LYS U 36 -5.75 -10.83 55.51
C LYS U 36 -7.25 -10.76 55.82
N GLY U 37 -8.04 -10.85 54.75
CA GLY U 37 -9.49 -10.81 54.86
C GLY U 37 -10.09 -9.42 54.78
N LEU U 38 -9.28 -8.38 54.70
CA LEU U 38 -9.80 -7.03 54.74
C LEU U 38 -10.40 -6.64 53.39
N THR U 39 -11.15 -5.55 53.40
CA THR U 39 -11.58 -4.89 52.17
C THR U 39 -10.51 -3.90 51.74
N GLU U 40 -10.32 -3.77 50.43
CA GLU U 40 -9.30 -2.87 49.90
C GLU U 40 -9.45 -1.48 50.47
N GLY U 41 -8.32 -0.85 50.83
CA GLY U 41 -8.36 0.52 51.31
C GLY U 41 -7.83 0.71 52.72
N LEU U 42 -8.23 1.80 53.37
CA LEU U 42 -7.72 2.14 54.70
C LEU U 42 -8.57 1.48 55.79
N HIS U 43 -7.91 1.12 56.88
CA HIS U 43 -8.57 0.52 58.04
C HIS U 43 -7.94 1.04 59.31
N GLY U 44 -8.78 1.45 60.27
CA GLY U 44 -8.26 1.93 61.54
C GLY U 44 -7.52 0.83 62.27
N PHE U 45 -6.43 1.22 62.96
CA PHE U 45 -5.50 0.29 63.59
C PHE U 45 -5.17 0.86 64.96
N HIS U 46 -5.85 0.38 66.01
CA HIS U 46 -5.78 1.03 67.32
C HIS U 46 -5.46 0.03 68.42
N VAL U 47 -4.73 0.52 69.43
CA VAL U 47 -4.45 -0.25 70.64
C VAL U 47 -5.46 0.21 71.69
N HIS U 48 -6.36 -0.69 72.07
CA HIS U 48 -7.37 -0.48 73.09
C HIS U 48 -6.86 -0.92 74.46
N GLU U 49 -7.49 -0.37 75.49
CA GLU U 49 -6.94 -0.38 76.84
C GLU U 49 -6.94 -1.78 77.44
N PHE U 50 -8.08 -2.46 77.42
CA PHE U 50 -8.20 -3.73 78.13
C PHE U 50 -7.87 -4.89 77.20
N GLY U 51 -7.05 -5.82 77.70
CA GLY U 51 -6.79 -7.07 77.04
C GLY U 51 -7.88 -8.08 77.35
N ASP U 52 -9.12 -7.61 77.28
CA ASP U 52 -10.29 -8.40 77.67
C ASP U 52 -10.97 -8.93 76.43
N ASN U 53 -11.08 -10.26 76.33
CA ASN U 53 -11.69 -10.92 75.18
C ASN U 53 -12.97 -11.66 75.57
N THR U 54 -13.47 -11.45 76.80
CA THR U 54 -14.61 -12.24 77.28
C THR U 54 -15.86 -11.98 76.45
N ALA U 55 -16.03 -10.78 75.92
CA ALA U 55 -17.17 -10.50 75.05
C ALA U 55 -16.71 -10.02 73.69
N GLY U 56 -15.83 -10.78 73.04
CA GLY U 56 -15.32 -10.36 71.76
C GLY U 56 -14.40 -9.16 71.89
N CYS U 57 -14.32 -8.38 70.80
CA CYS U 57 -13.48 -7.19 70.81
C CYS U 57 -14.11 -6.03 71.56
N THR U 58 -15.43 -6.03 71.74
CA THR U 58 -16.08 -4.95 72.48
C THR U 58 -15.55 -4.86 73.91
N SER U 59 -15.16 -5.99 74.51
CA SER U 59 -14.59 -6.00 75.84
C SER U 59 -13.29 -5.20 75.94
N ALA U 60 -12.66 -4.86 74.81
CA ALA U 60 -11.38 -4.18 74.84
C ALA U 60 -11.48 -2.74 75.34
N GLY U 61 -12.68 -2.21 75.54
CA GLY U 61 -12.85 -0.83 75.95
C GLY U 61 -12.47 0.13 74.85
N PRO U 62 -12.17 1.37 75.21
CA PRO U 62 -11.76 2.37 74.23
C PRO U 62 -10.25 2.28 74.01
N HIS U 63 -9.74 3.21 73.19
CA HIS U 63 -8.31 3.21 72.89
C HIS U 63 -7.50 3.43 74.16
N PHE U 64 -6.27 2.91 74.15
CA PHE U 64 -5.33 3.14 75.24
C PHE U 64 -5.05 4.62 75.36
N ASN U 65 -5.46 5.24 76.46
CA ASN U 65 -5.33 6.69 76.67
C ASN U 65 -4.92 6.96 78.10
N PRO U 66 -3.63 6.79 78.42
CA PRO U 66 -3.16 7.10 79.78
C PRO U 66 -2.92 8.59 79.99
N LEU U 67 -2.50 9.29 78.93
CA LEU U 67 -2.21 10.71 79.02
C LEU U 67 -3.46 11.58 79.01
N SER U 68 -4.64 10.98 78.83
CA SER U 68 -5.90 11.70 78.80
C SER U 68 -5.89 12.80 77.73
N ARG U 69 -6.00 12.42 76.46
CA ARG U 69 -6.10 13.35 75.35
C ARG U 69 -7.29 12.94 74.48
N LYS U 70 -7.60 13.73 73.43
CA LYS U 70 -8.57 13.30 72.44
C LYS U 70 -7.88 12.52 71.30
N HIS U 71 -8.70 12.04 70.35
CA HIS U 71 -8.20 11.16 69.30
C HIS U 71 -7.52 11.94 68.18
N GLY U 72 -6.40 11.41 67.70
CA GLY U 72 -5.69 11.97 66.57
C GLY U 72 -4.92 10.94 65.78
N GLY U 73 -4.15 11.38 64.79
CA GLY U 73 -3.28 10.49 64.05
C GLY U 73 -2.01 10.20 64.80
N PRO U 74 -1.18 9.32 64.21
CA PRO U 74 0.09 8.96 64.88
C PRO U 74 1.14 10.05 64.80
N LYS U 75 0.95 11.08 63.98
CA LYS U 75 1.88 12.20 63.90
C LYS U 75 1.44 13.41 64.70
N ASP U 76 0.15 13.50 65.05
CA ASP U 76 -0.34 14.62 65.83
C ASP U 76 0.20 14.56 67.25
N GLU U 77 0.46 15.74 67.81
CA GLU U 77 0.81 15.80 69.22
C GLU U 77 -0.36 15.39 70.09
N GLU U 78 -1.58 15.66 69.65
CA GLU U 78 -2.76 15.35 70.45
C GLU U 78 -3.40 14.09 69.89
N ARG U 79 -3.27 12.99 70.63
CA ARG U 79 -3.65 11.67 70.17
C ARG U 79 -3.68 10.72 71.35
N HIS U 80 -4.40 9.61 71.19
CA HIS U 80 -4.25 8.52 72.15
C HIS U 80 -2.87 7.91 72.02
N VAL U 81 -2.44 7.20 73.07
CA VAL U 81 -1.21 6.43 72.98
C VAL U 81 -1.38 5.30 71.96
N GLY U 82 -2.55 4.68 71.93
CA GLY U 82 -2.84 3.60 71.02
C GLY U 82 -3.27 4.00 69.63
N ASP U 83 -3.26 5.29 69.31
CA ASP U 83 -3.66 5.76 67.98
C ASP U 83 -2.53 5.49 66.99
N LEU U 84 -2.64 4.37 66.27
CA LEU U 84 -1.64 4.01 65.28
C LEU U 84 -2.06 4.37 63.86
N GLY U 85 -3.14 5.13 63.70
CA GLY U 85 -3.51 5.64 62.39
C GLY U 85 -4.29 4.63 61.59
N ASN U 86 -3.85 4.40 60.35
CA ASN U 86 -4.55 3.55 59.40
C ASN U 86 -3.56 2.61 58.74
N VAL U 87 -4.06 1.45 58.32
CA VAL U 87 -3.29 0.49 57.54
C VAL U 87 -4.00 0.30 56.20
N THR U 88 -3.23 -0.11 55.19
CA THR U 88 -3.73 -0.17 53.82
C THR U 88 -3.78 -1.60 53.32
N ALA U 89 -4.96 -2.05 52.92
CA ALA U 89 -5.16 -3.34 52.29
C ALA U 89 -5.19 -3.16 50.78
N ASP U 90 -4.58 -4.12 50.07
CA ASP U 90 -4.54 -4.11 48.63
C ASP U 90 -5.80 -4.77 48.06
N LYS U 91 -5.89 -4.81 46.72
CA LYS U 91 -7.07 -5.35 46.06
C LYS U 91 -7.35 -6.80 46.43
N ASP U 92 -6.37 -7.49 46.98
CA ASP U 92 -6.56 -8.86 47.45
C ASP U 92 -6.92 -8.93 48.94
N GLY U 93 -7.09 -7.77 49.59
CA GLY U 93 -7.47 -7.74 50.98
C GLY U 93 -6.35 -8.01 51.96
N VAL U 94 -5.10 -7.99 51.50
CA VAL U 94 -3.94 -8.21 52.37
C VAL U 94 -3.33 -6.87 52.71
N ALA U 95 -3.11 -6.64 54.00
CA ALA U 95 -2.48 -5.44 54.52
C ALA U 95 -1.15 -5.83 55.13
N ASP U 96 -0.07 -5.36 54.53
CA ASP U 96 1.28 -5.54 55.06
C ASP U 96 1.60 -4.33 55.92
N VAL U 97 1.58 -4.52 57.24
CA VAL U 97 1.79 -3.43 58.19
C VAL U 97 3.27 -3.27 58.43
N SER U 98 3.75 -2.03 58.37
CA SER U 98 5.15 -1.69 58.69
C SER U 98 5.17 -0.24 59.18
N ILE U 99 5.05 -0.09 60.49
CA ILE U 99 4.90 1.20 61.16
C ILE U 99 5.99 1.33 62.21
N GLU U 100 6.42 2.56 62.45
CA GLU U 100 7.35 2.88 63.54
C GLU U 100 6.70 3.94 64.41
N ASP U 101 6.59 3.66 65.71
CA ASP U 101 5.93 4.59 66.62
C ASP U 101 6.71 4.73 67.90
N SER U 102 6.97 5.97 68.31
CA SER U 102 7.74 6.25 69.52
C SER U 102 6.87 6.58 70.72
N VAL U 103 5.55 6.55 70.58
CA VAL U 103 4.65 6.84 71.69
C VAL U 103 4.27 5.57 72.45
N ILE U 104 3.93 4.50 71.72
CA ILE U 104 3.72 3.19 72.34
C ILE U 104 5.06 2.65 72.81
N SER U 105 5.02 1.63 73.66
CA SER U 105 6.24 1.01 74.17
C SER U 105 5.90 -0.38 74.68
N LEU U 106 6.92 -1.23 74.74
CA LEU U 106 6.77 -2.55 75.34
C LEU U 106 7.11 -2.56 76.83
N SER U 107 7.15 -1.38 77.45
CA SER U 107 7.50 -1.24 78.86
C SER U 107 7.04 0.13 79.34
N GLY U 108 7.17 0.35 80.65
CA GLY U 108 6.88 1.65 81.21
C GLY U 108 5.39 1.95 81.29
N ASP U 109 5.10 3.25 81.41
CA ASP U 109 3.72 3.69 81.52
C ASP U 109 2.94 3.50 80.22
N HIS U 110 3.62 3.57 79.08
CA HIS U 110 2.99 3.36 77.79
C HIS U 110 3.10 1.92 77.31
N CYS U 111 3.27 0.97 78.22
CA CYS U 111 3.40 -0.43 77.83
C CYS U 111 2.06 -0.94 77.29
N ILE U 112 2.10 -1.51 76.09
CA ILE U 112 0.90 -2.06 75.46
C ILE U 112 0.78 -3.56 75.66
N ILE U 113 1.79 -4.20 76.28
CA ILE U 113 1.70 -5.63 76.55
C ILE U 113 0.53 -5.87 77.49
N GLY U 114 -0.33 -6.83 77.14
CA GLY U 114 -1.54 -7.08 77.88
C GLY U 114 -2.75 -6.29 77.43
N ARG U 115 -2.59 -5.35 76.50
CA ARG U 115 -3.68 -4.55 75.96
C ARG U 115 -4.21 -5.25 74.71
N THR U 116 -5.09 -4.59 73.95
CA THR U 116 -5.73 -5.25 72.82
C THR U 116 -5.45 -4.50 71.51
N LEU U 117 -4.84 -5.18 70.56
CA LEU U 117 -4.67 -4.61 69.22
C LEU U 117 -5.92 -4.91 68.40
N VAL U 118 -6.47 -3.89 67.74
CA VAL U 118 -7.72 -4.00 67.00
C VAL U 118 -7.54 -3.38 65.62
N VAL U 119 -8.07 -4.08 64.61
CA VAL U 119 -8.21 -3.53 63.27
C VAL U 119 -9.70 -3.36 63.00
N HIS U 120 -10.08 -2.19 62.47
CA HIS U 120 -11.44 -1.73 62.37
C HIS U 120 -11.99 -1.90 60.96
N GLU U 121 -13.21 -1.40 60.74
CA GLU U 121 -13.98 -1.65 59.52
C GLU U 121 -13.69 -0.63 58.43
N LYS U 122 -13.67 0.66 58.78
CA LYS U 122 -13.42 1.70 57.79
C LYS U 122 -12.22 2.53 58.20
N ALA U 123 -12.06 3.70 57.61
CA ALA U 123 -10.87 4.51 57.81
C ALA U 123 -10.97 5.33 59.09
N ASP U 124 -9.81 5.56 59.70
CA ASP U 124 -9.67 6.44 60.85
C ASP U 124 -9.42 7.86 60.34
N ASP U 125 -10.33 8.78 60.67
CA ASP U 125 -10.21 10.16 60.16
C ASP U 125 -9.17 10.98 60.92
N LEU U 126 -8.44 10.35 61.84
CA LEU U 126 -7.37 11.01 62.61
C LEU U 126 -7.88 12.18 63.42
N GLY U 127 -9.19 12.27 63.63
CA GLY U 127 -9.77 13.29 64.47
C GLY U 127 -10.24 14.54 63.75
N LYS U 128 -10.17 14.57 62.42
CA LYS U 128 -10.52 15.76 61.65
C LYS U 128 -11.97 15.72 61.15
N GLY U 129 -12.76 14.75 61.59
CA GLY U 129 -14.11 14.59 61.06
C GLY U 129 -15.06 15.73 61.36
N GLY U 130 -14.81 16.49 62.43
CA GLY U 130 -15.70 17.58 62.78
C GLY U 130 -16.87 17.17 63.63
N ASN U 131 -16.79 16.03 64.30
CA ASN U 131 -17.80 15.62 65.25
C ASN U 131 -17.11 15.04 66.48
N GLU U 132 -17.90 14.80 67.52
CA GLU U 132 -17.36 14.31 68.78
C GLU U 132 -16.79 12.91 68.62
N GLU U 133 -17.42 12.09 67.78
CA GLU U 133 -16.91 10.74 67.55
C GLU U 133 -15.53 10.75 66.93
N SER U 134 -15.24 11.75 66.08
CA SER U 134 -13.89 11.87 65.53
C SER U 134 -12.88 12.14 66.64
N THR U 135 -13.29 12.89 67.66
CA THR U 135 -12.44 13.15 68.81
C THR U 135 -12.38 11.96 69.76
N LYS U 136 -13.32 11.01 69.63
CA LYS U 136 -13.33 9.83 70.49
C LYS U 136 -12.69 8.63 69.79
N THR U 137 -13.35 8.11 68.76
CA THR U 137 -12.91 6.90 68.09
C THR U 137 -12.34 7.12 66.70
N GLY U 138 -12.44 8.33 66.16
CA GLY U 138 -12.03 8.56 64.79
C GLY U 138 -12.97 8.03 63.74
N ASN U 139 -14.14 7.55 64.14
CA ASN U 139 -15.16 7.04 63.22
C ASN U 139 -14.66 5.87 62.37
N ALA U 140 -13.76 5.05 62.94
CA ALA U 140 -13.26 3.89 62.21
C ALA U 140 -14.30 2.78 62.09
N GLY U 141 -15.46 2.92 62.71
CA GLY U 141 -16.47 1.89 62.60
C GLY U 141 -16.24 0.72 63.54
N SER U 142 -16.85 -0.40 63.19
CA SER U 142 -16.87 -1.57 64.05
C SER U 142 -15.48 -2.19 64.19
N ARG U 143 -15.34 -3.09 65.15
CA ARG U 143 -14.09 -3.79 65.39
C ARG U 143 -14.09 -5.09 64.59
N LEU U 144 -13.20 -5.17 63.60
CA LEU U 144 -13.17 -6.34 62.73
C LEU U 144 -12.37 -7.47 63.36
N ALA U 145 -11.18 -7.17 63.89
CA ALA U 145 -10.40 -8.22 64.51
C ALA U 145 -9.59 -7.62 65.65
N CYS U 146 -9.23 -8.48 66.61
CA CYS U 146 -8.50 -8.04 67.78
C CYS U 146 -7.70 -9.19 68.36
N GLY U 147 -6.73 -8.84 69.19
CA GLY U 147 -5.90 -9.82 69.85
C GLY U 147 -5.13 -9.21 71.01
N VAL U 148 -4.88 -10.03 72.03
CA VAL U 148 -4.11 -9.58 73.18
C VAL U 148 -2.62 -9.58 72.82
N ILE U 149 -1.94 -8.49 73.13
CA ILE U 149 -0.51 -8.35 72.86
C ILE U 149 0.28 -9.07 73.94
N GLY U 150 1.03 -10.10 73.55
CA GLY U 150 1.76 -10.94 74.48
C GLY U 150 3.26 -10.89 74.25
N ILE U 151 3.99 -11.43 75.23
CA ILE U 151 5.45 -11.46 75.16
C ILE U 151 5.89 -12.52 74.15
N ALA U 152 6.85 -12.16 73.30
CA ALA U 152 7.36 -13.05 72.27
C ALA U 152 8.82 -13.39 72.53
N GLN U 153 9.34 -14.32 71.74
CA GLN U 153 10.74 -14.72 71.81
C GLN U 153 11.48 -14.31 70.54
N GLN V 3 -5.30 14.61 38.96
CA GLN V 3 -5.33 13.72 40.12
C GLN V 3 -6.61 13.93 40.95
N LEU V 4 -7.05 15.19 41.03
CA LEU V 4 -8.31 15.56 41.69
C LEU V 4 -8.97 16.66 40.89
N GLN V 5 -10.17 16.40 40.36
CA GLN V 5 -10.88 17.36 39.52
C GLN V 5 -12.30 17.52 40.05
N GLU V 6 -12.59 18.69 40.62
CA GLU V 6 -13.88 18.98 41.22
C GLU V 6 -14.72 19.86 40.30
N SER V 7 -16.04 19.74 40.43
CA SER V 7 -16.98 20.56 39.67
C SER V 7 -18.35 20.47 40.33
N GLY V 8 -19.27 21.29 39.86
CA GLY V 8 -20.66 21.24 40.27
C GLY V 8 -21.14 22.44 41.07
N GLY V 9 -20.25 23.32 41.52
CA GLY V 9 -20.64 24.45 42.32
C GLY V 9 -21.45 25.47 41.52
N GLY V 10 -21.84 26.53 42.23
CA GLY V 10 -22.62 27.57 41.61
C GLY V 10 -23.27 28.46 42.66
N LEU V 11 -24.14 29.35 42.16
CA LEU V 11 -24.90 30.27 43.00
C LEU V 11 -26.29 29.69 43.25
N VAL V 12 -26.72 29.71 44.51
CA VAL V 12 -27.95 29.06 44.92
C VAL V 12 -28.58 29.88 46.04
N GLN V 13 -29.90 30.08 45.95
CA GLN V 13 -30.62 30.78 47.00
C GLN V 13 -30.74 29.90 48.23
N PRO V 14 -30.81 30.49 49.42
CA PRO V 14 -30.96 29.69 50.64
C PRO V 14 -32.15 28.74 50.56
N GLY V 15 -31.88 27.46 50.82
CA GLY V 15 -32.89 26.43 50.74
C GLY V 15 -32.85 25.60 49.47
N GLY V 16 -31.95 25.89 48.55
CA GLY V 16 -31.85 25.17 47.30
C GLY V 16 -31.09 23.87 47.43
N SER V 17 -30.65 23.35 46.28
CA SER V 17 -29.94 22.08 46.20
C SER V 17 -28.72 22.25 45.30
N LEU V 18 -27.77 21.33 45.45
CA LEU V 18 -26.54 21.37 44.66
C LEU V 18 -25.76 20.06 44.76
N ARG V 19 -25.31 19.53 43.62
CA ARG V 19 -24.54 18.29 43.58
C ARG V 19 -23.12 18.63 43.14
N LEU V 20 -22.14 18.24 43.95
CA LEU V 20 -20.73 18.37 43.57
C LEU V 20 -20.16 17.02 43.18
N SER V 21 -19.37 17.01 42.12
CA SER V 21 -18.69 15.82 41.64
C SER V 21 -17.18 16.03 41.71
N CYS V 22 -16.45 14.93 41.93
CA CYS V 22 -15.00 14.97 41.85
C CYS V 22 -14.48 13.66 41.27
N ARG V 23 -13.60 13.77 40.29
CA ARG V 23 -12.92 12.63 39.71
C ARG V 23 -11.51 12.55 40.27
N ALA V 24 -11.17 11.40 40.83
CA ALA V 24 -9.86 11.18 41.43
C ALA V 24 -9.14 10.07 40.69
N SER V 25 -7.81 10.13 40.72
CA SER V 25 -7.00 9.09 40.09
C SER V 25 -7.24 7.75 40.77
N GLU V 26 -7.01 6.66 40.02
CA GLU V 26 -7.22 5.33 40.54
C GLU V 26 -6.36 5.06 41.77
N THR V 27 -5.13 5.59 41.77
CA THR V 27 -4.23 5.40 42.91
C THR V 27 -4.83 5.98 44.19
N LEU V 28 -5.41 7.18 44.11
CA LEU V 28 -6.00 7.79 45.29
C LEU V 28 -7.33 7.14 45.66
N PHE V 29 -8.18 6.87 44.67
CA PHE V 29 -9.48 6.30 44.95
C PHE V 29 -9.37 4.89 45.53
N SER V 30 -8.30 4.17 45.19
CA SER V 30 -8.13 2.80 45.64
C SER V 30 -7.79 2.69 47.12
N LEU V 31 -7.51 3.81 47.79
CA LEU V 31 -7.38 3.81 49.25
C LEU V 31 -8.74 3.77 49.93
N TYR V 32 -9.82 4.00 49.18
CA TYR V 32 -11.19 3.95 49.70
C TYR V 32 -11.32 4.71 51.02
N ALA V 33 -10.86 5.97 50.99
CA ALA V 33 -11.01 6.90 52.10
C ALA V 33 -11.00 8.32 51.55
N MET V 34 -12.14 8.77 51.04
CA MET V 34 -12.22 10.09 50.43
C MET V 34 -13.01 11.03 51.33
N GLY V 35 -12.89 12.32 51.04
CA GLY V 35 -13.54 13.32 51.84
C GLY V 35 -13.69 14.66 51.15
N TRP V 36 -14.87 15.25 51.32
CA TRP V 36 -15.13 16.63 50.91
C TRP V 36 -14.77 17.56 52.05
N TYR V 37 -13.94 18.55 51.74
CA TYR V 37 -13.56 19.63 52.63
C TYR V 37 -14.16 20.93 52.13
N ARG V 38 -14.40 21.87 53.04
CA ARG V 38 -14.84 23.21 52.70
C ARG V 38 -13.83 24.23 53.21
N GLN V 39 -13.68 25.32 52.48
CA GLN V 39 -12.72 26.37 52.82
C GLN V 39 -13.39 27.72 52.68
N ALA V 40 -13.48 28.44 53.79
CA ALA V 40 -13.94 29.82 53.79
C ALA V 40 -12.78 30.75 53.43
N PRO V 41 -13.08 31.99 53.02
CA PRO V 41 -12.01 32.94 52.71
C PRO V 41 -10.98 33.09 53.83
N GLY V 42 -9.74 32.74 53.54
CA GLY V 42 -8.63 32.86 54.48
C GLY V 42 -8.36 31.64 55.32
N LYS V 43 -9.40 30.98 55.82
CA LYS V 43 -9.25 29.90 56.76
C LYS V 43 -8.80 28.61 56.06
N GLN V 44 -8.44 27.61 56.87
CA GLN V 44 -7.97 26.34 56.34
C GLN V 44 -9.13 25.48 55.87
N PRO V 45 -8.87 24.54 54.96
CA PRO V 45 -9.94 23.62 54.53
C PRO V 45 -10.23 22.57 55.60
N GLU V 46 -11.49 22.48 55.99
CA GLU V 46 -11.91 21.61 57.08
C GLU V 46 -12.70 20.43 56.53
N LEU V 47 -12.33 19.22 56.97
CA LEU V 47 -13.05 18.01 56.60
C LEU V 47 -14.51 18.11 57.01
N ILE V 48 -15.41 17.96 56.04
CA ILE V 48 -16.84 18.08 56.31
C ILE V 48 -17.62 16.82 55.96
N ALA V 49 -17.15 15.96 55.07
CA ALA V 49 -17.83 14.69 54.83
C ALA V 49 -16.84 13.63 54.38
N THR V 50 -16.78 12.50 55.08
CA THR V 50 -15.87 11.42 54.72
C THR V 50 -16.66 10.21 54.25
N ILE V 51 -16.04 9.40 53.39
CA ILE V 51 -16.63 8.14 52.94
C ILE V 51 -15.52 7.11 52.84
N SER V 52 -15.74 5.94 53.43
CA SER V 52 -14.71 4.90 53.46
C SER V 52 -15.37 3.55 53.74
N GLY V 53 -14.55 2.50 53.66
CA GLY V 53 -15.02 1.14 53.82
C GLY V 53 -15.28 0.49 52.48
N GLY V 54 -15.75 -0.77 52.55
CA GLY V 54 -15.96 -1.55 51.36
C GLY V 54 -17.35 -1.38 50.75
N GLY V 55 -17.53 -1.99 49.58
CA GLY V 55 -18.81 -1.91 48.89
C GLY V 55 -19.06 -0.51 48.40
N GLU V 56 -20.31 -0.05 48.54
CA GLU V 56 -20.65 1.31 48.18
C GLU V 56 -20.16 2.33 49.19
N GLY V 57 -19.53 1.89 50.27
CA GLY V 57 -18.92 2.79 51.22
C GLY V 57 -19.90 3.27 52.28
N THR V 58 -19.33 3.84 53.33
CA THR V 58 -20.08 4.39 54.45
C THR V 58 -19.61 5.82 54.68
N GLY V 59 -20.57 6.73 54.81
CA GLY V 59 -20.29 8.15 54.91
C GLY V 59 -20.55 8.66 56.32
N ASN V 60 -19.68 9.56 56.76
CA ASN V 60 -19.82 10.28 58.01
C ASN V 60 -19.77 11.78 57.72
N TYR V 61 -20.43 12.56 58.57
CA TYR V 61 -20.61 13.98 58.33
C TYR V 61 -20.26 14.78 59.58
N ALA V 62 -19.68 15.96 59.37
CA ALA V 62 -19.46 16.88 60.48
C ALA V 62 -20.80 17.41 60.98
N ASP V 63 -20.77 17.93 62.20
CA ASP V 63 -22.00 18.41 62.83
C ASP V 63 -22.70 19.53 62.05
N PRO V 64 -22.01 20.54 61.50
CA PRO V 64 -22.75 21.63 60.84
C PRO V 64 -23.65 21.19 59.69
N VAL V 65 -23.31 20.12 58.99
CA VAL V 65 -24.04 19.72 57.78
C VAL V 65 -24.73 18.38 57.91
N LYS V 66 -24.69 17.73 59.09
CA LYS V 66 -25.35 16.45 59.26
C LYS V 66 -26.85 16.57 59.01
N GLY V 67 -27.39 15.65 58.22
CA GLY V 67 -28.79 15.67 57.86
C GLY V 67 -29.10 16.43 56.59
N ARG V 68 -28.21 17.29 56.13
CA ARG V 68 -28.41 18.08 54.91
C ARG V 68 -27.58 17.58 53.73
N PHE V 69 -26.36 17.12 53.97
CA PHE V 69 -25.49 16.63 52.91
C PHE V 69 -25.45 15.10 52.91
N THR V 70 -25.26 14.52 51.73
CA THR V 70 -25.04 13.09 51.58
C THR V 70 -23.86 12.86 50.65
N ILE V 71 -22.85 12.13 51.15
CA ILE V 71 -21.67 11.78 50.37
C ILE V 71 -21.85 10.39 49.80
N SER V 72 -21.39 10.19 48.57
CA SER V 72 -21.47 8.89 47.93
C SER V 72 -20.30 8.78 46.97
N ARG V 73 -20.17 7.61 46.34
CA ARG V 73 -19.05 7.39 45.44
C ARG V 73 -19.48 6.40 44.36
N ASN V 74 -18.66 6.34 43.31
CA ASN V 74 -18.84 5.43 42.19
C ASN V 74 -17.48 4.75 41.98
N ASN V 75 -17.39 3.48 42.38
CA ASN V 75 -16.11 2.77 42.40
C ASN V 75 -15.57 2.55 40.99
N ALA V 76 -16.45 2.25 40.03
CA ALA V 76 -16.00 2.00 38.67
C ALA V 76 -15.46 3.26 38.01
N ASP V 77 -16.14 4.39 38.22
CA ASP V 77 -15.73 5.66 37.64
C ASP V 77 -14.77 6.44 38.53
N ASN V 78 -14.44 5.92 39.71
CA ASN V 78 -13.55 6.60 40.65
C ASN V 78 -14.05 8.00 40.98
N MET V 79 -15.36 8.12 41.22
CA MET V 79 -15.95 9.42 41.46
C MET V 79 -16.45 9.54 42.90
N VAL V 80 -16.46 10.76 43.40
CA VAL V 80 -17.00 11.08 44.71
C VAL V 80 -18.01 12.21 44.56
N PHE V 81 -19.21 12.03 45.09
CA PHE V 81 -20.30 12.96 44.96
C PHE V 81 -20.73 13.49 46.33
N LEU V 82 -21.11 14.77 46.36
CA LEU V 82 -21.64 15.41 47.56
C LEU V 82 -22.96 16.10 47.19
N GLN V 83 -24.07 15.49 47.58
CA GLN V 83 -25.39 16.07 47.41
C GLN V 83 -25.70 17.00 48.58
N MET V 84 -26.22 18.18 48.28
CA MET V 84 -26.50 19.21 49.28
C MET V 84 -27.94 19.66 49.14
N ASN V 85 -28.68 19.59 50.24
CA ASN V 85 -30.04 20.08 50.31
C ASN V 85 -30.15 21.02 51.50
N ASN V 86 -31.11 21.95 51.41
CA ASN V 86 -31.35 22.95 52.45
C ASN V 86 -30.11 23.82 52.67
N LEU V 87 -29.56 24.32 51.57
CA LEU V 87 -28.33 25.11 51.63
C LEU V 87 -28.56 26.42 52.38
N LYS V 88 -27.58 26.80 53.19
CA LYS V 88 -27.63 27.98 54.03
C LYS V 88 -26.47 28.92 53.67
N PRO V 89 -26.56 30.20 54.05
CA PRO V 89 -25.45 31.12 53.76
C PRO V 89 -24.12 30.71 54.36
N GLU V 90 -24.12 29.97 55.48
CA GLU V 90 -22.86 29.52 56.06
C GLU V 90 -22.17 28.49 55.19
N ASP V 91 -22.90 27.82 54.30
CA ASP V 91 -22.32 26.86 53.37
C ASP V 91 -21.58 27.53 52.21
N THR V 92 -21.58 28.86 52.14
CA THR V 92 -20.86 29.55 51.08
C THR V 92 -19.36 29.43 51.32
N ALA V 93 -18.67 28.76 50.39
CA ALA V 93 -17.23 28.50 50.53
C ALA V 93 -16.75 27.85 49.24
N VAL V 94 -15.45 27.57 49.18
CA VAL V 94 -14.88 26.79 48.08
C VAL V 94 -14.66 25.38 48.59
N TYR V 95 -15.23 24.40 47.89
CA TYR V 95 -15.19 23.02 48.33
C TYR V 95 -14.18 22.23 47.51
N TYR V 96 -13.44 21.35 48.19
CA TYR V 96 -12.47 20.48 47.56
C TYR V 96 -12.79 19.03 47.94
N CYS V 97 -12.25 18.10 47.16
CA CYS V 97 -12.39 16.68 47.45
C CYS V 97 -11.01 16.04 47.41
N ASN V 98 -10.65 15.34 48.48
CA ASN V 98 -9.29 14.79 48.62
C ASN V 98 -9.40 13.46 49.36
N VAL V 99 -8.25 12.88 49.69
CA VAL V 99 -8.22 11.69 50.52
C VAL V 99 -8.21 12.13 51.97
N TYR V 100 -8.24 11.18 52.90
CA TYR V 100 -8.12 11.48 54.31
C TYR V 100 -7.60 10.24 55.02
N GLY V 101 -7.33 10.39 56.31
CA GLY V 101 -6.78 9.30 57.09
C GLY V 101 -5.36 8.92 56.75
N THR V 102 -4.68 9.70 55.90
CA THR V 102 -3.32 9.44 55.49
C THR V 102 -2.74 10.73 54.92
N ASN V 103 -1.61 10.61 54.22
CA ASN V 103 -0.99 11.76 53.60
C ASN V 103 -1.94 12.44 52.62
N LEU V 104 -2.12 13.74 52.77
CA LEU V 104 -2.99 14.48 51.87
C LEU V 104 -2.34 14.58 50.49
N ALA V 105 -3.16 14.55 49.47
CA ALA V 105 -2.68 14.71 48.11
C ALA V 105 -2.64 16.18 47.74
N PRO V 106 -1.85 16.56 46.73
CA PRO V 106 -1.86 17.96 46.27
C PRO V 106 -3.27 18.41 45.94
N TRP V 107 -3.66 19.55 46.52
CA TRP V 107 -5.03 20.03 46.39
C TRP V 107 -5.36 20.35 44.94
N GLY V 108 -6.63 20.25 44.60
CA GLY V 108 -7.14 20.68 43.32
C GLY V 108 -7.58 22.13 43.36
N GLN V 109 -8.18 22.56 42.26
CA GLN V 109 -8.66 23.93 42.17
C GLN V 109 -10.01 24.13 42.85
N GLY V 110 -10.71 23.05 43.19
CA GLY V 110 -11.96 23.14 43.93
C GLY V 110 -13.09 23.72 43.10
N THR V 111 -14.22 23.91 43.77
CA THR V 111 -15.40 24.50 43.14
C THR V 111 -16.08 25.44 44.11
N GLN V 112 -16.56 26.58 43.59
CA GLN V 112 -17.14 27.62 44.43
C GLN V 112 -18.64 27.40 44.62
N VAL V 113 -19.09 27.51 45.87
CA VAL V 113 -20.50 27.39 46.22
C VAL V 113 -20.89 28.69 46.92
N THR V 114 -21.80 29.45 46.31
CA THR V 114 -22.24 30.72 46.85
C THR V 114 -23.73 30.62 47.18
N VAL V 115 -24.09 31.07 48.39
CA VAL V 115 -25.46 31.04 48.87
C VAL V 115 -25.78 32.42 49.43
N SER V 116 -26.59 33.19 48.70
CA SER V 116 -27.04 34.49 49.16
C SER V 116 -28.25 34.91 48.33
N SER V 117 -29.32 35.32 49.00
CA SER V 117 -30.53 35.72 48.31
C SER V 117 -30.37 37.11 47.66
N ALA W 1 6.06 -20.30 43.48
CA ALA W 1 6.20 -19.09 44.27
C ALA W 1 7.64 -18.97 44.80
N THR W 2 8.40 -18.04 44.22
CA THR W 2 9.79 -17.82 44.59
C THR W 2 9.97 -16.42 45.14
N LYS W 3 10.97 -16.25 46.00
CA LYS W 3 11.29 -14.97 46.59
C LYS W 3 12.80 -14.76 46.60
N ALA W 4 13.21 -13.52 46.31
CA ALA W 4 14.61 -13.16 46.25
C ALA W 4 14.82 -11.83 46.97
N VAL W 5 16.09 -11.55 47.28
CA VAL W 5 16.44 -10.36 48.05
C VAL W 5 17.79 -9.87 47.57
N CYS W 6 18.01 -8.56 47.69
CA CYS W 6 19.24 -7.93 47.24
C CYS W 6 19.56 -6.77 48.19
N VAL W 7 20.80 -6.76 48.69
CA VAL W 7 21.29 -5.69 49.55
C VAL W 7 22.23 -4.83 48.71
N LEU W 8 21.79 -3.63 48.37
CA LEU W 8 22.59 -2.70 47.59
C LEU W 8 23.53 -1.93 48.51
N LYS W 9 24.83 -2.00 48.23
CA LYS W 9 25.85 -1.25 48.95
C LYS W 9 26.82 -0.64 47.96
N GLY W 10 27.54 0.38 48.41
CA GLY W 10 28.50 1.05 47.58
C GLY W 10 29.55 1.74 48.41
N ASP W 11 30.37 2.54 47.73
CA ASP W 11 31.43 3.29 48.41
C ASP W 11 30.92 4.56 49.08
N GLY W 12 29.83 5.12 48.60
CA GLY W 12 29.27 6.32 49.18
C GLY W 12 28.18 6.01 50.18
N PRO W 13 27.24 6.96 50.34
CA PRO W 13 26.15 6.76 51.30
C PRO W 13 24.94 5.98 50.78
N VAL W 14 24.94 5.55 49.52
CA VAL W 14 23.76 4.88 48.97
C VAL W 14 23.72 3.44 49.45
N GLN W 15 22.59 3.06 50.06
CA GLN W 15 22.42 1.69 50.50
C GLN W 15 20.93 1.36 50.51
N GLY W 16 20.61 0.10 50.30
CA GLY W 16 19.19 -0.26 50.24
C GLY W 16 18.96 -1.75 50.33
N ILE W 17 17.69 -2.08 50.50
CA ILE W 17 17.21 -3.47 50.55
C ILE W 17 16.04 -3.59 49.58
N ILE W 18 16.14 -4.56 48.66
CA ILE W 18 15.13 -4.76 47.62
C ILE W 18 14.68 -6.22 47.64
N ASN W 19 13.37 -6.44 47.50
CA ASN W 19 12.76 -7.75 47.53
C ASN W 19 12.09 -8.03 46.18
N PHE W 20 12.12 -9.29 45.78
CA PHE W 20 11.51 -9.77 44.54
C PHE W 20 10.59 -10.93 44.87
N GLU W 21 9.40 -10.94 44.29
CA GLU W 21 8.41 -11.98 44.55
C GLU W 21 7.79 -12.42 43.23
N GLN W 22 7.85 -13.71 42.94
CA GLN W 22 7.20 -14.30 41.77
C GLN W 22 6.16 -15.30 42.23
N LYS W 23 4.91 -15.07 41.85
CA LYS W 23 3.81 -15.92 42.31
C LYS W 23 3.87 -17.31 41.68
N GLU W 24 4.17 -17.37 40.39
CA GLU W 24 4.29 -18.67 39.71
C GLU W 24 5.34 -18.54 38.61
N SER W 25 5.76 -19.71 38.10
CA SER W 25 6.79 -19.74 37.08
C SER W 25 6.37 -18.93 35.85
N ASN W 26 7.32 -18.16 35.33
CA ASN W 26 7.11 -17.33 34.14
C ASN W 26 5.98 -16.32 34.34
N GLY W 27 5.77 -15.88 35.57
CA GLY W 27 4.76 -14.90 35.88
C GLY W 27 5.36 -13.58 36.29
N PRO W 28 4.52 -12.57 36.52
CA PRO W 28 5.03 -11.23 36.86
C PRO W 28 5.77 -11.24 38.19
N VAL W 29 6.76 -10.36 38.30
CA VAL W 29 7.60 -10.24 39.48
C VAL W 29 7.33 -8.90 40.13
N LYS W 30 7.04 -8.93 41.44
CA LYS W 30 6.80 -7.74 42.23
C LYS W 30 8.10 -7.38 42.95
N VAL W 31 8.62 -6.19 42.67
CA VAL W 31 9.85 -5.67 43.23
C VAL W 31 9.49 -4.55 44.19
N TRP W 32 10.10 -4.55 45.37
CA TRP W 32 9.74 -3.51 46.34
C TRP W 32 10.80 -3.40 47.42
N GLY W 33 10.95 -2.21 47.96
CA GLY W 33 11.89 -2.03 49.04
C GLY W 33 12.27 -0.56 49.19
N SER W 34 13.46 -0.35 49.74
CA SER W 34 13.88 1.00 50.10
C SER W 34 15.34 1.21 49.78
N ILE W 35 15.65 2.35 49.14
CA ILE W 35 17.02 2.80 48.95
C ILE W 35 17.16 4.17 49.60
N LYS W 36 18.33 4.45 50.15
CA LYS W 36 18.55 5.70 50.87
C LYS W 36 19.96 6.20 50.58
N GLY W 37 20.15 7.50 50.83
CA GLY W 37 21.40 8.17 50.51
C GLY W 37 21.45 8.77 49.13
N LEU W 38 20.34 8.79 48.39
CA LEU W 38 20.32 9.29 47.03
C LEU W 38 19.97 10.77 46.99
N THR W 39 20.43 11.45 45.95
CA THR W 39 19.95 12.79 45.67
C THR W 39 18.48 12.72 45.27
N GLU W 40 17.71 13.73 45.69
CA GLU W 40 16.31 13.80 45.32
C GLU W 40 16.14 13.72 43.80
N GLY W 41 15.15 12.94 43.37
CA GLY W 41 14.89 12.79 41.95
C GLY W 41 15.01 11.38 41.41
N LEU W 42 15.12 11.24 40.09
CA LEU W 42 15.13 9.94 39.44
C LEU W 42 16.52 9.33 39.45
N HIS W 43 16.56 8.00 39.55
CA HIS W 43 17.83 7.27 39.54
C HIS W 43 17.64 5.94 38.82
N GLY W 44 18.58 5.61 37.95
CA GLY W 44 18.49 4.38 37.19
C GLY W 44 18.52 3.16 38.08
N PHE W 45 17.81 2.11 37.65
CA PHE W 45 17.59 0.90 38.44
C PHE W 45 17.66 -0.28 37.48
N HIS W 46 18.80 -0.97 37.44
CA HIS W 46 19.06 -1.94 36.40
C HIS W 46 19.57 -3.26 36.96
N VAL W 47 19.11 -4.35 36.36
CA VAL W 47 19.70 -5.67 36.59
C VAL W 47 20.79 -5.86 35.55
N HIS W 48 22.03 -5.96 36.01
CA HIS W 48 23.16 -6.19 35.13
C HIS W 48 23.41 -7.70 35.01
N GLU W 49 24.42 -8.07 34.22
CA GLU W 49 24.58 -9.45 33.80
C GLU W 49 25.18 -10.32 34.89
N PHE W 50 26.34 -9.92 35.41
CA PHE W 50 27.15 -10.77 36.28
C PHE W 50 26.91 -10.42 37.74
N GLY W 51 26.85 -11.45 38.57
CA GLY W 51 26.86 -11.27 40.02
C GLY W 51 28.28 -11.19 40.53
N ASP W 52 29.12 -10.48 39.79
CA ASP W 52 30.54 -10.33 40.11
C ASP W 52 30.75 -9.02 40.85
N ASN W 53 31.35 -9.11 42.03
CA ASN W 53 31.65 -7.94 42.86
C ASN W 53 33.13 -7.88 43.21
N THR W 54 33.98 -8.54 42.42
CA THR W 54 35.40 -8.57 42.73
C THR W 54 36.03 -7.19 42.59
N ALA W 55 35.62 -6.42 41.58
CA ALA W 55 36.13 -5.05 41.41
C ALA W 55 35.00 -4.05 41.58
N GLY W 56 34.20 -4.22 42.63
CA GLY W 56 33.06 -3.36 42.84
C GLY W 56 31.98 -3.57 41.78
N CYS W 57 31.05 -2.62 41.76
CA CYS W 57 29.94 -2.67 40.80
C CYS W 57 30.42 -2.76 39.36
N THR W 58 31.64 -2.31 39.08
CA THR W 58 32.18 -2.41 37.73
C THR W 58 32.14 -3.84 37.22
N SER W 59 32.38 -4.81 38.11
CA SER W 59 32.43 -6.21 37.70
C SER W 59 31.08 -6.75 37.27
N ALA W 60 29.99 -6.03 37.53
CA ALA W 60 28.67 -6.52 37.16
C ALA W 60 28.40 -6.50 35.65
N GLY W 61 29.21 -5.81 34.83
CA GLY W 61 29.06 -5.80 33.38
C GLY W 61 27.90 -4.94 32.94
N PRO W 62 27.51 -5.03 31.66
CA PRO W 62 26.37 -4.26 31.21
C PRO W 62 25.02 -4.81 31.63
N HIS W 63 23.93 -4.23 31.14
CA HIS W 63 22.60 -4.66 31.55
C HIS W 63 22.32 -6.07 31.03
N PHE W 64 21.58 -6.84 31.83
CA PHE W 64 21.23 -8.21 31.48
C PHE W 64 20.40 -8.24 30.22
N ASN W 65 21.04 -8.62 29.11
CA ASN W 65 20.45 -8.54 27.78
C ASN W 65 20.61 -9.88 27.08
N PRO W 66 19.78 -10.88 27.43
CA PRO W 66 19.89 -12.18 26.76
C PRO W 66 19.32 -12.19 25.35
N LEU W 67 18.42 -11.27 25.02
CA LEU W 67 17.79 -11.22 23.70
C LEU W 67 18.49 -10.27 22.74
N SER W 68 19.60 -9.66 23.16
CA SER W 68 20.44 -8.81 22.30
C SER W 68 19.67 -7.64 21.72
N ARG W 69 18.80 -7.04 22.54
CA ARG W 69 18.03 -5.87 22.14
C ARG W 69 18.71 -4.60 22.59
N LYS W 70 18.18 -3.47 22.15
CA LYS W 70 18.68 -2.16 22.52
C LYS W 70 18.04 -1.70 23.84
N HIS W 71 18.75 -0.82 24.56
CA HIS W 71 18.27 -0.38 25.86
C HIS W 71 16.98 0.41 25.73
N GLY W 72 16.02 0.09 26.58
CA GLY W 72 14.77 0.83 26.63
C GLY W 72 14.28 1.01 28.05
N GLY W 73 12.99 1.33 28.20
CA GLY W 73 12.38 1.43 29.49
C GLY W 73 11.52 0.21 29.77
N PRO W 74 10.99 0.11 30.99
CA PRO W 74 10.20 -1.08 31.34
C PRO W 74 8.95 -1.25 30.50
N LYS W 75 8.40 -0.15 29.96
CA LYS W 75 7.18 -0.23 29.18
C LYS W 75 7.43 -0.56 27.71
N ASP W 76 8.63 -0.29 27.19
CA ASP W 76 8.91 -0.50 25.78
C ASP W 76 9.14 -1.98 25.48
N GLU W 77 8.68 -2.42 24.30
CA GLU W 77 8.88 -3.81 23.92
C GLU W 77 10.35 -4.09 23.60
N GLU W 78 11.02 -3.16 22.92
CA GLU W 78 12.45 -3.26 22.71
C GLU W 78 13.16 -2.73 23.95
N ARG W 79 13.77 -3.63 24.72
CA ARG W 79 14.43 -3.27 25.97
C ARG W 79 15.28 -4.44 26.42
N HIS W 80 16.21 -4.16 27.32
CA HIS W 80 16.92 -5.22 28.01
C HIS W 80 16.03 -5.82 29.08
N VAL W 81 16.29 -7.10 29.40
CA VAL W 81 15.51 -7.76 30.45
C VAL W 81 15.67 -7.01 31.77
N GLY W 82 16.90 -6.64 32.11
CA GLY W 82 17.18 -5.93 33.33
C GLY W 82 16.85 -4.45 33.34
N ASP W 83 16.11 -3.96 32.34
CA ASP W 83 15.76 -2.54 32.26
C ASP W 83 14.51 -2.29 33.10
N LEU W 84 14.70 -1.83 34.33
CA LEU W 84 13.61 -1.58 35.26
C LEU W 84 13.27 -0.10 35.38
N GLY W 85 13.91 0.76 34.59
CA GLY W 85 13.57 2.16 34.58
C GLY W 85 14.25 2.97 35.67
N ASN W 86 13.48 3.84 36.32
CA ASN W 86 14.01 4.72 37.35
C ASN W 86 13.20 4.57 38.63
N VAL W 87 13.87 4.80 39.75
CA VAL W 87 13.21 4.96 41.03
C VAL W 87 13.30 6.43 41.42
N THR W 88 12.41 6.85 42.31
CA THR W 88 12.27 8.25 42.69
C THR W 88 12.61 8.41 44.17
N ALA W 89 13.61 9.24 44.46
CA ALA W 89 14.00 9.53 45.83
C ALA W 89 13.44 10.88 46.27
N ASP W 90 12.90 10.93 47.49
CA ASP W 90 12.28 12.13 48.00
C ASP W 90 13.34 13.12 48.48
N LYS W 91 12.88 14.27 48.98
CA LYS W 91 13.78 15.32 49.45
C LYS W 91 14.70 14.82 50.55
N ASP W 92 14.25 13.85 51.33
CA ASP W 92 15.12 13.24 52.34
C ASP W 92 16.10 12.23 51.74
N GLY W 93 15.97 11.93 50.45
CA GLY W 93 16.88 10.99 49.81
C GLY W 93 16.47 9.55 49.91
N VAL W 94 15.20 9.26 50.14
CA VAL W 94 14.70 7.89 50.32
C VAL W 94 13.82 7.55 49.13
N ALA W 95 14.23 6.57 48.35
CA ALA W 95 13.43 6.03 47.26
C ALA W 95 12.67 4.81 47.77
N ASP W 96 11.35 4.88 47.72
CA ASP W 96 10.47 3.76 48.11
C ASP W 96 10.08 3.05 46.82
N VAL W 97 10.76 1.94 46.53
CA VAL W 97 10.61 1.25 45.25
C VAL W 97 9.41 0.32 45.31
N SER W 98 8.52 0.44 44.33
CA SER W 98 7.42 -0.49 44.11
C SER W 98 7.21 -0.65 42.61
N ILE W 99 7.44 -1.85 42.10
CA ILE W 99 7.50 -2.13 40.67
C ILE W 99 6.83 -3.48 40.42
N GLU W 100 6.11 -3.57 39.29
CA GLU W 100 5.60 -4.85 38.80
C GLU W 100 6.11 -5.03 37.39
N ASP W 101 6.91 -6.09 37.17
CA ASP W 101 7.52 -6.31 35.86
C ASP W 101 7.37 -7.78 35.46
N SER W 102 6.80 -8.00 34.29
CA SER W 102 6.60 -9.35 33.77
C SER W 102 7.70 -9.80 32.82
N VAL W 103 8.69 -8.96 32.56
CA VAL W 103 9.79 -9.36 31.67
C VAL W 103 10.87 -10.12 32.45
N ILE W 104 11.25 -9.62 33.63
CA ILE W 104 12.20 -10.34 34.45
C ILE W 104 11.54 -11.59 35.04
N SER W 105 12.37 -12.51 35.51
CA SER W 105 11.87 -13.74 36.10
C SER W 105 12.80 -14.19 37.22
N LEU W 106 12.25 -14.95 38.14
CA LEU W 106 13.02 -15.59 39.21
C LEU W 106 13.38 -17.02 38.87
N SER W 107 13.13 -17.45 37.64
CA SER W 107 13.47 -18.77 37.14
C SER W 107 13.28 -18.77 35.62
N GLY W 108 14.09 -19.57 34.95
CA GLY W 108 14.00 -19.72 33.51
C GLY W 108 15.11 -18.99 32.78
N ASP W 109 14.81 -18.65 31.52
CA ASP W 109 15.79 -17.96 30.68
C ASP W 109 16.13 -16.58 31.24
N HIS W 110 15.12 -15.82 31.65
CA HIS W 110 15.31 -14.47 32.17
C HIS W 110 15.51 -14.43 33.68
N CYS W 111 16.01 -15.52 34.26
CA CYS W 111 16.19 -15.57 35.71
C CYS W 111 17.28 -14.60 36.15
N ILE W 112 16.92 -13.67 37.04
CA ILE W 112 17.86 -12.67 37.53
C ILE W 112 18.62 -13.12 38.76
N ILE W 113 18.31 -14.29 39.32
CA ILE W 113 19.03 -14.79 40.48
C ILE W 113 20.47 -15.03 40.11
N GLY W 114 21.39 -14.54 40.95
CA GLY W 114 22.81 -14.64 40.68
C GLY W 114 23.39 -13.46 39.94
N ARG W 115 22.57 -12.47 39.59
CA ARG W 115 23.01 -11.28 38.91
C ARG W 115 23.04 -10.11 39.89
N THR W 116 23.30 -8.91 39.39
CA THR W 116 23.56 -7.75 40.24
C THR W 116 22.52 -6.67 39.98
N LEU W 117 21.82 -6.28 41.04
CA LEU W 117 20.98 -5.09 40.99
C LEU W 117 21.81 -3.86 41.27
N VAL W 118 21.61 -2.80 40.49
CA VAL W 118 22.46 -1.62 40.51
C VAL W 118 21.58 -0.38 40.44
N VAL W 119 21.86 0.59 41.33
CA VAL W 119 21.26 1.91 41.28
C VAL W 119 22.34 2.93 40.94
N HIS W 120 22.04 3.78 39.95
CA HIS W 120 22.95 4.71 39.30
C HIS W 120 22.78 6.12 39.86
N GLU W 121 23.65 7.02 39.38
CA GLU W 121 23.71 8.38 39.92
C GLU W 121 22.72 9.33 39.26
N LYS W 122 22.32 9.08 38.02
CA LYS W 122 21.44 9.97 37.27
C LYS W 122 20.18 9.23 36.84
N ALA W 123 19.35 9.91 36.06
CA ALA W 123 18.12 9.34 35.55
C ALA W 123 18.36 8.57 34.27
N ASP W 124 17.57 7.51 34.08
CA ASP W 124 17.59 6.71 32.86
C ASP W 124 16.71 7.40 31.81
N ASP W 125 17.27 7.68 30.63
CA ASP W 125 16.45 8.29 29.59
C ASP W 125 15.58 7.27 28.86
N LEU W 126 15.60 6.01 29.28
CA LEU W 126 14.78 4.94 28.71
C LEU W 126 15.12 4.69 27.24
N GLY W 127 16.34 5.02 26.82
CA GLY W 127 16.78 4.80 25.46
C GLY W 127 16.36 5.86 24.47
N LYS W 128 15.61 6.87 24.89
CA LYS W 128 15.11 7.91 23.99
C LYS W 128 15.99 9.15 23.99
N GLY W 129 17.28 9.01 24.30
CA GLY W 129 18.16 10.15 24.41
C GLY W 129 18.66 10.70 23.09
N GLY W 130 18.67 9.88 22.04
CA GLY W 130 19.17 10.32 20.76
C GLY W 130 20.67 10.23 20.59
N ASN W 131 21.37 9.50 21.45
CA ASN W 131 22.79 9.28 21.31
C ASN W 131 23.09 7.79 21.46
N GLU W 132 24.33 7.43 21.11
CA GLU W 132 24.72 6.02 21.10
C GLU W 132 24.69 5.41 22.49
N GLU W 133 25.19 6.15 23.49
CA GLU W 133 25.18 5.64 24.86
C GLU W 133 23.76 5.47 25.39
N SER W 134 22.79 6.22 24.86
CA SER W 134 21.42 6.07 25.31
C SER W 134 20.85 4.72 24.94
N THR W 135 21.36 4.09 23.88
CA THR W 135 20.91 2.78 23.46
C THR W 135 21.62 1.65 24.18
N LYS W 136 22.63 1.96 25.01
CA LYS W 136 23.37 0.97 25.77
C LYS W 136 23.07 1.03 27.26
N THR W 137 23.16 2.22 27.86
CA THR W 137 22.96 2.39 29.29
C THR W 137 21.87 3.39 29.66
N GLY W 138 21.33 4.14 28.69
CA GLY W 138 20.39 5.18 29.03
C GLY W 138 20.98 6.41 29.68
N ASN W 139 22.30 6.51 29.73
CA ASN W 139 22.99 7.66 30.30
C ASN W 139 22.60 7.88 31.76
N ALA W 140 22.35 6.79 32.49
CA ALA W 140 21.98 6.89 33.89
C ALA W 140 23.17 7.23 34.80
N GLY W 141 24.37 7.30 34.25
CA GLY W 141 25.52 7.71 35.02
C GLY W 141 26.23 6.56 35.70
N SER W 142 27.16 6.93 36.57
CA SER W 142 27.98 5.96 37.28
C SER W 142 27.10 5.13 38.23
N ARG W 143 27.67 4.02 38.69
CA ARG W 143 26.96 3.11 39.57
C ARG W 143 27.17 3.55 41.01
N LEU W 144 26.07 3.76 41.73
CA LEU W 144 26.15 4.21 43.12
C LEU W 144 26.11 3.05 44.10
N ALA W 145 25.19 2.11 43.92
CA ALA W 145 25.15 0.96 44.81
C ALA W 145 24.75 -0.28 44.04
N CYS W 146 25.27 -1.43 44.47
CA CYS W 146 24.96 -2.68 43.80
C CYS W 146 24.88 -3.80 44.83
N GLY W 147 24.26 -4.90 44.40
CA GLY W 147 24.15 -6.08 45.23
C GLY W 147 23.79 -7.32 44.44
N VAL W 148 24.36 -8.47 44.82
CA VAL W 148 24.03 -9.72 44.14
C VAL W 148 22.65 -10.18 44.61
N ILE W 149 21.85 -10.64 43.66
CA ILE W 149 20.47 -11.05 43.93
C ILE W 149 20.48 -12.50 44.39
N GLY W 150 20.00 -12.74 45.62
CA GLY W 150 20.06 -14.07 46.20
C GLY W 150 18.71 -14.62 46.61
N ILE W 151 18.61 -15.95 46.67
CA ILE W 151 17.36 -16.59 47.08
C ILE W 151 17.02 -16.18 48.49
N ALA W 152 15.73 -15.87 48.71
CA ALA W 152 15.22 -15.49 50.02
C ALA W 152 14.27 -16.57 50.53
N GLN W 153 14.07 -16.57 51.84
CA GLN W 153 13.17 -17.53 52.47
C GLN W 153 11.72 -17.16 52.23
N GLN X 3 2.20 25.11 34.97
CA GLN X 3 2.81 23.81 35.14
C GLN X 3 4.10 23.68 34.33
N LEU X 4 4.03 24.03 33.04
CA LEU X 4 5.19 24.00 32.17
C LEU X 4 5.03 25.14 31.17
N GLN X 5 5.85 26.18 31.31
CA GLN X 5 5.79 27.35 30.43
C GLN X 5 7.16 27.59 29.82
N GLU X 6 7.22 27.55 28.49
CA GLU X 6 8.45 27.81 27.75
C GLU X 6 8.44 29.21 27.17
N SER X 7 9.63 29.78 27.01
CA SER X 7 9.80 31.08 26.37
C SER X 7 11.23 31.20 25.89
N GLY X 8 11.51 32.25 25.12
CA GLY X 8 12.84 32.48 24.59
C GLY X 8 13.04 32.09 23.14
N GLY X 9 12.05 31.45 22.52
CA GLY X 9 12.15 31.09 21.12
C GLY X 9 12.03 32.30 20.21
N GLY X 10 12.06 32.02 18.91
CA GLY X 10 11.94 33.06 17.90
C GLY X 10 12.81 32.82 16.69
N LEU X 11 12.55 33.55 15.60
CA LEU X 11 13.35 33.41 14.40
C LEU X 11 14.73 34.04 14.61
N VAL X 12 15.74 33.42 13.99
CA VAL X 12 17.12 33.85 14.11
C VAL X 12 17.86 33.44 12.85
N GLN X 13 18.73 34.32 12.37
CA GLN X 13 19.51 34.00 11.18
C GLN X 13 20.51 32.88 11.48
N PRO X 14 20.83 32.06 10.49
CA PRO X 14 21.78 30.96 10.70
C PRO X 14 23.10 31.46 11.30
N GLY X 15 23.69 30.62 12.15
CA GLY X 15 24.85 31.00 12.94
C GLY X 15 24.51 31.75 14.21
N GLY X 16 23.31 32.27 14.34
CA GLY X 16 22.94 33.01 15.54
C GLY X 16 22.70 32.11 16.73
N SER X 17 22.47 32.75 17.87
CA SER X 17 22.29 32.07 19.14
C SER X 17 20.88 32.28 19.66
N LEU X 18 20.52 31.48 20.66
CA LEU X 18 19.23 31.60 21.33
C LEU X 18 19.33 30.97 22.71
N ARG X 19 18.40 31.35 23.58
CA ARG X 19 18.37 30.85 24.95
C ARG X 19 16.92 30.69 25.38
N LEU X 20 16.43 29.45 25.42
CA LEU X 20 15.10 29.19 25.92
C LEU X 20 15.12 28.97 27.42
N SER X 21 14.03 29.35 28.06
CA SER X 21 13.82 29.10 29.48
C SER X 21 12.47 28.41 29.64
N CYS X 22 12.34 27.69 30.75
CA CYS X 22 11.09 27.01 31.08
C CYS X 22 10.87 27.02 32.57
N ARG X 23 9.68 27.50 32.96
CA ARG X 23 9.19 27.42 34.33
C ARG X 23 8.39 26.12 34.47
N ALA X 24 8.89 25.21 35.29
CA ALA X 24 8.20 23.97 35.62
C ALA X 24 7.74 24.02 37.07
N SER X 25 6.61 23.36 37.34
CA SER X 25 6.12 23.27 38.71
C SER X 25 7.14 22.57 39.60
N GLU X 26 7.06 22.85 40.89
CA GLU X 26 8.00 22.26 41.84
C GLU X 26 7.87 20.74 41.87
N THR X 27 6.64 20.22 41.74
CA THR X 27 6.45 18.78 41.74
C THR X 27 7.12 18.13 40.54
N LEU X 28 7.12 18.81 39.39
CA LEU X 28 7.80 18.30 38.21
C LEU X 28 9.30 18.52 38.29
N PHE X 29 9.72 19.68 38.80
CA PHE X 29 11.15 19.99 38.87
C PHE X 29 11.86 19.08 39.87
N SER X 30 11.20 18.70 40.96
CA SER X 30 11.83 17.92 42.02
C SER X 30 12.15 16.49 41.62
N LEU X 31 11.64 16.00 40.49
CA LEU X 31 12.09 14.73 39.96
C LEU X 31 13.50 14.82 39.41
N TYR X 32 14.04 16.03 39.24
CA TYR X 32 15.40 16.27 38.77
C TYR X 32 15.74 15.40 37.56
N ALA X 33 14.81 15.33 36.63
CA ALA X 33 15.02 14.71 35.31
C ALA X 33 14.21 15.55 34.33
N MET X 34 14.86 16.57 33.75
CA MET X 34 14.18 17.47 32.83
C MET X 34 14.74 17.29 31.43
N GLY X 35 13.87 17.51 30.45
CA GLY X 35 14.24 17.32 29.07
C GLY X 35 13.67 18.38 28.14
N TRP X 36 14.55 18.94 27.32
CA TRP X 36 14.17 19.78 26.21
C TRP X 36 13.94 18.89 24.99
N TYR X 37 12.70 18.87 24.52
CA TYR X 37 12.27 18.15 23.32
C TYR X 37 12.08 19.13 22.17
N ARG X 38 12.32 18.65 20.96
CA ARG X 38 12.11 19.42 19.74
C ARG X 38 11.15 18.66 18.83
N GLN X 39 10.15 19.36 18.31
CA GLN X 39 9.17 18.78 17.39
C GLN X 39 9.10 19.64 16.14
N ALA X 40 9.54 19.09 15.02
CA ALA X 40 9.41 19.78 13.75
C ALA X 40 8.16 19.33 13.03
N PRO X 41 7.59 20.16 12.16
CA PRO X 41 6.40 19.74 11.40
C PRO X 41 6.68 18.49 10.58
N GLY X 42 5.87 17.46 10.82
CA GLY X 42 5.99 16.19 10.15
C GLY X 42 6.60 15.08 10.97
N LYS X 43 7.12 15.39 12.16
CA LYS X 43 7.76 14.39 13.03
C LYS X 43 7.17 14.51 14.43
N GLN X 44 7.61 13.60 15.31
CA GLN X 44 7.24 13.55 16.71
C GLN X 44 8.26 14.32 17.56
N PRO X 45 7.90 14.72 18.78
CA PRO X 45 8.87 15.40 19.65
C PRO X 45 9.95 14.44 20.13
N GLU X 46 11.19 14.73 19.77
CA GLU X 46 12.34 13.93 20.16
C GLU X 46 13.08 14.61 21.29
N LEU X 47 13.61 13.82 22.22
CA LEU X 47 14.40 14.34 23.34
C LEU X 47 15.72 14.89 22.82
N ILE X 48 15.91 16.21 22.94
CA ILE X 48 17.08 16.89 22.40
C ILE X 48 18.14 17.12 23.46
N ALA X 49 17.73 17.38 24.70
CA ALA X 49 18.70 17.57 25.78
C ALA X 49 18.09 17.15 27.10
N THR X 50 18.92 16.60 27.98
CA THR X 50 18.46 16.15 29.30
C THR X 50 19.38 16.71 30.38
N ILE X 51 18.79 17.07 31.52
CA ILE X 51 19.55 17.40 32.72
C ILE X 51 19.01 16.57 33.87
N SER X 52 19.93 16.02 34.67
CA SER X 52 19.53 15.18 35.80
C SER X 52 20.69 15.06 36.79
N GLY X 53 20.39 14.46 37.93
CA GLY X 53 21.37 14.32 39.00
C GLY X 53 21.33 15.49 39.96
N GLY X 54 22.11 15.37 41.04
CA GLY X 54 22.16 16.37 42.07
C GLY X 54 22.99 17.59 41.67
N GLY X 55 23.13 18.50 42.63
CA GLY X 55 23.90 19.71 42.40
C GLY X 55 23.28 20.56 41.30
N GLU X 56 24.14 21.18 40.49
CA GLU X 56 23.65 21.93 39.34
C GLU X 56 23.21 21.05 38.19
N GLY X 57 23.47 19.74 38.27
CA GLY X 57 22.97 18.81 37.30
C GLY X 57 24.01 18.45 36.25
N THR X 58 23.75 17.34 35.57
CA THR X 58 24.57 16.83 34.48
C THR X 58 23.72 16.78 33.22
N GLY X 59 24.30 17.24 32.13
CA GLY X 59 23.59 17.42 30.87
C GLY X 59 24.03 16.41 29.82
N ASN X 60 23.04 15.86 29.12
CA ASN X 60 23.23 14.93 28.02
C ASN X 60 22.60 15.52 26.76
N TYR X 61 23.22 15.24 25.62
CA TYR X 61 22.81 15.84 24.36
C TYR X 61 22.69 14.77 23.27
N ALA X 62 21.61 14.83 22.51
CA ALA X 62 21.47 14.01 21.32
C ALA X 62 22.51 14.43 20.27
N ASP X 63 22.67 13.58 19.27
CA ASP X 63 23.73 13.81 18.28
C ASP X 63 23.54 15.08 17.44
N PRO X 64 22.36 15.42 16.91
CA PRO X 64 22.26 16.61 16.06
C PRO X 64 22.55 17.92 16.76
N VAL X 65 22.54 17.95 18.10
CA VAL X 65 22.77 19.18 18.85
C VAL X 65 24.02 19.12 19.72
N LYS X 66 24.72 18.00 19.74
CA LYS X 66 25.90 17.86 20.60
C LYS X 66 26.97 18.87 20.22
N GLY X 67 27.56 19.51 21.24
CA GLY X 67 28.60 20.48 21.03
C GLY X 67 28.13 21.89 20.74
N ARG X 68 26.85 22.07 20.41
CA ARG X 68 26.30 23.38 20.12
C ARG X 68 25.25 23.83 21.13
N PHE X 69 24.55 22.89 21.77
CA PHE X 69 23.54 23.18 22.77
C PHE X 69 24.08 22.82 24.15
N THR X 70 23.75 23.64 25.14
CA THR X 70 24.09 23.37 26.53
C THR X 70 22.86 23.59 27.39
N ILE X 71 22.51 22.59 28.19
CA ILE X 71 21.33 22.66 29.05
C ILE X 71 21.79 22.90 30.48
N SER X 72 21.03 23.71 31.21
CA SER X 72 21.34 24.01 32.60
C SER X 72 20.03 24.21 33.36
N ARG X 73 20.14 24.44 34.66
CA ARG X 73 18.94 24.58 35.48
C ARG X 73 19.21 25.54 36.63
N ASN X 74 18.12 25.96 37.25
CA ASN X 74 18.16 26.86 38.41
C ASN X 74 17.22 26.23 39.44
N ASN X 75 17.80 25.58 40.45
CA ASN X 75 16.99 24.84 41.41
C ASN X 75 16.11 25.76 42.24
N ALA X 76 16.60 26.96 42.55
CA ALA X 76 15.81 27.89 43.36
C ALA X 76 14.57 28.35 42.60
N ASP X 77 14.74 28.79 41.36
CA ASP X 77 13.62 29.29 40.56
C ASP X 77 12.90 28.18 39.79
N ASN X 78 13.26 26.91 40.02
CA ASN X 78 12.63 25.78 39.35
C ASN X 78 12.68 25.92 37.83
N MET X 79 13.81 26.41 37.33
CA MET X 79 13.95 26.82 35.94
C MET X 79 14.82 25.83 35.17
N VAL X 80 14.53 25.67 33.89
CA VAL X 80 15.40 24.95 32.97
C VAL X 80 15.78 25.88 31.82
N PHE X 81 17.01 25.78 31.34
CA PHE X 81 17.52 26.66 30.29
C PHE X 81 18.22 25.85 29.22
N LEU X 82 18.04 26.27 27.96
CA LEU X 82 18.71 25.67 26.81
C LEU X 82 19.40 26.76 26.04
N GLN X 83 20.73 26.68 25.92
CA GLN X 83 21.55 27.67 25.23
C GLN X 83 22.03 27.05 23.91
N MET X 84 21.58 27.59 22.78
CA MET X 84 21.97 27.09 21.47
C MET X 84 22.86 28.10 20.78
N ASN X 85 24.05 27.66 20.39
CA ASN X 85 25.01 28.47 19.66
C ASN X 85 25.32 27.80 18.33
N ASN X 86 25.79 28.60 17.37
CA ASN X 86 26.14 28.12 16.03
C ASN X 86 24.95 27.39 15.39
N LEU X 87 23.80 28.06 15.41
CA LEU X 87 22.57 27.43 14.95
C LEU X 87 22.60 27.21 13.43
N LYS X 88 21.92 26.16 13.01
CA LYS X 88 21.79 25.78 11.62
C LYS X 88 20.32 25.78 11.21
N PRO X 89 20.01 25.88 9.92
CA PRO X 89 18.60 25.94 9.51
C PRO X 89 17.82 24.68 9.83
N GLU X 90 18.49 23.57 10.13
CA GLU X 90 17.79 22.34 10.49
C GLU X 90 17.21 22.37 11.90
N ASP X 91 17.60 23.34 12.73
CA ASP X 91 17.16 23.40 14.11
C ASP X 91 15.75 23.97 14.28
N THR X 92 15.08 24.34 13.19
CA THR X 92 13.77 24.97 13.31
C THR X 92 12.72 23.94 13.73
N ALA X 93 12.00 24.24 14.81
CA ALA X 93 10.97 23.38 15.36
C ALA X 93 10.28 24.11 16.49
N VAL X 94 9.26 23.48 17.06
CA VAL X 94 8.66 23.92 18.31
C VAL X 94 9.33 23.17 19.44
N TYR X 95 9.92 23.90 20.39
CA TYR X 95 10.65 23.30 21.50
C TYR X 95 9.76 23.27 22.73
N TYR X 96 9.66 22.09 23.34
CA TYR X 96 8.91 21.86 24.55
C TYR X 96 9.87 21.45 25.66
N CYS X 97 9.43 21.61 26.91
CA CYS X 97 10.21 21.17 28.05
C CYS X 97 9.31 20.34 28.95
N ASN X 98 9.79 19.16 29.33
CA ASN X 98 8.97 18.25 30.12
C ASN X 98 9.90 17.43 31.03
N VAL X 99 9.33 16.44 31.70
CA VAL X 99 10.13 15.45 32.41
C VAL X 99 10.54 14.38 31.42
N TYR X 100 11.48 13.53 31.81
CA TYR X 100 11.84 12.35 31.05
C TYR X 100 12.16 11.23 32.04
N GLY X 101 12.26 10.01 31.53
CA GLY X 101 12.52 8.86 32.37
C GLY X 101 11.34 8.39 33.20
N THR X 102 10.15 8.95 32.99
CA THR X 102 8.94 8.50 33.66
C THR X 102 7.76 8.99 32.82
N ASN X 103 6.54 8.78 33.34
CA ASN X 103 5.35 9.24 32.65
C ASN X 103 5.40 10.75 32.49
N LEU X 104 5.05 11.22 31.30
CA LEU X 104 5.16 12.63 30.97
C LEU X 104 3.95 13.40 31.50
N ALA X 105 4.18 14.66 31.83
CA ALA X 105 3.11 15.57 32.19
C ALA X 105 2.44 16.13 30.94
N PRO X 106 1.24 16.70 31.07
CA PRO X 106 0.62 17.36 29.93
C PRO X 106 1.51 18.47 29.39
N TRP X 107 1.73 18.46 28.08
CA TRP X 107 2.65 19.39 27.45
C TRP X 107 2.26 20.83 27.73
N GLY X 108 3.26 21.71 27.68
CA GLY X 108 3.02 23.14 27.65
C GLY X 108 2.77 23.62 26.24
N GLN X 109 2.71 24.95 26.09
CA GLN X 109 2.48 25.53 24.77
C GLN X 109 3.73 25.57 23.90
N GLY X 110 4.90 25.31 24.47
CA GLY X 110 6.14 25.31 23.71
C GLY X 110 6.54 26.70 23.25
N THR X 111 7.65 26.74 22.51
CA THR X 111 8.12 28.00 21.94
C THR X 111 8.70 27.71 20.56
N GLN X 112 8.35 28.55 19.60
CA GLN X 112 8.77 28.33 18.22
C GLN X 112 10.18 28.85 18.00
N VAL X 113 10.95 28.14 17.16
CA VAL X 113 12.31 28.54 16.82
C VAL X 113 12.49 28.23 15.34
N THR X 114 12.64 29.26 14.51
CA THR X 114 12.77 29.09 13.07
C THR X 114 14.06 29.75 12.61
N VAL X 115 15.02 28.94 12.18
CA VAL X 115 16.29 29.44 11.67
C VAL X 115 16.17 29.61 10.15
N SER X 116 16.34 30.85 9.68
CA SER X 116 16.25 31.12 8.26
C SER X 116 17.03 32.40 7.95
N SER X 117 17.75 32.38 6.83
CA SER X 117 18.51 33.54 6.39
C SER X 117 17.72 34.34 5.34
ZN ZN Y . -15.37 12.49 -20.13
ZN ZN Z . 4.50 -10.63 5.15
ZN ZN AA . 25.68 12.32 1.00
ZN ZN BA . -5.04 -45.47 -29.15
ZN ZN CA . 40.52 -23.11 -28.90
ZN ZN DA . -5.44 -20.19 28.41
ZN ZN EA . -35.30 30.53 -18.45
ZN ZN FA . -4.36 56.45 -8.88
ZN ZN GA . 28.28 9.88 -46.80
ZN ZN HA . -45.90 -26.60 19.54
ZN ZN IA . -7.66 7.27 69.87
ZN ZN JA . 19.27 -1.47 29.51
#